data_6DHQ
#
_entry.id   6DHQ
#
_cell.length_a   123.246
_cell.length_b   101.747
_cell.length_c   167.852
_cell.angle_alpha   90.00
_cell.angle_beta   102.22
_cell.angle_gamma   90.00
#
_symmetry.space_group_name_H-M   'P 1 21 1'
#
loop_
_entity.id
_entity.type
_entity.pdbx_description
1 polymer 'Glutamate dehydrogenase 1, mitochondrial'
2 non-polymer 'GLUTAMIC ACID'
3 non-polymer 'NADPH DIHYDRO-NICOTINAMIDE-ADENINE-DINUCLEOTIDE PHOSPHATE'
4 non-polymer "GUANOSINE-5'-TRIPHOSPHATE"
5 water water
#
_entity_poly.entity_id   1
_entity_poly.type   'polypeptide(L)'
_entity_poly.pdbx_seq_one_letter_code
;ADREDDPNFFKMVEGFFDRGASIVEDKLVEDLKTRETEEQKRNRVRGILRIIKPCNHVLSLSFPIRRDDGSWEVIEGYRA
QHSQHRTPCKGGIRYSTDVSVDEVKALASLMTYKCAVVDVPFGGAKAGVKINPKNYTDNELEKITRRFTMELAKKGFIGP
GVDVPAPDMSTGEREMSWIADTYASTIGHYDINAHACVTGKPISQGGIHGRISATGRGVFHGIENFINEASYMSILGMTP
GFGDKTFAVQGFGNVGLHSMRYLHRFGAKCVAVGESDGSIWNPDGIDPKELEDFKLQHGTILGFPKAKIYEGSILEVDCD
ILIPAASEKQLTKSNAPRVKAKIIAEGANGPTTPEADKIFLERNIMVIPDLYLNAGGVTVSYFEWLKNLNHVSYGRLTFK
YERDSNYHLLMSVQESLERKFGKHGGTIPIVPTAEFQDRISGASEKDIVHSGLAYTMERSARQIMRTAMKYNLGLDLRTA
AYVNAIEKVFRVYNEAGVTFT
;
_entity_poly.pdbx_strand_id   A,B,C,D,E,F
#
# COMPACT_ATOMS: atom_id res chain seq x y z
N ALA A 1 -25.76 35.38 17.46
CA ALA A 1 -24.64 35.61 18.37
C ALA A 1 -24.75 36.98 19.03
N ASP A 2 -24.43 37.04 20.33
CA ASP A 2 -24.54 38.25 21.15
C ASP A 2 -23.65 39.38 20.60
N ARG A 3 -23.80 40.56 21.22
CA ARG A 3 -23.16 41.80 20.78
C ARG A 3 -22.12 42.24 21.80
N GLU A 4 -20.91 42.59 21.29
CA GLU A 4 -19.68 42.78 22.09
C GLU A 4 -19.68 41.92 23.33
N ASP A 5 -20.21 40.68 23.21
CA ASP A 5 -20.17 39.64 24.22
C ASP A 5 -19.86 38.32 23.57
N ASP A 6 -19.03 38.35 22.56
CA ASP A 6 -19.08 37.37 21.48
C ASP A 6 -17.65 37.11 21.04
N PRO A 7 -16.85 36.49 21.89
CA PRO A 7 -15.42 36.34 21.60
C PRO A 7 -15.16 35.29 20.56
N ASN A 8 -13.96 35.35 20.01
CA ASN A 8 -13.46 34.30 19.13
C ASN A 8 -13.40 32.98 19.89
N PHE A 9 -14.21 32.01 19.45
CA PHE A 9 -14.38 30.74 20.15
C PHE A 9 -13.03 30.09 20.42
N PHE A 10 -12.12 30.07 19.44
CA PHE A 10 -10.83 29.43 19.62
C PHE A 10 -9.97 30.18 20.62
N LYS A 11 -9.90 31.51 20.50
CA LYS A 11 -9.17 32.33 21.45
C LYS A 11 -9.73 32.16 22.87
N MET A 12 -11.06 32.10 22.98
CA MET A 12 -11.70 31.94 24.27
C MET A 12 -11.28 30.65 24.95
N VAL A 13 -11.18 29.56 24.17
CA VAL A 13 -10.71 28.31 24.75
C VAL A 13 -9.22 28.40 25.03
N GLU A 14 -8.47 29.14 24.21
CA GLU A 14 -7.08 29.41 24.55
C GLU A 14 -6.98 30.13 25.89
N GLY A 15 -7.95 31.01 26.20
CA GLY A 15 -7.91 31.73 27.45
C GLY A 15 -8.10 30.82 28.65
N PHE A 16 -9.11 29.95 28.57
CA PHE A 16 -9.27 28.92 29.59
C PHE A 16 -7.97 28.15 29.79
N PHE A 17 -7.29 27.80 28.68
CA PHE A 17 -6.03 27.07 28.75
C PHE A 17 -4.97 27.89 29.49
N ASP A 18 -4.84 29.17 29.14
CA ASP A 18 -3.86 30.05 29.79
C ASP A 18 -4.08 30.11 31.29
N ARG A 19 -5.34 30.22 31.72
CA ARG A 19 -5.65 30.32 33.14
C ARG A 19 -5.22 29.08 33.90
N GLY A 20 -5.31 27.90 33.25
CA GLY A 20 -4.78 26.69 33.85
C GLY A 20 -3.28 26.57 33.73
N ALA A 21 -2.71 27.11 32.65
CA ALA A 21 -1.26 27.10 32.51
C ALA A 21 -0.58 27.97 33.58
N SER A 22 -1.20 29.10 33.95
CA SER A 22 -0.68 29.94 35.04
C SER A 22 -0.44 29.14 36.29
N ILE A 23 -1.38 28.26 36.60
CA ILE A 23 -1.46 27.70 37.93
C ILE A 23 -0.54 26.50 38.09
N VAL A 24 -0.38 25.67 37.05
CA VAL A 24 0.54 24.54 37.14
C VAL A 24 1.95 24.86 36.71
N GLU A 25 2.21 26.08 36.26
CA GLU A 25 3.52 26.36 35.69
C GLU A 25 4.61 26.02 36.67
N ASP A 26 4.44 26.38 37.94
CA ASP A 26 5.41 26.02 38.96
C ASP A 26 5.54 24.51 39.09
N LYS A 27 4.39 23.83 39.16
CA LYS A 27 4.40 22.38 39.31
C LYS A 27 5.07 21.67 38.14
N LEU A 28 4.86 22.18 36.93
CA LEU A 28 5.51 21.57 35.77
C LEU A 28 7.02 21.76 35.81
N VAL A 29 7.48 22.95 36.13
CA VAL A 29 8.90 23.20 36.30
C VAL A 29 9.51 22.31 37.38
N GLU A 30 8.76 22.05 38.43
CA GLU A 30 9.19 21.17 39.50
C GLU A 30 9.74 19.83 39.02
N ASP A 31 8.84 18.96 38.56
CA ASP A 31 9.21 17.59 38.17
C ASP A 31 9.67 17.57 36.72
N LEU A 32 10.81 18.23 36.50
CA LEU A 32 11.61 18.04 35.30
C LEU A 32 12.97 17.51 35.75
N LYS A 33 13.25 16.25 35.46
CA LYS A 33 14.52 15.62 35.82
C LYS A 33 15.67 16.07 34.91
N THR A 34 15.45 17.05 34.03
CA THR A 34 16.47 17.46 33.06
C THR A 34 17.67 18.04 33.77
N ARG A 35 18.83 17.90 33.11
CA ARG A 35 20.07 18.32 33.76
C ARG A 35 20.10 19.80 33.96
N GLU A 36 20.11 20.54 32.87
CA GLU A 36 20.56 21.95 32.99
C GLU A 36 19.45 22.91 33.17
N THR A 37 18.99 22.96 34.41
CA THR A 37 18.26 24.07 35.01
C THR A 37 19.10 25.33 34.88
N GLU A 38 18.46 26.47 35.11
CA GLU A 38 18.88 27.81 34.76
C GLU A 38 17.61 28.60 34.45
N GLU A 39 16.48 28.01 34.89
CA GLU A 39 15.12 28.32 34.45
C GLU A 39 15.00 28.43 32.93
N GLN A 40 16.00 27.96 32.19
CA GLN A 40 15.72 27.39 30.88
C GLN A 40 14.69 26.29 31.03
N LYS A 41 14.63 25.69 32.22
CA LYS A 41 13.53 24.82 32.59
C LYS A 41 12.18 25.54 32.42
N ARG A 42 12.00 26.72 33.05
CA ARG A 42 10.79 27.53 32.81
C ARG A 42 10.47 27.69 31.34
N ASN A 43 11.50 27.94 30.55
CA ASN A 43 11.27 28.33 29.18
C ASN A 43 10.92 27.11 28.33
N ARG A 44 11.50 25.96 28.65
CA ARG A 44 11.03 24.71 28.08
C ARG A 44 9.56 24.50 28.34
N VAL A 45 9.14 24.64 29.60
CA VAL A 45 7.75 24.45 29.95
C VAL A 45 6.88 25.36 29.09
N ARG A 46 7.24 26.64 28.99
CA ARG A 46 6.48 27.60 28.20
C ARG A 46 6.49 27.24 26.72
N GLY A 47 7.61 26.74 26.21
CA GLY A 47 7.67 26.38 24.81
C GLY A 47 6.82 25.16 24.50
N ILE A 48 6.73 24.23 25.44
CA ILE A 48 5.87 23.06 25.22
C ILE A 48 4.40 23.47 25.24
N LEU A 49 4.00 24.30 26.20
CA LEU A 49 2.61 24.77 26.21
C LEU A 49 2.28 25.57 24.96
N ARG A 50 3.28 26.24 24.37
CA ARG A 50 3.03 26.95 23.12
C ARG A 50 2.82 25.98 21.96
N ILE A 51 3.41 24.79 22.03
CA ILE A 51 3.21 23.80 20.97
C ILE A 51 1.83 23.14 21.10
N ILE A 52 1.36 22.95 22.35
CA ILE A 52 0.10 22.24 22.57
C ILE A 52 -1.08 23.07 22.08
N LYS A 53 -1.02 24.39 22.31
CA LYS A 53 -2.18 25.24 22.08
C LYS A 53 -2.74 25.19 20.66
N PRO A 54 -1.96 25.37 19.59
CA PRO A 54 -2.55 25.48 18.26
C PRO A 54 -2.87 24.12 17.63
N CYS A 55 -3.92 24.11 16.81
CA CYS A 55 -4.20 22.94 15.98
C CYS A 55 -3.05 22.63 15.06
N ASN A 56 -2.73 21.34 14.94
CA ASN A 56 -1.65 20.94 14.05
C ASN A 56 -2.10 20.92 12.59
N HIS A 57 -3.36 20.56 12.33
CA HIS A 57 -3.86 20.32 10.98
C HIS A 57 -5.28 20.83 10.85
N VAL A 58 -5.59 21.57 9.78
CA VAL A 58 -6.97 21.90 9.43
C VAL A 58 -7.16 21.70 7.93
N LEU A 59 -8.12 20.87 7.55
CA LEU A 59 -8.49 20.68 6.15
C LEU A 59 -9.78 21.46 5.89
N SER A 60 -9.74 22.32 4.87
CA SER A 60 -10.91 23.05 4.38
C SER A 60 -11.30 22.47 3.03
N LEU A 61 -12.60 22.22 2.84
CA LEU A 61 -13.12 21.51 1.68
C LEU A 61 -14.22 22.31 1.02
N SER A 62 -14.21 22.27 -0.31
CA SER A 62 -15.34 22.64 -1.17
C SER A 62 -15.57 21.48 -2.10
N PHE A 63 -16.81 21.00 -2.20
CA PHE A 63 -17.07 19.96 -3.18
C PHE A 63 -18.51 20.10 -3.66
N PRO A 64 -18.81 19.67 -4.89
CA PRO A 64 -20.16 19.80 -5.40
C PRO A 64 -21.02 18.59 -5.12
N ILE A 65 -22.31 18.84 -4.93
CA ILE A 65 -23.34 17.82 -4.96
C ILE A 65 -24.46 18.31 -5.86
N ARG A 66 -25.19 17.38 -6.44
CA ARG A 66 -26.35 17.73 -7.25
C ARG A 66 -27.59 17.56 -6.41
N ARG A 67 -28.38 18.61 -6.31
CA ARG A 67 -29.56 18.56 -5.47
C ARG A 67 -30.66 17.74 -6.11
N ASP A 68 -31.72 17.54 -5.35
CA ASP A 68 -32.81 16.70 -5.81
C ASP A 68 -33.47 17.29 -7.06
N ASP A 69 -33.47 18.62 -7.21
CA ASP A 69 -34.13 19.15 -8.41
C ASP A 69 -33.17 19.27 -9.60
N GLY A 70 -31.94 18.78 -9.50
CA GLY A 70 -31.01 18.80 -10.59
C GLY A 70 -29.94 19.88 -10.49
N SER A 71 -30.13 20.86 -9.62
CA SER A 71 -29.21 21.97 -9.48
C SER A 71 -27.92 21.52 -8.79
N TRP A 72 -26.80 22.16 -9.17
CA TRP A 72 -25.52 21.94 -8.51
C TRP A 72 -25.38 22.92 -7.34
N GLU A 73 -24.92 22.40 -6.20
CA GLU A 73 -24.55 23.21 -5.04
C GLU A 73 -23.12 22.89 -4.63
N VAL A 74 -22.37 23.91 -4.22
CA VAL A 74 -21.07 23.72 -3.60
C VAL A 74 -21.28 23.79 -2.11
N ILE A 75 -20.74 22.83 -1.38
CA ILE A 75 -20.87 22.91 0.05
C ILE A 75 -19.48 22.86 0.68
N GLU A 76 -19.31 23.64 1.73
CA GLU A 76 -18.04 23.73 2.44
C GLU A 76 -18.03 22.85 3.67
N GLY A 77 -16.84 22.35 3.98
CA GLY A 77 -16.66 21.51 5.16
C GLY A 77 -15.25 21.68 5.67
N TYR A 78 -15.08 21.35 6.96
CA TYR A 78 -13.79 21.47 7.62
C TYR A 78 -13.59 20.28 8.57
N ARG A 79 -12.32 19.98 8.82
CA ARG A 79 -11.95 19.06 9.88
C ARG A 79 -10.61 19.49 10.43
N ALA A 80 -10.60 19.82 11.72
CA ALA A 80 -9.37 20.19 12.41
C ALA A 80 -8.90 19.01 13.24
N GLN A 81 -7.60 18.79 13.23
CA GLN A 81 -6.94 17.83 14.11
C GLN A 81 -6.07 18.64 15.05
N HIS A 82 -6.49 18.76 16.31
CA HIS A 82 -5.80 19.66 17.21
C HIS A 82 -4.45 19.10 17.67
N SER A 83 -4.39 17.79 17.95
CA SER A 83 -3.20 17.17 18.53
C SER A 83 -3.08 15.72 18.14
N GLN A 84 -1.84 15.28 17.93
CA GLN A 84 -1.52 13.88 17.65
C GLN A 84 -0.62 13.29 18.73
N HIS A 85 -0.55 13.93 19.89
CA HIS A 85 0.23 13.36 20.97
C HIS A 85 -0.29 11.99 21.37
N ARG A 86 -1.54 11.69 21.01
CA ARG A 86 -2.10 10.36 21.08
C ARG A 86 -2.80 10.06 19.75
N THR A 87 -2.56 8.85 19.22
CA THR A 87 -2.48 8.72 17.76
C THR A 87 -3.83 8.81 17.07
N PRO A 88 -4.85 8.03 17.42
CA PRO A 88 -6.15 8.26 16.75
C PRO A 88 -6.78 9.51 17.34
N CYS A 89 -6.94 10.53 16.49
CA CYS A 89 -7.72 11.70 16.87
C CYS A 89 -9.19 11.36 16.93
N LYS A 90 -9.92 12.11 17.73
CA LYS A 90 -11.33 11.81 17.98
C LYS A 90 -12.11 13.11 18.04
N GLY A 91 -13.29 13.11 17.45
CA GLY A 91 -14.22 14.20 17.61
C GLY A 91 -15.35 14.12 16.62
N GLY A 92 -16.44 14.81 16.91
CA GLY A 92 -17.67 14.67 16.17
C GLY A 92 -17.75 15.48 14.89
N ILE A 93 -18.89 15.35 14.22
CA ILE A 93 -19.19 16.08 12.99
C ILE A 93 -20.49 16.86 13.19
N ARG A 94 -20.42 18.16 12.92
CA ARG A 94 -21.51 19.09 13.14
C ARG A 94 -21.99 19.60 11.77
N TYR A 95 -23.29 19.45 11.48
CA TYR A 95 -23.92 20.06 10.32
C TYR A 95 -24.66 21.31 10.80
N SER A 96 -24.12 22.47 10.49
CA SER A 96 -24.75 23.72 10.93
C SER A 96 -24.20 24.88 10.11
N THR A 97 -25.05 25.89 9.88
CA THR A 97 -24.63 27.09 9.14
C THR A 97 -23.64 27.94 9.93
N ASP A 98 -23.44 27.64 11.22
CA ASP A 98 -22.49 28.38 12.03
C ASP A 98 -21.09 27.77 11.94
N VAL A 99 -20.93 26.67 11.19
CA VAL A 99 -19.63 26.01 11.11
C VAL A 99 -18.65 26.94 10.42
N SER A 100 -17.47 27.06 11.01
CA SER A 100 -16.37 27.82 10.43
C SER A 100 -15.07 27.17 10.86
N VAL A 101 -13.98 27.58 10.22
CA VAL A 101 -12.66 27.15 10.64
C VAL A 101 -12.47 27.45 12.11
N ASP A 102 -12.84 28.66 12.52
CA ASP A 102 -12.73 29.12 13.89
C ASP A 102 -13.41 28.14 14.84
N GLU A 103 -14.68 27.88 14.57
CA GLU A 103 -15.49 27.11 15.49
C GLU A 103 -15.00 25.65 15.50
N VAL A 104 -14.52 25.15 14.36
CA VAL A 104 -14.04 23.77 14.29
C VAL A 104 -12.70 23.63 15.01
N LYS A 105 -11.84 24.64 14.95
CA LYS A 105 -10.60 24.59 15.70
C LYS A 105 -10.85 24.63 17.21
N ALA A 106 -11.79 25.47 17.65
CA ALA A 106 -12.10 25.56 19.08
C ALA A 106 -12.58 24.22 19.61
N LEU A 107 -13.57 23.63 18.94
CA LEU A 107 -14.11 22.36 19.40
C LEU A 107 -13.07 21.26 19.34
N ALA A 108 -12.17 21.31 18.35
CA ALA A 108 -11.13 20.29 18.27
C ALA A 108 -10.20 20.36 19.49
N SER A 109 -9.89 21.57 19.96
CA SER A 109 -8.99 21.66 21.10
C SER A 109 -9.69 21.21 22.37
N LEU A 110 -10.97 21.56 22.52
CA LEU A 110 -11.76 21.08 23.64
C LEU A 110 -11.77 19.56 23.68
N MET A 111 -11.79 18.92 22.50
CA MET A 111 -11.77 17.46 22.48
C MET A 111 -10.45 16.92 23.04
N THR A 112 -9.32 17.56 22.69
CA THR A 112 -8.05 17.15 23.27
C THR A 112 -8.10 17.17 24.80
N TYR A 113 -8.53 18.30 25.37
CA TYR A 113 -8.44 18.46 26.82
C TYR A 113 -9.52 17.64 27.52
N LYS A 114 -10.68 17.50 26.90
CA LYS A 114 -11.71 16.65 27.48
C LYS A 114 -11.25 15.19 27.53
N CYS A 115 -10.59 14.71 26.48
CA CYS A 115 -10.07 13.35 26.49
C CYS A 115 -9.01 13.18 27.58
N ALA A 116 -8.15 14.19 27.76
CA ALA A 116 -7.16 14.10 28.83
C ALA A 116 -7.83 14.05 30.22
N VAL A 117 -8.90 14.82 30.43
CA VAL A 117 -9.57 14.86 31.73
C VAL A 117 -10.08 13.49 32.15
N VAL A 118 -10.81 12.82 31.24
CA VAL A 118 -11.29 11.44 31.39
C VAL A 118 -10.28 10.36 31.05
N ASP A 119 -9.12 10.71 30.57
CA ASP A 119 -8.07 9.70 30.40
C ASP A 119 -8.45 8.75 29.29
N VAL A 120 -8.95 9.31 28.19
CA VAL A 120 -9.24 8.56 26.98
C VAL A 120 -8.11 8.82 25.99
N PRO A 121 -7.45 7.80 25.47
CA PRO A 121 -6.15 8.00 24.78
C PRO A 121 -6.31 8.43 23.33
N PHE A 122 -6.99 9.55 23.13
CA PHE A 122 -7.21 10.12 21.82
C PHE A 122 -6.71 11.56 21.80
N GLY A 123 -6.19 11.99 20.65
CA GLY A 123 -6.02 13.41 20.42
C GLY A 123 -7.30 14.05 19.91
N GLY A 124 -7.40 15.37 20.01
CA GLY A 124 -8.65 16.06 19.70
C GLY A 124 -8.79 16.37 18.22
N ALA A 125 -10.02 16.26 17.72
CA ALA A 125 -10.36 16.61 16.36
C ALA A 125 -11.83 16.99 16.31
N LYS A 126 -12.24 17.66 15.24
CA LYS A 126 -13.64 18.01 15.06
C LYS A 126 -13.87 18.39 13.61
N ALA A 127 -15.04 18.03 13.09
CA ALA A 127 -15.41 18.35 11.72
C ALA A 127 -16.72 19.13 11.68
N GLY A 128 -16.92 19.88 10.60
CA GLY A 128 -18.14 20.61 10.39
C GLY A 128 -18.50 20.77 8.92
N VAL A 129 -19.78 20.67 8.60
CA VAL A 129 -20.28 20.92 7.26
C VAL A 129 -21.26 22.06 7.33
N LYS A 130 -21.08 23.05 6.45
CA LYS A 130 -21.75 24.34 6.57
C LYS A 130 -23.10 24.31 5.83
N ILE A 131 -24.04 23.58 6.42
CA ILE A 131 -25.38 23.46 5.88
C ILE A 131 -26.38 23.46 7.03
N ASN A 132 -27.63 23.76 6.70
CA ASN A 132 -28.72 23.56 7.65
C ASN A 132 -29.46 22.30 7.23
N PRO A 133 -29.32 21.19 7.94
CA PRO A 133 -29.86 19.91 7.44
C PRO A 133 -31.37 19.90 7.30
N LYS A 134 -32.07 20.83 7.94
CA LYS A 134 -33.52 20.94 7.74
C LYS A 134 -33.90 21.38 6.32
N ASN A 135 -32.96 21.85 5.49
CA ASN A 135 -33.23 22.29 4.11
C ASN A 135 -32.83 21.26 3.06
N TYR A 136 -32.60 20.01 3.44
CA TYR A 136 -32.13 18.99 2.51
C TYR A 136 -32.97 17.74 2.69
N THR A 137 -33.17 17.01 1.62
CA THR A 137 -33.82 15.70 1.75
C THR A 137 -32.83 14.70 2.35
N ASP A 138 -33.39 13.57 2.77
CA ASP A 138 -32.54 12.47 3.23
C ASP A 138 -31.62 12.00 2.10
N ASN A 139 -32.14 11.97 0.86
CA ASN A 139 -31.29 11.63 -0.28
C ASN A 139 -30.12 12.58 -0.38
N GLU A 140 -30.37 13.87 -0.23
CA GLU A 140 -29.31 14.87 -0.38
C GLU A 140 -28.30 14.75 0.77
N LEU A 141 -28.78 14.53 1.99
CA LEU A 141 -27.89 14.45 3.15
C LEU A 141 -26.99 13.23 3.05
N GLU A 142 -27.52 12.11 2.57
CA GLU A 142 -26.68 10.94 2.32
C GLU A 142 -25.54 11.28 1.37
N LYS A 143 -25.82 11.97 0.25
CA LYS A 143 -24.77 12.25 -0.70
C LYS A 143 -23.76 13.25 -0.13
N ILE A 144 -24.22 14.21 0.66
CA ILE A 144 -23.29 15.12 1.33
C ILE A 144 -22.39 14.36 2.30
N THR A 145 -22.97 13.43 3.06
CA THR A 145 -22.20 12.67 4.04
C THR A 145 -21.22 11.71 3.37
N ARG A 146 -21.70 10.90 2.41
CA ARG A 146 -20.78 9.96 1.78
C ARG A 146 -19.65 10.66 1.05
N ARG A 147 -19.93 11.81 0.52
CA ARG A 147 -18.87 12.50 -0.18
C ARG A 147 -17.87 13.17 0.74
N PHE A 148 -18.40 13.79 1.78
CA PHE A 148 -17.53 14.38 2.79
C PHE A 148 -16.59 13.32 3.33
N THR A 149 -17.08 12.09 3.47
CA THR A 149 -16.23 11.01 3.97
C THR A 149 -15.08 10.71 3.00
N MET A 150 -15.36 10.65 1.69
CA MET A 150 -14.31 10.28 0.75
C MET A 150 -13.24 11.36 0.65
N GLU A 151 -13.67 12.62 0.65
CA GLU A 151 -12.70 13.72 0.62
C GLU A 151 -11.81 13.70 1.86
N LEU A 152 -12.37 13.36 3.01
CA LEU A 152 -11.56 13.26 4.21
C LEU A 152 -10.61 12.07 4.14
N ALA A 153 -11.09 10.93 3.63
CA ALA A 153 -10.29 9.72 3.61
C ALA A 153 -9.10 9.83 2.64
N LYS A 154 -9.28 10.49 1.49
CA LYS A 154 -8.11 10.57 0.61
C LYS A 154 -7.00 11.48 1.14
N LYS A 155 -7.30 12.41 2.05
CA LYS A 155 -6.24 13.22 2.65
C LYS A 155 -5.88 12.80 4.07
N GLY A 156 -6.22 11.57 4.45
CA GLY A 156 -5.87 11.07 5.78
C GLY A 156 -6.52 11.80 6.94
N PHE A 157 -7.76 12.23 6.79
CA PHE A 157 -8.47 12.88 7.89
C PHE A 157 -9.62 12.02 8.39
N ILE A 158 -9.66 10.74 8.00
CA ILE A 158 -10.47 9.72 8.68
C ILE A 158 -9.80 8.37 8.44
N GLY A 159 -9.82 7.54 9.49
CA GLY A 159 -9.26 6.22 9.47
C GLY A 159 -9.14 5.67 10.88
N PRO A 160 -9.28 4.34 11.05
CA PRO A 160 -9.27 3.74 12.38
C PRO A 160 -8.06 4.12 13.22
N GLY A 161 -6.88 4.22 12.63
CA GLY A 161 -5.68 4.61 13.36
C GLY A 161 -5.25 6.05 13.17
N VAL A 162 -6.13 6.89 12.63
CA VAL A 162 -5.77 8.25 12.27
C VAL A 162 -6.73 9.24 12.89
N ASP A 163 -8.02 9.04 12.65
CA ASP A 163 -9.02 10.03 13.05
C ASP A 163 -10.39 9.36 12.98
N VAL A 164 -11.09 9.33 14.10
CA VAL A 164 -12.32 8.58 14.23
C VAL A 164 -13.44 9.54 14.59
N PRO A 165 -14.30 9.91 13.64
CA PRO A 165 -15.41 10.83 13.95
C PRO A 165 -16.53 10.20 14.77
N ALA A 166 -17.62 10.94 14.94
CA ALA A 166 -18.69 10.63 15.88
C ALA A 166 -19.82 11.65 15.68
N PRO A 167 -20.98 11.47 16.31
CA PRO A 167 -22.07 12.45 16.13
C PRO A 167 -21.75 13.78 16.82
N ASP A 168 -22.39 14.84 16.35
CA ASP A 168 -22.41 16.12 17.06
C ASP A 168 -23.75 16.75 16.72
N MET A 169 -23.81 18.07 16.66
CA MET A 169 -25.11 18.69 16.44
C MET A 169 -25.67 18.36 15.06
N SER A 170 -26.92 17.92 15.00
CA SER A 170 -27.64 17.63 13.77
C SER A 170 -27.09 16.42 13.00
N THR A 171 -26.26 15.59 13.62
CA THR A 171 -25.87 14.30 13.07
C THR A 171 -26.10 13.21 14.12
N GLY A 172 -26.25 11.99 13.65
CA GLY A 172 -26.56 10.91 14.53
C GLY A 172 -26.18 9.57 13.95
N GLU A 173 -26.70 8.52 14.60
CA GLU A 173 -26.64 7.14 14.14
C GLU A 173 -26.66 7.02 12.61
N ARG A 174 -27.61 7.72 11.99
CA ARG A 174 -27.82 7.56 10.55
C ARG A 174 -26.60 8.06 9.76
N GLU A 175 -26.11 9.25 10.09
CA GLU A 175 -24.96 9.73 9.35
C GLU A 175 -23.74 8.83 9.63
N MET A 176 -23.60 8.36 10.88
CA MET A 176 -22.45 7.52 11.20
C MET A 176 -22.49 6.23 10.41
N SER A 177 -23.69 5.69 10.18
CA SER A 177 -23.84 4.53 9.32
C SER A 177 -23.31 4.81 7.91
N TRP A 178 -23.68 5.98 7.35
CA TRP A 178 -23.21 6.33 6.01
C TRP A 178 -21.69 6.47 5.98
N ILE A 179 -21.13 7.06 7.03
CA ILE A 179 -19.68 7.27 7.05
C ILE A 179 -18.95 5.93 7.05
N ALA A 180 -19.39 5.01 7.90
CA ALA A 180 -18.69 3.74 8.03
C ALA A 180 -18.84 2.89 6.78
N ASP A 181 -20.02 2.92 6.16
CA ASP A 181 -20.24 2.15 4.94
C ASP A 181 -19.39 2.69 3.79
N THR A 182 -19.27 4.01 3.67
CA THR A 182 -18.45 4.59 2.60
C THR A 182 -16.98 4.27 2.80
N TYR A 183 -16.51 4.32 4.06
CA TYR A 183 -15.11 4.00 4.33
C TYR A 183 -14.82 2.54 4.05
N ALA A 184 -15.60 1.64 4.67
CA ALA A 184 -15.32 0.21 4.58
C ALA A 184 -15.53 -0.38 3.20
N SER A 185 -16.09 0.38 2.26
CA SER A 185 -16.35 -0.09 0.91
C SER A 185 -15.39 0.48 -0.11
N THR A 186 -14.59 1.46 0.28
CA THR A 186 -13.60 2.03 -0.61
C THR A 186 -12.25 1.82 0.07
N ILE A 187 -11.68 2.87 0.66
CA ILE A 187 -10.30 2.81 1.14
C ILE A 187 -10.09 1.70 2.16
N GLY A 188 -11.14 1.30 2.87
CA GLY A 188 -10.95 0.35 3.95
C GLY A 188 -11.36 -1.09 3.65
N HIS A 189 -11.47 -1.45 2.37
CA HIS A 189 -11.99 -2.78 2.05
C HIS A 189 -11.10 -3.90 2.59
N TYR A 190 -9.80 -3.68 2.79
CA TYR A 190 -8.95 -4.74 3.27
C TYR A 190 -8.59 -4.58 4.75
N ASP A 191 -9.03 -3.49 5.38
CA ASP A 191 -8.69 -3.20 6.77
C ASP A 191 -9.56 -4.06 7.68
N ILE A 192 -8.92 -4.92 8.48
CA ILE A 192 -9.66 -5.70 9.47
C ILE A 192 -10.38 -4.77 10.47
N ASN A 193 -9.95 -3.52 10.60
CA ASN A 193 -10.55 -2.60 11.56
C ASN A 193 -11.37 -1.52 10.88
N ALA A 194 -11.86 -1.77 9.67
CA ALA A 194 -12.50 -0.71 8.90
C ALA A 194 -13.65 -0.05 9.68
N HIS A 195 -14.43 -0.85 10.40
CA HIS A 195 -15.59 -0.29 11.04
C HIS A 195 -15.27 0.47 12.32
N ALA A 196 -14.03 0.44 12.77
CA ALA A 196 -13.59 1.32 13.83
C ALA A 196 -13.28 2.73 13.32
N CYS A 197 -13.61 3.03 12.07
CA CYS A 197 -13.31 4.35 11.52
C CYS A 197 -14.22 5.44 12.07
N VAL A 198 -15.34 5.10 12.69
CA VAL A 198 -16.27 6.09 13.21
C VAL A 198 -17.03 5.47 14.37
N THR A 199 -17.38 6.28 15.37
CA THR A 199 -18.19 5.78 16.48
C THR A 199 -19.55 6.47 16.43
N GLY A 200 -20.44 6.09 17.35
CA GLY A 200 -21.82 6.47 17.26
C GLY A 200 -22.62 5.68 16.24
N LYS A 201 -22.12 4.51 15.81
CA LYS A 201 -22.82 3.75 14.79
C LYS A 201 -24.07 3.06 15.36
N PRO A 202 -25.04 2.72 14.51
CA PRO A 202 -26.17 1.90 15.00
C PRO A 202 -25.65 0.56 15.49
N ILE A 203 -26.38 0.00 16.46
CA ILE A 203 -25.90 -1.20 17.15
C ILE A 203 -25.78 -2.38 16.17
N SER A 204 -26.70 -2.48 15.23
CA SER A 204 -26.62 -3.53 14.22
C SER A 204 -25.42 -3.38 13.29
N GLN A 205 -24.59 -2.34 13.48
CA GLN A 205 -23.48 -1.99 12.61
C GLN A 205 -22.15 -1.93 13.32
N GLY A 206 -22.05 -2.49 14.50
CA GLY A 206 -20.84 -2.27 15.25
C GLY A 206 -20.96 -1.17 16.26
N GLY A 207 -22.11 -0.53 16.37
CA GLY A 207 -22.37 0.34 17.49
C GLY A 207 -22.36 -0.41 18.81
N ILE A 208 -22.43 0.35 19.89
CA ILE A 208 -22.38 -0.18 21.23
C ILE A 208 -23.61 0.28 21.98
N HIS A 209 -24.00 -0.53 22.97
CA HIS A 209 -25.16 -0.21 23.80
C HIS A 209 -24.96 1.13 24.51
N GLY A 210 -25.98 1.98 24.46
CA GLY A 210 -25.97 3.20 25.22
C GLY A 210 -25.17 4.36 24.66
N ARG A 211 -24.54 4.23 23.49
CA ARG A 211 -23.85 5.39 22.92
C ARG A 211 -24.83 6.55 22.75
N ILE A 212 -26.06 6.24 22.32
CA ILE A 212 -27.00 7.31 21.97
C ILE A 212 -27.23 8.19 23.18
N SER A 213 -27.55 7.57 24.30
CA SER A 213 -27.81 8.24 25.57
C SER A 213 -26.57 8.47 26.42
N ALA A 214 -25.37 8.19 25.91
CA ALA A 214 -24.18 8.22 26.75
C ALA A 214 -23.87 9.62 27.28
N THR A 215 -24.03 10.64 26.45
CA THR A 215 -23.63 11.98 26.89
C THR A 215 -24.49 12.46 28.05
N GLY A 216 -25.79 12.15 28.01
CA GLY A 216 -26.68 12.58 29.08
C GLY A 216 -26.50 11.78 30.36
N ARG A 217 -26.31 10.46 30.23
CA ARG A 217 -26.03 9.62 31.39
C ARG A 217 -24.72 10.02 32.06
N GLY A 218 -23.77 10.58 31.31
CA GLY A 218 -22.61 11.20 31.89
C GLY A 218 -22.83 12.61 32.40
N VAL A 219 -23.83 13.31 31.87
CA VAL A 219 -24.26 14.56 32.48
C VAL A 219 -24.88 14.27 33.85
N PHE A 220 -25.68 13.21 33.95
CA PHE A 220 -26.24 12.83 35.25
C PHE A 220 -25.14 12.48 36.25
N HIS A 221 -24.20 11.63 35.85
CA HIS A 221 -23.14 11.19 36.77
C HIS A 221 -22.30 12.36 37.23
N GLY A 222 -22.00 13.29 36.34
CA GLY A 222 -21.14 14.41 36.69
C GLY A 222 -21.82 15.42 37.60
N ILE A 223 -23.14 15.57 37.48
CA ILE A 223 -23.87 16.41 38.42
C ILE A 223 -23.98 15.70 39.78
N GLU A 224 -24.33 14.42 39.76
CA GLU A 224 -24.49 13.66 41.00
C GLU A 224 -23.20 13.65 41.81
N ASN A 225 -22.06 13.63 41.13
CA ASN A 225 -20.78 13.60 41.80
C ASN A 225 -20.53 14.90 42.58
N PHE A 226 -21.13 16.01 42.15
CA PHE A 226 -20.98 17.27 42.89
C PHE A 226 -22.18 17.62 43.75
N ILE A 227 -23.37 17.17 43.36
CA ILE A 227 -24.57 17.40 44.12
C ILE A 227 -24.62 16.62 45.43
N ASN A 228 -23.78 15.60 45.58
CA ASN A 228 -23.67 14.83 46.83
C ASN A 228 -22.44 15.18 47.61
N GLU A 229 -21.80 16.29 47.32
CA GLU A 229 -20.59 16.69 48.00
C GLU A 229 -20.94 17.82 48.93
N ALA A 230 -20.96 17.54 50.23
CA ALA A 230 -21.42 18.50 51.22
C ALA A 230 -20.58 19.77 51.17
N SER A 231 -19.27 19.63 50.99
CA SER A 231 -18.37 20.78 50.93
C SER A 231 -18.83 21.80 49.90
N TYR A 232 -19.24 21.33 48.72
CA TYR A 232 -19.65 22.24 47.65
C TYR A 232 -21.10 22.69 47.79
N MET A 233 -22.00 21.77 48.13
CA MET A 233 -23.41 22.12 48.27
C MET A 233 -23.66 23.11 49.41
N SER A 234 -22.70 23.29 50.32
CA SER A 234 -22.88 24.26 51.40
C SER A 234 -22.59 25.68 50.92
N ILE A 235 -21.47 25.88 50.20
CA ILE A 235 -21.20 27.20 49.62
C ILE A 235 -22.36 27.65 48.75
N LEU A 236 -23.08 26.71 48.16
CA LEU A 236 -24.22 27.07 47.34
C LEU A 236 -25.49 27.23 48.15
N GLY A 237 -25.52 26.77 49.39
CA GLY A 237 -26.70 26.88 50.21
C GLY A 237 -27.81 25.92 49.81
N MET A 238 -27.45 24.66 49.58
CA MET A 238 -28.39 23.67 49.09
C MET A 238 -28.22 22.36 49.84
N THR A 239 -29.28 21.58 49.83
CA THR A 239 -29.25 20.23 50.37
C THR A 239 -28.58 19.29 49.38
N PRO A 240 -27.76 18.36 49.86
CA PRO A 240 -27.28 17.29 48.98
C PRO A 240 -28.43 16.48 48.39
N GLY A 241 -28.18 15.89 47.22
CA GLY A 241 -29.12 14.97 46.61
C GLY A 241 -29.98 15.63 45.54
N PHE A 242 -30.77 14.78 44.89
CA PHE A 242 -31.59 15.17 43.75
C PHE A 242 -33.06 15.35 44.09
N GLY A 243 -33.56 14.62 45.10
CA GLY A 243 -34.99 14.45 45.34
C GLY A 243 -35.86 15.69 45.43
N ASP A 244 -35.26 16.86 45.65
CA ASP A 244 -36.01 18.09 45.84
C ASP A 244 -35.79 19.14 44.77
N LYS A 245 -34.88 18.92 43.83
CA LYS A 245 -34.36 20.00 43.02
C LYS A 245 -35.04 20.07 41.66
N THR A 246 -35.03 21.27 41.08
CA THR A 246 -35.57 21.55 39.76
C THR A 246 -34.44 21.87 38.80
N PHE A 247 -34.69 21.66 37.51
CA PHE A 247 -33.71 22.01 36.51
C PHE A 247 -34.40 22.45 35.22
N ALA A 248 -33.66 23.21 34.43
CA ALA A 248 -34.09 23.59 33.09
C ALA A 248 -32.99 23.22 32.10
N VAL A 249 -33.39 22.73 30.93
CA VAL A 249 -32.43 22.31 29.91
C VAL A 249 -32.73 23.09 28.64
N GLN A 250 -31.70 23.72 28.08
CA GLN A 250 -31.80 24.37 26.78
C GLN A 250 -31.27 23.38 25.75
N GLY A 251 -32.13 22.99 24.81
CA GLY A 251 -31.79 21.95 23.88
C GLY A 251 -32.48 20.65 24.24
N PHE A 252 -33.24 20.10 23.31
CA PHE A 252 -33.96 18.85 23.51
C PHE A 252 -33.49 17.79 22.52
N GLY A 253 -32.22 17.85 22.14
CA GLY A 253 -31.66 16.88 21.23
C GLY A 253 -31.00 15.71 21.93
N ASN A 254 -29.88 15.25 21.38
CA ASN A 254 -29.22 14.07 21.91
C ASN A 254 -28.80 14.26 23.36
N VAL A 255 -28.15 15.39 23.65
CA VAL A 255 -27.68 15.67 25.00
C VAL A 255 -28.84 16.05 25.91
N GLY A 256 -29.66 17.00 25.47
CA GLY A 256 -30.70 17.51 26.35
C GLY A 256 -31.70 16.45 26.78
N LEU A 257 -32.24 15.70 25.82
CA LEU A 257 -33.29 14.74 26.14
C LEU A 257 -32.82 13.69 27.15
N HIS A 258 -31.61 13.17 26.99
CA HIS A 258 -31.20 12.09 27.88
C HIS A 258 -30.71 12.61 29.22
N SER A 259 -30.11 13.80 29.24
CA SER A 259 -29.88 14.47 30.52
C SER A 259 -31.17 14.56 31.31
N MET A 260 -32.28 14.97 30.67
CA MET A 260 -33.51 15.15 31.41
C MET A 260 -34.17 13.82 31.73
N ARG A 261 -33.93 12.79 30.90
CA ARG A 261 -34.44 11.47 31.24
C ARG A 261 -33.82 10.95 32.53
N TYR A 262 -32.49 11.10 32.68
CA TYR A 262 -31.81 10.51 33.82
C TYR A 262 -32.04 11.31 35.09
N LEU A 263 -32.09 12.65 35.01
CA LEU A 263 -32.34 13.37 36.25
C LEU A 263 -33.76 13.15 36.74
N HIS A 264 -34.73 13.17 35.85
CA HIS A 264 -36.11 12.81 36.21
C HIS A 264 -36.18 11.45 36.91
N ARG A 265 -35.32 10.51 36.49
CA ARG A 265 -35.39 9.17 37.06
C ARG A 265 -34.99 9.16 38.52
N PHE A 266 -34.03 10.00 38.90
CA PHE A 266 -33.51 10.06 40.26
C PHE A 266 -34.12 11.20 41.06
N GLY A 267 -35.33 11.64 40.72
CA GLY A 267 -36.13 12.47 41.58
C GLY A 267 -36.21 13.93 41.20
N ALA A 268 -35.20 14.48 40.53
CA ALA A 268 -35.26 15.88 40.15
C ALA A 268 -36.43 16.11 39.18
N LYS A 269 -36.96 17.34 39.13
CA LYS A 269 -38.13 17.61 38.31
C LYS A 269 -37.80 18.67 37.25
N CYS A 270 -38.13 18.36 36.00
CA CYS A 270 -37.81 19.24 34.89
C CYS A 270 -38.83 20.35 34.78
N VAL A 271 -38.35 21.59 34.85
CA VAL A 271 -39.19 22.77 34.97
C VAL A 271 -39.37 23.51 33.66
N ALA A 272 -38.44 23.37 32.71
CA ALA A 272 -38.49 24.13 31.48
C ALA A 272 -37.57 23.48 30.45
N VAL A 273 -38.03 23.47 29.20
CA VAL A 273 -37.30 22.91 28.07
C VAL A 273 -37.34 23.93 26.93
N GLY A 274 -36.21 24.15 26.27
CA GLY A 274 -36.15 25.08 25.17
C GLY A 274 -35.51 24.50 23.93
N GLU A 275 -35.89 25.06 22.78
CA GLU A 275 -35.20 24.84 21.50
C GLU A 275 -35.09 26.20 20.81
N SER A 276 -34.73 26.18 19.51
CA SER A 276 -34.64 27.43 18.75
C SER A 276 -36.00 28.07 18.56
N ASP A 277 -37.05 27.24 18.51
CA ASP A 277 -38.43 27.72 18.43
C ASP A 277 -38.76 28.69 19.57
N GLY A 278 -38.32 28.36 20.78
CA GLY A 278 -38.85 28.94 22.00
C GLY A 278 -38.82 27.91 23.10
N SER A 279 -39.51 28.19 24.20
CA SER A 279 -39.45 27.36 25.39
C SER A 279 -40.84 26.99 25.85
N ILE A 280 -40.91 25.96 26.70
CA ILE A 280 -42.11 25.60 27.43
C ILE A 280 -41.75 25.54 28.92
N TRP A 281 -42.78 25.57 29.77
CA TRP A 281 -42.57 25.77 31.20
C TRP A 281 -43.76 25.20 31.96
N ASN A 282 -43.46 24.69 33.15
CA ASN A 282 -44.46 24.16 34.09
C ASN A 282 -43.77 23.86 35.41
N PRO A 283 -44.00 24.68 36.43
CA PRO A 283 -43.29 24.49 37.72
C PRO A 283 -43.65 23.21 38.44
N ASP A 284 -44.66 22.44 38.00
CA ASP A 284 -44.97 21.12 38.58
C ASP A 284 -44.18 20.00 37.90
N GLY A 285 -43.44 20.28 36.84
CA GLY A 285 -42.66 19.19 36.26
C GLY A 285 -43.14 18.81 34.87
N ILE A 286 -42.20 18.48 34.02
CA ILE A 286 -42.48 18.01 32.67
C ILE A 286 -41.98 16.59 32.56
N ASP A 287 -42.79 15.71 31.97
CA ASP A 287 -42.38 14.31 31.91
C ASP A 287 -41.58 14.03 30.63
N PRO A 288 -40.38 13.43 30.74
CA PRO A 288 -39.52 13.29 29.54
C PRO A 288 -40.12 12.41 28.48
N LYS A 289 -40.73 11.33 28.91
CA LYS A 289 -41.34 10.38 28.00
C LYS A 289 -42.43 11.01 27.14
N GLU A 290 -43.39 11.67 27.77
CA GLU A 290 -44.50 12.20 26.97
C GLU A 290 -44.08 13.45 26.19
N LEU A 291 -43.08 14.19 26.67
CA LEU A 291 -42.57 15.28 25.87
C LEU A 291 -41.88 14.78 24.62
N GLU A 292 -41.09 13.71 24.74
CA GLU A 292 -40.47 13.09 23.58
C GLU A 292 -41.51 12.63 22.59
N ASP A 293 -42.51 11.90 23.06
CA ASP A 293 -43.59 11.43 22.20
C ASP A 293 -44.24 12.58 21.44
N PHE A 294 -44.40 13.73 22.12
CA PHE A 294 -45.00 14.88 21.46
C PHE A 294 -44.08 15.41 20.37
N LYS A 295 -42.79 15.50 20.64
CA LYS A 295 -41.91 16.08 19.65
C LYS A 295 -41.78 15.20 18.42
N LEU A 296 -41.66 13.89 18.63
CA LEU A 296 -41.63 12.94 17.52
C LEU A 296 -42.87 13.07 16.64
N GLN A 297 -43.99 13.42 17.27
CA GLN A 297 -45.28 13.45 16.61
C GLN A 297 -45.53 14.77 15.88
N HIS A 298 -45.14 15.90 16.48
CA HIS A 298 -45.45 17.21 15.91
C HIS A 298 -44.23 17.97 15.43
N GLY A 299 -43.01 17.46 15.67
CA GLY A 299 -41.81 18.12 15.23
C GLY A 299 -41.41 19.37 16.00
N THR A 300 -42.12 19.69 17.08
CA THR A 300 -41.76 20.85 17.88
C THR A 300 -42.15 20.55 19.32
N ILE A 301 -41.53 21.33 20.19
CA ILE A 301 -41.83 21.30 21.59
C ILE A 301 -43.03 22.23 21.92
N LEU A 302 -43.22 23.30 21.13
CA LEU A 302 -44.22 24.30 21.48
C LEU A 302 -45.65 23.73 21.29
N GLY A 303 -46.49 24.01 22.27
CA GLY A 303 -47.83 23.50 22.25
C GLY A 303 -47.97 22.19 22.98
N PHE A 304 -46.97 21.79 23.75
CA PHE A 304 -47.17 20.67 24.66
C PHE A 304 -48.39 20.97 25.51
N PRO A 305 -49.33 20.05 25.59
CA PRO A 305 -50.54 20.33 26.40
C PRO A 305 -50.25 20.51 27.89
N LYS A 306 -49.31 19.76 28.48
CA LYS A 306 -49.08 19.82 29.92
C LYS A 306 -47.98 20.79 30.30
N ALA A 307 -47.89 21.91 29.60
CA ALA A 307 -47.00 22.99 29.95
C ALA A 307 -47.46 24.18 29.14
N LYS A 308 -46.92 25.34 29.43
CA LYS A 308 -47.30 26.46 28.59
C LYS A 308 -46.07 27.20 28.10
N ILE A 309 -46.27 27.86 26.97
CA ILE A 309 -45.25 28.54 26.23
C ILE A 309 -44.65 29.66 27.08
N TYR A 310 -43.40 29.47 27.45
CA TYR A 310 -42.66 30.43 28.26
C TYR A 310 -42.00 31.41 27.28
N GLU A 311 -42.30 32.69 27.44
CA GLU A 311 -41.50 33.64 26.70
C GLU A 311 -40.77 34.47 27.75
N GLY A 312 -39.45 34.52 27.61
CA GLY A 312 -38.58 35.19 28.56
C GLY A 312 -37.25 34.50 28.77
N SER A 313 -36.84 33.64 27.84
CA SER A 313 -35.50 33.05 27.80
C SER A 313 -35.29 31.97 28.85
N ILE A 314 -35.17 30.73 28.36
CA ILE A 314 -34.95 29.57 29.20
C ILE A 314 -33.80 29.79 30.18
N LEU A 315 -32.71 30.42 29.71
CA LEU A 315 -31.50 30.52 30.51
C LEU A 315 -31.68 31.27 31.81
N GLU A 316 -32.75 32.07 31.93
CA GLU A 316 -32.99 32.83 33.15
C GLU A 316 -34.19 32.30 33.92
N VAL A 317 -34.72 31.15 33.52
CA VAL A 317 -35.85 30.58 34.24
C VAL A 317 -35.40 30.25 35.67
N ASP A 318 -36.40 30.19 36.57
CA ASP A 318 -36.19 29.96 37.99
C ASP A 318 -36.03 28.46 38.26
N CYS A 319 -34.84 28.04 38.69
CA CYS A 319 -34.57 26.62 38.94
C CYS A 319 -33.28 26.49 39.74
N ASP A 320 -32.98 25.26 40.16
CA ASP A 320 -31.72 25.00 40.84
C ASP A 320 -30.58 24.80 39.83
N ILE A 321 -30.78 23.93 38.83
CA ILE A 321 -29.74 23.53 37.90
C ILE A 321 -30.15 23.96 36.49
N LEU A 322 -29.27 24.68 35.81
CA LEU A 322 -29.47 25.02 34.41
C LEU A 322 -28.53 24.22 33.53
N ILE A 323 -29.09 23.48 32.56
CA ILE A 323 -28.29 22.65 31.67
C ILE A 323 -28.28 23.23 30.25
N PRO A 324 -27.25 24.01 29.87
CA PRO A 324 -27.06 24.36 28.45
C PRO A 324 -26.67 23.12 27.64
N ALA A 325 -27.54 22.71 26.72
CA ALA A 325 -27.32 21.52 25.89
C ALA A 325 -27.59 21.85 24.42
N ALA A 326 -27.13 23.03 23.98
CA ALA A 326 -27.28 23.42 22.58
C ALA A 326 -25.97 24.01 22.07
N SER A 327 -26.01 25.27 21.63
CA SER A 327 -24.89 25.86 20.94
C SER A 327 -23.89 26.41 21.94
N GLU A 328 -22.83 27.00 21.44
CA GLU A 328 -21.83 27.64 22.29
C GLU A 328 -22.19 29.11 22.56
N LYS A 329 -21.50 29.67 23.56
CA LYS A 329 -21.60 31.09 23.87
C LYS A 329 -23.05 31.55 24.08
N GLN A 330 -23.75 30.79 24.89
CA GLN A 330 -25.12 31.10 25.26
C GLN A 330 -25.25 31.92 26.53
N LEU A 331 -24.31 31.74 27.49
CA LEU A 331 -24.26 32.53 28.70
C LEU A 331 -23.17 33.58 28.54
N THR A 332 -23.58 34.85 28.53
CA THR A 332 -22.67 35.94 28.14
C THR A 332 -22.57 36.94 29.29
N LYS A 333 -21.80 38.00 29.01
CA LYS A 333 -21.63 39.11 29.95
C LYS A 333 -22.97 39.74 30.30
N SER A 334 -23.80 40.01 29.29
CA SER A 334 -25.08 40.65 29.47
C SER A 334 -26.10 39.71 30.06
N ASN A 335 -25.81 38.41 30.08
CA ASN A 335 -26.78 37.37 30.40
C ASN A 335 -26.67 36.86 31.83
N ALA A 336 -25.43 36.78 32.35
CA ALA A 336 -25.19 36.05 33.60
C ALA A 336 -25.83 36.73 34.81
N PRO A 337 -25.95 38.07 34.88
CA PRO A 337 -26.66 38.69 36.01
C PRO A 337 -28.02 38.10 36.37
N ARG A 338 -28.78 37.51 35.45
CA ARG A 338 -30.12 37.05 35.82
C ARG A 338 -30.30 35.55 35.74
N VAL A 339 -29.22 34.79 35.90
CA VAL A 339 -29.32 33.39 35.53
C VAL A 339 -30.15 32.62 36.55
N LYS A 340 -30.16 33.08 37.81
CA LYS A 340 -31.07 32.64 38.88
C LYS A 340 -30.81 31.24 39.40
N ALA A 341 -30.21 30.37 38.59
CA ALA A 341 -29.87 29.05 39.08
C ALA A 341 -28.54 29.10 39.82
N LYS A 342 -28.30 28.05 40.61
CA LYS A 342 -27.09 27.98 41.40
C LYS A 342 -26.05 27.01 40.85
N ILE A 343 -26.46 26.10 39.97
CA ILE A 343 -25.57 25.16 39.32
C ILE A 343 -25.79 25.27 37.81
N ILE A 344 -24.72 25.50 37.07
CA ILE A 344 -24.72 25.50 35.62
C ILE A 344 -23.95 24.27 35.17
N ALA A 345 -24.67 23.29 34.63
CA ALA A 345 -24.11 22.03 34.15
C ALA A 345 -23.97 22.10 32.64
N GLU A 346 -22.74 22.32 32.17
CA GLU A 346 -22.49 22.53 30.74
C GLU A 346 -22.48 21.17 30.00
N GLY A 347 -23.64 20.80 29.46
CA GLY A 347 -23.72 19.66 28.59
C GLY A 347 -23.21 20.03 27.21
N ALA A 348 -23.55 21.23 26.75
CA ALA A 348 -23.02 21.73 25.49
C ALA A 348 -21.52 21.98 25.60
N ASN A 349 -20.89 22.16 24.45
CA ASN A 349 -19.50 22.57 24.37
C ASN A 349 -19.42 24.08 24.29
N GLY A 350 -18.59 24.68 25.14
CA GLY A 350 -18.37 26.09 25.16
C GLY A 350 -19.59 26.98 25.33
N PRO A 351 -20.52 26.66 26.23
CA PRO A 351 -21.76 27.46 26.33
C PRO A 351 -21.62 28.72 27.18
N THR A 352 -20.47 28.93 27.84
CA THR A 352 -20.25 30.08 28.71
C THR A 352 -18.97 30.84 28.31
N THR A 353 -19.11 32.14 28.08
CA THR A 353 -17.96 33.00 27.77
C THR A 353 -17.09 33.22 29.02
N PRO A 354 -15.82 33.62 28.83
CA PRO A 354 -14.98 33.91 30.01
C PRO A 354 -15.54 34.98 30.91
N GLU A 355 -16.19 35.98 30.34
CA GLU A 355 -16.66 37.03 31.21
C GLU A 355 -18.02 36.73 31.82
N ALA A 356 -18.73 35.70 31.35
CA ALA A 356 -19.79 35.10 32.14
C ALA A 356 -19.24 34.26 33.26
N ASP A 357 -18.03 33.71 33.09
CA ASP A 357 -17.37 32.97 34.16
C ASP A 357 -17.06 33.87 35.35
N LYS A 358 -16.44 35.04 35.08
CA LYS A 358 -16.13 36.01 36.11
C LYS A 358 -17.34 36.30 36.98
N ILE A 359 -18.51 36.48 36.30
CA ILE A 359 -19.78 36.85 36.95
C ILE A 359 -20.19 35.71 37.87
N PHE A 360 -20.26 34.51 37.31
CA PHE A 360 -20.79 33.35 38.01
C PHE A 360 -19.95 33.06 39.24
N LEU A 361 -18.64 33.28 39.13
CA LEU A 361 -17.77 33.17 40.31
C LEU A 361 -18.23 34.10 41.42
N GLU A 362 -18.47 35.37 41.07
CA GLU A 362 -18.76 36.44 42.04
C GLU A 362 -20.12 36.23 42.72
N ARG A 363 -21.06 35.63 42.02
CA ARG A 363 -22.35 35.31 42.66
C ARG A 363 -22.40 33.90 43.27
N ASN A 364 -21.25 33.25 43.44
CA ASN A 364 -21.15 31.91 43.99
C ASN A 364 -22.09 30.92 43.25
N ILE A 365 -22.03 30.94 41.93
CA ILE A 365 -22.72 29.95 41.10
C ILE A 365 -21.68 28.97 40.62
N MET A 366 -21.97 27.69 40.68
CA MET A 366 -20.90 26.75 40.34
C MET A 366 -21.18 26.22 38.95
N VAL A 367 -20.17 26.32 38.11
CA VAL A 367 -20.20 25.88 36.73
C VAL A 367 -19.45 24.54 36.64
N ILE A 368 -20.19 23.47 36.36
CA ILE A 368 -19.55 22.19 36.10
C ILE A 368 -19.13 22.19 34.63
N PRO A 369 -17.83 22.21 34.35
CA PRO A 369 -17.35 22.57 33.01
C PRO A 369 -17.50 21.46 31.98
N ASP A 370 -17.65 21.90 30.73
CA ASP A 370 -17.87 21.00 29.60
C ASP A 370 -16.82 19.92 29.50
N LEU A 371 -15.54 20.30 29.58
CA LEU A 371 -14.48 19.33 29.31
C LEU A 371 -14.44 18.22 30.34
N TYR A 372 -15.22 18.33 31.42
CA TYR A 372 -15.52 17.21 32.28
C TYR A 372 -16.90 16.64 32.03
N LEU A 373 -17.92 17.50 31.93
CA LEU A 373 -19.29 17.02 32.14
C LEU A 373 -19.87 16.35 30.91
N ASN A 374 -19.50 16.79 29.71
CA ASN A 374 -20.06 16.11 28.54
C ASN A 374 -19.18 14.97 28.02
N ALA A 375 -18.07 14.67 28.70
CA ALA A 375 -17.11 13.67 28.24
C ALA A 375 -17.63 12.26 28.31
N GLY A 376 -18.90 12.06 28.67
CA GLY A 376 -19.47 10.72 28.61
C GLY A 376 -19.62 10.19 27.19
N GLY A 377 -19.84 11.08 26.23
CA GLY A 377 -19.98 10.63 24.85
C GLY A 377 -18.68 10.06 24.32
N VAL A 378 -17.57 10.77 24.56
CA VAL A 378 -16.28 10.28 24.07
C VAL A 378 -15.82 9.07 24.87
N THR A 379 -16.21 8.96 26.15
CA THR A 379 -15.85 7.77 26.93
C THR A 379 -16.49 6.53 26.34
N VAL A 380 -17.78 6.61 26.00
CA VAL A 380 -18.47 5.44 25.47
C VAL A 380 -18.13 5.21 24.00
N SER A 381 -17.74 6.27 23.27
CA SER A 381 -17.19 6.08 21.93
C SER A 381 -15.87 5.32 21.98
N TYR A 382 -15.04 5.61 23.00
CA TYR A 382 -13.82 4.85 23.20
C TYR A 382 -14.13 3.37 23.40
N PHE A 383 -15.16 3.05 24.20
CA PHE A 383 -15.59 1.66 24.38
C PHE A 383 -16.04 1.04 23.04
N GLU A 384 -16.80 1.80 22.24
CA GLU A 384 -17.25 1.29 20.94
C GLU A 384 -16.09 1.02 20.01
N TRP A 385 -15.10 1.91 19.97
CA TRP A 385 -13.89 1.71 19.17
C TRP A 385 -13.16 0.44 19.59
N LEU A 386 -12.94 0.29 20.91
CA LEU A 386 -12.30 -0.90 21.47
C LEU A 386 -13.06 -2.16 21.08
N LYS A 387 -14.38 -2.08 21.13
CA LYS A 387 -15.21 -3.22 20.77
C LYS A 387 -14.99 -3.64 19.33
N ASN A 388 -14.97 -2.68 18.41
CA ASN A 388 -14.71 -3.00 17.01
C ASN A 388 -13.32 -3.62 16.81
N LEU A 389 -12.31 -3.10 17.48
CA LEU A 389 -10.96 -3.66 17.48
C LEU A 389 -10.95 -5.13 17.90
N ASN A 390 -11.77 -5.49 18.92
CA ASN A 390 -11.77 -6.85 19.49
C ASN A 390 -12.61 -7.85 18.72
N HIS A 391 -13.67 -7.44 18.05
CA HIS A 391 -14.51 -8.34 17.23
C HIS A 391 -15.23 -9.40 18.05
N VAL A 392 -15.55 -9.11 19.33
CA VAL A 392 -16.46 -9.93 20.12
C VAL A 392 -17.37 -9.05 20.96
N SER A 393 -18.61 -9.52 21.15
CA SER A 393 -19.45 -9.01 22.20
C SER A 393 -18.84 -9.37 23.54
N TYR A 394 -18.64 -8.36 24.38
CA TYR A 394 -18.14 -8.59 25.73
C TYR A 394 -18.89 -9.73 26.41
N GLY A 395 -18.14 -10.58 27.11
CA GLY A 395 -18.67 -11.72 27.83
C GLY A 395 -18.94 -12.96 26.99
N ARG A 396 -19.01 -12.82 25.67
CA ARG A 396 -19.47 -13.91 24.80
C ARG A 396 -18.71 -15.20 25.04
N LEU A 397 -17.39 -15.12 25.21
CA LEU A 397 -16.57 -16.30 25.36
C LEU A 397 -16.60 -16.87 26.77
N THR A 398 -17.10 -16.11 27.76
CA THR A 398 -16.91 -16.45 29.16
C THR A 398 -18.20 -16.65 29.95
N PHE A 399 -19.37 -16.38 29.37
CA PHE A 399 -20.61 -16.43 30.14
C PHE A 399 -20.78 -17.77 30.84
N LYS A 400 -20.76 -18.86 30.08
CA LYS A 400 -20.98 -20.18 30.68
C LYS A 400 -19.87 -20.52 31.67
N TYR A 401 -18.60 -20.33 31.27
CA TYR A 401 -17.51 -20.67 32.20
C TYR A 401 -17.65 -19.97 33.53
N GLU A 402 -18.08 -18.72 33.49
CA GLU A 402 -18.05 -17.81 34.61
C GLU A 402 -19.22 -18.12 35.54
N ARG A 403 -20.38 -18.29 34.94
CA ARG A 403 -21.50 -18.91 35.63
C ARG A 403 -21.05 -20.14 36.40
N ASP A 404 -20.63 -21.20 35.69
CA ASP A 404 -20.23 -22.47 36.32
C ASP A 404 -19.21 -22.26 37.45
N SER A 405 -18.23 -21.39 37.19
CA SER A 405 -17.19 -21.12 38.17
C SER A 405 -17.77 -20.56 39.46
N ASN A 406 -18.72 -19.63 39.35
CA ASN A 406 -19.27 -18.99 40.54
C ASN A 406 -20.10 -19.96 41.36
N TYR A 407 -20.77 -20.92 40.71
CA TYR A 407 -21.53 -21.91 41.45
C TYR A 407 -20.61 -22.92 42.15
N HIS A 408 -19.45 -23.22 41.57
CA HIS A 408 -18.51 -24.10 42.26
C HIS A 408 -17.79 -23.37 43.39
N LEU A 409 -17.55 -22.08 43.22
CA LEU A 409 -17.04 -21.27 44.32
C LEU A 409 -17.96 -21.35 45.53
N LEU A 410 -19.24 -21.00 45.33
CA LEU A 410 -20.21 -21.00 46.41
C LEU A 410 -20.38 -22.41 46.98
N MET A 411 -20.34 -23.41 46.10
CA MET A 411 -20.42 -24.79 46.55
C MET A 411 -19.23 -25.15 47.43
N SER A 412 -18.06 -24.61 47.13
CA SER A 412 -16.90 -24.85 47.99
C SER A 412 -17.17 -24.37 49.40
N VAL A 413 -17.81 -23.20 49.53
CA VAL A 413 -18.12 -22.69 50.86
C VAL A 413 -19.13 -23.60 51.56
N GLN A 414 -20.18 -23.98 50.81
CA GLN A 414 -21.21 -24.87 51.35
C GLN A 414 -20.63 -26.19 51.84
N GLU A 415 -19.88 -26.87 50.99
CA GLU A 415 -19.32 -28.15 51.39
C GLU A 415 -18.31 -28.01 52.53
N SER A 416 -17.55 -26.91 52.56
CA SER A 416 -16.61 -26.68 53.65
C SER A 416 -17.32 -26.55 55.00
N LEU A 417 -18.46 -25.85 55.04
CA LEU A 417 -19.17 -25.67 56.29
C LEU A 417 -19.89 -26.95 56.69
N GLU A 418 -20.42 -27.66 55.69
CA GLU A 418 -21.12 -28.92 55.96
C GLU A 418 -20.19 -29.97 56.57
N ARG A 419 -18.92 -30.04 56.13
CA ARG A 419 -18.09 -31.06 56.76
C ARG A 419 -17.49 -30.62 58.11
N LYS A 420 -17.48 -29.31 58.44
CA LYS A 420 -17.12 -28.86 59.79
C LYS A 420 -18.27 -29.09 60.77
N PHE A 421 -19.36 -28.33 60.61
CA PHE A 421 -20.60 -28.55 61.37
C PHE A 421 -21.38 -29.67 60.70
N GLY A 422 -20.96 -30.91 60.97
CA GLY A 422 -21.37 -32.08 60.24
C GLY A 422 -22.85 -32.41 60.08
N LYS A 423 -23.29 -33.50 60.72
CA LYS A 423 -24.53 -34.18 60.38
C LYS A 423 -25.76 -33.66 61.12
N HIS A 424 -25.57 -32.82 62.13
CA HIS A 424 -26.69 -32.18 62.82
C HIS A 424 -27.01 -30.79 62.26
N GLY A 425 -26.01 -30.06 61.75
CA GLY A 425 -26.27 -28.82 61.04
C GLY A 425 -27.05 -29.02 59.75
N GLY A 426 -27.04 -30.25 59.23
CA GLY A 426 -27.87 -30.57 58.08
C GLY A 426 -27.28 -30.04 56.79
N THR A 427 -28.10 -29.31 56.05
CA THR A 427 -27.72 -28.63 54.82
C THR A 427 -27.59 -27.14 55.07
N ILE A 428 -26.45 -26.59 54.69
CA ILE A 428 -26.26 -25.15 54.74
C ILE A 428 -26.22 -24.60 53.32
N PRO A 429 -27.38 -24.33 52.71
CA PRO A 429 -27.38 -23.86 51.31
C PRO A 429 -26.74 -22.48 51.21
N ILE A 430 -25.81 -22.34 50.28
CA ILE A 430 -25.15 -21.09 49.93
C ILE A 430 -25.64 -20.73 48.54
N VAL A 431 -26.44 -19.69 48.43
CA VAL A 431 -27.04 -19.33 47.15
C VAL A 431 -26.80 -17.84 46.90
N PRO A 432 -26.78 -17.42 45.63
CA PRO A 432 -26.60 -15.98 45.35
C PRO A 432 -27.76 -15.14 45.85
N THR A 433 -27.45 -13.94 46.34
CA THR A 433 -28.50 -12.93 46.49
C THR A 433 -29.13 -12.65 45.13
N ALA A 434 -30.24 -11.92 45.13
CA ALA A 434 -30.88 -11.57 43.88
C ALA A 434 -29.98 -10.68 43.02
N GLU A 435 -29.20 -9.82 43.65
CA GLU A 435 -28.26 -8.98 42.92
C GLU A 435 -27.13 -9.81 42.31
N PHE A 436 -26.51 -10.69 43.11
CA PHE A 436 -25.42 -11.51 42.57
C PHE A 436 -25.90 -12.42 41.46
N GLN A 437 -27.16 -12.86 41.50
CA GLN A 437 -27.67 -13.73 40.45
C GLN A 437 -27.65 -13.00 39.11
N ASP A 438 -27.83 -11.69 39.14
CA ASP A 438 -27.77 -10.88 37.91
C ASP A 438 -26.36 -10.84 37.32
N ARG A 439 -25.35 -10.91 38.17
CA ARG A 439 -23.97 -10.83 37.73
C ARG A 439 -23.31 -12.19 37.66
N ILE A 440 -24.09 -13.27 37.77
CA ILE A 440 -23.50 -14.59 37.94
C ILE A 440 -22.66 -14.99 36.72
N SER A 441 -23.00 -14.51 35.54
CA SER A 441 -22.23 -14.83 34.33
C SER A 441 -21.17 -13.80 34.01
N GLY A 442 -20.99 -12.78 34.85
CA GLY A 442 -20.05 -11.72 34.56
C GLY A 442 -20.64 -10.69 33.61
N ALA A 443 -19.85 -9.66 33.35
CA ALA A 443 -20.35 -8.46 32.69
C ALA A 443 -20.70 -8.72 31.24
N SER A 444 -21.80 -8.12 30.78
CA SER A 444 -22.07 -7.99 29.35
C SER A 444 -21.67 -6.60 28.90
N GLU A 445 -21.87 -6.33 27.61
CA GLU A 445 -21.49 -5.03 27.05
C GLU A 445 -22.25 -3.90 27.71
N LYS A 446 -23.55 -4.10 27.96
CA LYS A 446 -24.32 -3.12 28.70
C LYS A 446 -23.77 -2.84 30.10
N ASP A 447 -23.32 -3.88 30.78
CA ASP A 447 -22.71 -3.72 32.12
C ASP A 447 -21.43 -2.92 32.06
N ILE A 448 -20.60 -3.24 31.05
CA ILE A 448 -19.33 -2.57 30.87
C ILE A 448 -19.53 -1.08 30.61
N VAL A 449 -20.48 -0.76 29.73
CA VAL A 449 -20.72 0.64 29.40
C VAL A 449 -21.19 1.39 30.64
N HIS A 450 -22.18 0.86 31.33
CA HIS A 450 -22.73 1.52 32.51
C HIS A 450 -21.66 1.73 33.56
N SER A 451 -21.00 0.65 34.01
CA SER A 451 -20.08 0.79 35.13
C SER A 451 -18.75 1.41 34.69
N GLY A 452 -18.33 1.15 33.47
CA GLY A 452 -17.18 1.87 32.93
C GLY A 452 -17.38 3.37 32.94
N LEU A 453 -18.52 3.84 32.44
CA LEU A 453 -18.83 5.27 32.47
C LEU A 453 -18.85 5.83 33.87
N ALA A 454 -19.58 5.19 34.79
CA ALA A 454 -19.65 5.68 36.16
C ALA A 454 -18.26 5.73 36.79
N TYR A 455 -17.44 4.72 36.52
CA TYR A 455 -16.09 4.70 37.09
C TYR A 455 -15.31 5.92 36.64
N THR A 456 -15.29 6.23 35.33
CA THR A 456 -14.41 7.34 34.94
C THR A 456 -15.03 8.70 35.27
N MET A 457 -16.36 8.83 35.24
CA MET A 457 -16.97 10.11 35.63
C MET A 457 -16.64 10.41 37.09
N GLU A 458 -16.57 9.37 37.91
CA GLU A 458 -16.35 9.57 39.32
C GLU A 458 -14.87 9.81 39.65
N ARG A 459 -13.96 8.99 39.09
CA ARG A 459 -12.53 9.24 39.22
C ARG A 459 -12.15 10.64 38.73
N SER A 460 -12.72 11.08 37.60
CA SER A 460 -12.40 12.39 37.06
C SER A 460 -12.90 13.51 37.97
N ALA A 461 -14.10 13.36 38.53
CA ALA A 461 -14.62 14.38 39.46
C ALA A 461 -13.72 14.55 40.67
N ARG A 462 -13.27 13.46 41.26
CA ARG A 462 -12.43 13.54 42.44
C ARG A 462 -11.07 14.17 42.11
N GLN A 463 -10.54 13.86 40.95
CA GLN A 463 -9.29 14.50 40.54
C GLN A 463 -9.46 16.01 40.39
N ILE A 464 -10.63 16.45 39.92
CA ILE A 464 -10.89 17.87 39.80
C ILE A 464 -11.03 18.52 41.17
N MET A 465 -11.78 17.87 42.07
CA MET A 465 -11.90 18.34 43.46
C MET A 465 -10.54 18.38 44.15
N ARG A 466 -9.77 17.30 44.07
CA ARG A 466 -8.45 17.30 44.70
C ARG A 466 -7.62 18.48 44.18
N THR A 467 -7.75 18.82 42.90
CA THR A 467 -6.96 19.88 42.28
C THR A 467 -7.49 21.27 42.66
N ALA A 468 -8.81 21.43 42.66
CA ALA A 468 -9.39 22.70 43.09
C ALA A 468 -9.00 23.05 44.53
N MET A 469 -8.76 22.03 45.38
CA MET A 469 -8.29 22.26 46.74
C MET A 469 -6.84 22.71 46.76
N LYS A 470 -5.95 21.92 46.15
CA LYS A 470 -4.51 22.20 46.25
C LYS A 470 -4.21 23.62 45.79
N TYR A 471 -5.00 24.15 44.87
CA TYR A 471 -4.76 25.49 44.37
C TYR A 471 -5.79 26.50 44.85
N ASN A 472 -6.70 26.08 45.72
CA ASN A 472 -7.66 26.98 46.36
C ASN A 472 -8.46 27.73 45.33
N LEU A 473 -9.18 26.99 44.49
CA LEU A 473 -9.88 27.53 43.35
C LEU A 473 -11.38 27.66 43.57
N GLY A 474 -11.88 27.30 44.74
CA GLY A 474 -13.29 27.51 45.05
C GLY A 474 -14.18 26.79 44.06
N LEU A 475 -15.13 27.52 43.47
CA LEU A 475 -16.03 26.98 42.47
C LEU A 475 -15.50 27.15 41.07
N ASP A 476 -14.24 27.55 40.89
CA ASP A 476 -13.72 27.64 39.52
C ASP A 476 -13.19 26.27 39.15
N LEU A 477 -14.12 25.35 38.93
CA LEU A 477 -13.80 23.98 38.55
C LEU A 477 -13.25 23.92 37.13
N ARG A 478 -13.62 24.90 36.27
CA ARG A 478 -13.09 24.91 34.92
C ARG A 478 -11.57 24.99 34.92
N THR A 479 -11.01 25.90 35.71
CA THR A 479 -9.54 25.97 35.78
C THR A 479 -8.95 24.69 36.32
N ALA A 480 -9.63 24.05 37.29
CA ALA A 480 -9.11 22.79 37.84
C ALA A 480 -9.04 21.71 36.77
N ALA A 481 -10.09 21.59 35.96
CA ALA A 481 -10.10 20.66 34.84
C ALA A 481 -8.97 20.96 33.86
N TYR A 482 -8.71 22.22 33.55
CA TYR A 482 -7.65 22.51 32.58
C TYR A 482 -6.27 22.24 33.18
N VAL A 483 -6.09 22.53 34.47
CA VAL A 483 -4.91 22.03 35.20
C VAL A 483 -4.66 20.54 34.95
N ASN A 484 -5.69 19.74 35.18
CA ASN A 484 -5.55 18.30 35.02
C ASN A 484 -5.22 17.93 33.57
N ALA A 485 -5.99 18.49 32.62
CA ALA A 485 -5.74 18.19 31.22
C ALA A 485 -4.33 18.59 30.82
N ILE A 486 -3.87 19.76 31.25
CA ILE A 486 -2.54 20.22 30.85
C ILE A 486 -1.46 19.30 31.39
N GLU A 487 -1.62 18.87 32.64
CA GLU A 487 -0.61 18.01 33.25
C GLU A 487 -0.45 16.71 32.48
N LYS A 488 -1.56 16.11 32.06
CA LYS A 488 -1.43 14.82 31.38
C LYS A 488 -0.92 14.98 29.95
N VAL A 489 -1.35 16.02 29.23
CA VAL A 489 -0.79 16.25 27.89
C VAL A 489 0.69 16.59 27.98
N PHE A 490 1.07 17.43 28.95
CA PHE A 490 2.47 17.82 29.08
C PHE A 490 3.36 16.62 29.34
N ARG A 491 2.84 15.63 30.05
CA ARG A 491 3.60 14.42 30.36
C ARG A 491 4.14 13.78 29.08
N VAL A 492 3.32 13.74 28.03
CA VAL A 492 3.68 13.04 26.80
C VAL A 492 4.74 13.82 26.02
N TYR A 493 4.64 15.16 26.03
CA TYR A 493 5.61 15.97 25.30
C TYR A 493 6.97 15.98 25.96
N ASN A 494 7.01 15.76 27.28
CA ASN A 494 8.27 15.73 28.02
C ASN A 494 9.17 14.61 27.51
N GLU A 495 8.81 13.38 27.80
CA GLU A 495 9.68 12.25 27.47
C GLU A 495 9.88 12.14 25.95
N ALA A 496 8.94 12.64 25.14
CA ALA A 496 9.00 12.40 23.68
C ALA A 496 10.15 13.16 23.00
N GLY A 497 10.57 14.30 23.56
CA GLY A 497 11.45 15.19 22.83
C GLY A 497 10.75 15.96 21.72
N VAL A 498 9.43 16.07 21.79
CA VAL A 498 8.58 16.78 20.83
C VAL A 498 8.94 16.34 19.40
N THR A 499 9.22 17.31 18.51
CA THR A 499 9.40 17.16 17.06
C THR A 499 8.61 16.00 16.45
N PHE A 500 7.38 16.29 16.00
CA PHE A 500 6.23 15.40 15.99
C PHE A 500 6.11 14.67 17.33
N THR A 501 5.11 15.10 18.05
CA THR A 501 4.44 14.52 19.22
C THR A 501 5.24 14.67 20.51
N ALA B 1 -26.37 -38.70 -6.78
CA ALA B 1 -26.64 -38.19 -8.11
C ALA B 1 -27.61 -39.10 -8.88
N ASP B 2 -28.89 -38.71 -8.93
CA ASP B 2 -29.86 -39.40 -9.79
C ASP B 2 -30.47 -38.44 -10.81
N ARG B 3 -31.70 -38.71 -11.27
CA ARG B 3 -32.18 -38.12 -12.52
C ARG B 3 -33.37 -37.16 -12.38
N GLU B 4 -34.25 -37.33 -11.39
CA GLU B 4 -35.33 -36.37 -11.14
C GLU B 4 -35.67 -36.33 -9.64
N ASP B 5 -34.63 -36.37 -8.80
CA ASP B 5 -34.71 -36.05 -7.38
C ASP B 5 -33.54 -35.20 -6.97
N ASP B 6 -33.13 -34.29 -7.84
CA ASP B 6 -31.75 -33.84 -7.90
C ASP B 6 -31.79 -32.37 -8.26
N PRO B 7 -32.27 -31.54 -7.34
CA PRO B 7 -32.47 -30.12 -7.66
C PRO B 7 -31.15 -29.36 -7.69
N ASN B 8 -31.24 -28.15 -8.28
CA ASN B 8 -30.07 -27.27 -8.30
C ASN B 8 -29.77 -26.80 -6.84
N PHE B 9 -28.59 -27.19 -6.36
CA PHE B 9 -28.27 -26.96 -4.92
C PHE B 9 -28.50 -25.51 -4.48
N PHE B 10 -28.12 -24.55 -5.33
CA PHE B 10 -28.28 -23.16 -4.96
C PHE B 10 -29.76 -22.75 -4.91
N LYS B 11 -30.52 -23.15 -5.93
CA LYS B 11 -31.96 -22.87 -5.93
C LYS B 11 -32.65 -23.53 -4.74
N MET B 12 -32.24 -24.78 -4.42
CA MET B 12 -32.81 -25.51 -3.30
C MET B 12 -32.61 -24.77 -1.98
N VAL B 13 -31.42 -24.19 -1.77
CA VAL B 13 -31.19 -23.39 -0.58
C VAL B 13 -31.98 -22.09 -0.66
N GLU B 14 -32.11 -21.50 -1.85
CA GLU B 14 -33.04 -20.39 -2.03
C GLU B 14 -34.45 -20.76 -1.59
N GLY B 15 -34.89 -21.98 -1.89
CA GLY B 15 -36.22 -22.41 -1.50
C GLY B 15 -36.40 -22.45 0.01
N PHE B 16 -35.41 -23.01 0.72
CA PHE B 16 -35.44 -22.96 2.16
C PHE B 16 -35.52 -21.53 2.66
N PHE B 17 -34.76 -20.63 2.03
CA PHE B 17 -34.80 -19.22 2.40
C PHE B 17 -36.21 -18.66 2.20
N ASP B 18 -36.86 -19.01 1.08
CA ASP B 18 -38.16 -18.43 0.73
C ASP B 18 -39.23 -18.81 1.76
N ARG B 19 -39.29 -20.08 2.16
CA ARG B 19 -40.22 -20.46 3.22
C ARG B 19 -40.02 -19.60 4.47
N GLY B 20 -38.77 -19.47 4.92
CA GLY B 20 -38.51 -18.63 6.08
C GLY B 20 -38.91 -17.19 5.84
N ALA B 21 -38.72 -16.70 4.60
CA ALA B 21 -39.12 -15.33 4.26
C ALA B 21 -40.63 -15.17 4.33
N SER B 22 -41.39 -16.17 3.86
CA SER B 22 -42.85 -16.13 3.98
C SER B 22 -43.31 -15.80 5.38
N ILE B 23 -42.63 -16.36 6.37
CA ILE B 23 -43.21 -16.52 7.70
C ILE B 23 -42.90 -15.28 8.51
N VAL B 24 -41.71 -14.69 8.32
CA VAL B 24 -41.33 -13.47 9.02
C VAL B 24 -41.71 -12.22 8.27
N GLU B 25 -42.25 -12.33 7.04
CA GLU B 25 -42.49 -11.11 6.27
C GLU B 25 -43.34 -10.11 7.04
N ASP B 26 -44.38 -10.59 7.72
CA ASP B 26 -45.21 -9.71 8.53
C ASP B 26 -44.38 -9.08 9.64
N LYS B 27 -43.56 -9.88 10.32
CA LYS B 27 -42.82 -9.38 11.47
C LYS B 27 -41.72 -8.41 11.06
N LEU B 28 -41.17 -8.56 9.85
CA LEU B 28 -40.21 -7.59 9.36
C LEU B 28 -40.88 -6.26 9.03
N VAL B 29 -42.07 -6.32 8.40
CA VAL B 29 -42.76 -5.09 8.05
C VAL B 29 -43.20 -4.36 9.32
N GLU B 30 -43.51 -5.12 10.39
CA GLU B 30 -43.86 -4.58 11.71
C GLU B 30 -42.87 -3.55 12.21
N ASP B 31 -41.68 -4.01 12.62
CA ASP B 31 -40.70 -3.13 13.25
C ASP B 31 -39.83 -2.47 12.18
N LEU B 32 -40.47 -1.63 11.38
CA LEU B 32 -39.78 -0.67 10.55
C LEU B 32 -40.15 0.71 11.05
N LYS B 33 -39.21 1.33 11.78
CA LYS B 33 -39.17 2.78 11.89
C LYS B 33 -38.75 3.34 10.55
N THR B 34 -39.73 3.52 9.67
CA THR B 34 -39.63 4.41 8.53
C THR B 34 -40.98 5.14 8.42
N ARG B 35 -41.10 6.12 7.50
CA ARG B 35 -42.26 7.03 7.41
C ARG B 35 -43.61 6.39 7.76
N GLU B 36 -44.34 5.81 6.80
CA GLU B 36 -45.49 4.98 7.14
C GLU B 36 -45.81 4.03 6.00
N THR B 37 -46.67 3.04 6.31
CA THR B 37 -46.74 1.78 5.56
C THR B 37 -46.64 1.99 4.06
N GLU B 38 -47.49 2.85 3.54
CA GLU B 38 -48.09 2.70 2.22
C GLU B 38 -47.95 1.32 1.58
N GLU B 39 -47.68 0.27 2.35
CA GLU B 39 -47.12 -0.99 1.84
C GLU B 39 -46.04 -0.77 0.77
N GLN B 40 -45.38 0.39 0.79
CA GLN B 40 -44.00 0.50 0.31
C GLN B 40 -43.07 -0.11 1.33
N LYS B 41 -43.52 -0.16 2.58
CA LYS B 41 -42.77 -0.81 3.63
C LYS B 41 -42.63 -2.29 3.29
N ARG B 42 -43.72 -2.87 2.82
CA ARG B 42 -43.73 -4.26 2.44
C ARG B 42 -42.86 -4.53 1.20
N ASN B 43 -42.74 -3.56 0.32
CA ASN B 43 -41.92 -3.74 -0.88
C ASN B 43 -40.45 -3.54 -0.56
N ARG B 44 -40.20 -2.63 0.37
CA ARG B 44 -38.86 -2.46 0.87
C ARG B 44 -38.33 -3.75 1.48
N VAL B 45 -39.16 -4.41 2.28
CA VAL B 45 -38.78 -5.67 2.91
C VAL B 45 -38.41 -6.72 1.87
N ARG B 46 -39.26 -6.95 0.87
CA ARG B 46 -38.87 -7.98 -0.07
C ARG B 46 -37.85 -7.51 -1.10
N GLY B 47 -37.54 -6.21 -1.18
CA GLY B 47 -36.40 -5.78 -1.96
C GLY B 47 -35.11 -6.09 -1.25
N ILE B 48 -35.11 -5.94 0.08
CA ILE B 48 -33.93 -6.28 0.85
C ILE B 48 -33.70 -7.78 0.81
N LEU B 49 -34.75 -8.59 0.98
CA LEU B 49 -34.58 -10.03 0.87
C LEU B 49 -34.11 -10.44 -0.52
N ARG B 50 -34.47 -9.67 -1.56
CA ARG B 50 -33.96 -9.99 -2.88
C ARG B 50 -32.46 -9.71 -2.98
N ILE B 51 -31.96 -8.75 -2.20
CA ILE B 51 -30.53 -8.44 -2.23
C ILE B 51 -29.73 -9.51 -1.47
N ILE B 52 -30.28 -10.03 -0.38
CA ILE B 52 -29.57 -10.97 0.45
C ILE B 52 -29.35 -12.30 -0.28
N LYS B 53 -30.34 -12.75 -1.05
CA LYS B 53 -30.31 -14.09 -1.63
C LYS B 53 -29.09 -14.37 -2.51
N PRO B 54 -28.77 -13.56 -3.51
CA PRO B 54 -27.69 -13.94 -4.44
C PRO B 54 -26.31 -13.67 -3.87
N CYS B 55 -25.36 -14.49 -4.33
CA CYS B 55 -23.95 -14.26 -4.04
C CYS B 55 -23.48 -12.95 -4.63
N ASN B 56 -22.69 -12.20 -3.87
CA ASN B 56 -22.19 -10.92 -4.35
C ASN B 56 -21.04 -11.10 -5.31
N HIS B 57 -20.17 -12.09 -5.05
CA HIS B 57 -18.91 -12.29 -5.78
C HIS B 57 -18.66 -13.78 -6.00
N VAL B 58 -18.26 -14.16 -7.21
CA VAL B 58 -17.77 -15.51 -7.46
C VAL B 58 -16.54 -15.40 -8.36
N LEU B 59 -15.40 -15.91 -7.89
CA LEU B 59 -14.18 -16.02 -8.69
C LEU B 59 -14.05 -17.45 -9.22
N SER B 60 -13.93 -17.58 -10.54
CA SER B 60 -13.61 -18.84 -11.19
C SER B 60 -12.16 -18.82 -11.67
N LEU B 61 -11.42 -19.90 -11.41
CA LEU B 61 -9.99 -19.99 -11.70
C LEU B 61 -9.65 -21.18 -12.55
N SER B 62 -8.78 -20.97 -13.53
CA SER B 62 -7.94 -21.99 -14.13
C SER B 62 -6.51 -21.64 -13.93
N PHE B 63 -5.68 -22.61 -13.53
CA PHE B 63 -4.26 -22.37 -13.43
C PHE B 63 -3.52 -23.67 -13.62
N PRO B 64 -2.32 -23.63 -14.17
CA PRO B 64 -1.59 -24.87 -14.44
C PRO B 64 -0.74 -25.29 -13.26
N ILE B 65 -0.58 -26.61 -13.10
CA ILE B 65 0.43 -27.17 -12.22
C ILE B 65 1.17 -28.26 -12.98
N ARG B 66 2.38 -28.53 -12.48
CA ARG B 66 3.32 -29.52 -13.01
C ARG B 66 3.13 -30.81 -12.21
N ARG B 67 2.64 -31.86 -12.86
CA ARG B 67 2.48 -33.11 -12.15
C ARG B 67 3.83 -33.75 -11.85
N ASP B 68 3.80 -34.79 -11.01
CA ASP B 68 5.05 -35.46 -10.63
C ASP B 68 5.77 -36.06 -11.83
N ASP B 69 5.06 -36.40 -12.93
CA ASP B 69 5.63 -37.09 -14.12
C ASP B 69 6.27 -36.08 -15.03
N GLY B 70 6.07 -34.78 -14.77
CA GLY B 70 6.46 -33.74 -15.72
C GLY B 70 5.33 -33.20 -16.56
N SER B 71 4.18 -33.86 -16.58
CA SER B 71 3.05 -33.41 -17.38
C SER B 71 2.43 -32.15 -16.78
N TRP B 72 1.87 -31.30 -17.65
CA TRP B 72 1.09 -30.15 -17.23
C TRP B 72 -0.38 -30.55 -17.10
N GLU B 73 -1.01 -30.13 -16.00
CA GLU B 73 -2.47 -30.18 -15.82
C GLU B 73 -3.01 -28.78 -15.56
N VAL B 74 -4.19 -28.49 -16.13
CA VAL B 74 -4.98 -27.32 -15.76
C VAL B 74 -6.00 -27.75 -14.70
N ILE B 75 -6.04 -27.06 -13.59
CA ILE B 75 -7.07 -27.39 -12.62
C ILE B 75 -7.98 -26.19 -12.38
N GLU B 76 -9.27 -26.46 -12.25
CA GLU B 76 -10.24 -25.42 -11.93
C GLU B 76 -10.47 -25.26 -10.46
N GLY B 77 -10.86 -24.05 -10.10
CA GLY B 77 -11.22 -23.71 -8.73
C GLY B 77 -12.17 -22.53 -8.69
N TYR B 78 -12.91 -22.44 -7.60
CA TYR B 78 -13.87 -21.39 -7.40
C TYR B 78 -13.84 -20.93 -5.95
N ARG B 79 -14.27 -19.69 -5.72
CA ARG B 79 -14.55 -19.19 -4.38
C ARG B 79 -15.68 -18.19 -4.51
N ALA B 80 -16.79 -18.46 -3.85
CA ALA B 80 -17.91 -17.54 -3.81
C ALA B 80 -17.94 -16.82 -2.48
N GLN B 81 -18.26 -15.53 -2.52
CA GLN B 81 -18.47 -14.72 -1.33
C GLN B 81 -19.94 -14.32 -1.35
N HIS B 82 -20.73 -14.92 -0.46
CA HIS B 82 -22.17 -14.74 -0.58
C HIS B 82 -22.62 -13.38 -0.07
N SER B 83 -22.02 -12.89 1.01
CA SER B 83 -22.45 -11.66 1.62
C SER B 83 -21.31 -10.99 2.36
N GLN B 84 -21.29 -9.66 2.32
CA GLN B 84 -20.33 -8.84 3.05
C GLN B 84 -21.01 -7.98 4.09
N HIS B 85 -22.23 -8.33 4.47
CA HIS B 85 -22.90 -7.53 5.49
C HIS B 85 -22.17 -7.59 6.82
N ARG B 86 -21.30 -8.58 7.00
CA ARG B 86 -20.29 -8.59 8.05
C ARG B 86 -18.96 -8.93 7.40
N THR B 87 -17.92 -8.25 7.84
CA THR B 87 -16.86 -7.92 6.89
C THR B 87 -15.99 -9.12 6.54
N PRO B 88 -15.38 -9.84 7.48
CA PRO B 88 -14.61 -11.02 7.05
C PRO B 88 -15.61 -12.09 6.67
N CYS B 89 -15.57 -12.50 5.41
CA CYS B 89 -16.30 -13.70 4.99
C CYS B 89 -15.62 -14.93 5.52
N LYS B 90 -16.39 -16.01 5.65
CA LYS B 90 -15.89 -17.23 6.27
C LYS B 90 -16.49 -18.43 5.56
N GLY B 91 -15.67 -19.45 5.32
CA GLY B 91 -16.14 -20.69 4.75
C GLY B 91 -15.00 -21.54 4.25
N GLY B 92 -15.27 -22.85 4.18
CA GLY B 92 -14.25 -23.85 3.94
C GLY B 92 -13.84 -24.03 2.49
N ILE B 93 -12.89 -24.93 2.30
CA ILE B 93 -12.37 -25.30 0.97
C ILE B 93 -12.55 -26.80 0.78
N ARG B 94 -13.20 -27.16 -0.33
CA ARG B 94 -13.56 -28.54 -0.66
C ARG B 94 -12.78 -28.96 -1.90
N TYR B 95 -12.03 -30.06 -1.80
CA TYR B 95 -11.38 -30.68 -2.96
C TYR B 95 -12.23 -31.89 -3.38
N SER B 96 -12.93 -31.76 -4.49
CA SER B 96 -13.81 -32.83 -4.95
C SER B 96 -14.15 -32.60 -6.41
N THR B 97 -14.35 -33.70 -7.15
CA THR B 97 -14.74 -33.62 -8.57
C THR B 97 -16.18 -33.12 -8.76
N ASP B 98 -16.98 -33.07 -7.71
CA ASP B 98 -18.33 -32.51 -7.75
C ASP B 98 -18.33 -30.99 -7.60
N VAL B 99 -17.17 -30.37 -7.41
CA VAL B 99 -17.14 -28.92 -7.21
C VAL B 99 -17.59 -28.23 -8.48
N SER B 100 -18.47 -27.25 -8.33
CA SER B 100 -18.94 -26.42 -9.41
C SER B 100 -19.27 -25.05 -8.85
N VAL B 101 -19.55 -24.13 -9.77
CA VAL B 101 -20.01 -22.79 -9.40
C VAL B 101 -21.27 -22.86 -8.55
N ASP B 102 -22.25 -23.67 -8.95
CA ASP B 102 -23.51 -23.66 -8.19
C ASP B 102 -23.39 -24.40 -6.87
N GLU B 103 -22.53 -25.43 -6.80
CA GLU B 103 -22.29 -26.06 -5.51
C GLU B 103 -21.59 -25.10 -4.56
N VAL B 104 -20.62 -24.34 -5.08
CA VAL B 104 -19.87 -23.38 -4.26
C VAL B 104 -20.76 -22.19 -3.85
N LYS B 105 -21.66 -21.75 -4.72
CA LYS B 105 -22.61 -20.70 -4.36
C LYS B 105 -23.59 -21.17 -3.29
N ALA B 106 -24.12 -22.41 -3.42
CA ALA B 106 -25.04 -22.93 -2.42
C ALA B 106 -24.40 -22.99 -1.04
N LEU B 107 -23.20 -23.58 -0.97
CA LEU B 107 -22.53 -23.70 0.31
C LEU B 107 -22.15 -22.34 0.89
N ALA B 108 -21.80 -21.37 0.03
CA ALA B 108 -21.49 -20.04 0.54
C ALA B 108 -22.70 -19.40 1.20
N SER B 109 -23.89 -19.60 0.63
CA SER B 109 -25.07 -18.98 1.22
C SER B 109 -25.45 -19.68 2.54
N LEU B 110 -25.36 -21.02 2.58
CA LEU B 110 -25.54 -21.72 3.85
C LEU B 110 -24.59 -21.19 4.92
N MET B 111 -23.37 -20.79 4.53
CA MET B 111 -22.45 -20.26 5.54
C MET B 111 -22.95 -18.94 6.11
N THR B 112 -23.50 -18.08 5.24
CA THR B 112 -24.07 -16.82 5.73
C THR B 112 -25.14 -17.09 6.78
N TYR B 113 -26.08 -17.97 6.47
CA TYR B 113 -27.23 -18.15 7.36
C TYR B 113 -26.84 -18.95 8.60
N LYS B 114 -25.95 -19.92 8.44
CA LYS B 114 -25.45 -20.65 9.61
C LYS B 114 -24.73 -19.71 10.59
N CYS B 115 -23.90 -18.78 10.07
CA CYS B 115 -23.23 -17.84 10.96
C CYS B 115 -24.24 -16.95 11.70
N ALA B 116 -25.31 -16.54 11.00
CA ALA B 116 -26.33 -15.74 11.65
C ALA B 116 -27.05 -16.54 12.75
N VAL B 117 -27.36 -17.80 12.49
CA VAL B 117 -28.05 -18.63 13.49
C VAL B 117 -27.26 -18.66 14.80
N VAL B 118 -25.93 -18.84 14.70
CA VAL B 118 -25.06 -18.99 15.87
C VAL B 118 -24.42 -17.67 16.25
N ASP B 119 -24.70 -16.62 15.51
CA ASP B 119 -24.33 -15.27 15.93
C ASP B 119 -22.82 -15.12 15.87
N VAL B 120 -22.25 -15.59 14.78
CA VAL B 120 -20.83 -15.45 14.49
C VAL B 120 -20.69 -14.34 13.44
N PRO B 121 -19.93 -13.30 13.69
CA PRO B 121 -20.00 -12.07 12.87
C PRO B 121 -19.21 -12.17 11.56
N PHE B 122 -19.55 -13.15 10.74
CA PHE B 122 -18.92 -13.39 9.46
C PHE B 122 -19.98 -13.46 8.38
N GLY B 123 -19.67 -12.93 7.19
CA GLY B 123 -20.47 -13.25 6.03
C GLY B 123 -20.05 -14.59 5.42
N GLY B 124 -20.89 -15.14 4.56
CA GLY B 124 -20.66 -16.48 4.06
C GLY B 124 -19.77 -16.52 2.82
N ALA B 125 -18.90 -17.53 2.78
CA ALA B 125 -18.07 -17.79 1.61
C ALA B 125 -17.76 -19.28 1.53
N LYS B 126 -17.34 -19.73 0.36
CA LYS B 126 -16.96 -21.13 0.21
C LYS B 126 -16.11 -21.28 -1.04
N ALA B 127 -15.08 -22.11 -0.96
CA ALA B 127 -14.21 -22.40 -2.10
C ALA B 127 -14.22 -23.87 -2.46
N GLY B 128 -13.89 -24.15 -3.72
CA GLY B 128 -13.81 -25.51 -4.23
C GLY B 128 -12.74 -25.68 -5.28
N VAL B 129 -11.98 -26.78 -5.22
CA VAL B 129 -11.03 -27.14 -6.26
C VAL B 129 -11.48 -28.47 -6.87
N LYS B 130 -11.55 -28.52 -8.20
CA LYS B 130 -12.20 -29.62 -8.91
C LYS B 130 -11.22 -30.76 -9.17
N ILE B 131 -10.82 -31.43 -8.09
CA ILE B 131 -9.92 -32.56 -8.18
C ILE B 131 -10.39 -33.66 -7.23
N ASN B 132 -9.89 -34.88 -7.49
CA ASN B 132 -10.07 -35.94 -6.51
C ASN B 132 -8.72 -36.16 -5.84
N PRO B 133 -8.56 -35.72 -4.59
CA PRO B 133 -7.23 -35.73 -3.96
C PRO B 133 -6.62 -37.11 -3.82
N LYS B 134 -7.40 -38.19 -3.96
CA LYS B 134 -6.82 -39.52 -3.92
C LYS B 134 -5.93 -39.81 -5.14
N ASN B 135 -6.03 -38.99 -6.22
CA ASN B 135 -5.24 -39.21 -7.43
C ASN B 135 -4.00 -38.32 -7.51
N TYR B 136 -3.58 -37.71 -6.40
CA TYR B 136 -2.46 -36.79 -6.42
C TYR B 136 -1.50 -37.14 -5.29
N THR B 137 -0.22 -36.90 -5.52
CA THR B 137 0.72 -37.09 -4.43
C THR B 137 0.61 -35.94 -3.44
N ASP B 138 1.24 -36.11 -2.27
CA ASP B 138 1.29 -35.01 -1.33
C ASP B 138 2.05 -33.83 -1.94
N ASN B 139 3.11 -34.11 -2.70
CA ASN B 139 3.83 -33.06 -3.39
C ASN B 139 2.89 -32.29 -4.32
N GLU B 140 2.08 -33.01 -5.08
CA GLU B 140 1.21 -32.36 -6.05
C GLU B 140 0.15 -31.53 -5.33
N LEU B 141 -0.40 -32.05 -4.22
CA LEU B 141 -1.46 -31.35 -3.52
C LEU B 141 -0.94 -30.08 -2.85
N GLU B 142 0.28 -30.13 -2.32
CA GLU B 142 0.91 -28.92 -1.83
C GLU B 142 0.94 -27.85 -2.90
N LYS B 143 1.41 -28.22 -4.08
CA LYS B 143 1.49 -27.28 -5.18
C LYS B 143 0.13 -26.67 -5.42
N ILE B 144 -0.88 -27.53 -5.61
CA ILE B 144 -2.23 -27.07 -5.92
C ILE B 144 -2.73 -26.11 -4.84
N THR B 145 -2.48 -26.45 -3.57
CA THR B 145 -2.97 -25.62 -2.48
C THR B 145 -2.27 -24.27 -2.47
N ARG B 146 -0.94 -24.26 -2.57
CA ARG B 146 -0.18 -23.01 -2.51
C ARG B 146 -0.49 -22.07 -3.70
N ARG B 147 -0.62 -22.62 -4.92
CA ARG B 147 -1.18 -21.87 -6.05
C ARG B 147 -2.52 -21.24 -5.78
N PHE B 148 -3.44 -22.10 -5.39
CA PHE B 148 -4.80 -21.67 -5.25
C PHE B 148 -4.85 -20.49 -4.30
N THR B 149 -4.01 -20.55 -3.25
CA THR B 149 -3.93 -19.47 -2.30
C THR B 149 -3.48 -18.17 -2.98
N MET B 150 -2.42 -18.25 -3.79
CA MET B 150 -1.88 -17.02 -4.35
C MET B 150 -2.85 -16.41 -5.34
N GLU B 151 -3.53 -17.23 -6.13
CA GLU B 151 -4.51 -16.69 -7.04
C GLU B 151 -5.70 -16.05 -6.31
N LEU B 152 -6.06 -16.62 -5.20
CA LEU B 152 -7.12 -16.00 -4.43
C LEU B 152 -6.67 -14.69 -3.79
N ALA B 153 -5.42 -14.66 -3.30
CA ALA B 153 -4.90 -13.48 -2.59
C ALA B 153 -4.74 -12.29 -3.52
N LYS B 154 -4.32 -12.51 -4.75
CA LYS B 154 -4.13 -11.39 -5.67
C LYS B 154 -5.43 -10.73 -5.98
N LYS B 155 -6.55 -11.43 -5.86
CA LYS B 155 -7.85 -10.88 -6.24
C LYS B 155 -8.70 -10.57 -5.03
N GLY B 156 -8.09 -10.50 -3.86
CA GLY B 156 -8.79 -10.18 -2.64
C GLY B 156 -9.84 -11.18 -2.24
N PHE B 157 -9.61 -12.48 -2.49
CA PHE B 157 -10.50 -13.53 -2.03
C PHE B 157 -9.90 -14.36 -0.89
N ILE B 158 -8.82 -13.87 -0.27
CA ILE B 158 -8.37 -14.36 1.03
C ILE B 158 -7.61 -13.25 1.72
N GLY B 159 -7.79 -13.16 3.04
CA GLY B 159 -7.18 -12.11 3.83
C GLY B 159 -7.84 -12.02 5.19
N PRO B 160 -7.06 -11.68 6.21
CA PRO B 160 -7.61 -11.68 7.57
C PRO B 160 -8.87 -10.82 7.73
N GLY B 161 -8.94 -9.71 7.02
CA GLY B 161 -10.08 -8.81 7.08
C GLY B 161 -11.00 -8.89 5.89
N VAL B 162 -10.84 -9.91 5.04
CA VAL B 162 -11.58 -9.99 3.81
C VAL B 162 -12.29 -11.33 3.71
N ASP B 163 -11.56 -12.43 3.90
CA ASP B 163 -12.11 -13.77 3.64
C ASP B 163 -11.15 -14.78 4.26
N VAL B 164 -11.67 -15.58 5.19
CA VAL B 164 -10.87 -16.48 5.99
C VAL B 164 -11.35 -17.90 5.75
N PRO B 165 -10.59 -18.71 4.98
CA PRO B 165 -11.03 -20.07 4.70
C PRO B 165 -10.84 -21.03 5.87
N ALA B 166 -11.05 -22.33 5.64
CA ALA B 166 -11.15 -23.36 6.67
C ALA B 166 -11.24 -24.72 6.00
N PRO B 167 -11.17 -25.82 6.75
CA PRO B 167 -11.33 -27.15 6.11
C PRO B 167 -12.76 -27.42 5.66
N ASP B 168 -12.88 -28.29 4.66
CA ASP B 168 -14.12 -28.91 4.27
C ASP B 168 -13.82 -30.33 3.78
N MET B 169 -14.63 -30.88 2.88
CA MET B 169 -14.40 -32.25 2.43
C MET B 169 -13.03 -32.40 1.78
N SER B 170 -12.23 -33.34 2.32
CA SER B 170 -10.99 -33.76 1.76
C SER B 170 -9.89 -32.71 1.95
N THR B 171 -10.10 -31.72 2.83
CA THR B 171 -9.03 -30.85 3.27
C THR B 171 -9.00 -30.84 4.79
N GLY B 172 -7.85 -30.51 5.35
CA GLY B 172 -7.70 -30.51 6.78
C GLY B 172 -6.56 -29.64 7.24
N GLU B 173 -6.15 -29.88 8.49
CA GLU B 173 -4.98 -29.27 9.12
C GLU B 173 -3.83 -29.02 8.15
N ARG B 174 -3.54 -30.02 7.31
CA ARG B 174 -2.35 -29.97 6.47
C ARG B 174 -2.51 -28.93 5.38
N GLU B 175 -3.66 -28.92 4.71
CA GLU B 175 -3.88 -27.88 3.70
C GLU B 175 -3.94 -26.50 4.34
N MET B 176 -4.56 -26.38 5.52
CA MET B 176 -4.64 -25.08 6.15
C MET B 176 -3.25 -24.55 6.49
N SER B 177 -2.33 -25.46 6.87
CA SER B 177 -0.95 -25.05 7.09
C SER B 177 -0.32 -24.46 5.83
N TRP B 178 -0.55 -25.11 4.68
CA TRP B 178 0.01 -24.61 3.43
C TRP B 178 -0.58 -23.26 3.06
N ILE B 179 -1.89 -23.07 3.31
CA ILE B 179 -2.54 -21.81 2.98
C ILE B 179 -1.96 -20.66 3.81
N ALA B 180 -1.86 -20.87 5.12
CA ALA B 180 -1.35 -19.82 6.00
C ALA B 180 0.11 -19.48 5.71
N ASP B 181 0.93 -20.49 5.43
CA ASP B 181 2.34 -20.23 5.16
C ASP B 181 2.52 -19.47 3.84
N THR B 182 1.73 -19.82 2.81
CA THR B 182 1.82 -19.12 1.54
C THR B 182 1.37 -17.67 1.69
N TYR B 183 0.31 -17.43 2.44
CA TYR B 183 -0.18 -16.07 2.64
C TYR B 183 0.83 -15.22 3.41
N ALA B 184 1.25 -15.71 4.59
CA ALA B 184 2.11 -14.94 5.48
C ALA B 184 3.52 -14.72 4.93
N SER B 185 3.89 -15.41 3.86
CA SER B 185 5.22 -15.30 3.27
C SER B 185 5.26 -14.45 2.01
N THR B 186 4.09 -14.13 1.46
CA THR B 186 4.01 -13.28 0.29
C THR B 186 3.19 -12.07 0.70
N ILE B 187 1.91 -12.00 0.33
CA ILE B 187 1.14 -10.77 0.50
C ILE B 187 1.08 -10.32 1.96
N GLY B 188 1.16 -11.26 2.91
CA GLY B 188 0.98 -10.88 4.29
C GLY B 188 2.23 -10.71 5.12
N HIS B 189 3.38 -10.46 4.48
CA HIS B 189 4.63 -10.44 5.24
C HIS B 189 4.65 -9.33 6.30
N TYR B 190 3.93 -8.23 6.10
CA TYR B 190 3.96 -7.13 7.04
C TYR B 190 2.69 -7.02 7.90
N ASP B 191 1.72 -7.91 7.66
CA ASP B 191 0.46 -7.92 8.37
C ASP B 191 0.66 -8.57 9.74
N ILE B 192 0.42 -7.81 10.81
CA ILE B 192 0.48 -8.36 12.14
C ILE B 192 -0.54 -9.50 12.32
N ASN B 193 -1.56 -9.55 11.45
CA ASN B 193 -2.60 -10.55 11.58
C ASN B 193 -2.54 -11.59 10.48
N ALA B 194 -1.37 -11.78 9.87
CA ALA B 194 -1.28 -12.65 8.71
C ALA B 194 -1.83 -14.04 8.98
N HIS B 195 -1.57 -14.58 10.18
CA HIS B 195 -1.96 -15.95 10.41
C HIS B 195 -3.42 -16.10 10.74
N ALA B 196 -4.15 -15.00 10.88
CA ALA B 196 -5.59 -15.04 10.95
C ALA B 196 -6.24 -15.14 9.58
N CYS B 197 -5.46 -15.45 8.54
CA CYS B 197 -6.03 -15.52 7.19
C CYS B 197 -6.77 -16.82 6.93
N VAL B 198 -6.65 -17.83 7.79
CA VAL B 198 -7.30 -19.12 7.59
C VAL B 198 -7.43 -19.76 8.97
N THR B 199 -8.48 -20.56 9.16
CA THR B 199 -8.68 -21.28 10.40
C THR B 199 -8.59 -22.77 10.11
N GLY B 200 -8.67 -23.57 11.18
CA GLY B 200 -8.38 -24.97 11.04
C GLY B 200 -6.91 -25.27 10.98
N LYS B 201 -6.06 -24.37 11.46
CA LYS B 201 -4.62 -24.59 11.38
C LYS B 201 -4.16 -25.57 12.45
N PRO B 202 -3.02 -26.21 12.23
CA PRO B 202 -2.44 -27.03 13.31
C PRO B 202 -2.16 -26.16 14.52
N ILE B 203 -2.30 -26.77 15.71
CA ILE B 203 -2.15 -26.03 16.96
C ILE B 203 -0.80 -25.34 17.01
N SER B 204 0.27 -26.02 16.58
CA SER B 204 1.64 -25.47 16.54
C SER B 204 1.77 -24.28 15.62
N GLN B 205 0.69 -23.91 14.91
CA GLN B 205 0.75 -22.84 13.91
C GLN B 205 -0.27 -21.76 14.16
N GLY B 206 -0.76 -21.64 15.37
CA GLY B 206 -1.85 -20.74 15.59
C GLY B 206 -3.21 -21.39 15.51
N GLY B 207 -3.29 -22.69 15.33
CA GLY B 207 -4.53 -23.41 15.56
C GLY B 207 -4.97 -23.32 17.01
N ILE B 208 -6.19 -23.79 17.24
CA ILE B 208 -6.81 -23.73 18.56
C ILE B 208 -7.19 -25.15 18.97
N HIS B 209 -7.16 -25.39 20.28
CA HIS B 209 -7.60 -26.67 20.82
C HIS B 209 -8.99 -27.03 20.34
N GLY B 210 -9.13 -28.25 19.82
CA GLY B 210 -10.46 -28.79 19.54
C GLY B 210 -11.06 -28.43 18.20
N ARG B 211 -10.36 -27.69 17.32
CA ARG B 211 -10.97 -27.33 16.05
C ARG B 211 -11.26 -28.58 15.25
N ILE B 212 -10.34 -29.53 15.27
CA ILE B 212 -10.52 -30.76 14.50
C ILE B 212 -11.82 -31.45 14.87
N SER B 213 -12.07 -31.66 16.17
CA SER B 213 -13.28 -32.33 16.62
C SER B 213 -14.48 -31.39 16.81
N ALA B 214 -14.36 -30.12 16.41
CA ALA B 214 -15.33 -29.13 16.83
C ALA B 214 -16.69 -29.35 16.18
N THR B 215 -16.69 -29.82 14.93
CA THR B 215 -17.98 -30.00 14.26
C THR B 215 -18.77 -31.15 14.86
N GLY B 216 -18.10 -32.24 15.21
CA GLY B 216 -18.79 -33.34 15.83
C GLY B 216 -19.22 -33.03 17.26
N ARG B 217 -18.40 -32.27 17.98
CA ARG B 217 -18.74 -31.87 19.33
C ARG B 217 -19.96 -30.97 19.34
N GLY B 218 -20.13 -30.16 18.30
CA GLY B 218 -21.36 -29.40 18.15
C GLY B 218 -22.51 -30.19 17.56
N VAL B 219 -22.22 -31.27 16.84
CA VAL B 219 -23.27 -32.22 16.48
C VAL B 219 -23.82 -32.87 17.74
N PHE B 220 -22.96 -33.24 18.68
CA PHE B 220 -23.43 -33.85 19.92
C PHE B 220 -24.27 -32.87 20.73
N HIS B 221 -23.79 -31.62 20.89
CA HIS B 221 -24.51 -30.63 21.67
C HIS B 221 -25.87 -30.31 21.05
N GLY B 222 -25.94 -30.24 19.73
CA GLY B 222 -27.20 -29.89 19.08
C GLY B 222 -28.23 -31.00 19.14
N ILE B 223 -27.78 -32.26 19.14
CA ILE B 223 -28.70 -33.38 19.33
C ILE B 223 -29.16 -33.44 20.77
N GLU B 224 -28.23 -33.24 21.71
CA GLU B 224 -28.56 -33.33 23.13
C GLU B 224 -29.56 -32.26 23.55
N ASN B 225 -29.47 -31.09 22.93
CA ASN B 225 -30.41 -30.03 23.27
C ASN B 225 -31.84 -30.38 22.88
N PHE B 226 -32.02 -31.18 21.83
CA PHE B 226 -33.34 -31.61 21.42
C PHE B 226 -33.74 -32.96 21.98
N ILE B 227 -32.78 -33.86 22.22
CA ILE B 227 -33.08 -35.18 22.75
C ILE B 227 -33.48 -35.13 24.22
N ASN B 228 -33.25 -34.01 24.91
CA ASN B 228 -33.64 -33.85 26.28
C ASN B 228 -34.82 -32.90 26.43
N GLU B 229 -35.52 -32.63 25.34
CA GLU B 229 -36.71 -31.78 25.32
C GLU B 229 -37.95 -32.70 25.30
N ALA B 230 -38.65 -32.78 26.43
CA ALA B 230 -39.81 -33.66 26.52
C ALA B 230 -40.85 -33.33 25.45
N SER B 231 -41.10 -32.04 25.23
CA SER B 231 -42.08 -31.59 24.23
C SER B 231 -41.84 -32.25 22.88
N TYR B 232 -40.59 -32.28 22.42
CA TYR B 232 -40.28 -32.83 21.10
C TYR B 232 -40.16 -34.36 21.14
N MET B 233 -39.51 -34.91 22.18
CA MET B 233 -39.33 -36.37 22.27
C MET B 233 -40.65 -37.11 22.39
N SER B 234 -41.73 -36.41 22.74
CA SER B 234 -43.04 -37.05 22.84
C SER B 234 -43.70 -37.20 21.47
N ILE B 235 -43.69 -36.15 20.65
CA ILE B 235 -44.22 -36.27 19.29
C ILE B 235 -43.51 -37.40 18.54
N LEU B 236 -42.26 -37.64 18.87
CA LEU B 236 -41.49 -38.70 18.23
C LEU B 236 -41.72 -40.06 18.88
N GLY B 237 -42.28 -40.08 20.08
CA GLY B 237 -42.53 -41.33 20.76
C GLY B 237 -41.25 -41.96 21.29
N MET B 238 -40.43 -41.16 21.98
CA MET B 238 -39.15 -41.61 22.49
C MET B 238 -38.92 -41.11 23.91
N THR B 239 -38.05 -41.81 24.59
CA THR B 239 -37.59 -41.39 25.90
C THR B 239 -36.54 -40.30 25.75
N PRO B 240 -36.56 -39.29 26.61
CA PRO B 240 -35.45 -38.34 26.67
C PRO B 240 -34.13 -39.05 26.97
N GLY B 241 -33.04 -38.43 26.52
CA GLY B 241 -31.71 -38.89 26.86
C GLY B 241 -31.08 -39.77 25.79
N PHE B 242 -29.81 -40.11 26.03
CA PHE B 242 -28.99 -40.86 25.10
C PHE B 242 -28.83 -42.33 25.46
N GLY B 243 -28.90 -42.67 26.75
CA GLY B 243 -28.52 -43.97 27.26
C GLY B 243 -29.09 -45.21 26.58
N ASP B 244 -30.22 -45.07 25.86
CA ASP B 244 -30.89 -46.21 25.25
C ASP B 244 -30.99 -46.13 23.72
N LYS B 245 -30.29 -45.23 23.06
CA LYS B 245 -30.56 -44.97 21.65
C LYS B 245 -29.42 -45.44 20.77
N THR B 246 -29.78 -45.75 19.52
CA THR B 246 -28.85 -46.17 18.48
C THR B 246 -28.77 -45.09 17.42
N PHE B 247 -27.64 -45.07 16.71
CA PHE B 247 -27.50 -44.13 15.59
C PHE B 247 -26.63 -44.75 14.50
N ALA B 248 -26.84 -44.25 13.30
CA ALA B 248 -25.99 -44.56 12.15
C ALA B 248 -25.45 -43.26 11.57
N VAL B 249 -24.19 -43.31 11.13
CA VAL B 249 -23.53 -42.15 10.57
C VAL B 249 -23.02 -42.51 9.19
N GLN B 250 -23.39 -41.71 8.20
CA GLN B 250 -22.86 -41.80 6.85
C GLN B 250 -21.70 -40.83 6.72
N GLY B 251 -20.52 -41.36 6.42
CA GLY B 251 -19.32 -40.55 6.44
C GLY B 251 -18.54 -40.79 7.70
N PHE B 252 -17.26 -41.17 7.56
CA PHE B 252 -16.38 -41.44 8.68
C PHE B 252 -15.17 -40.50 8.64
N GLY B 253 -15.38 -39.29 8.14
CA GLY B 253 -14.33 -38.30 8.09
C GLY B 253 -14.31 -37.39 9.28
N ASN B 254 -14.04 -36.10 9.02
CA ASN B 254 -13.86 -35.17 10.13
C ASN B 254 -15.13 -35.01 10.97
N VAL B 255 -16.27 -34.88 10.29
CA VAL B 255 -17.54 -34.72 11.00
C VAL B 255 -18.04 -36.05 11.56
N GLY B 256 -18.09 -37.09 10.70
CA GLY B 256 -18.65 -38.36 11.14
C GLY B 256 -17.92 -38.95 12.33
N LEU B 257 -16.59 -39.05 12.24
CA LEU B 257 -15.84 -39.74 13.29
C LEU B 257 -16.07 -39.09 14.65
N HIS B 258 -16.06 -37.76 14.71
CA HIS B 258 -16.12 -37.13 16.03
C HIS B 258 -17.54 -37.06 16.56
N SER B 259 -18.53 -36.92 15.68
CA SER B 259 -19.92 -37.12 16.08
C SER B 259 -20.09 -38.46 16.77
N MET B 260 -19.54 -39.52 16.18
CA MET B 260 -19.68 -40.85 16.72
C MET B 260 -18.85 -41.04 17.99
N ARG B 261 -17.70 -40.35 18.09
CA ARG B 261 -16.95 -40.41 19.35
C ARG B 261 -17.77 -39.83 20.50
N TYR B 262 -18.44 -38.70 20.29
CA TYR B 262 -19.08 -38.02 21.41
C TYR B 262 -20.41 -38.67 21.80
N LEU B 263 -21.18 -39.15 20.84
CA LEU B 263 -22.41 -39.85 21.20
C LEU B 263 -22.11 -41.15 21.93
N HIS B 264 -21.14 -41.92 21.44
CA HIS B 264 -20.70 -43.12 22.14
C HIS B 264 -20.32 -42.80 23.58
N ARG B 265 -19.71 -41.63 23.80
CA ARG B 265 -19.25 -41.29 25.14
C ARG B 265 -20.42 -41.12 26.11
N PHE B 266 -21.54 -40.59 25.63
CA PHE B 266 -22.69 -40.32 26.48
C PHE B 266 -23.76 -41.40 26.38
N GLY B 267 -23.36 -42.63 26.02
CA GLY B 267 -24.20 -43.79 26.17
C GLY B 267 -24.84 -44.31 24.90
N ALA B 268 -25.04 -43.46 23.90
CA ALA B 268 -25.66 -43.93 22.67
C ALA B 268 -24.77 -44.97 22.00
N LYS B 269 -25.37 -45.71 21.08
CA LYS B 269 -24.80 -46.91 20.48
C LYS B 269 -24.65 -46.71 18.99
N CYS B 270 -23.42 -46.84 18.45
CA CYS B 270 -23.23 -46.74 17.01
C CYS B 270 -23.50 -48.08 16.36
N VAL B 271 -24.47 -48.08 15.46
CA VAL B 271 -25.00 -49.29 14.84
C VAL B 271 -24.50 -49.53 13.42
N ALA B 272 -24.05 -48.48 12.72
CA ALA B 272 -23.65 -48.56 11.33
C ALA B 272 -22.86 -47.32 10.93
N VAL B 273 -21.78 -47.58 10.22
CA VAL B 273 -20.91 -46.60 9.57
C VAL B 273 -20.82 -46.85 8.08
N GLY B 274 -20.87 -45.79 7.27
CA GLY B 274 -20.70 -45.92 5.84
C GLY B 274 -19.67 -44.95 5.27
N GLU B 275 -19.08 -45.34 4.14
CA GLU B 275 -18.28 -44.45 3.30
C GLU B 275 -18.70 -44.71 1.86
N SER B 276 -17.93 -44.17 0.91
CA SER B 276 -18.20 -44.41 -0.51
C SER B 276 -17.99 -45.86 -0.89
N ASP B 277 -17.06 -46.52 -0.23
CA ASP B 277 -16.85 -47.96 -0.35
C ASP B 277 -18.14 -48.75 -0.18
N GLY B 278 -18.91 -48.42 0.87
CA GLY B 278 -19.98 -49.27 1.38
C GLY B 278 -20.16 -49.01 2.87
N SER B 279 -20.87 -49.91 3.54
CA SER B 279 -21.13 -49.75 4.98
C SER B 279 -20.79 -51.01 5.77
N ILE B 280 -20.69 -50.82 7.09
CA ILE B 280 -20.56 -51.90 8.05
C ILE B 280 -21.66 -51.73 9.08
N TRP B 281 -21.92 -52.83 9.81
CA TRP B 281 -23.12 -52.94 10.63
C TRP B 281 -22.89 -53.94 11.75
N ASN B 282 -23.50 -53.66 12.89
CA ASN B 282 -23.47 -54.53 14.06
C ASN B 282 -24.44 -53.97 15.10
N PRO B 283 -25.60 -54.61 15.29
CA PRO B 283 -26.62 -54.06 16.20
C PRO B 283 -26.18 -54.05 17.65
N ASP B 284 -25.03 -54.65 17.98
CA ASP B 284 -24.47 -54.62 19.33
C ASP B 284 -23.57 -53.40 19.57
N GLY B 285 -23.31 -52.61 18.56
CA GLY B 285 -22.48 -51.43 18.79
C GLY B 285 -21.13 -51.56 18.13
N ILE B 286 -20.65 -50.45 17.59
CA ILE B 286 -19.31 -50.35 17.02
C ILE B 286 -18.52 -49.37 17.87
N ASP B 287 -17.27 -49.72 18.16
CA ASP B 287 -16.49 -48.84 19.03
C ASP B 287 -15.71 -47.82 18.19
N PRO B 288 -15.78 -46.53 18.54
CA PRO B 288 -15.16 -45.51 17.68
C PRO B 288 -13.64 -45.59 17.65
N LYS B 289 -12.99 -45.84 18.77
CA LYS B 289 -11.54 -46.03 18.72
C LYS B 289 -11.08 -47.16 17.83
N GLU B 290 -11.61 -48.34 18.06
CA GLU B 290 -10.99 -49.42 17.35
C GLU B 290 -11.35 -49.35 15.89
N LEU B 291 -12.48 -48.73 15.56
CA LEU B 291 -12.82 -48.52 14.16
C LEU B 291 -11.88 -47.50 13.52
N GLU B 292 -11.54 -46.44 14.25
CA GLU B 292 -10.56 -45.48 13.74
C GLU B 292 -9.20 -46.13 13.52
N ASP B 293 -8.72 -46.86 14.51
CA ASP B 293 -7.46 -47.61 14.41
C ASP B 293 -7.45 -48.50 13.18
N PHE B 294 -8.58 -49.14 12.89
CA PHE B 294 -8.66 -50.02 11.73
C PHE B 294 -8.57 -49.21 10.44
N LYS B 295 -9.30 -48.09 10.35
CA LYS B 295 -9.23 -47.30 9.13
C LYS B 295 -7.85 -46.72 8.88
N LEU B 296 -7.23 -46.16 9.93
CA LEU B 296 -5.87 -45.65 9.77
C LEU B 296 -4.93 -46.72 9.26
N GLN B 297 -5.18 -47.97 9.61
CA GLN B 297 -4.29 -49.07 9.33
C GLN B 297 -4.52 -49.66 7.93
N HIS B 298 -5.78 -49.77 7.52
CA HIS B 298 -6.10 -50.43 6.27
C HIS B 298 -6.67 -49.51 5.20
N GLY B 299 -6.96 -48.25 5.54
CA GLY B 299 -7.46 -47.29 4.55
C GLY B 299 -8.92 -47.45 4.18
N THR B 300 -9.63 -48.39 4.82
CA THR B 300 -11.04 -48.60 4.57
C THR B 300 -11.68 -49.07 5.87
N ILE B 301 -13.00 -48.93 5.98
CA ILE B 301 -13.74 -49.53 7.10
C ILE B 301 -14.34 -50.87 6.74
N LEU B 302 -14.34 -51.25 5.45
CA LEU B 302 -14.83 -52.56 5.05
C LEU B 302 -13.88 -53.64 5.52
N GLY B 303 -14.45 -54.68 6.15
CA GLY B 303 -13.67 -55.75 6.72
C GLY B 303 -13.33 -55.57 8.18
N PHE B 304 -13.92 -54.59 8.85
CA PHE B 304 -13.76 -54.46 10.29
C PHE B 304 -14.14 -55.78 10.93
N PRO B 305 -13.26 -56.41 11.72
CA PRO B 305 -13.61 -57.73 12.29
C PRO B 305 -14.85 -57.72 13.16
N LYS B 306 -15.07 -56.69 13.97
CA LYS B 306 -16.20 -56.64 14.88
C LYS B 306 -17.48 -56.10 14.28
N ALA B 307 -17.70 -56.28 12.98
CA ALA B 307 -18.96 -55.90 12.36
C ALA B 307 -19.02 -56.56 11.00
N LYS B 308 -20.14 -56.43 10.31
CA LYS B 308 -20.28 -57.16 9.06
C LYS B 308 -20.76 -56.23 7.98
N ILE B 309 -20.19 -56.42 6.79
CA ILE B 309 -20.47 -55.63 5.61
C ILE B 309 -21.96 -55.59 5.35
N TYR B 310 -22.54 -54.44 5.57
CA TYR B 310 -23.96 -54.22 5.36
C TYR B 310 -24.21 -53.93 3.89
N GLU B 311 -25.03 -54.76 3.27
CA GLU B 311 -25.56 -54.46 1.95
C GLU B 311 -26.96 -53.89 2.12
N GLY B 312 -27.19 -52.68 1.61
CA GLY B 312 -28.53 -52.14 1.58
C GLY B 312 -28.73 -50.70 2.02
N SER B 313 -27.69 -49.88 1.88
CA SER B 313 -27.74 -48.43 2.09
C SER B 313 -27.84 -47.99 3.56
N ILE B 314 -26.79 -47.34 4.06
CA ILE B 314 -26.71 -46.89 5.43
C ILE B 314 -27.82 -45.90 5.80
N LEU B 315 -28.41 -45.23 4.81
CA LEU B 315 -29.42 -44.23 5.13
C LEU B 315 -30.74 -44.86 5.54
N GLU B 316 -30.95 -46.14 5.25
CA GLU B 316 -32.19 -46.82 5.59
C GLU B 316 -32.00 -47.82 6.71
N VAL B 317 -30.81 -47.88 7.29
CA VAL B 317 -30.57 -48.80 8.39
C VAL B 317 -31.49 -48.44 9.54
N ASP B 318 -31.67 -49.41 10.43
CA ASP B 318 -32.69 -49.33 11.46
C ASP B 318 -32.07 -48.82 12.77
N CYS B 319 -32.40 -47.59 13.14
CA CYS B 319 -31.78 -46.90 14.25
C CYS B 319 -32.72 -45.79 14.71
N ASP B 320 -32.33 -45.14 15.81
CA ASP B 320 -33.09 -43.98 16.26
C ASP B 320 -32.68 -42.71 15.50
N ILE B 321 -31.38 -42.46 15.41
CA ILE B 321 -30.82 -41.22 14.89
C ILE B 321 -29.94 -41.54 13.68
N LEU B 322 -30.22 -40.90 12.56
CA LEU B 322 -29.38 -41.01 11.38
C LEU B 322 -28.58 -39.71 11.18
N ILE B 323 -27.27 -39.84 11.05
CA ILE B 323 -26.38 -38.68 10.90
C ILE B 323 -25.78 -38.67 9.51
N PRO B 324 -26.37 -37.96 8.54
CA PRO B 324 -25.66 -37.69 7.28
C PRO B 324 -24.46 -36.78 7.55
N ALA B 325 -23.25 -37.30 7.28
CA ALA B 325 -22.01 -36.56 7.50
C ALA B 325 -21.09 -36.68 6.30
N ALA B 326 -21.67 -36.66 5.10
CA ALA B 326 -20.90 -36.73 3.88
C ALA B 326 -21.36 -35.66 2.88
N SER B 327 -21.78 -36.08 1.69
CA SER B 327 -22.09 -35.14 0.62
C SER B 327 -23.49 -34.54 0.80
N GLU B 328 -23.88 -33.69 -0.17
CA GLU B 328 -25.21 -33.11 -0.18
C GLU B 328 -26.18 -34.00 -0.95
N LYS B 329 -27.46 -33.71 -0.75
CA LYS B 329 -28.54 -34.34 -1.49
C LYS B 329 -28.48 -35.87 -1.41
N GLN B 330 -28.38 -36.36 -0.19
CA GLN B 330 -28.33 -37.77 0.10
C GLN B 330 -29.71 -38.36 0.41
N LEU B 331 -30.56 -37.58 1.01
CA LEU B 331 -31.93 -37.98 1.32
C LEU B 331 -32.80 -37.27 0.33
N THR B 332 -33.38 -38.04 -0.55
CA THR B 332 -34.21 -37.62 -1.69
C THR B 332 -35.66 -38.10 -1.53
N LYS B 333 -36.49 -37.73 -2.50
CA LYS B 333 -37.91 -38.14 -2.43
C LYS B 333 -38.04 -39.64 -2.57
N SER B 334 -37.26 -40.24 -3.47
CA SER B 334 -37.30 -41.69 -3.62
C SER B 334 -36.76 -42.40 -2.38
N ASN B 335 -36.06 -41.68 -1.51
CA ASN B 335 -35.30 -42.24 -0.42
C ASN B 335 -36.01 -42.13 0.93
N ALA B 336 -36.73 -41.03 1.15
CA ALA B 336 -37.24 -40.74 2.48
C ALA B 336 -38.27 -41.75 2.96
N PRO B 337 -39.11 -42.36 2.11
CA PRO B 337 -40.05 -43.38 2.61
C PRO B 337 -39.47 -44.49 3.47
N ARG B 338 -38.21 -44.90 3.29
CA ARG B 338 -37.68 -46.00 4.09
C ARG B 338 -36.62 -45.61 5.10
N VAL B 339 -36.62 -44.38 5.55
CA VAL B 339 -35.49 -43.92 6.34
C VAL B 339 -35.42 -44.60 7.71
N LYS B 340 -36.54 -44.99 8.29
CA LYS B 340 -36.60 -45.90 9.43
C LYS B 340 -35.92 -45.36 10.70
N ALA B 341 -35.48 -44.11 10.70
CA ALA B 341 -35.10 -43.43 11.95
C ALA B 341 -36.11 -42.32 12.21
N LYS B 342 -36.14 -41.84 13.45
CA LYS B 342 -37.05 -40.74 13.78
C LYS B 342 -36.34 -39.42 14.05
N ILE B 343 -35.00 -39.39 14.07
CA ILE B 343 -34.24 -38.15 14.13
C ILE B 343 -33.19 -38.18 13.04
N ILE B 344 -33.18 -37.15 12.21
CA ILE B 344 -32.17 -36.94 11.18
C ILE B 344 -31.34 -35.73 11.58
N ALA B 345 -30.09 -35.98 12.01
CA ALA B 345 -29.18 -34.95 12.48
C ALA B 345 -28.23 -34.62 11.34
N GLU B 346 -28.47 -33.50 10.66
CA GLU B 346 -27.67 -33.12 9.48
C GLU B 346 -26.33 -32.54 9.90
N GLY B 347 -25.30 -33.40 9.93
CA GLY B 347 -23.92 -32.96 10.11
C GLY B 347 -23.37 -32.41 8.82
N ALA B 348 -23.71 -33.07 7.71
CA ALA B 348 -23.31 -32.60 6.40
C ALA B 348 -24.05 -31.33 6.05
N ASN B 349 -23.61 -30.68 4.97
CA ASN B 349 -24.26 -29.49 4.48
C ASN B 349 -25.17 -29.91 3.38
N GLY B 350 -26.41 -29.45 3.42
CA GLY B 350 -27.44 -29.75 2.45
C GLY B 350 -27.68 -31.21 2.12
N PRO B 351 -27.82 -32.09 3.13
CA PRO B 351 -27.97 -33.52 2.84
C PRO B 351 -29.39 -33.99 2.52
N THR B 352 -30.40 -33.17 2.78
CA THR B 352 -31.80 -33.38 2.43
C THR B 352 -32.38 -32.39 1.41
N THR B 353 -32.97 -32.92 0.34
CA THR B 353 -33.72 -32.14 -0.61
C THR B 353 -35.04 -31.61 -0.01
N PRO B 354 -35.61 -30.56 -0.60
CA PRO B 354 -36.93 -30.08 -0.12
C PRO B 354 -38.00 -31.14 -0.20
N GLU B 355 -37.95 -31.96 -1.26
CA GLU B 355 -38.91 -33.04 -1.46
C GLU B 355 -38.85 -34.05 -0.32
N ALA B 356 -37.65 -34.36 0.16
CA ALA B 356 -37.49 -35.25 1.31
C ALA B 356 -37.92 -34.58 2.60
N ASP B 357 -37.83 -33.25 2.68
CA ASP B 357 -38.36 -32.52 3.84
C ASP B 357 -39.85 -32.71 3.96
N LYS B 358 -40.57 -32.56 2.85
CA LYS B 358 -42.00 -32.79 2.83
C LYS B 358 -42.35 -34.13 3.50
N ILE B 359 -41.74 -35.19 2.99
CA ILE B 359 -41.98 -36.54 3.51
C ILE B 359 -41.70 -36.61 5.00
N PHE B 360 -40.49 -36.22 5.41
CA PHE B 360 -40.11 -36.37 6.80
C PHE B 360 -41.08 -35.66 7.73
N LEU B 361 -41.64 -34.54 7.28
CA LEU B 361 -42.66 -33.87 8.08
C LEU B 361 -43.86 -34.78 8.31
N GLU B 362 -44.45 -35.30 7.23
CA GLU B 362 -45.66 -36.13 7.35
C GLU B 362 -45.43 -37.36 8.22
N ARG B 363 -44.26 -37.97 8.12
CA ARG B 363 -43.96 -39.16 8.90
C ARG B 363 -43.60 -38.82 10.35
N ASN B 364 -43.66 -37.54 10.71
CA ASN B 364 -43.26 -37.07 12.05
C ASN B 364 -41.82 -37.45 12.36
N ILE B 365 -40.93 -37.25 11.39
CA ILE B 365 -39.50 -37.42 11.58
C ILE B 365 -38.90 -36.05 11.77
N MET B 366 -38.06 -35.91 12.78
CA MET B 366 -37.49 -34.62 13.12
C MET B 366 -36.11 -34.47 12.45
N VAL B 367 -36.03 -33.46 11.56
CA VAL B 367 -34.76 -33.02 10.95
C VAL B 367 -34.12 -31.83 11.73
N ILE B 368 -33.03 -32.13 12.43
CA ILE B 368 -32.22 -31.04 13.05
C ILE B 368 -31.36 -30.47 11.91
N PRO B 369 -31.60 -29.23 11.49
CA PRO B 369 -31.06 -28.72 10.22
C PRO B 369 -29.59 -28.32 10.30
N ASP B 370 -28.93 -28.45 9.14
CA ASP B 370 -27.51 -28.17 9.01
C ASP B 370 -27.13 -26.79 9.53
N LEU B 371 -27.85 -25.75 9.10
CA LEU B 371 -27.44 -24.40 9.43
C LEU B 371 -27.46 -24.12 10.92
N TYR B 372 -28.04 -25.03 11.73
CA TYR B 372 -27.83 -25.02 13.17
C TYR B 372 -26.82 -26.08 13.60
N LEU B 373 -26.95 -27.32 13.13
CA LEU B 373 -26.28 -28.43 13.80
C LEU B 373 -24.80 -28.49 13.51
N ASN B 374 -24.38 -28.20 12.29
CA ASN B 374 -22.96 -28.31 12.02
C ASN B 374 -22.18 -27.02 12.26
N ALA B 375 -22.85 -25.97 12.78
CA ALA B 375 -22.21 -24.67 13.01
C ALA B 375 -21.17 -24.69 14.12
N GLY B 376 -20.86 -25.85 14.70
CA GLY B 376 -19.81 -25.92 15.69
C GLY B 376 -18.44 -25.68 15.09
N GLY B 377 -18.27 -26.07 13.83
CA GLY B 377 -16.99 -25.83 13.17
C GLY B 377 -16.69 -24.36 13.03
N VAL B 378 -17.68 -23.58 12.56
CA VAL B 378 -17.45 -22.16 12.34
C VAL B 378 -17.39 -21.42 13.67
N THR B 379 -18.07 -21.93 14.71
CA THR B 379 -18.02 -21.30 16.01
C THR B 379 -16.61 -21.37 16.58
N VAL B 380 -16.00 -22.54 16.51
CA VAL B 380 -14.64 -22.69 17.03
C VAL B 380 -13.60 -22.07 16.08
N SER B 381 -13.92 -21.97 14.77
CA SER B 381 -13.04 -21.21 13.86
C SER B 381 -13.05 -19.74 14.21
N TYR B 382 -14.20 -19.23 14.66
CA TYR B 382 -14.28 -17.86 15.13
C TYR B 382 -13.38 -17.66 16.33
N PHE B 383 -13.38 -18.61 17.27
CA PHE B 383 -12.48 -18.54 18.41
C PHE B 383 -11.02 -18.57 17.98
N GLU B 384 -10.69 -19.38 16.97
CA GLU B 384 -9.31 -19.44 16.50
C GLU B 384 -8.89 -18.12 15.89
N TRP B 385 -9.75 -17.53 15.05
CA TRP B 385 -9.47 -16.22 14.46
C TRP B 385 -9.23 -15.17 15.53
N LEU B 386 -10.12 -15.11 16.52
CA LEU B 386 -9.96 -14.19 17.65
C LEU B 386 -8.64 -14.41 18.36
N LYS B 387 -8.27 -15.67 18.54
CA LYS B 387 -7.05 -15.97 19.23
C LYS B 387 -5.85 -15.41 18.48
N ASN B 388 -5.82 -15.62 17.16
CA ASN B 388 -4.75 -15.06 16.34
C ASN B 388 -4.74 -13.54 16.44
N LEU B 389 -5.92 -12.92 16.46
CA LEU B 389 -5.93 -11.46 16.58
C LEU B 389 -5.32 -11.01 17.88
N ASN B 390 -5.51 -11.76 18.98
CA ASN B 390 -5.07 -11.34 20.31
C ASN B 390 -3.61 -11.66 20.62
N HIS B 391 -3.02 -12.68 19.99
CA HIS B 391 -1.60 -13.02 20.17
C HIS B 391 -1.26 -13.46 21.59
N VAL B 392 -2.21 -14.05 22.33
CA VAL B 392 -1.94 -14.70 23.61
C VAL B 392 -2.76 -15.96 23.74
N SER B 393 -2.16 -16.98 24.36
CA SER B 393 -2.94 -18.09 24.87
C SER B 393 -3.86 -17.57 25.95
N TYR B 394 -5.14 -17.88 25.83
CA TYR B 394 -6.10 -17.53 26.87
C TYR B 394 -5.58 -17.91 28.26
N GLY B 395 -5.80 -17.01 29.23
CA GLY B 395 -5.40 -17.22 30.61
C GLY B 395 -3.96 -16.93 30.93
N ARG B 396 -3.09 -16.87 29.92
CA ARG B 396 -1.65 -16.78 30.14
C ARG B 396 -1.29 -15.64 31.08
N LEU B 397 -1.93 -14.48 30.92
CA LEU B 397 -1.57 -13.33 31.73
C LEU B 397 -2.17 -13.38 33.12
N THR B 398 -3.17 -14.23 33.36
CA THR B 398 -3.98 -14.12 34.56
C THR B 398 -3.96 -15.35 35.47
N PHE B 399 -3.37 -16.48 35.05
CA PHE B 399 -3.42 -17.72 35.82
C PHE B 399 -3.01 -17.48 37.26
N LYS B 400 -1.79 -16.98 37.47
CA LYS B 400 -1.30 -16.80 38.83
C LYS B 400 -2.14 -15.79 39.62
N TYR B 401 -2.49 -14.65 39.01
CA TYR B 401 -3.26 -13.63 39.73
C TYR B 401 -4.61 -14.17 40.20
N GLU B 402 -5.23 -14.97 39.35
CA GLU B 402 -6.55 -15.52 39.54
C GLU B 402 -6.54 -16.57 40.63
N ARG B 403 -5.58 -17.48 40.55
CA ARG B 403 -5.39 -18.50 41.58
C ARG B 403 -5.15 -17.87 42.95
N ASP B 404 -4.31 -16.82 43.02
CA ASP B 404 -4.07 -16.14 44.29
C ASP B 404 -5.33 -15.41 44.79
N SER B 405 -6.01 -14.70 43.90
CA SER B 405 -7.29 -14.05 44.24
C SER B 405 -8.29 -15.01 44.85
N ASN B 406 -8.47 -16.16 44.24
CA ASN B 406 -9.52 -17.06 44.70
C ASN B 406 -9.20 -17.63 46.09
N TYR B 407 -7.92 -17.86 46.39
CA TYR B 407 -7.55 -18.29 47.72
C TYR B 407 -7.72 -17.20 48.74
N HIS B 408 -7.50 -15.93 48.38
CA HIS B 408 -7.75 -14.84 49.33
C HIS B 408 -9.24 -14.59 49.52
N LEU B 409 -10.04 -14.75 48.47
CA LEU B 409 -11.49 -14.72 48.63
C LEU B 409 -11.93 -15.75 49.66
N LEU B 410 -11.61 -17.02 49.44
CA LEU B 410 -11.99 -18.08 50.37
C LEU B 410 -11.42 -17.83 51.77
N MET B 411 -10.22 -17.29 51.84
CA MET B 411 -9.65 -16.96 53.16
C MET B 411 -10.45 -15.87 53.85
N SER B 412 -10.99 -14.91 53.09
CA SER B 412 -11.85 -13.88 53.67
C SER B 412 -13.05 -14.50 54.36
N VAL B 413 -13.64 -15.54 53.78
CA VAL B 413 -14.80 -16.16 54.40
C VAL B 413 -14.36 -16.92 55.65
N GLN B 414 -13.27 -17.64 55.53
CA GLN B 414 -12.70 -18.35 56.66
C GLN B 414 -12.41 -17.42 57.84
N GLU B 415 -11.64 -16.36 57.61
CA GLU B 415 -11.31 -15.46 58.71
C GLU B 415 -12.54 -14.74 59.25
N SER B 416 -13.52 -14.43 58.38
CA SER B 416 -14.74 -13.77 58.85
C SER B 416 -15.50 -14.67 59.82
N LEU B 417 -15.60 -15.96 59.52
CA LEU B 417 -16.33 -16.87 60.39
C LEU B 417 -15.56 -17.18 61.67
N GLU B 418 -14.25 -17.33 61.56
CA GLU B 418 -13.41 -17.51 62.74
C GLU B 418 -13.53 -16.30 63.69
N ARG B 419 -13.60 -15.08 63.13
CA ARG B 419 -13.80 -13.87 63.91
C ARG B 419 -15.10 -13.96 64.73
N LYS B 420 -16.20 -14.37 64.10
CA LYS B 420 -17.51 -14.35 64.73
C LYS B 420 -17.67 -15.50 65.75
N PHE B 421 -17.60 -16.77 65.29
CA PHE B 421 -17.57 -17.94 66.18
C PHE B 421 -16.12 -18.18 66.62
N GLY B 422 -15.69 -17.42 67.64
CA GLY B 422 -14.31 -17.29 68.05
C GLY B 422 -13.50 -18.56 68.26
N LYS B 423 -13.14 -18.93 69.48
CA LYS B 423 -12.37 -20.15 69.65
C LYS B 423 -13.21 -21.29 70.21
N HIS B 424 -14.49 -21.07 70.49
CA HIS B 424 -15.42 -22.18 70.64
C HIS B 424 -15.71 -22.89 69.32
N GLY B 425 -15.05 -22.48 68.24
CA GLY B 425 -15.24 -23.08 66.93
C GLY B 425 -13.92 -23.53 66.32
N GLY B 426 -12.82 -22.98 66.82
CA GLY B 426 -11.49 -23.43 66.39
C GLY B 426 -11.12 -22.91 65.02
N THR B 427 -10.78 -23.82 64.12
CA THR B 427 -10.49 -23.52 62.73
C THR B 427 -11.64 -23.97 61.83
N ILE B 428 -12.12 -23.06 60.98
CA ILE B 428 -13.15 -23.42 60.00
C ILE B 428 -12.51 -23.38 58.62
N PRO B 429 -11.85 -24.46 58.19
CA PRO B 429 -11.17 -24.42 56.89
C PRO B 429 -12.16 -24.30 55.75
N ILE B 430 -11.94 -23.30 54.90
CA ILE B 430 -12.70 -23.14 53.68
C ILE B 430 -11.77 -23.53 52.53
N VAL B 431 -12.11 -24.58 51.80
CA VAL B 431 -11.26 -25.08 50.73
C VAL B 431 -12.10 -25.34 49.48
N PRO B 432 -11.47 -25.32 48.31
CA PRO B 432 -12.21 -25.58 47.07
C PRO B 432 -12.69 -27.02 47.00
N THR B 433 -13.92 -27.22 46.51
CA THR B 433 -14.29 -28.56 46.08
C THR B 433 -13.29 -29.05 45.04
N ALA B 434 -13.36 -30.34 44.72
CA ALA B 434 -12.46 -30.88 43.71
C ALA B 434 -12.73 -30.24 42.34
N GLU B 435 -13.99 -29.86 42.08
CA GLU B 435 -14.31 -29.22 40.81
C GLU B 435 -13.88 -27.77 40.76
N PHE B 436 -14.05 -27.02 41.85
CA PHE B 436 -13.51 -25.65 41.86
C PHE B 436 -12.00 -25.65 41.78
N GLN B 437 -11.32 -26.68 42.31
CA GLN B 437 -9.88 -26.66 42.28
C GLN B 437 -9.37 -26.71 40.82
N ASP B 438 -10.11 -27.36 39.97
CA ASP B 438 -9.84 -27.35 38.53
C ASP B 438 -9.91 -25.97 37.88
N ARG B 439 -10.82 -25.14 38.31
CA ARG B 439 -11.04 -23.80 37.73
C ARG B 439 -10.34 -22.72 38.54
N ILE B 440 -9.51 -23.11 39.52
CA ILE B 440 -9.02 -22.12 40.46
C ILE B 440 -8.24 -21.02 39.76
N SER B 441 -7.59 -21.32 38.64
CA SER B 441 -6.79 -20.34 37.92
C SER B 441 -7.56 -19.65 36.80
N GLY B 442 -8.84 -19.96 36.63
CA GLY B 442 -9.61 -19.40 35.53
C GLY B 442 -9.43 -20.20 34.25
N ALA B 443 -10.20 -19.82 33.25
CA ALA B 443 -10.30 -20.63 32.03
C ALA B 443 -9.00 -20.64 31.24
N SER B 444 -8.67 -21.81 30.68
CA SER B 444 -7.67 -21.88 29.63
C SER B 444 -8.37 -21.92 28.27
N GLU B 445 -7.57 -22.03 27.21
CA GLU B 445 -8.11 -22.07 25.85
C GLU B 445 -9.05 -23.25 25.65
N LYS B 446 -8.64 -24.43 26.14
CA LYS B 446 -9.51 -25.60 26.10
C LYS B 446 -10.84 -25.35 26.81
N ASP B 447 -10.84 -24.67 27.97
CA ASP B 447 -12.06 -24.34 28.70
C ASP B 447 -12.94 -23.41 27.90
N ILE B 448 -12.34 -22.39 27.30
CA ILE B 448 -13.08 -21.45 26.48
C ILE B 448 -13.75 -22.14 25.30
N VAL B 449 -13.01 -23.00 24.60
CA VAL B 449 -13.58 -23.65 23.43
C VAL B 449 -14.74 -24.53 23.83
N HIS B 450 -14.57 -25.30 24.89
CA HIS B 450 -15.61 -26.24 25.34
C HIS B 450 -16.86 -25.48 25.76
N SER B 451 -16.71 -24.59 26.74
CA SER B 451 -17.89 -23.93 27.30
C SER B 451 -18.42 -22.85 26.36
N GLY B 452 -17.55 -22.22 25.58
CA GLY B 452 -18.01 -21.31 24.53
C GLY B 452 -18.91 -22.00 23.53
N LEU B 453 -18.47 -23.18 23.03
CA LEU B 453 -19.29 -23.94 22.08
C LEU B 453 -20.62 -24.35 22.69
N ALA B 454 -20.59 -24.94 23.90
CA ALA B 454 -21.82 -25.39 24.54
C ALA B 454 -22.78 -24.22 24.76
N TYR B 455 -22.25 -23.06 25.15
CA TYR B 455 -23.12 -21.90 25.35
C TYR B 455 -23.85 -21.51 24.05
N THR B 456 -23.12 -21.41 22.92
CA THR B 456 -23.82 -20.97 21.70
C THR B 456 -24.69 -22.07 21.11
N MET B 457 -24.30 -23.35 21.18
CA MET B 457 -25.18 -24.39 20.65
C MET B 457 -26.51 -24.42 21.41
N GLU B 458 -26.45 -24.13 22.70
CA GLU B 458 -27.63 -24.20 23.52
C GLU B 458 -28.50 -22.96 23.35
N ARG B 459 -27.90 -21.76 23.43
CA ARG B 459 -28.67 -20.55 23.15
C ARG B 459 -29.33 -20.61 21.79
N SER B 460 -28.61 -21.09 20.77
CA SER B 460 -29.17 -21.16 19.43
C SER B 460 -30.36 -22.13 19.37
N ALA B 461 -30.24 -23.29 20.03
CA ALA B 461 -31.33 -24.26 20.08
C ALA B 461 -32.61 -23.66 20.66
N ARG B 462 -32.50 -22.92 21.76
CA ARG B 462 -33.69 -22.38 22.41
C ARG B 462 -34.29 -21.23 21.60
N GLN B 463 -33.46 -20.53 20.82
CA GLN B 463 -33.96 -19.53 19.89
C GLN B 463 -34.77 -20.18 18.77
N ILE B 464 -34.32 -21.35 18.30
CA ILE B 464 -35.06 -22.07 17.27
C ILE B 464 -36.36 -22.62 17.86
N MET B 465 -36.33 -23.19 19.06
CA MET B 465 -37.55 -23.72 19.68
C MET B 465 -38.59 -22.60 19.90
N ARG B 466 -38.16 -21.48 20.47
CA ARG B 466 -39.11 -20.40 20.66
C ARG B 466 -39.75 -20.05 19.34
N THR B 467 -38.93 -19.88 18.30
CA THR B 467 -39.43 -19.47 17.00
C THR B 467 -40.38 -20.51 16.42
N ALA B 468 -40.03 -21.78 16.51
CA ALA B 468 -40.90 -22.82 15.98
C ALA B 468 -42.25 -22.85 16.71
N MET B 469 -42.26 -22.60 18.03
CA MET B 469 -43.52 -22.55 18.78
C MET B 469 -44.35 -21.34 18.39
N LYS B 470 -43.70 -20.18 18.23
CA LYS B 470 -44.40 -18.91 18.05
C LYS B 470 -45.00 -18.79 16.65
N TYR B 471 -44.55 -19.59 15.68
CA TYR B 471 -45.14 -19.68 14.33
C TYR B 471 -45.79 -21.04 14.10
N ASN B 472 -45.78 -21.90 15.12
CA ASN B 472 -46.45 -23.21 15.04
C ASN B 472 -45.94 -24.04 13.89
N LEU B 473 -44.64 -24.30 13.90
CA LEU B 473 -43.90 -25.02 12.88
C LEU B 473 -43.71 -26.49 13.18
N GLY B 474 -44.12 -26.96 14.36
CA GLY B 474 -43.96 -28.38 14.65
C GLY B 474 -42.50 -28.81 14.60
N LEU B 475 -42.21 -29.84 13.81
CA LEU B 475 -40.87 -30.42 13.60
C LEU B 475 -40.15 -29.76 12.44
N ASP B 476 -40.73 -28.73 11.83
CA ASP B 476 -40.01 -28.04 10.74
C ASP B 476 -39.09 -27.03 11.37
N LEU B 477 -38.01 -27.56 11.96
CA LEU B 477 -37.01 -26.71 12.59
C LEU B 477 -36.16 -26.01 11.55
N ARG B 478 -36.05 -26.56 10.34
CA ARG B 478 -35.31 -25.90 9.28
C ARG B 478 -35.89 -24.51 9.02
N THR B 479 -37.22 -24.41 8.87
CA THR B 479 -37.84 -23.11 8.64
C THR B 479 -37.63 -22.17 9.82
N ALA B 480 -37.65 -22.71 11.04
CA ALA B 480 -37.41 -21.89 12.21
C ALA B 480 -36.00 -21.29 12.19
N ALA B 481 -35.00 -22.11 11.83
CA ALA B 481 -33.64 -21.61 11.74
C ALA B 481 -33.53 -20.49 10.70
N TYR B 482 -34.13 -20.68 9.52
CA TYR B 482 -34.04 -19.66 8.49
C TYR B 482 -34.75 -18.39 8.90
N VAL B 483 -35.83 -18.52 9.65
CA VAL B 483 -36.52 -17.36 10.19
C VAL B 483 -35.57 -16.56 11.06
N ASN B 484 -34.83 -17.26 11.93
CA ASN B 484 -33.85 -16.60 12.79
C ASN B 484 -32.72 -15.98 11.98
N ALA B 485 -32.17 -16.74 11.02
CA ALA B 485 -31.09 -16.21 10.22
C ALA B 485 -31.52 -14.97 9.46
N ILE B 486 -32.73 -15.00 8.87
CA ILE B 486 -33.20 -13.88 8.06
C ILE B 486 -33.36 -12.64 8.92
N GLU B 487 -33.91 -12.81 10.12
CA GLU B 487 -34.11 -11.68 11.02
C GLU B 487 -32.80 -10.99 11.35
N LYS B 488 -31.76 -11.78 11.66
CA LYS B 488 -30.45 -11.26 12.01
C LYS B 488 -29.83 -10.51 10.84
N VAL B 489 -29.85 -11.10 9.65
CA VAL B 489 -29.23 -10.46 8.50
C VAL B 489 -30.01 -9.22 8.09
N PHE B 490 -31.36 -9.29 8.13
CA PHE B 490 -32.17 -8.16 7.74
C PHE B 490 -31.88 -6.94 8.61
N ARG B 491 -31.64 -7.19 9.91
CA ARG B 491 -31.30 -6.14 10.87
C ARG B 491 -30.16 -5.24 10.38
N VAL B 492 -29.17 -5.81 9.68
CA VAL B 492 -28.00 -5.03 9.25
C VAL B 492 -28.30 -4.23 8.01
N TYR B 493 -29.10 -4.77 7.11
CA TYR B 493 -29.45 -4.06 5.87
C TYR B 493 -30.40 -2.90 6.14
N ASN B 494 -31.18 -2.97 7.22
CA ASN B 494 -32.12 -1.93 7.57
C ASN B 494 -31.34 -0.61 7.85
N GLU B 495 -30.65 -0.56 8.97
CA GLU B 495 -29.96 0.69 9.35
C GLU B 495 -28.95 1.15 8.33
N ALA B 496 -28.38 0.22 7.54
CA ALA B 496 -27.25 0.57 6.68
C ALA B 496 -27.64 1.47 5.51
N GLY B 497 -28.89 1.39 5.06
CA GLY B 497 -29.24 1.99 3.80
C GLY B 497 -28.71 1.23 2.59
N VAL B 498 -28.37 -0.05 2.79
CA VAL B 498 -27.84 -0.95 1.76
C VAL B 498 -26.70 -0.27 1.01
N THR B 499 -26.82 -0.23 -0.34
CA THR B 499 -25.78 0.19 -1.29
C THR B 499 -24.36 -0.08 -0.78
N PHE B 500 -23.94 -1.37 -0.86
CA PHE B 500 -22.62 -1.98 -0.58
C PHE B 500 -22.77 -3.02 0.54
N THR B 501 -23.63 -2.75 1.53
CA THR B 501 -23.86 -3.65 2.68
C THR B 501 -25.16 -3.28 3.41
N ALA C 1 43.05 -15.92 -6.38
CA ALA C 1 44.13 -15.38 -7.18
C ALA C 1 45.41 -16.19 -6.96
N ASP C 2 46.55 -15.54 -7.16
CA ASP C 2 47.83 -16.05 -6.67
C ASP C 2 48.02 -15.54 -5.25
N ARG C 3 48.72 -16.32 -4.42
CA ARG C 3 48.76 -15.99 -2.99
C ARG C 3 49.93 -15.07 -2.65
N GLU C 4 49.88 -14.52 -1.42
CA GLU C 4 50.34 -13.14 -1.11
C GLU C 4 50.47 -12.29 -2.37
N ASP C 5 49.60 -12.53 -3.37
CA ASP C 5 49.11 -11.50 -4.29
C ASP C 5 47.67 -11.53 -4.52
N ASP C 6 46.87 -11.43 -3.47
CA ASP C 6 45.48 -11.82 -3.50
C ASP C 6 44.84 -10.92 -2.48
N PRO C 7 44.73 -9.63 -2.82
CA PRO C 7 44.21 -8.61 -1.87
C PRO C 7 42.71 -8.71 -1.69
N ASN C 8 42.22 -8.05 -0.63
CA ASN C 8 40.80 -7.93 -0.41
C ASN C 8 40.15 -7.19 -1.58
N PHE C 9 39.27 -7.88 -2.32
CA PHE C 9 38.65 -7.29 -3.52
C PHE C 9 38.06 -5.91 -3.24
N PHE C 10 37.35 -5.76 -2.12
CA PHE C 10 36.70 -4.48 -1.86
C PHE C 10 37.72 -3.39 -1.55
N LYS C 11 38.71 -3.70 -0.72
CA LYS C 11 39.79 -2.76 -0.42
C LYS C 11 40.58 -2.40 -1.68
N MET C 12 40.80 -3.38 -2.55
CA MET C 12 41.51 -3.14 -3.79
C MET C 12 40.79 -2.14 -4.67
N VAL C 13 39.46 -2.25 -4.78
CA VAL C 13 38.68 -1.27 -5.54
C VAL C 13 38.66 0.06 -4.79
N GLU C 14 38.69 0.02 -3.48
CA GLU C 14 38.83 1.24 -2.70
C GLU C 14 40.14 1.94 -3.03
N GLY C 15 41.18 1.16 -3.29
CA GLY C 15 42.47 1.72 -3.63
C GLY C 15 42.45 2.44 -4.97
N PHE C 16 41.89 1.79 -5.99
CA PHE C 16 41.67 2.45 -7.27
C PHE C 16 40.94 3.78 -7.07
N PHE C 17 39.91 3.79 -6.20
CA PHE C 17 39.16 5.01 -5.91
C PHE C 17 40.05 6.06 -5.29
N ASP C 18 40.91 5.66 -4.35
CA ASP C 18 41.78 6.62 -3.67
C ASP C 18 42.72 7.30 -4.65
N ARG C 19 43.28 6.54 -5.59
CA ARG C 19 44.21 7.14 -6.55
C ARG C 19 43.52 8.17 -7.43
N GLY C 20 42.28 7.90 -7.82
CA GLY C 20 41.50 8.91 -8.51
C GLY C 20 41.14 10.08 -7.62
N ALA C 21 40.84 9.82 -6.35
CA ALA C 21 40.50 10.90 -5.42
C ALA C 21 41.68 11.84 -5.21
N SER C 22 42.91 11.30 -5.16
CA SER C 22 44.12 12.12 -5.06
C SER C 22 44.14 13.20 -6.11
N ILE C 23 43.79 12.82 -7.33
CA ILE C 23 44.10 13.63 -8.49
C ILE C 23 43.06 14.73 -8.74
N VAL C 24 41.77 14.45 -8.46
CA VAL C 24 40.75 15.48 -8.61
C VAL C 24 40.51 16.29 -7.34
N GLU C 25 41.19 15.96 -6.25
CA GLU C 25 40.88 16.63 -4.99
C GLU C 25 40.97 18.15 -5.14
N ASP C 26 42.02 18.62 -5.82
CA ASP C 26 42.15 20.05 -6.06
C ASP C 26 40.98 20.58 -6.88
N LYS C 27 40.63 19.87 -7.95
CA LYS C 27 39.58 20.37 -8.84
C LYS C 27 38.20 20.28 -8.20
N LEU C 28 37.99 19.35 -7.27
CA LEU C 28 36.72 19.35 -6.53
C LEU C 28 36.64 20.55 -5.59
N VAL C 29 37.74 20.87 -4.90
CA VAL C 29 37.74 22.01 -4.00
C VAL C 29 37.56 23.30 -4.77
N GLU C 30 38.09 23.36 -5.99
CA GLU C 30 37.91 24.49 -6.91
C GLU C 30 36.47 24.94 -7.03
N ASP C 31 35.66 24.15 -7.75
CA ASP C 31 34.29 24.55 -8.06
C ASP C 31 33.34 24.12 -6.94
N LEU C 32 33.54 24.75 -5.79
CA LEU C 32 32.56 24.81 -4.70
C LEU C 32 32.25 26.28 -4.46
N LYS C 33 31.08 26.76 -4.86
CA LYS C 33 30.80 28.17 -4.60
C LYS C 33 30.35 28.41 -3.14
N THR C 34 30.43 27.39 -2.27
CA THR C 34 30.00 27.51 -0.88
C THR C 34 30.68 28.65 -0.16
N ARG C 35 30.16 28.94 1.03
CA ARG C 35 30.91 29.36 2.20
C ARG C 35 32.40 29.12 1.97
N GLU C 36 32.99 29.83 0.99
CA GLU C 36 34.37 29.59 0.58
C GLU C 36 35.28 29.89 1.75
N THR C 37 35.36 28.96 2.69
CA THR C 37 35.66 29.43 4.02
C THR C 37 37.18 29.42 4.34
N GLU C 38 37.85 28.31 4.13
CA GLU C 38 38.85 28.07 5.18
C GLU C 38 39.54 26.70 5.07
N GLU C 39 39.57 26.14 3.85
CA GLU C 39 39.85 24.73 3.60
C GLU C 39 39.13 23.83 4.60
N GLN C 40 38.01 24.32 5.15
CA GLN C 40 36.88 23.47 5.46
C GLN C 40 36.24 22.98 4.18
N LYS C 41 36.40 23.73 3.08
CA LYS C 41 36.11 23.21 1.75
C LYS C 41 36.78 21.88 1.52
N ARG C 42 38.08 21.84 1.79
CA ARG C 42 38.86 20.66 1.51
C ARG C 42 38.45 19.50 2.40
N ASN C 43 37.95 19.81 3.60
CA ASN C 43 37.50 18.74 4.49
C ASN C 43 36.11 18.28 4.11
N ARG C 44 35.29 19.20 3.63
CA ARG C 44 34.01 18.84 3.05
C ARG C 44 34.18 17.85 1.92
N VAL C 45 35.10 18.16 1.00
CA VAL C 45 35.34 17.28 -0.13
C VAL C 45 35.75 15.88 0.37
N ARG C 46 36.62 15.83 1.39
CA ARG C 46 37.05 14.55 1.97
C ARG C 46 35.90 13.82 2.61
N GLY C 47 35.06 14.55 3.33
CA GLY C 47 33.95 13.89 3.98
C GLY C 47 32.96 13.31 3.00
N ILE C 48 32.77 13.97 1.87
CA ILE C 48 31.87 13.42 0.87
C ILE C 48 32.45 12.16 0.26
N LEU C 49 33.75 12.19 -0.08
CA LEU C 49 34.36 10.99 -0.66
C LEU C 49 34.37 9.84 0.34
N ARG C 50 34.40 10.14 1.64
CA ARG C 50 34.29 9.09 2.64
C ARG C 50 32.90 8.48 2.69
N ILE C 51 31.87 9.25 2.34
CA ILE C 51 30.52 8.72 2.31
C ILE C 51 30.31 7.84 1.08
N ILE C 52 30.91 8.20 -0.06
CA ILE C 52 30.69 7.48 -1.30
C ILE C 52 31.29 6.08 -1.25
N LYS C 53 32.45 5.94 -0.59
CA LYS C 53 33.25 4.72 -0.66
C LYS C 53 32.54 3.46 -0.13
N PRO C 54 31.91 3.46 1.05
CA PRO C 54 31.32 2.22 1.57
C PRO C 54 29.94 1.94 1.00
N CYS C 55 29.61 0.65 0.93
CA CYS C 55 28.25 0.24 0.59
C CYS C 55 27.27 0.71 1.64
N ASN C 56 26.11 1.19 1.19
CA ASN C 56 25.11 1.67 2.13
C ASN C 56 24.33 0.50 2.74
N HIS C 57 24.11 -0.59 1.97
CA HIS C 57 23.22 -1.70 2.35
C HIS C 57 23.81 -3.03 1.88
N VAL C 58 23.84 -4.03 2.77
CA VAL C 58 24.15 -5.40 2.38
C VAL C 58 23.16 -6.35 3.05
N LEU C 59 22.41 -7.13 2.26
CA LEU C 59 21.53 -8.17 2.77
C LEU C 59 22.23 -9.52 2.63
N SER C 60 22.38 -10.23 3.75
CA SER C 60 22.89 -11.60 3.78
C SER C 60 21.74 -12.55 4.05
N LEU C 61 21.64 -13.61 3.25
CA LEU C 61 20.51 -14.51 3.28
C LEU C 61 20.94 -15.93 3.51
N SER C 62 20.14 -16.67 4.27
CA SER C 62 20.19 -18.13 4.35
C SER C 62 18.77 -18.58 4.11
N PHE C 63 18.53 -19.51 3.21
CA PHE C 63 17.19 -20.05 3.08
C PHE C 63 17.26 -21.49 2.62
N PRO C 64 16.28 -22.32 2.96
CA PRO C 64 16.33 -23.73 2.56
C PRO C 64 15.65 -23.98 1.23
N ILE C 65 16.20 -24.96 0.51
CA ILE C 65 15.53 -25.57 -0.63
C ILE C 65 15.57 -27.06 -0.46
N ARG C 66 14.69 -27.75 -1.14
CA ARG C 66 14.64 -29.20 -1.05
C ARG C 66 15.08 -29.79 -2.32
N ARG C 67 16.17 -30.51 -2.28
CA ARG C 67 16.92 -30.99 -3.42
C ARG C 67 16.08 -32.02 -4.20
N ASP C 68 16.55 -32.41 -5.38
CA ASP C 68 15.79 -33.36 -6.19
C ASP C 68 15.66 -34.72 -5.51
N ASP C 69 16.63 -35.13 -4.71
CA ASP C 69 16.49 -36.43 -4.04
C ASP C 69 15.77 -36.34 -2.69
N GLY C 70 15.25 -35.18 -2.30
CA GLY C 70 14.48 -35.06 -1.09
C GLY C 70 15.22 -34.43 0.07
N SER C 71 16.53 -34.40 0.04
CA SER C 71 17.32 -33.64 1.00
C SER C 71 16.98 -32.17 1.12
N TRP C 72 17.12 -31.63 2.34
CA TRP C 72 17.18 -30.20 2.56
C TRP C 72 18.60 -29.68 2.47
N GLU C 73 18.74 -28.50 1.86
CA GLU C 73 20.00 -27.78 1.72
C GLU C 73 19.76 -26.31 2.09
N VAL C 74 20.64 -25.74 2.91
CA VAL C 74 20.69 -24.31 3.15
C VAL C 74 21.66 -23.67 2.16
N ILE C 75 21.22 -22.59 1.54
CA ILE C 75 21.94 -21.95 0.45
C ILE C 75 22.05 -20.50 0.84
N GLU C 76 23.26 -19.92 0.78
CA GLU C 76 23.52 -18.55 1.21
C GLU C 76 23.56 -17.62 0.00
N GLY C 77 23.13 -16.39 0.22
CA GLY C 77 23.06 -15.42 -0.86
C GLY C 77 23.25 -14.04 -0.27
N TYR C 78 23.70 -13.12 -1.13
CA TYR C 78 23.96 -11.74 -0.73
C TYR C 78 23.51 -10.79 -1.84
N ARG C 79 23.14 -9.58 -1.44
CA ARG C 79 22.99 -8.51 -2.41
C ARG C 79 23.39 -7.23 -1.70
N ALA C 80 24.41 -6.55 -2.25
CA ALA C 80 24.87 -5.27 -1.75
C ALA C 80 24.34 -4.16 -2.65
N GLN C 81 23.90 -3.07 -2.02
CA GLN C 81 23.55 -1.85 -2.72
C GLN C 81 24.60 -0.82 -2.32
N HIS C 82 25.46 -0.45 -3.27
CA HIS C 82 26.58 0.41 -2.91
C HIS C 82 26.13 1.84 -2.70
N SER C 83 25.22 2.33 -3.53
CA SER C 83 24.88 3.75 -3.53
C SER C 83 23.49 3.97 -4.05
N GLN C 84 22.80 4.95 -3.47
CA GLN C 84 21.47 5.36 -3.90
C GLN C 84 21.44 6.80 -4.37
N HIS C 85 22.60 7.36 -4.68
CA HIS C 85 22.62 8.72 -5.19
C HIS C 85 21.86 8.83 -6.50
N ARG C 86 21.63 7.71 -7.17
CA ARG C 86 20.64 7.61 -8.24
C ARG C 86 19.80 6.37 -7.98
N THR C 87 18.48 6.51 -8.20
CA THR C 87 17.54 5.79 -7.34
C THR C 87 17.45 4.30 -7.66
N PRO C 88 17.19 3.87 -8.90
CA PRO C 88 17.23 2.42 -9.12
C PRO C 88 18.68 1.95 -9.15
N CYS C 89 19.04 1.10 -8.18
CA CYS C 89 20.34 0.44 -8.20
C CYS C 89 20.34 -0.62 -9.30
N LYS C 90 21.53 -0.96 -9.76
CA LYS C 90 21.69 -1.84 -10.90
C LYS C 90 22.91 -2.72 -10.66
N GLY C 91 22.78 -3.98 -11.02
CA GLY C 91 23.90 -4.90 -10.96
C GLY C 91 23.44 -6.34 -11.05
N GLY C 92 24.35 -7.19 -11.52
CA GLY C 92 24.00 -8.56 -11.85
C GLY C 92 23.97 -9.52 -10.67
N ILE C 93 23.69 -10.79 -11.01
CA ILE C 93 23.60 -11.88 -10.04
C ILE C 93 24.58 -12.98 -10.46
N ARG C 94 25.47 -13.34 -9.55
CA ARG C 94 26.53 -14.31 -9.80
C ARG C 94 26.26 -15.56 -8.97
N TYR C 95 26.17 -16.70 -9.65
CA TYR C 95 26.10 -18.00 -8.99
C TYR C 95 27.50 -18.62 -9.01
N SER C 96 28.17 -18.63 -7.85
CA SER C 96 29.52 -19.17 -7.79
C SER C 96 29.88 -19.46 -6.35
N THR C 97 30.73 -20.46 -6.14
CA THR C 97 31.20 -20.82 -4.79
C THR C 97 32.14 -19.80 -4.21
N ASP C 98 32.64 -18.86 -5.04
CA ASP C 98 33.52 -17.79 -4.58
C ASP C 98 32.73 -16.59 -4.05
N VAL C 99 31.40 -16.63 -4.12
CA VAL C 99 30.60 -15.50 -3.71
C VAL C 99 30.79 -15.30 -2.21
N SER C 100 31.03 -14.05 -1.82
CA SER C 100 31.13 -13.67 -0.43
C SER C 100 30.64 -12.26 -0.27
N VAL C 101 30.55 -11.81 0.98
CA VAL C 101 30.04 -10.48 1.22
C VAL C 101 31.02 -9.48 0.62
N ASP C 102 32.31 -9.80 0.70
CA ASP C 102 33.31 -8.86 0.26
C ASP C 102 33.44 -8.85 -1.26
N GLU C 103 33.30 -9.98 -1.93
CA GLU C 103 33.23 -9.96 -3.39
C GLU C 103 31.96 -9.27 -3.90
N VAL C 104 30.84 -9.40 -3.17
CA VAL C 104 29.61 -8.75 -3.60
C VAL C 104 29.69 -7.24 -3.36
N LYS C 105 30.33 -6.81 -2.27
CA LYS C 105 30.51 -5.38 -2.03
C LYS C 105 31.45 -4.75 -3.05
N ALA C 106 32.52 -5.45 -3.42
CA ALA C 106 33.47 -4.95 -4.40
C ALA C 106 32.79 -4.73 -5.75
N LEU C 107 32.10 -5.76 -6.25
CA LEU C 107 31.43 -5.65 -7.53
C LEU C 107 30.32 -4.61 -7.49
N ALA C 108 29.66 -4.43 -6.35
CA ALA C 108 28.62 -3.41 -6.27
C ALA C 108 29.20 -2.01 -6.43
N SER C 109 30.39 -1.76 -5.85
CA SER C 109 30.98 -0.42 -5.97
C SER C 109 31.48 -0.19 -7.39
N LEU C 110 32.05 -1.21 -8.04
CA LEU C 110 32.43 -1.11 -9.45
C LEU C 110 31.23 -0.74 -10.31
N MET C 111 30.06 -1.27 -9.96
CA MET C 111 28.87 -0.96 -10.74
C MET C 111 28.52 0.52 -10.63
N THR C 112 28.65 1.10 -9.43
CA THR C 112 28.42 2.53 -9.26
C THR C 112 29.31 3.34 -10.20
N TYR C 113 30.63 3.08 -10.14
CA TYR C 113 31.57 3.90 -10.89
C TYR C 113 31.50 3.63 -12.38
N LYS C 114 31.22 2.39 -12.76
CA LYS C 114 31.05 2.08 -14.17
C LYS C 114 29.85 2.81 -14.75
N CYS C 115 28.74 2.84 -14.01
CA CYS C 115 27.55 3.56 -14.47
C CYS C 115 27.85 5.05 -14.62
N ALA C 116 28.61 5.62 -13.69
CA ALA C 116 28.98 7.02 -13.79
C ALA C 116 29.85 7.27 -15.02
N VAL C 117 30.78 6.36 -15.34
CA VAL C 117 31.67 6.54 -16.47
C VAL C 117 30.88 6.67 -17.77
N VAL C 118 29.88 5.82 -17.92
CA VAL C 118 29.07 5.74 -19.13
C VAL C 118 27.77 6.52 -18.98
N ASP C 119 27.55 7.12 -17.83
CA ASP C 119 26.52 8.14 -17.65
C ASP C 119 25.16 7.48 -17.75
N VAL C 120 25.06 6.34 -17.06
CA VAL C 120 23.85 5.57 -16.90
C VAL C 120 23.29 5.87 -15.50
N PRO C 121 22.03 6.35 -15.38
CA PRO C 121 21.56 6.95 -14.11
C PRO C 121 21.12 5.91 -13.08
N PHE C 122 22.03 5.01 -12.73
CA PHE C 122 21.80 3.95 -11.75
C PHE C 122 22.86 4.02 -10.69
N GLY C 123 22.49 3.77 -9.44
CA GLY C 123 23.48 3.44 -8.42
C GLY C 123 23.93 1.99 -8.53
N GLY C 124 25.04 1.66 -7.89
CA GLY C 124 25.61 0.31 -8.01
C GLY C 124 25.03 -0.70 -7.03
N ALA C 125 24.86 -1.93 -7.53
CA ALA C 125 24.43 -3.05 -6.70
C ALA C 125 24.95 -4.33 -7.33
N LYS C 126 24.94 -5.41 -6.55
CA LYS C 126 25.38 -6.70 -7.05
C LYS C 126 24.88 -7.79 -6.10
N ALA C 127 24.49 -8.93 -6.66
CA ALA C 127 24.06 -10.07 -5.86
C ALA C 127 24.89 -11.32 -6.16
N GLY C 128 24.91 -12.22 -5.20
CA GLY C 128 25.59 -13.48 -5.37
C GLY C 128 24.95 -14.60 -4.59
N VAL C 129 24.93 -15.81 -5.18
CA VAL C 129 24.44 -17.00 -4.50
C VAL C 129 25.59 -18.01 -4.47
N LYS C 130 25.94 -18.48 -3.27
CA LYS C 130 27.05 -19.44 -3.07
C LYS C 130 26.74 -20.87 -3.45
N ILE C 131 26.68 -21.10 -4.76
CA ILE C 131 26.53 -22.43 -5.30
C ILE C 131 27.40 -22.58 -6.55
N ASN C 132 27.67 -23.82 -6.90
CA ASN C 132 28.24 -24.13 -8.19
C ASN C 132 27.12 -24.68 -9.05
N PRO C 133 26.59 -23.91 -10.00
CA PRO C 133 25.37 -24.33 -10.71
C PRO C 133 25.52 -25.63 -11.48
N LYS C 134 26.74 -26.09 -11.73
CA LYS C 134 26.85 -27.37 -12.44
C LYS C 134 26.35 -28.54 -11.59
N ASN C 135 26.39 -28.42 -10.25
CA ASN C 135 25.98 -29.42 -9.29
C ASN C 135 24.48 -29.42 -9.01
N TYR C 136 23.66 -28.79 -9.85
CA TYR C 136 22.24 -28.69 -9.56
C TYR C 136 21.48 -28.98 -10.84
N THR C 137 20.29 -29.55 -10.69
CA THR C 137 19.44 -29.73 -11.86
C THR C 137 18.80 -28.40 -12.24
N ASP C 138 18.22 -28.34 -13.43
CA ASP C 138 17.46 -27.16 -13.82
C ASP C 138 16.27 -26.96 -12.87
N ASN C 139 15.66 -28.06 -12.43
CA ASN C 139 14.58 -27.95 -11.45
C ASN C 139 15.08 -27.29 -10.17
N GLU C 140 16.27 -27.67 -9.72
CA GLU C 140 16.79 -27.12 -8.47
C GLU C 140 17.16 -25.65 -8.63
N LEU C 141 17.76 -25.30 -9.77
CA LEU C 141 18.18 -23.92 -9.99
C LEU C 141 16.99 -22.99 -10.11
N GLU C 142 15.91 -23.45 -10.74
CA GLU C 142 14.68 -22.67 -10.75
C GLU C 142 14.23 -22.34 -9.34
N LYS C 143 14.20 -23.34 -8.47
CA LYS C 143 13.71 -23.11 -7.12
C LYS C 143 14.62 -22.13 -6.39
N ILE C 144 15.94 -22.30 -6.51
CA ILE C 144 16.90 -21.40 -5.89
C ILE C 144 16.65 -19.97 -6.37
N THR C 145 16.47 -19.82 -7.68
CA THR C 145 16.31 -18.49 -8.23
C THR C 145 14.99 -17.86 -7.80
N ARG C 146 13.88 -18.61 -7.90
CA ARG C 146 12.58 -18.02 -7.57
C ARG C 146 12.51 -17.65 -6.11
N ARG C 147 13.17 -18.44 -5.29
CA ARG C 147 13.19 -18.17 -3.88
C ARG C 147 14.07 -17.01 -3.51
N PHE C 148 15.25 -16.97 -4.11
CA PHE C 148 16.15 -15.85 -3.90
C PHE C 148 15.46 -14.55 -4.23
N THR C 149 14.64 -14.56 -5.27
CA THR C 149 13.89 -13.37 -5.67
C THR C 149 12.91 -12.95 -4.58
N MET C 150 12.20 -13.91 -3.99
CA MET C 150 11.18 -13.52 -3.04
C MET C 150 11.79 -12.96 -1.76
N GLU C 151 12.87 -13.52 -1.35
CA GLU C 151 13.50 -13.01 -0.15
C GLU C 151 14.07 -11.61 -0.39
N LEU C 152 14.53 -11.37 -1.60
CA LEU C 152 15.02 -10.03 -1.93
C LEU C 152 13.86 -9.05 -1.98
N ALA C 153 12.74 -9.46 -2.59
CA ALA C 153 11.62 -8.55 -2.77
C ALA C 153 10.97 -8.15 -1.45
N LYS C 154 10.92 -9.07 -0.48
CA LYS C 154 10.28 -8.74 0.78
C LYS C 154 11.03 -7.67 1.54
N LYS C 155 12.36 -7.61 1.36
CA LYS C 155 13.20 -6.64 2.05
C LYS C 155 13.59 -5.46 1.16
N GLY C 156 12.89 -5.27 0.04
CA GLY C 156 13.14 -4.12 -0.80
C GLY C 156 14.49 -4.11 -1.47
N PHE C 157 15.00 -5.28 -1.86
CA PHE C 157 16.26 -5.40 -2.57
C PHE C 157 16.05 -5.86 -4.00
N ILE C 158 14.80 -5.84 -4.48
CA ILE C 158 14.53 -5.87 -5.91
C ILE C 158 13.20 -5.17 -6.16
N GLY C 159 13.14 -4.43 -7.26
CA GLY C 159 11.96 -3.67 -7.63
C GLY C 159 12.30 -2.67 -8.74
N PRO C 160 11.36 -2.40 -9.63
CA PRO C 160 11.65 -1.51 -10.76
C PRO C 160 12.22 -0.14 -10.36
N GLY C 161 11.76 0.44 -9.27
CA GLY C 161 12.27 1.72 -8.81
C GLY C 161 13.26 1.63 -7.67
N VAL C 162 13.79 0.45 -7.39
CA VAL C 162 14.58 0.23 -6.19
C VAL C 162 15.90 -0.41 -6.57
N ASP C 163 15.83 -1.51 -7.30
CA ASP C 163 17.01 -2.35 -7.57
C ASP C 163 16.68 -3.33 -8.66
N VAL C 164 17.41 -3.27 -9.77
CA VAL C 164 17.10 -4.01 -10.98
C VAL C 164 18.28 -4.91 -11.31
N PRO C 165 18.17 -6.23 -11.04
CA PRO C 165 19.28 -7.13 -11.33
C PRO C 165 19.45 -7.44 -12.81
N ALA C 166 20.35 -8.38 -13.11
CA ALA C 166 20.81 -8.66 -14.48
C ALA C 166 21.69 -9.91 -14.45
N PRO C 167 22.10 -10.44 -15.59
CA PRO C 167 22.99 -11.60 -15.58
C PRO C 167 24.40 -11.26 -15.12
N ASP C 168 25.10 -12.27 -14.59
CA ASP C 168 26.53 -12.24 -14.33
C ASP C 168 27.07 -13.66 -14.53
N MET C 169 28.18 -14.03 -13.87
CA MET C 169 28.76 -15.34 -14.11
C MET C 169 27.77 -16.44 -13.75
N SER C 170 27.55 -17.34 -14.70
CA SER C 170 26.73 -18.54 -14.53
C SER C 170 25.25 -18.24 -14.41
N THR C 171 24.80 -17.02 -14.74
CA THR C 171 23.37 -16.74 -14.88
C THR C 171 23.15 -16.12 -16.26
N GLY C 172 21.92 -16.22 -16.74
CA GLY C 172 21.62 -15.73 -18.06
C GLY C 172 20.15 -15.47 -18.24
N GLU C 173 19.76 -15.32 -19.50
CA GLU C 173 18.38 -15.21 -19.96
C GLU C 173 17.42 -16.04 -19.12
N ARG C 174 17.80 -17.30 -18.87
CA ARG C 174 16.89 -18.24 -18.23
C ARG C 174 16.60 -17.83 -16.79
N GLU C 175 17.65 -17.53 -16.01
CA GLU C 175 17.45 -17.08 -14.64
C GLU C 175 16.67 -15.77 -14.61
N MET C 176 16.92 -14.88 -15.58
CA MET C 176 16.26 -13.58 -15.57
C MET C 176 14.76 -13.75 -15.83
N SER C 177 14.38 -14.68 -16.70
CA SER C 177 12.98 -15.10 -16.78
C SER C 177 12.36 -15.50 -15.45
N TRP C 178 13.04 -16.35 -14.73
CA TRP C 178 12.47 -16.80 -13.47
C TRP C 178 12.32 -15.65 -12.48
N ILE C 179 13.28 -14.73 -12.48
CA ILE C 179 13.23 -13.58 -11.58
C ILE C 179 12.05 -12.69 -11.93
N ALA C 180 11.87 -12.39 -13.21
CA ALA C 180 10.79 -11.49 -13.60
C ALA C 180 9.43 -12.12 -13.35
N ASP C 181 9.29 -13.42 -13.67
CA ASP C 181 8.00 -14.09 -13.44
C ASP C 181 7.64 -14.11 -11.96
N THR C 182 8.60 -14.43 -11.10
CA THR C 182 8.32 -14.50 -9.68
C THR C 182 7.94 -13.14 -9.13
N TYR C 183 8.60 -12.09 -9.59
CA TYR C 183 8.28 -10.74 -9.12
C TYR C 183 6.90 -10.30 -9.59
N ALA C 184 6.65 -10.36 -10.89
CA ALA C 184 5.40 -9.88 -11.47
C ALA C 184 4.17 -10.72 -11.07
N SER C 185 4.35 -11.87 -10.44
CA SER C 185 3.23 -12.72 -10.03
C SER C 185 2.94 -12.63 -8.55
N THR C 186 3.85 -12.06 -7.76
CA THR C 186 3.63 -11.87 -6.35
C THR C 186 3.62 -10.37 -6.11
N ILE C 187 4.69 -9.79 -5.55
CA ILE C 187 4.68 -8.40 -5.09
C ILE C 187 4.31 -7.41 -6.20
N GLY C 188 4.57 -7.75 -7.45
CA GLY C 188 4.37 -6.79 -8.50
C GLY C 188 3.14 -6.98 -9.34
N HIS C 189 2.12 -7.66 -8.80
CA HIS C 189 0.97 -7.97 -9.65
C HIS C 189 0.23 -6.72 -10.13
N TYR C 190 0.30 -5.63 -9.38
CA TYR C 190 -0.43 -4.42 -9.76
C TYR C 190 0.47 -3.34 -10.34
N ASP C 191 1.78 -3.58 -10.40
CA ASP C 191 2.76 -2.61 -10.87
C ASP C 191 2.77 -2.59 -12.40
N ILE C 192 2.42 -1.44 -12.98
CA ILE C 192 2.47 -1.32 -14.43
C ILE C 192 3.90 -1.50 -14.96
N ASN C 193 4.91 -1.39 -14.08
CA ASN C 193 6.29 -1.58 -14.51
C ASN C 193 6.92 -2.86 -13.96
N ALA C 194 6.10 -3.86 -13.64
CA ALA C 194 6.63 -5.05 -12.96
C ALA C 194 7.79 -5.68 -13.74
N HIS C 195 7.70 -5.72 -15.06
CA HIS C 195 8.73 -6.42 -15.81
C HIS C 195 10.01 -5.62 -15.99
N ALA C 196 10.03 -4.35 -15.57
CA ALA C 196 11.26 -3.61 -15.49
C ALA C 196 12.06 -3.94 -14.22
N CYS C 197 11.66 -4.97 -13.47
CA CYS C 197 12.35 -5.33 -12.24
C CYS C 197 13.69 -6.01 -12.48
N VAL C 198 13.96 -6.46 -13.69
CA VAL C 198 15.22 -7.14 -13.99
C VAL C 198 15.50 -6.93 -15.47
N THR C 199 16.78 -6.89 -15.83
CA THR C 199 17.17 -6.83 -17.24
C THR C 199 17.93 -8.09 -17.62
N GLY C 200 18.27 -8.19 -18.90
CA GLY C 200 18.79 -9.43 -19.44
C GLY C 200 17.74 -10.46 -19.74
N LYS C 201 16.46 -10.06 -19.86
CA LYS C 201 15.37 -11.03 -20.03
C LYS C 201 15.34 -11.53 -21.47
N PRO C 202 14.76 -12.71 -21.71
CA PRO C 202 14.56 -13.13 -23.10
C PRO C 202 13.69 -12.13 -23.85
N ILE C 203 13.90 -12.03 -25.16
CA ILE C 203 13.22 -11.02 -25.95
C ILE C 203 11.72 -11.22 -25.90
N SER C 204 11.28 -12.47 -25.89
CA SER C 204 9.85 -12.73 -25.83
C SER C 204 9.23 -12.31 -24.52
N GLN C 205 10.01 -11.72 -23.62
CA GLN C 205 9.59 -11.48 -22.26
C GLN C 205 9.82 -10.05 -21.84
N GLY C 206 10.02 -9.18 -22.82
CA GLY C 206 10.43 -7.83 -22.51
C GLY C 206 11.92 -7.61 -22.55
N GLY C 207 12.69 -8.62 -22.95
CA GLY C 207 14.08 -8.40 -23.27
C GLY C 207 14.23 -7.47 -24.46
N ILE C 208 15.48 -7.11 -24.73
CA ILE C 208 15.80 -6.18 -25.81
C ILE C 208 16.81 -6.84 -26.73
N HIS C 209 16.76 -6.46 -28.00
CA HIS C 209 17.69 -6.97 -28.99
C HIS C 209 19.12 -6.72 -28.55
N GLY C 210 19.95 -7.74 -28.64
CA GLY C 210 21.37 -7.55 -28.42
C GLY C 210 21.87 -7.54 -26.99
N ARG C 211 21.01 -7.69 -25.96
CA ARG C 211 21.53 -7.69 -24.59
C ARG C 211 22.52 -8.81 -24.38
N ILE C 212 22.22 -9.99 -24.93
CA ILE C 212 23.11 -11.13 -24.74
C ILE C 212 24.53 -10.81 -25.19
N SER C 213 24.67 -10.30 -26.41
CA SER C 213 25.98 -9.96 -26.96
C SER C 213 26.46 -8.56 -26.58
N ALA C 214 25.71 -7.85 -25.75
CA ALA C 214 25.98 -6.43 -25.55
C ALA C 214 27.34 -6.18 -24.93
N THR C 215 27.75 -7.02 -23.97
CA THR C 215 29.00 -6.73 -23.24
C THR C 215 30.19 -6.91 -24.15
N GLY C 216 30.14 -7.89 -25.04
CA GLY C 216 31.23 -8.12 -25.98
C GLY C 216 31.25 -7.08 -27.08
N ARG C 217 30.07 -6.70 -27.57
CA ARG C 217 29.99 -5.64 -28.56
C ARG C 217 30.56 -4.34 -28.01
N GLY C 218 30.42 -4.09 -26.71
CA GLY C 218 31.05 -2.93 -26.11
C GLY C 218 32.51 -3.15 -25.75
N VAL C 219 32.93 -4.41 -25.66
CA VAL C 219 34.37 -4.72 -25.58
C VAL C 219 35.04 -4.39 -26.91
N PHE C 220 34.38 -4.72 -28.02
CA PHE C 220 34.90 -4.36 -29.34
C PHE C 220 35.00 -2.85 -29.51
N HIS C 221 33.93 -2.12 -29.18
CA HIS C 221 33.92 -0.67 -29.38
C HIS C 221 34.97 0.01 -28.51
N GLY C 222 35.12 -0.46 -27.27
CA GLY C 222 36.09 0.15 -26.37
C GLY C 222 37.52 -0.09 -26.78
N ILE C 223 37.79 -1.23 -27.41
CA ILE C 223 39.13 -1.48 -27.92
C ILE C 223 39.36 -0.66 -29.17
N GLU C 224 38.36 -0.58 -30.04
CA GLU C 224 38.58 0.07 -31.33
C GLU C 224 38.77 1.57 -31.13
N ASN C 225 38.16 2.11 -30.08
CA ASN C 225 38.34 3.53 -29.79
C ASN C 225 39.77 3.87 -29.39
N PHE C 226 40.49 2.91 -28.81
CA PHE C 226 41.89 3.14 -28.48
C PHE C 226 42.85 2.58 -29.50
N ILE C 227 42.47 1.51 -30.20
CA ILE C 227 43.32 0.91 -31.21
C ILE C 227 43.45 1.78 -32.46
N ASN C 228 42.59 2.78 -32.62
CA ASN C 228 42.66 3.71 -33.74
C ASN C 228 43.16 5.08 -33.33
N GLU C 229 43.75 5.19 -32.15
CA GLU C 229 44.29 6.43 -31.62
C GLU C 229 45.80 6.38 -31.82
N ALA C 230 46.30 7.17 -32.78
CA ALA C 230 47.73 7.15 -33.09
C ALA C 230 48.57 7.50 -31.87
N SER C 231 48.13 8.50 -31.09
CA SER C 231 48.86 8.92 -29.90
C SER C 231 49.15 7.74 -28.97
N TYR C 232 48.18 6.85 -28.77
CA TYR C 232 48.39 5.73 -27.85
C TYR C 232 49.09 4.57 -28.52
N MET C 233 48.70 4.25 -29.75
CA MET C 233 49.27 3.10 -30.45
C MET C 233 50.77 3.29 -30.71
N SER C 234 51.26 4.52 -30.63
CA SER C 234 52.69 4.76 -30.84
C SER C 234 53.50 4.42 -29.61
N ILE C 235 53.07 4.88 -28.43
CA ILE C 235 53.75 4.48 -27.19
C ILE C 235 53.81 2.97 -27.09
N LEU C 236 52.85 2.28 -27.68
CA LEU C 236 52.83 0.83 -27.65
C LEU C 236 53.67 0.22 -28.78
N GLY C 237 54.04 1.01 -29.78
CA GLY C 237 54.81 0.49 -30.91
C GLY C 237 53.94 -0.39 -31.79
N MET C 238 52.75 0.10 -32.17
CA MET C 238 51.81 -0.72 -32.91
C MET C 238 51.21 0.09 -34.00
N THR C 239 50.74 -0.60 -35.04
CA THR C 239 49.96 0.02 -36.10
C THR C 239 48.52 0.21 -35.65
N PRO C 240 47.90 1.35 -35.98
CA PRO C 240 46.46 1.49 -35.78
C PRO C 240 45.68 0.41 -36.52
N GLY C 241 44.50 0.09 -36.01
CA GLY C 241 43.58 -0.79 -36.69
C GLY C 241 43.64 -2.22 -36.18
N PHE C 242 42.72 -3.04 -36.70
CA PHE C 242 42.54 -4.42 -36.27
C PHE C 242 43.11 -5.44 -37.24
N GLY C 243 43.19 -5.10 -38.52
CA GLY C 243 43.46 -6.06 -39.58
C GLY C 243 44.69 -6.93 -39.40
N ASP C 244 45.58 -6.53 -38.50
CA ASP C 244 46.90 -7.15 -38.35
C ASP C 244 47.17 -7.60 -36.92
N LYS C 245 46.16 -7.85 -36.12
CA LYS C 245 46.45 -8.10 -34.72
C LYS C 245 45.84 -9.42 -34.24
N THR C 246 46.49 -10.00 -33.25
CA THR C 246 46.06 -11.23 -32.62
C THR C 246 45.57 -10.93 -31.20
N PHE C 247 44.72 -11.82 -30.69
CA PHE C 247 44.26 -11.66 -29.32
C PHE C 247 44.00 -13.03 -28.70
N ALA C 248 44.03 -13.05 -27.38
CA ALA C 248 43.64 -14.22 -26.63
C ALA C 248 42.58 -13.82 -25.61
N VAL C 249 41.60 -14.69 -25.40
CA VAL C 249 40.52 -14.42 -24.48
C VAL C 249 40.47 -15.54 -23.43
N GLN C 250 40.47 -15.16 -22.17
CA GLN C 250 40.27 -16.08 -21.06
C GLN C 250 38.81 -16.04 -20.68
N GLY C 251 38.13 -17.17 -20.81
CA GLY C 251 36.70 -17.19 -20.62
C GLY C 251 35.99 -17.24 -21.96
N PHE C 252 35.14 -18.24 -22.15
CA PHE C 252 34.38 -18.41 -23.37
C PHE C 252 32.88 -18.35 -23.10
N GLY C 253 32.48 -17.58 -22.10
CA GLY C 253 31.08 -17.42 -21.77
C GLY C 253 30.42 -16.23 -22.44
N ASN C 254 29.54 -15.54 -21.71
CA ASN C 254 28.78 -14.45 -22.32
C ASN C 254 29.70 -13.33 -22.84
N VAL C 255 30.68 -12.92 -22.02
CA VAL C 255 31.59 -11.85 -22.41
C VAL C 255 32.62 -12.37 -23.41
N GLY C 256 33.29 -13.49 -23.08
CA GLY C 256 34.36 -13.98 -23.94
C GLY C 256 33.91 -14.24 -25.36
N LEU C 257 32.84 -15.02 -25.52
CA LEU C 257 32.47 -15.50 -26.84
C LEU C 257 32.12 -14.33 -27.78
N HIS C 258 31.35 -13.36 -27.29
CA HIS C 258 30.92 -12.25 -28.16
C HIS C 258 32.03 -11.27 -28.41
N SER C 259 32.92 -11.03 -27.43
CA SER C 259 34.13 -10.27 -27.69
C SER C 259 34.90 -10.88 -28.86
N MET C 260 35.05 -12.20 -28.85
CA MET C 260 35.79 -12.88 -29.90
C MET C 260 35.03 -12.90 -31.21
N ARG C 261 33.69 -12.93 -31.16
CA ARG C 261 32.91 -12.83 -32.40
C ARG C 261 33.13 -11.50 -33.09
N TYR C 262 33.14 -10.40 -32.33
CA TYR C 262 33.17 -9.08 -32.96
C TYR C 262 34.57 -8.72 -33.42
N LEU C 263 35.60 -9.07 -32.67
CA LEU C 263 36.96 -8.78 -33.12
C LEU C 263 37.30 -9.58 -34.38
N HIS C 264 36.94 -10.87 -34.41
CA HIS C 264 37.12 -11.68 -35.61
C HIS C 264 36.44 -11.05 -36.81
N ARG C 265 35.29 -10.41 -36.59
CA ARG C 265 34.54 -9.83 -37.69
C ARG C 265 35.30 -8.70 -38.34
N PHE C 266 36.05 -7.92 -37.55
CA PHE C 266 36.77 -6.76 -38.05
C PHE C 266 38.24 -7.05 -38.27
N GLY C 267 38.59 -8.32 -38.53
CA GLY C 267 39.89 -8.67 -39.05
C GLY C 267 40.86 -9.25 -38.04
N ALA C 268 40.74 -8.90 -36.76
CA ALA C 268 41.63 -9.46 -35.77
C ALA C 268 41.46 -10.98 -35.72
N LYS C 269 42.46 -11.65 -35.17
CA LYS C 269 42.55 -13.09 -35.29
C LYS C 269 42.71 -13.70 -33.92
N CYS C 270 41.82 -14.63 -33.57
CA CYS C 270 41.82 -15.21 -32.22
C CYS C 270 42.86 -16.34 -32.17
N VAL C 271 43.81 -16.20 -31.24
CA VAL C 271 44.94 -17.11 -31.24
C VAL C 271 44.84 -18.12 -30.09
N ALA C 272 44.04 -17.86 -29.04
CA ALA C 272 43.93 -18.75 -27.87
C ALA C 272 42.63 -18.45 -27.13
N VAL C 273 42.02 -19.50 -26.61
CA VAL C 273 40.82 -19.44 -25.82
C VAL C 273 40.99 -20.34 -24.61
N GLY C 274 40.56 -19.87 -23.44
CA GLY C 274 40.69 -20.65 -22.22
C GLY C 274 39.42 -20.69 -21.40
N GLU C 275 39.27 -21.78 -20.64
CA GLU C 275 38.27 -21.88 -19.57
C GLU C 275 38.95 -22.50 -18.34
N SER C 276 38.15 -22.96 -17.36
CA SER C 276 38.71 -23.56 -16.16
C SER C 276 39.36 -24.92 -16.46
N ASP C 277 38.82 -25.64 -17.45
CA ASP C 277 39.40 -26.86 -18.02
C ASP C 277 40.86 -26.70 -18.34
N GLY C 278 41.21 -25.61 -19.03
CA GLY C 278 42.44 -25.41 -19.70
C GLY C 278 42.26 -24.53 -20.91
N SER C 279 43.25 -24.55 -21.81
CA SER C 279 43.20 -23.67 -22.99
C SER C 279 43.46 -24.44 -24.28
N ILE C 280 43.11 -23.80 -25.39
CA ILE C 280 43.45 -24.24 -26.73
C ILE C 280 44.16 -23.10 -27.46
N TRP C 281 44.84 -23.45 -28.55
CA TRP C 281 45.80 -22.54 -29.17
C TRP C 281 45.99 -22.93 -30.62
N ASN C 282 46.21 -21.91 -31.45
CA ASN C 282 46.48 -22.07 -32.87
C ASN C 282 46.88 -20.72 -33.43
N PRO C 283 48.15 -20.49 -33.72
CA PRO C 283 48.59 -19.17 -34.19
C PRO C 283 48.04 -18.79 -35.57
N ASP C 284 47.31 -19.68 -36.25
CA ASP C 284 46.66 -19.40 -37.52
C ASP C 284 45.24 -18.85 -37.35
N GLY C 285 44.72 -18.84 -36.14
CA GLY C 285 43.38 -18.30 -35.95
C GLY C 285 42.41 -19.40 -35.60
N ILE C 286 41.50 -19.06 -34.69
CA ILE C 286 40.39 -19.93 -34.29
C ILE C 286 39.10 -19.27 -34.72
N ASP C 287 38.19 -20.06 -35.30
CA ASP C 287 36.95 -19.46 -35.78
C ASP C 287 35.88 -19.46 -34.69
N PRO C 288 35.24 -18.33 -34.41
CA PRO C 288 34.30 -18.26 -33.28
C PRO C 288 33.08 -19.13 -33.46
N LYS C 289 32.59 -19.16 -34.68
CA LYS C 289 31.40 -19.91 -35.00
C LYS C 289 31.59 -21.42 -34.78
N GLU C 290 32.65 -22.00 -35.36
CA GLU C 290 32.82 -23.44 -35.22
C GLU C 290 33.30 -23.82 -33.82
N LEU C 291 33.98 -22.89 -33.11
CA LEU C 291 34.33 -23.18 -31.72
C LEU C 291 33.10 -23.21 -30.84
N GLU C 292 32.17 -22.29 -31.08
CA GLU C 292 30.92 -22.29 -30.32
C GLU C 292 30.14 -23.57 -30.59
N ASP C 293 30.03 -23.97 -31.86
CA ASP C 293 29.33 -25.20 -32.21
C ASP C 293 29.96 -26.40 -31.50
N PHE C 294 31.28 -26.40 -31.36
CA PHE C 294 31.96 -27.50 -30.68
C PHE C 294 31.63 -27.51 -29.20
N LYS C 295 31.65 -26.34 -28.56
CA LYS C 295 31.37 -26.31 -27.13
C LYS C 295 29.92 -26.71 -26.84
N LEU C 296 28.96 -26.18 -27.64
CA LEU C 296 27.60 -26.63 -27.38
C LEU C 296 27.44 -28.15 -27.61
N GLN C 297 28.23 -28.79 -28.51
CA GLN C 297 28.18 -30.25 -28.70
C GLN C 297 28.79 -31.03 -27.57
N HIS C 298 29.97 -30.64 -27.16
CA HIS C 298 30.76 -31.49 -26.28
C HIS C 298 30.88 -30.94 -24.88
N GLY C 299 30.42 -29.71 -24.61
CA GLY C 299 30.48 -29.17 -23.27
C GLY C 299 31.84 -28.71 -22.82
N THR C 300 32.83 -28.71 -23.72
CA THR C 300 34.17 -28.24 -23.41
C THR C 300 34.79 -27.72 -24.70
N ILE C 301 35.79 -26.85 -24.55
CA ILE C 301 36.57 -26.46 -25.72
C ILE C 301 37.73 -27.44 -25.94
N LEU C 302 38.20 -28.12 -24.90
CA LEU C 302 39.37 -28.96 -25.06
C LEU C 302 39.07 -30.04 -26.07
N GLY C 303 40.01 -30.26 -26.99
CA GLY C 303 39.82 -31.22 -28.05
C GLY C 303 39.22 -30.65 -29.30
N PHE C 304 39.15 -29.33 -29.41
CA PHE C 304 38.79 -28.72 -30.68
C PHE C 304 39.71 -29.28 -31.75
N PRO C 305 39.18 -29.79 -32.86
CA PRO C 305 40.07 -30.36 -33.88
C PRO C 305 41.02 -29.36 -34.52
N LYS C 306 40.60 -28.12 -34.76
CA LYS C 306 41.43 -27.15 -35.46
C LYS C 306 42.29 -26.31 -34.52
N ALA C 307 42.73 -26.87 -33.42
CA ALA C 307 43.64 -26.17 -32.51
C ALA C 307 44.24 -27.21 -31.59
N LYS C 308 45.24 -26.77 -30.82
CA LYS C 308 45.98 -27.67 -29.95
C LYS C 308 45.77 -27.27 -28.51
N ILE C 309 45.72 -28.28 -27.64
CA ILE C 309 45.66 -28.08 -26.19
C ILE C 309 46.93 -27.38 -25.72
N TYR C 310 46.77 -26.13 -25.32
CA TYR C 310 47.89 -25.31 -24.88
C TYR C 310 48.17 -25.61 -23.42
N GLU C 311 49.40 -26.08 -23.17
CA GLU C 311 50.00 -26.07 -21.85
C GLU C 311 50.64 -24.72 -21.62
N GLY C 312 50.32 -24.08 -20.50
CA GLY C 312 51.14 -22.96 -20.07
C GLY C 312 50.48 -21.61 -19.85
N SER C 313 49.18 -21.61 -19.52
CA SER C 313 48.49 -20.41 -19.08
C SER C 313 48.24 -19.42 -20.22
N ILE C 314 47.00 -19.35 -20.69
CA ILE C 314 46.53 -18.33 -21.61
C ILE C 314 47.08 -16.94 -21.31
N LEU C 315 46.98 -16.52 -20.05
CA LEU C 315 47.30 -15.14 -19.73
C LEU C 315 48.70 -14.74 -20.21
N GLU C 316 49.59 -15.70 -20.47
CA GLU C 316 50.93 -15.42 -20.92
C GLU C 316 51.14 -15.81 -22.38
N VAL C 317 50.08 -16.20 -23.08
CA VAL C 317 50.22 -16.57 -24.48
C VAL C 317 50.68 -15.35 -25.28
N ASP C 318 51.24 -15.65 -26.45
CA ASP C 318 51.85 -14.66 -27.34
C ASP C 318 50.76 -14.04 -28.22
N CYS C 319 50.51 -12.75 -28.03
CA CYS C 319 49.46 -12.05 -28.79
C CYS C 319 49.62 -10.55 -28.60
N ASP C 320 48.80 -9.80 -29.33
CA ASP C 320 48.79 -8.35 -29.14
C ASP C 320 47.88 -7.96 -27.99
N ILE C 321 46.66 -8.48 -27.98
CA ILE C 321 45.61 -8.08 -27.05
C ILE C 321 45.22 -9.28 -26.21
N LEU C 322 45.24 -9.12 -24.89
CA LEU C 322 44.77 -10.16 -23.98
C LEU C 322 43.45 -9.72 -23.34
N ILE C 323 42.42 -10.56 -23.46
CA ILE C 323 41.11 -10.21 -22.94
C ILE C 323 40.75 -11.12 -21.76
N PRO C 324 41.01 -10.71 -20.51
CA PRO C 324 40.44 -11.42 -19.35
C PRO C 324 38.92 -11.26 -19.34
N ALA C 325 38.20 -12.38 -19.49
CA ALA C 325 36.74 -12.38 -19.51
C ALA C 325 36.21 -13.47 -18.58
N ALA C 326 36.82 -13.61 -17.42
CA ALA C 326 36.37 -14.61 -16.47
C ALA C 326 36.31 -14.02 -15.06
N SER C 327 37.07 -14.58 -14.13
CA SER C 327 36.97 -14.15 -12.74
C SER C 327 37.83 -12.93 -12.46
N GLU C 328 37.82 -12.50 -11.22
CA GLU C 328 38.65 -11.38 -10.80
C GLU C 328 40.03 -11.86 -10.40
N LYS C 329 40.94 -10.90 -10.28
CA LYS C 329 42.27 -11.11 -9.72
C LYS C 329 43.00 -12.25 -10.43
N GLN C 330 43.02 -12.15 -11.75
CA GLN C 330 43.68 -13.12 -12.60
C GLN C 330 45.12 -12.71 -12.98
N LEU C 331 45.38 -11.42 -13.06
CA LEU C 331 46.67 -10.84 -13.41
C LEU C 331 47.23 -10.30 -12.07
N THR C 332 48.28 -10.93 -11.56
CA THR C 332 48.79 -10.64 -10.22
C THR C 332 50.23 -10.14 -10.31
N LYS C 333 50.82 -9.82 -9.14
CA LYS C 333 52.24 -9.50 -9.05
C LYS C 333 53.12 -10.54 -9.73
N SER C 334 52.99 -11.79 -9.29
CA SER C 334 53.76 -12.90 -9.83
C SER C 334 53.51 -13.17 -11.32
N ASN C 335 52.44 -12.62 -11.88
CA ASN C 335 51.95 -12.96 -13.20
C ASN C 335 52.33 -11.94 -14.27
N ALA C 336 52.34 -10.65 -13.91
CA ALA C 336 52.45 -9.61 -14.92
C ALA C 336 53.77 -9.61 -15.66
N PRO C 337 54.93 -9.96 -15.04
CA PRO C 337 56.18 -10.07 -15.80
C PRO C 337 56.12 -10.84 -17.11
N ARG C 338 55.30 -11.89 -17.27
CA ARG C 338 55.35 -12.63 -18.55
C ARG C 338 54.21 -12.40 -19.46
N VAL C 339 53.48 -11.29 -19.35
CA VAL C 339 52.15 -11.28 -19.93
C VAL C 339 52.17 -11.28 -21.46
N LYS C 340 53.27 -10.86 -22.10
CA LYS C 340 53.47 -11.11 -23.54
C LYS C 340 52.35 -10.54 -24.44
N ALA C 341 51.63 -9.53 -23.97
CA ALA C 341 50.75 -8.73 -24.81
C ALA C 341 50.98 -7.26 -24.49
N LYS C 342 50.57 -6.39 -25.41
CA LYS C 342 50.73 -4.96 -25.20
C LYS C 342 49.46 -4.28 -24.74
N ILE C 343 48.30 -4.86 -25.01
CA ILE C 343 47.01 -4.32 -24.61
C ILE C 343 46.29 -5.38 -23.77
N ILE C 344 45.86 -4.98 -22.57
CA ILE C 344 45.03 -5.80 -21.70
C ILE C 344 43.64 -5.16 -21.68
N ALA C 345 42.67 -5.84 -22.30
CA ALA C 345 41.28 -5.35 -22.38
C ALA C 345 40.44 -6.08 -21.34
N GLU C 346 40.17 -5.41 -20.23
CA GLU C 346 39.48 -6.03 -19.09
C GLU C 346 37.97 -6.13 -19.39
N GLY C 347 37.55 -7.28 -19.94
CA GLY C 347 36.15 -7.60 -20.07
C GLY C 347 35.57 -8.04 -18.75
N ALA C 348 36.32 -8.85 -18.01
CA ALA C 348 35.91 -9.22 -16.67
C ALA C 348 35.94 -8.01 -15.74
N ASN C 349 35.27 -8.16 -14.61
CA ASN C 349 35.38 -7.22 -13.50
C ASN C 349 36.54 -7.57 -12.59
N GLY C 350 37.34 -6.54 -12.26
CA GLY C 350 38.50 -6.63 -11.39
C GLY C 350 39.47 -7.74 -11.71
N PRO C 351 39.89 -7.90 -12.98
CA PRO C 351 40.79 -9.02 -13.29
C PRO C 351 42.27 -8.73 -13.04
N THR C 352 42.61 -7.50 -12.64
CA THR C 352 44.00 -7.09 -12.43
C THR C 352 44.15 -6.46 -11.04
N THR C 353 45.10 -6.98 -10.24
CA THR C 353 45.41 -6.42 -8.93
C THR C 353 46.15 -5.08 -9.07
N PRO C 354 46.15 -4.24 -8.02
CA PRO C 354 46.89 -2.97 -8.10
C PRO C 354 48.36 -3.19 -8.36
N GLU C 355 48.89 -4.26 -7.82
CA GLU C 355 50.31 -4.52 -7.99
C GLU C 355 50.66 -5.04 -9.37
N ALA C 356 49.70 -5.68 -10.06
CA ALA C 356 49.89 -5.93 -11.48
C ALA C 356 49.75 -4.65 -12.29
N ASP C 357 49.00 -3.67 -11.80
CA ASP C 357 48.90 -2.38 -12.49
C ASP C 357 50.26 -1.69 -12.52
N LYS C 358 50.97 -1.67 -11.39
CA LYS C 358 52.27 -1.01 -11.33
C LYS C 358 53.22 -1.59 -12.37
N ILE C 359 53.25 -2.93 -12.47
CA ILE C 359 54.10 -3.58 -13.46
C ILE C 359 53.71 -3.16 -14.86
N PHE C 360 52.44 -3.33 -15.21
CA PHE C 360 52.00 -3.05 -16.57
C PHE C 360 52.32 -1.61 -16.98
N LEU C 361 52.22 -0.68 -16.04
CA LEU C 361 52.64 0.69 -16.30
C LEU C 361 54.08 0.76 -16.76
N GLU C 362 55.00 0.20 -16.01
CA GLU C 362 56.39 0.43 -16.36
C GLU C 362 56.94 -0.57 -17.37
N ARG C 363 56.13 -1.49 -17.89
CA ARG C 363 56.46 -2.16 -19.15
C ARG C 363 55.76 -1.52 -20.34
N ASN C 364 55.09 -0.36 -20.13
CA ASN C 364 54.32 0.31 -21.19
C ASN C 364 53.28 -0.61 -21.82
N ILE C 365 52.55 -1.32 -20.96
CA ILE C 365 51.41 -2.10 -21.38
C ILE C 365 50.16 -1.30 -21.04
N MET C 366 49.23 -1.23 -21.98
CA MET C 366 48.02 -0.43 -21.81
C MET C 366 46.89 -1.29 -21.28
N VAL C 367 46.33 -0.91 -20.14
CA VAL C 367 45.19 -1.60 -19.54
C VAL C 367 43.94 -0.76 -19.80
N ILE C 368 43.05 -1.26 -20.65
CA ILE C 368 41.75 -0.62 -20.82
C ILE C 368 40.86 -1.12 -19.69
N PRO C 369 40.48 -0.25 -18.75
CA PRO C 369 39.91 -0.71 -17.48
C PRO C 369 38.46 -1.14 -17.57
N ASP C 370 38.12 -2.08 -16.67
CA ASP C 370 36.78 -2.65 -16.60
C ASP C 370 35.68 -1.63 -16.55
N LEU C 371 35.73 -0.73 -15.59
CA LEU C 371 34.70 0.25 -15.37
C LEU C 371 34.41 1.08 -16.60
N TYR C 372 35.29 1.07 -17.64
CA TYR C 372 34.90 1.60 -18.95
C TYR C 372 34.53 0.47 -19.91
N LEU C 373 35.37 -0.56 -19.96
CA LEU C 373 35.36 -1.49 -21.08
C LEU C 373 34.15 -2.42 -21.07
N ASN C 374 33.75 -2.89 -19.91
CA ASN C 374 32.65 -3.86 -19.91
C ASN C 374 31.28 -3.20 -19.69
N ALA C 375 31.22 -1.87 -19.59
CA ALA C 375 29.97 -1.14 -19.34
C ALA C 375 28.96 -1.25 -20.46
N GLY C 376 29.25 -2.02 -21.51
CA GLY C 376 28.28 -2.21 -22.56
C GLY C 376 27.05 -2.99 -22.12
N GLY C 377 27.23 -3.88 -21.16
CA GLY C 377 26.10 -4.65 -20.68
C GLY C 377 25.13 -3.78 -19.91
N VAL C 378 25.64 -2.92 -19.04
CA VAL C 378 24.75 -2.07 -18.26
C VAL C 378 24.14 -0.98 -19.13
N THR C 379 24.85 -0.56 -20.18
CA THR C 379 24.28 0.43 -21.11
C THR C 379 23.06 -0.13 -21.81
N VAL C 380 23.17 -1.37 -22.32
CA VAL C 380 22.03 -1.95 -23.04
C VAL C 380 20.95 -2.43 -22.07
N SER C 381 21.33 -2.80 -20.83
CA SER C 381 20.34 -3.05 -19.80
C SER C 381 19.52 -1.80 -19.51
N TYR C 382 20.18 -0.63 -19.52
CA TYR C 382 19.48 0.63 -19.33
C TYR C 382 18.46 0.84 -20.44
N PHE C 383 18.83 0.52 -21.69
CA PHE C 383 17.88 0.62 -22.79
C PHE C 383 16.69 -0.32 -22.57
N GLU C 384 16.95 -1.56 -22.12
CA GLU C 384 15.89 -2.52 -21.86
C GLU C 384 14.94 -2.03 -20.79
N TRP C 385 15.49 -1.49 -19.70
CA TRP C 385 14.65 -0.96 -18.63
C TRP C 385 13.75 0.16 -19.15
N LEU C 386 14.34 1.09 -19.89
CA LEU C 386 13.59 2.17 -20.54
C LEU C 386 12.48 1.61 -21.42
N LYS C 387 12.82 0.60 -22.20
CA LYS C 387 11.85 -0.01 -23.10
C LYS C 387 10.65 -0.56 -22.33
N ASN C 388 10.91 -1.28 -21.23
CA ASN C 388 9.80 -1.77 -20.42
C ASN C 388 8.96 -0.61 -19.87
N LEU C 389 9.60 0.45 -19.40
CA LEU C 389 8.85 1.60 -18.90
C LEU C 389 7.94 2.20 -19.98
N ASN C 390 8.37 2.18 -21.26
CA ASN C 390 7.61 2.81 -22.32
C ASN C 390 6.52 1.94 -22.94
N HIS C 391 6.65 0.62 -22.88
CA HIS C 391 5.61 -0.31 -23.35
C HIS C 391 5.34 -0.20 -24.85
N VAL C 392 6.33 0.23 -25.65
CA VAL C 392 6.28 0.09 -27.10
C VAL C 392 7.65 -0.36 -27.63
N SER C 393 7.59 -1.14 -28.72
CA SER C 393 8.76 -1.34 -29.56
C SER C 393 9.10 -0.02 -30.22
N TYR C 394 10.36 0.38 -30.08
CA TYR C 394 10.86 1.57 -30.73
C TYR C 394 10.45 1.62 -32.19
N GLY C 395 10.00 2.80 -32.63
CA GLY C 395 9.62 3.04 -34.00
C GLY C 395 8.21 2.62 -34.36
N ARG C 396 7.55 1.83 -33.51
CA ARG C 396 6.28 1.21 -33.87
C ARG C 396 5.24 2.23 -34.28
N LEU C 397 5.18 3.36 -33.57
CA LEU C 397 4.17 4.37 -33.85
C LEU C 397 4.54 5.26 -35.02
N THR C 398 5.79 5.22 -35.49
CA THR C 398 6.28 6.24 -36.42
C THR C 398 6.81 5.70 -37.75
N PHE C 399 6.91 4.38 -37.94
CA PHE C 399 7.50 3.82 -39.14
C PHE C 399 6.85 4.38 -40.41
N LYS C 400 5.52 4.23 -40.52
CA LYS C 400 4.85 4.68 -41.74
C LYS C 400 4.92 6.19 -41.90
N TYR C 401 4.69 6.96 -40.83
CA TYR C 401 4.74 8.41 -40.93
C TYR C 401 6.13 8.88 -41.37
N GLU C 402 7.19 8.25 -40.83
CA GLU C 402 8.54 8.68 -41.17
C GLU C 402 8.87 8.37 -42.61
N ARG C 403 8.58 7.14 -43.03
CA ARG C 403 8.77 6.76 -44.42
C ARG C 403 8.11 7.77 -45.35
N ASP C 404 6.81 7.98 -45.18
CA ASP C 404 6.09 8.94 -46.01
C ASP C 404 6.72 10.35 -45.94
N SER C 405 7.12 10.78 -44.75
CA SER C 405 7.73 12.11 -44.59
C SER C 405 9.01 12.24 -45.41
N ASN C 406 9.85 11.20 -45.40
CA ASN C 406 11.13 11.25 -46.08
C ASN C 406 10.97 11.25 -47.60
N TYR C 407 9.95 10.56 -48.12
CA TYR C 407 9.66 10.61 -49.55
C TYR C 407 9.10 11.96 -49.99
N HIS C 408 8.34 12.64 -49.12
CA HIS C 408 7.86 13.98 -49.48
C HIS C 408 8.96 15.02 -49.36
N LEU C 409 9.88 14.84 -48.41
CA LEU C 409 11.06 15.68 -48.33
C LEU C 409 11.87 15.62 -49.60
N LEU C 410 12.24 14.41 -50.01
CA LEU C 410 13.02 14.25 -51.22
C LEU C 410 12.24 14.75 -52.44
N MET C 411 10.93 14.52 -52.46
CA MET C 411 10.09 15.02 -53.55
C MET C 411 10.09 16.54 -53.59
N SER C 412 10.15 17.20 -52.43
CA SER C 412 10.26 18.64 -52.39
C SER C 412 11.50 19.11 -53.15
N VAL C 413 12.63 18.43 -52.95
CA VAL C 413 13.85 18.79 -53.66
C VAL C 413 13.67 18.56 -55.15
N GLN C 414 13.11 17.41 -55.53
CA GLN C 414 12.92 17.07 -56.93
C GLN C 414 12.04 18.09 -57.64
N GLU C 415 10.86 18.37 -57.08
CA GLU C 415 9.96 19.33 -57.69
C GLU C 415 10.57 20.73 -57.74
N SER C 416 11.31 21.12 -56.69
CA SER C 416 11.94 22.45 -56.68
C SER C 416 12.92 22.61 -57.83
N LEU C 417 13.73 21.58 -58.12
CA LEU C 417 14.70 21.65 -59.20
C LEU C 417 14.01 21.57 -60.55
N GLU C 418 12.98 20.73 -60.68
CA GLU C 418 12.22 20.67 -61.91
C GLU C 418 11.56 22.00 -62.22
N ARG C 419 11.07 22.67 -61.17
CA ARG C 419 10.55 24.05 -61.23
C ARG C 419 11.51 24.99 -61.87
N LYS C 420 12.76 24.98 -61.44
CA LYS C 420 13.79 25.93 -61.88
C LYS C 420 14.36 25.60 -63.26
N PHE C 421 15.00 24.43 -63.38
CA PHE C 421 15.52 23.99 -64.66
C PHE C 421 14.39 23.23 -65.36
N GLY C 422 13.47 24.00 -65.97
CA GLY C 422 12.24 23.51 -66.61
C GLY C 422 12.15 22.20 -67.36
N LYS C 423 11.73 22.22 -68.62
CA LYS C 423 11.84 21.00 -69.41
C LYS C 423 13.19 20.87 -70.09
N HIS C 424 13.99 21.95 -70.06
CA HIS C 424 15.40 21.94 -70.46
C HIS C 424 16.20 21.00 -69.57
N GLY C 425 15.51 20.19 -68.76
CA GLY C 425 16.14 19.30 -67.80
C GLY C 425 15.35 18.01 -67.63
N GLY C 426 14.08 18.03 -68.00
CA GLY C 426 13.28 16.81 -67.98
C GLY C 426 12.88 16.43 -66.57
N THR C 427 13.22 15.20 -66.19
CA THR C 427 12.95 14.68 -64.86
C THR C 427 14.26 14.57 -64.09
N ILE C 428 14.29 15.13 -62.89
CA ILE C 428 15.46 14.99 -62.03
C ILE C 428 15.07 14.10 -60.87
N PRO C 429 15.12 12.78 -61.02
CA PRO C 429 14.72 11.89 -59.92
C PRO C 429 15.65 12.05 -58.74
N ILE C 430 15.06 12.29 -57.56
CA ILE C 430 15.78 12.28 -56.29
C ILE C 430 15.34 11.03 -55.55
N VAL C 431 16.27 10.09 -55.36
CA VAL C 431 15.98 8.82 -54.70
C VAL C 431 16.99 8.55 -53.59
N PRO C 432 16.62 7.74 -52.59
CA PRO C 432 17.56 7.43 -51.51
C PRO C 432 18.71 6.58 -52.03
N THR C 433 19.91 6.86 -51.50
CA THR C 433 20.98 5.88 -51.63
C THR C 433 20.53 4.56 -51.01
N ALA C 434 21.32 3.51 -51.28
CA ALA C 434 20.99 2.21 -50.69
C ALA C 434 21.03 2.25 -49.17
N GLU C 435 21.95 3.03 -48.61
CA GLU C 435 22.02 3.13 -47.15
C GLU C 435 20.89 3.97 -46.57
N PHE C 436 20.51 5.08 -47.22
CA PHE C 436 19.38 5.84 -46.71
C PHE C 436 18.09 5.03 -46.80
N GLN C 437 17.94 4.19 -47.83
CA GLN C 437 16.76 3.36 -47.96
C GLN C 437 16.55 2.47 -46.74
N ASP C 438 17.67 2.03 -46.12
CA ASP C 438 17.58 1.20 -44.89
C ASP C 438 17.05 1.97 -43.72
N ARG C 439 17.33 3.26 -43.66
CA ARG C 439 16.87 4.06 -42.54
C ARG C 439 15.68 4.92 -42.88
N ILE C 440 15.01 4.64 -44.00
CA ILE C 440 13.94 5.51 -44.48
C ILE C 440 12.79 5.60 -43.48
N SER C 441 12.53 4.55 -42.72
CA SER C 441 11.45 4.54 -41.74
C SER C 441 11.90 4.96 -40.35
N GLY C 442 13.16 5.31 -40.17
CA GLY C 442 13.67 5.68 -38.86
C GLY C 442 14.09 4.45 -38.06
N ALA C 443 14.69 4.72 -36.91
CA ALA C 443 15.34 3.67 -36.14
C ALA C 443 14.35 2.66 -35.59
N SER C 444 14.74 1.37 -35.62
CA SER C 444 14.07 0.34 -34.84
C SER C 444 14.85 0.10 -33.56
N GLU C 445 14.39 -0.88 -32.76
CA GLU C 445 15.04 -1.10 -31.48
C GLU C 445 16.46 -1.61 -31.68
N LYS C 446 16.67 -2.48 -32.68
CA LYS C 446 18.00 -2.93 -32.98
C LYS C 446 18.93 -1.77 -33.39
N ASP C 447 18.42 -0.79 -34.17
CA ASP C 447 19.22 0.39 -34.52
C ASP C 447 19.58 1.21 -33.30
N ILE C 448 18.61 1.40 -32.40
CA ILE C 448 18.85 2.18 -31.18
C ILE C 448 19.92 1.53 -30.33
N VAL C 449 19.85 0.21 -30.18
CA VAL C 449 20.80 -0.49 -29.34
C VAL C 449 22.20 -0.34 -29.92
N HIS C 450 22.33 -0.58 -31.23
CA HIS C 450 23.63 -0.53 -31.88
C HIS C 450 24.24 0.86 -31.79
N SER C 451 23.53 1.87 -32.29
CA SER C 451 24.10 3.21 -32.36
C SER C 451 24.11 3.88 -31.00
N GLY C 452 23.14 3.54 -30.14
CA GLY C 452 23.18 4.03 -28.77
C GLY C 452 24.42 3.57 -28.05
N LEU C 453 24.73 2.27 -28.15
CA LEU C 453 25.95 1.73 -27.52
C LEU C 453 27.21 2.38 -28.09
N ALA C 454 27.34 2.42 -29.42
CA ALA C 454 28.52 3.03 -30.03
C ALA C 454 28.69 4.48 -29.59
N TYR C 455 27.58 5.22 -29.52
CA TYR C 455 27.64 6.60 -29.07
C TYR C 455 28.25 6.71 -27.68
N THR C 456 27.76 5.92 -26.71
CA THR C 456 28.26 6.16 -25.35
C THR C 456 29.66 5.56 -25.17
N MET C 457 29.96 4.43 -25.84
CA MET C 457 31.32 3.88 -25.71
C MET C 457 32.33 4.89 -26.25
N GLU C 458 31.99 5.61 -27.32
CA GLU C 458 33.00 6.49 -27.88
C GLU C 458 33.07 7.79 -27.06
N ARG C 459 31.91 8.32 -26.67
CA ARG C 459 31.88 9.53 -25.84
C ARG C 459 32.62 9.31 -24.54
N SER C 460 32.47 8.14 -23.93
CA SER C 460 33.18 7.82 -22.69
C SER C 460 34.69 7.68 -22.91
N ALA C 461 35.09 7.03 -24.01
CA ALA C 461 36.51 6.92 -24.34
C ALA C 461 37.16 8.28 -24.48
N ARG C 462 36.51 9.20 -25.21
CA ARG C 462 37.08 10.53 -25.38
C ARG C 462 37.22 11.24 -24.04
N GLN C 463 36.24 11.08 -23.15
CA GLN C 463 36.32 11.73 -21.84
C GLN C 463 37.46 11.18 -21.00
N ILE C 464 37.75 9.89 -21.16
CA ILE C 464 38.89 9.31 -20.46
C ILE C 464 40.21 9.85 -21.03
N MET C 465 40.32 9.90 -22.37
CA MET C 465 41.51 10.48 -23.00
C MET C 465 41.72 11.94 -22.60
N ARG C 466 40.67 12.77 -22.68
CA ARG C 466 40.82 14.16 -22.25
C ARG C 466 41.42 14.20 -20.85
N THR C 467 40.87 13.37 -19.96
CA THR C 467 41.25 13.41 -18.56
C THR C 467 42.67 12.89 -18.34
N ALA C 468 43.03 11.77 -19.00
CA ALA C 468 44.39 11.26 -18.90
C ALA C 468 45.41 12.29 -19.37
N MET C 469 45.06 13.09 -20.39
CA MET C 469 45.83 14.25 -20.82
C MET C 469 46.00 15.26 -19.68
N LYS C 470 44.90 15.92 -19.27
CA LYS C 470 44.99 17.05 -18.36
C LYS C 470 45.70 16.69 -17.06
N TYR C 471 45.82 15.42 -16.72
CA TYR C 471 46.55 15.06 -15.53
C TYR C 471 47.83 14.28 -15.80
N ASN C 472 48.13 14.09 -17.08
CA ASN C 472 49.40 13.50 -17.55
C ASN C 472 49.59 12.14 -16.95
N LEU C 473 48.62 11.28 -17.25
CA LEU C 473 48.51 9.95 -16.69
C LEU C 473 49.01 8.86 -17.61
N GLY C 474 49.44 9.20 -18.85
CA GLY C 474 50.02 8.18 -19.71
C GLY C 474 49.02 7.08 -19.98
N LEU C 475 49.44 5.83 -19.77
CA LEU C 475 48.60 4.67 -20.00
C LEU C 475 47.86 4.28 -18.76
N ASP C 476 47.88 5.08 -17.70
CA ASP C 476 47.07 4.75 -16.53
C ASP C 476 45.67 5.26 -16.78
N LEU C 477 44.97 4.56 -17.66
CA LEU C 477 43.60 4.90 -18.00
C LEU C 477 42.63 4.56 -16.86
N ARG C 478 43.01 3.61 -16.03
CA ARG C 478 42.14 3.28 -14.89
C ARG C 478 41.95 4.47 -13.95
N THR C 479 43.04 5.17 -13.62
CA THR C 479 42.89 6.36 -12.78
C THR C 479 42.07 7.42 -13.48
N ALA C 480 42.21 7.54 -14.82
CA ALA C 480 41.44 8.54 -15.54
C ALA C 480 39.95 8.25 -15.46
N ALA C 481 39.58 6.97 -15.61
CA ALA C 481 38.18 6.57 -15.47
C ALA C 481 37.65 6.86 -14.07
N TYR C 482 38.42 6.56 -13.03
CA TYR C 482 37.93 6.81 -11.68
C TYR C 482 37.81 8.30 -11.40
N VAL C 483 38.69 9.10 -12.01
CA VAL C 483 38.59 10.55 -11.92
C VAL C 483 37.24 11.02 -12.47
N ASN C 484 36.90 10.50 -13.63
CA ASN C 484 35.61 10.78 -14.25
C ASN C 484 34.43 10.32 -13.39
N ALA C 485 34.48 9.07 -12.96
CA ALA C 485 33.39 8.57 -12.11
C ALA C 485 33.24 9.40 -10.84
N ILE C 486 34.36 9.72 -10.18
CA ILE C 486 34.26 10.47 -8.93
C ILE C 486 33.64 11.84 -9.16
N GLU C 487 34.04 12.51 -10.24
CA GLU C 487 33.50 13.84 -10.49
C GLU C 487 32.00 13.79 -10.66
N LYS C 488 31.50 12.80 -11.40
CA LYS C 488 30.08 12.67 -11.66
C LYS C 488 29.31 12.37 -10.38
N VAL C 489 29.80 11.43 -9.56
CA VAL C 489 29.09 11.10 -8.32
C VAL C 489 29.15 12.27 -7.36
N PHE C 490 30.29 12.96 -7.30
CA PHE C 490 30.44 14.05 -6.35
C PHE C 490 29.45 15.19 -6.62
N ARG C 491 29.15 15.47 -7.90
CA ARG C 491 28.18 16.52 -8.22
C ARG C 491 26.85 16.30 -7.51
N VAL C 492 26.38 15.06 -7.47
CA VAL C 492 25.07 14.79 -6.88
C VAL C 492 25.09 15.03 -5.37
N TYR C 493 26.19 14.64 -4.71
CA TYR C 493 26.27 14.83 -3.26
C TYR C 493 26.43 16.31 -2.89
N ASN C 494 26.99 17.11 -3.79
CA ASN C 494 27.18 18.51 -3.53
C ASN C 494 25.82 19.21 -3.29
N GLU C 495 25.04 19.36 -4.37
CA GLU C 495 23.78 20.10 -4.30
C GLU C 495 22.81 19.46 -3.31
N ALA C 496 22.91 18.15 -3.06
CA ALA C 496 21.88 17.45 -2.28
C ALA C 496 21.91 17.82 -0.80
N GLY C 497 23.06 18.22 -0.27
CA GLY C 497 23.21 18.31 1.18
C GLY C 497 23.34 16.96 1.87
N VAL C 498 23.70 15.92 1.12
CA VAL C 498 23.86 14.54 1.61
C VAL C 498 22.64 14.11 2.42
N THR C 499 22.88 13.64 3.66
CA THR C 499 21.88 12.99 4.52
C THR C 499 20.72 12.35 3.78
N PHE C 500 20.93 11.17 3.17
CA PHE C 500 19.94 10.31 2.50
C PHE C 500 20.18 10.25 0.97
N THR C 501 21.24 10.90 0.48
CA THR C 501 21.73 10.87 -0.93
C THR C 501 22.53 12.14 -1.25
N ALA D 1 0.83 48.08 1.16
CA ALA D 1 -0.47 47.88 1.80
C ALA D 1 -1.29 49.17 1.81
N ASP D 2 -1.58 49.70 0.62
CA ASP D 2 -2.24 51.01 0.54
C ASP D 2 -3.66 50.93 1.08
N ARG D 3 -4.07 51.99 1.78
CA ARG D 3 -5.36 52.01 2.48
C ARG D 3 -6.51 52.14 1.48
N GLU D 4 -7.57 51.38 1.72
CA GLU D 4 -8.76 51.22 0.86
C GLU D 4 -8.43 51.20 -0.63
N ASP D 5 -7.34 50.48 -0.95
CA ASP D 5 -6.95 50.12 -2.31
C ASP D 5 -6.44 48.69 -2.32
N ASP D 6 -7.03 47.84 -1.51
CA ASP D 6 -6.33 46.69 -0.96
C ASP D 6 -7.33 45.57 -0.84
N PRO D 7 -7.79 45.04 -1.97
CA PRO D 7 -8.87 44.06 -1.96
C PRO D 7 -8.40 42.70 -1.50
N ASN D 8 -9.38 41.87 -1.17
CA ASN D 8 -9.09 40.47 -0.84
C ASN D 8 -8.56 39.78 -2.10
N PHE D 9 -7.29 39.34 -2.02
CA PHE D 9 -6.59 38.77 -3.17
C PHE D 9 -7.42 37.69 -3.86
N PHE D 10 -8.03 36.78 -3.09
CA PHE D 10 -8.81 35.70 -3.67
C PHE D 10 -10.09 36.21 -4.33
N LYS D 11 -10.82 37.13 -3.68
CA LYS D 11 -11.99 37.70 -4.34
C LYS D 11 -11.60 38.46 -5.58
N MET D 12 -10.45 39.15 -5.54
CA MET D 12 -10.02 39.95 -6.69
C MET D 12 -9.77 39.06 -7.90
N VAL D 13 -9.16 37.90 -7.69
CA VAL D 13 -9.00 36.97 -8.80
C VAL D 13 -10.33 36.37 -9.20
N GLU D 14 -11.23 36.15 -8.24
CA GLU D 14 -12.61 35.76 -8.59
C GLU D 14 -13.25 36.81 -9.51
N GLY D 15 -12.96 38.10 -9.26
CA GLY D 15 -13.52 39.15 -10.08
C GLY D 15 -13.02 39.08 -11.51
N PHE D 16 -11.71 38.89 -11.68
CA PHE D 16 -11.17 38.67 -13.02
C PHE D 16 -11.87 37.50 -13.69
N PHE D 17 -12.13 36.42 -12.93
CA PHE D 17 -12.82 35.26 -13.46
C PHE D 17 -14.23 35.61 -13.90
N ASP D 18 -14.96 36.37 -13.08
CA ASP D 18 -16.32 36.75 -13.41
C ASP D 18 -16.39 37.52 -14.72
N ARG D 19 -15.44 38.44 -14.92
CA ARG D 19 -15.41 39.25 -16.14
C ARG D 19 -15.27 38.38 -17.39
N GLY D 20 -14.40 37.38 -17.32
CA GLY D 20 -14.31 36.44 -18.42
C GLY D 20 -15.51 35.54 -18.52
N ALA D 21 -16.14 35.19 -17.38
CA ALA D 21 -17.33 34.37 -17.41
C ALA D 21 -18.50 35.09 -18.09
N SER D 22 -18.63 36.40 -17.87
CA SER D 22 -19.64 37.21 -18.54
C SER D 22 -19.60 37.01 -20.03
N ILE D 23 -18.39 36.98 -20.58
CA ILE D 23 -18.20 37.17 -22.01
C ILE D 23 -18.34 35.86 -22.77
N VAL D 24 -17.90 34.73 -22.22
CA VAL D 24 -18.07 33.44 -22.89
C VAL D 24 -19.38 32.75 -22.54
N GLU D 25 -20.17 33.30 -21.61
CA GLU D 25 -21.37 32.59 -21.16
C GLU D 25 -22.24 32.16 -22.33
N ASP D 26 -22.44 33.07 -23.30
CA ASP D 26 -23.21 32.74 -24.49
C ASP D 26 -22.56 31.60 -25.27
N LYS D 27 -21.25 31.72 -25.54
CA LYS D 27 -20.59 30.66 -26.32
C LYS D 27 -20.59 29.32 -25.58
N LEU D 28 -20.49 29.34 -24.24
CA LEU D 28 -20.55 28.07 -23.52
C LEU D 28 -21.91 27.43 -23.67
N VAL D 29 -22.97 28.23 -23.57
CA VAL D 29 -24.32 27.68 -23.72
C VAL D 29 -24.52 27.16 -25.14
N GLU D 30 -23.91 27.82 -26.12
CA GLU D 30 -23.93 27.41 -27.52
C GLU D 30 -23.60 25.92 -27.69
N ASP D 31 -22.32 25.58 -27.54
CA ASP D 31 -21.87 24.21 -27.82
C ASP D 31 -22.05 23.32 -26.59
N LEU D 32 -23.32 23.10 -26.27
CA LEU D 32 -23.73 22.01 -25.39
C LEU D 32 -24.73 21.19 -26.21
N LYS D 33 -24.36 20.03 -26.71
CA LYS D 33 -25.41 19.27 -27.38
C LYS D 33 -26.17 18.35 -26.41
N THR D 34 -26.30 18.75 -25.14
CA THR D 34 -27.23 18.11 -24.21
C THR D 34 -28.65 18.24 -24.73
N ARG D 35 -29.53 17.37 -24.21
CA ARG D 35 -30.88 17.13 -24.74
C ARG D 35 -31.49 18.37 -25.38
N GLU D 36 -32.22 19.16 -24.59
CA GLU D 36 -32.73 20.43 -25.10
C GLU D 36 -32.74 21.44 -23.96
N THR D 37 -32.28 22.65 -24.29
CA THR D 37 -31.86 23.63 -23.28
C THR D 37 -32.91 23.81 -22.21
N GLU D 38 -33.95 24.60 -22.53
CA GLU D 38 -34.90 25.20 -21.62
C GLU D 38 -34.28 26.32 -20.77
N GLU D 39 -33.10 26.83 -21.12
CA GLU D 39 -32.33 27.69 -20.21
C GLU D 39 -32.16 27.03 -18.86
N GLN D 40 -32.23 25.70 -18.88
CA GLN D 40 -31.49 24.87 -17.95
C GLN D 40 -30.06 24.68 -18.42
N LYS D 41 -29.83 24.75 -19.74
CA LYS D 41 -28.48 24.88 -20.27
C LYS D 41 -27.71 26.01 -19.61
N ARG D 42 -28.28 27.20 -19.68
CA ARG D 42 -27.74 28.40 -19.05
C ARG D 42 -27.41 28.18 -17.59
N ASN D 43 -28.28 27.46 -16.88
CA ASN D 43 -28.08 27.29 -15.44
C ASN D 43 -27.02 26.24 -15.18
N ARG D 44 -26.98 25.25 -16.06
CA ARG D 44 -25.93 24.27 -15.99
C ARG D 44 -24.57 24.91 -16.16
N VAL D 45 -24.45 25.82 -17.14
CA VAL D 45 -23.21 26.53 -17.39
C VAL D 45 -22.79 27.29 -16.14
N ARG D 46 -23.71 28.01 -15.52
CA ARG D 46 -23.34 28.80 -14.35
C ARG D 46 -23.10 27.94 -13.12
N GLY D 47 -23.74 26.78 -13.03
CA GLY D 47 -23.43 25.89 -11.92
C GLY D 47 -22.03 25.33 -12.05
N ILE D 48 -21.58 25.11 -13.27
CA ILE D 48 -20.25 24.56 -13.49
C ILE D 48 -19.20 25.59 -13.14
N LEU D 49 -19.45 26.80 -13.56
CA LEU D 49 -18.53 27.87 -13.23
C LEU D 49 -18.51 28.16 -11.74
N ARG D 50 -19.61 27.89 -11.03
CA ARG D 50 -19.62 28.03 -9.58
C ARG D 50 -18.78 26.94 -8.93
N ILE D 51 -18.65 25.77 -9.56
CA ILE D 51 -17.81 24.71 -9.01
C ILE D 51 -16.33 25.01 -9.23
N ILE D 52 -15.99 25.61 -10.37
CA ILE D 52 -14.58 25.84 -10.72
C ILE D 52 -13.96 26.87 -9.79
N LYS D 53 -14.74 27.87 -9.41
CA LYS D 53 -14.15 29.04 -8.77
C LYS D 53 -13.48 28.75 -7.42
N PRO D 54 -14.10 28.02 -6.48
CA PRO D 54 -13.48 27.84 -5.16
C PRO D 54 -12.41 26.76 -5.14
N CYS D 55 -11.45 26.94 -4.23
CA CYS D 55 -10.48 25.89 -3.95
C CYS D 55 -11.18 24.65 -3.42
N ASN D 56 -10.74 23.49 -3.91
CA ASN D 56 -11.32 22.24 -3.41
C ASN D 56 -10.75 21.87 -2.05
N HIS D 57 -9.45 22.13 -1.83
CA HIS D 57 -8.71 21.66 -0.65
C HIS D 57 -7.76 22.74 -0.15
N VAL D 58 -7.74 22.95 1.18
CA VAL D 58 -6.73 23.81 1.81
C VAL D 58 -6.28 23.14 3.10
N LEU D 59 -4.98 22.84 3.21
CA LEU D 59 -4.38 22.31 4.43
C LEU D 59 -3.68 23.45 5.15
N SER D 60 -4.00 23.62 6.43
CA SER D 60 -3.36 24.59 7.31
C SER D 60 -2.53 23.83 8.33
N LEU D 61 -1.29 24.26 8.53
CA LEU D 61 -0.34 23.52 9.34
C LEU D 61 0.24 24.41 10.43
N SER D 62 0.41 23.83 11.62
CA SER D 62 1.31 24.31 12.65
C SER D 62 2.23 23.17 13.02
N PHE D 63 3.52 23.43 13.10
CA PHE D 63 4.44 22.38 13.54
C PHE D 63 5.64 23.05 14.17
N PRO D 64 6.28 22.40 15.16
CA PRO D 64 7.41 22.99 15.86
C PRO D 64 8.74 22.67 15.21
N ILE D 65 9.66 23.61 15.32
CA ILE D 65 11.07 23.38 15.02
C ILE D 65 11.87 23.94 16.17
N ARG D 66 13.03 23.36 16.40
CA ARG D 66 13.93 23.94 17.38
C ARG D 66 14.88 24.83 16.64
N ARG D 67 15.09 26.03 17.16
CA ARG D 67 15.96 27.03 16.58
C ARG D 67 17.42 26.73 16.91
N ASP D 68 18.32 27.47 16.26
CA ASP D 68 19.74 27.23 16.47
C ASP D 68 20.15 27.49 17.91
N ASP D 69 19.47 28.38 18.63
CA ASP D 69 19.89 28.61 20.02
C ASP D 69 19.16 27.72 21.03
N GLY D 70 18.39 26.75 20.60
CA GLY D 70 17.73 25.84 21.49
C GLY D 70 16.28 26.10 21.69
N SER D 71 15.81 27.29 21.36
CA SER D 71 14.42 27.64 21.53
C SER D 71 13.51 26.85 20.60
N TRP D 72 12.28 26.62 21.04
CA TRP D 72 11.20 26.12 20.19
C TRP D 72 10.41 27.30 19.68
N GLU D 73 9.90 27.19 18.46
CA GLU D 73 8.53 27.59 18.35
C GLU D 73 7.98 27.16 17.01
N VAL D 74 6.71 27.46 16.91
CA VAL D 74 5.75 27.05 15.90
C VAL D 74 5.80 27.89 14.66
N ILE D 75 5.81 27.24 13.52
CA ILE D 75 5.67 27.99 12.30
C ILE D 75 4.46 27.46 11.54
N GLU D 76 3.73 28.36 10.88
CA GLU D 76 2.49 28.05 10.20
C GLU D 76 2.78 27.92 8.69
N GLY D 77 2.02 27.04 8.07
CA GLY D 77 2.17 26.84 6.64
C GLY D 77 0.83 26.43 6.08
N TYR D 78 0.69 26.64 4.78
CA TYR D 78 -0.53 26.33 4.05
C TYR D 78 -0.20 25.78 2.68
N ARG D 79 -1.10 24.98 2.16
CA ARG D 79 -1.07 24.54 0.78
C ARG D 79 -2.51 24.39 0.32
N ALA D 80 -2.86 25.11 -0.74
CA ALA D 80 -4.19 25.03 -1.31
C ALA D 80 -4.11 24.29 -2.62
N GLN D 81 -5.10 23.45 -2.87
CA GLN D 81 -5.25 22.78 -4.15
C GLN D 81 -6.54 23.30 -4.74
N HIS D 82 -6.42 24.12 -5.79
CA HIS D 82 -7.60 24.79 -6.32
C HIS D 82 -8.46 23.87 -7.16
N SER D 83 -7.84 22.99 -7.93
CA SER D 83 -8.63 22.17 -8.84
C SER D 83 -7.92 20.86 -9.14
N GLN D 84 -8.70 19.81 -9.30
CA GLN D 84 -8.17 18.51 -9.66
C GLN D 84 -8.75 18.06 -10.97
N HIS D 85 -9.28 18.99 -11.77
CA HIS D 85 -9.78 18.60 -13.08
C HIS D 85 -8.68 18.07 -13.95
N ARG D 86 -7.42 18.35 -13.62
CA ARG D 86 -6.28 17.64 -14.18
C ARG D 86 -5.41 17.22 -13.03
N THR D 87 -4.89 15.98 -13.09
CA THR D 87 -4.69 15.23 -11.84
C THR D 87 -3.50 15.73 -11.04
N PRO D 88 -2.29 15.85 -11.58
CA PRO D 88 -1.23 16.41 -10.71
C PRO D 88 -1.42 17.92 -10.61
N CYS D 89 -1.68 18.38 -9.39
CA CYS D 89 -1.70 19.81 -9.13
C CYS D 89 -0.29 20.36 -9.17
N LYS D 90 -0.17 21.67 -9.42
CA LYS D 90 1.11 22.30 -9.64
C LYS D 90 1.08 23.71 -9.07
N GLY D 91 2.17 24.10 -8.43
CA GLY D 91 2.31 25.44 -7.92
C GLY D 91 3.44 25.52 -6.91
N GLY D 92 3.95 26.73 -6.73
CA GLY D 92 5.17 26.93 -5.98
C GLY D 92 4.97 27.05 -4.49
N ILE D 93 6.10 27.29 -3.80
CA ILE D 93 6.14 27.47 -2.36
C ILE D 93 6.78 28.82 -2.06
N ARG D 94 6.08 29.63 -1.27
CA ARG D 94 6.47 30.99 -0.92
C ARG D 94 6.80 31.04 0.58
N TYR D 95 8.00 31.50 0.91
CA TYR D 95 8.37 31.79 2.30
C TYR D 95 8.28 33.30 2.51
N SER D 96 7.26 33.75 3.23
CA SER D 96 7.06 35.18 3.43
C SER D 96 6.09 35.40 4.60
N THR D 97 6.29 36.49 5.33
CA THR D 97 5.43 36.84 6.44
C THR D 97 4.03 37.26 5.96
N ASP D 98 3.86 37.50 4.66
CA ASP D 98 2.54 37.86 4.14
C ASP D 98 1.72 36.63 3.77
N VAL D 99 2.27 35.43 3.94
CA VAL D 99 1.54 34.22 3.58
C VAL D 99 0.32 34.09 4.48
N SER D 100 -0.82 33.80 3.86
CA SER D 100 -2.08 33.55 4.56
C SER D 100 -2.88 32.57 3.75
N VAL D 101 -3.94 32.07 4.36
CA VAL D 101 -4.90 31.23 3.63
C VAL D 101 -5.41 31.95 2.39
N ASP D 102 -5.73 33.24 2.53
CA ASP D 102 -6.36 33.96 1.42
C ASP D 102 -5.36 34.25 0.30
N GLU D 103 -4.10 34.49 0.65
CA GLU D 103 -3.08 34.66 -0.36
C GLU D 103 -2.79 33.34 -1.07
N VAL D 104 -2.79 32.23 -0.33
CA VAL D 104 -2.44 30.93 -0.89
C VAL D 104 -3.57 30.42 -1.78
N LYS D 105 -4.82 30.70 -1.42
CA LYS D 105 -5.94 30.33 -2.27
C LYS D 105 -5.96 31.16 -3.56
N ALA D 106 -5.67 32.45 -3.45
CA ALA D 106 -5.63 33.29 -4.64
C ALA D 106 -4.59 32.79 -5.63
N LEU D 107 -3.36 32.53 -5.15
CA LEU D 107 -2.31 32.12 -6.05
C LEU D 107 -2.58 30.73 -6.62
N ALA D 108 -3.21 29.87 -5.83
CA ALA D 108 -3.54 28.54 -6.35
C ALA D 108 -4.51 28.62 -7.51
N SER D 109 -5.49 29.54 -7.45
CA SER D 109 -6.45 29.63 -8.54
C SER D 109 -5.81 30.23 -9.79
N LEU D 110 -4.95 31.23 -9.61
CA LEU D 110 -4.17 31.75 -10.74
C LEU D 110 -3.39 30.61 -11.41
N MET D 111 -2.86 29.69 -10.61
CA MET D 111 -2.11 28.59 -11.20
C MET D 111 -2.98 27.73 -12.11
N THR D 112 -4.22 27.47 -11.68
CA THR D 112 -5.15 26.73 -12.52
C THR D 112 -5.34 27.43 -13.87
N TYR D 113 -5.66 28.72 -13.84
CA TYR D 113 -6.01 29.40 -15.08
C TYR D 113 -4.78 29.65 -15.93
N LYS D 114 -3.62 29.87 -15.28
CA LYS D 114 -2.38 30.03 -16.02
C LYS D 114 -2.00 28.75 -16.75
N CYS D 115 -2.16 27.59 -16.10
CA CYS D 115 -1.87 26.34 -16.76
C CYS D 115 -2.79 26.11 -17.95
N ALA D 116 -4.07 26.50 -17.83
CA ALA D 116 -5.01 26.34 -18.93
C ALA D 116 -4.66 27.25 -20.10
N VAL D 117 -4.23 28.47 -19.83
CA VAL D 117 -3.84 29.42 -20.89
C VAL D 117 -2.75 28.82 -21.77
N VAL D 118 -1.76 28.19 -21.15
CA VAL D 118 -0.60 27.66 -21.83
C VAL D 118 -0.73 26.18 -22.13
N ASP D 119 -1.88 25.58 -21.80
CA ASP D 119 -2.08 24.20 -22.13
C ASP D 119 -1.12 23.26 -21.38
N VAL D 120 -0.90 23.48 -20.09
CA VAL D 120 -0.10 22.59 -19.25
C VAL D 120 -1.07 21.75 -18.43
N PRO D 121 -1.04 20.42 -18.53
CA PRO D 121 -2.14 19.59 -17.98
C PRO D 121 -2.03 19.40 -16.47
N PHE D 122 -2.00 20.51 -15.75
CA PHE D 122 -1.96 20.50 -14.29
C PHE D 122 -3.12 21.33 -13.75
N GLY D 123 -3.70 20.89 -12.63
CA GLY D 123 -4.54 21.77 -11.87
C GLY D 123 -3.71 22.67 -10.97
N GLY D 124 -4.33 23.72 -10.44
CA GLY D 124 -3.59 24.71 -9.69
C GLY D 124 -3.46 24.41 -8.21
N ALA D 125 -2.30 24.73 -7.66
CA ALA D 125 -2.01 24.61 -6.25
C ALA D 125 -0.98 25.66 -5.88
N LYS D 126 -0.84 25.92 -4.57
CA LYS D 126 0.16 26.86 -4.09
C LYS D 126 0.37 26.66 -2.60
N ALA D 127 1.62 26.73 -2.16
CA ALA D 127 1.94 26.62 -0.73
C ALA D 127 2.62 27.87 -0.21
N GLY D 128 2.53 28.04 1.10
CA GLY D 128 3.18 29.16 1.78
C GLY D 128 3.58 28.86 3.20
N VAL D 129 4.76 29.33 3.60
CA VAL D 129 5.23 29.20 4.98
C VAL D 129 5.45 30.60 5.53
N LYS D 130 4.92 30.85 6.73
CA LYS D 130 4.78 32.20 7.23
C LYS D 130 6.03 32.58 8.04
N ILE D 131 7.12 32.78 7.31
CA ILE D 131 8.39 33.17 7.90
C ILE D 131 9.07 34.17 7.00
N ASN D 132 10.00 34.92 7.57
CA ASN D 132 10.89 35.76 6.79
C ASN D 132 12.23 35.05 6.72
N PRO D 133 12.61 34.46 5.59
CA PRO D 133 13.82 33.63 5.56
C PRO D 133 15.10 34.37 5.90
N LYS D 134 15.08 35.72 5.86
CA LYS D 134 16.22 36.54 6.28
C LYS D 134 16.53 36.41 7.76
N ASN D 135 15.64 35.81 8.55
CA ASN D 135 15.80 35.71 9.99
C ASN D 135 16.16 34.32 10.46
N TYR D 136 16.57 33.43 9.55
CA TYR D 136 16.84 32.05 9.88
C TYR D 136 18.19 31.64 9.29
N THR D 137 18.88 30.74 9.98
CA THR D 137 20.08 30.19 9.38
C THR D 137 19.75 29.18 8.32
N ASP D 138 20.75 28.84 7.50
CA ASP D 138 20.55 27.78 6.53
C ASP D 138 20.17 26.45 7.24
N ASN D 139 20.77 26.19 8.39
CA ASN D 139 20.39 25.00 9.16
C ASN D 139 18.91 25.03 9.54
N GLU D 140 18.42 26.19 10.03
CA GLU D 140 17.01 26.31 10.38
C GLU D 140 16.08 26.19 9.17
N LEU D 141 16.46 26.78 8.05
CA LEU D 141 15.58 26.72 6.88
C LEU D 141 15.49 25.30 6.34
N GLU D 142 16.60 24.56 6.39
CA GLU D 142 16.56 23.15 6.02
C GLU D 142 15.52 22.39 6.85
N LYS D 143 15.53 22.58 8.19
CA LYS D 143 14.57 21.84 9.04
C LYS D 143 13.14 22.27 8.76
N ILE D 144 12.94 23.56 8.57
CA ILE D 144 11.59 24.03 8.21
C ILE D 144 11.13 23.39 6.91
N THR D 145 12.02 23.33 5.92
CA THR D 145 11.62 22.79 4.61
C THR D 145 11.37 21.29 4.70
N ARG D 146 12.31 20.53 5.31
CA ARG D 146 12.18 19.08 5.33
C ARG D 146 10.95 18.65 6.12
N ARG D 147 10.64 19.39 7.14
CA ARG D 147 9.48 19.01 7.91
C ARG D 147 8.18 19.45 7.28
N PHE D 148 8.15 20.63 6.66
CA PHE D 148 7.00 21.03 5.87
C PHE D 148 6.68 19.99 4.83
N THR D 149 7.70 19.42 4.19
CA THR D 149 7.50 18.37 3.21
C THR D 149 6.81 17.15 3.82
N MET D 150 7.29 16.70 4.99
CA MET D 150 6.73 15.46 5.56
C MET D 150 5.28 15.67 5.97
N GLU D 151 4.96 16.83 6.52
CA GLU D 151 3.57 17.09 6.91
C GLU D 151 2.66 17.15 5.69
N LEU D 152 3.16 17.66 4.57
CA LEU D 152 2.37 17.66 3.36
C LEU D 152 2.20 16.25 2.81
N ALA D 153 3.28 15.47 2.81
CA ALA D 153 3.23 14.13 2.24
C ALA D 153 2.28 13.21 3.00
N LYS D 154 2.23 13.32 4.34
CA LYS D 154 1.35 12.42 5.09
C LYS D 154 -0.11 12.65 4.78
N LYS D 155 -0.49 13.87 4.40
CA LYS D 155 -1.88 14.17 4.08
C LYS D 155 -2.13 14.26 2.59
N GLY D 156 -1.26 13.68 1.77
CA GLY D 156 -1.50 13.69 0.34
C GLY D 156 -1.49 15.05 -0.33
N PHE D 157 -0.66 15.99 0.14
CA PHE D 157 -0.51 17.29 -0.50
C PHE D 157 0.85 17.46 -1.16
N ILE D 158 1.61 16.37 -1.32
CA ILE D 158 2.73 16.33 -2.26
C ILE D 158 2.95 14.89 -2.72
N GLY D 159 3.29 14.74 -3.99
CA GLY D 159 3.45 13.45 -4.63
C GLY D 159 3.44 13.58 -6.15
N PRO D 160 4.21 12.73 -6.82
CA PRO D 160 4.36 12.86 -8.28
C PRO D 160 3.04 12.85 -9.04
N GLY D 161 2.07 12.07 -8.59
CA GLY D 161 0.77 12.01 -9.23
C GLY D 161 -0.32 12.79 -8.51
N VAL D 162 0.05 13.66 -7.55
CA VAL D 162 -0.95 14.28 -6.69
C VAL D 162 -0.75 15.79 -6.69
N ASP D 163 0.47 16.25 -6.40
CA ASP D 163 0.78 17.67 -6.22
C ASP D 163 2.28 17.88 -6.26
N VAL D 164 2.74 18.70 -7.19
CA VAL D 164 4.15 18.84 -7.49
C VAL D 164 4.55 20.29 -7.28
N PRO D 165 5.19 20.61 -6.15
CA PRO D 165 5.58 22.00 -5.89
C PRO D 165 6.71 22.50 -6.76
N ALA D 166 7.21 23.72 -6.46
CA ALA D 166 8.17 24.43 -7.29
C ALA D 166 8.62 25.68 -6.55
N PRO D 167 9.61 26.44 -7.06
CA PRO D 167 10.02 27.67 -6.39
C PRO D 167 8.98 28.79 -6.51
N ASP D 168 9.01 29.70 -5.54
CA ASP D 168 8.29 30.97 -5.55
C ASP D 168 9.12 31.99 -4.78
N MET D 169 8.52 33.05 -4.23
CA MET D 169 9.29 34.08 -3.57
C MET D 169 10.09 33.50 -2.40
N SER D 170 11.39 33.76 -2.43
CA SER D 170 12.30 33.39 -1.35
C SER D 170 12.57 31.89 -1.24
N THR D 171 12.22 31.11 -2.27
CA THR D 171 12.64 29.71 -2.36
C THR D 171 13.30 29.48 -3.70
N GLY D 172 14.16 28.49 -3.78
CA GLY D 172 14.85 28.22 -5.00
C GLY D 172 15.31 26.79 -5.11
N GLU D 173 16.24 26.57 -6.05
CA GLU D 173 16.97 25.32 -6.22
C GLU D 173 17.24 24.61 -4.90
N ARG D 174 17.73 25.35 -3.92
CA ARG D 174 18.18 24.75 -2.68
C ARG D 174 17.02 24.12 -1.90
N GLU D 175 15.92 24.86 -1.73
CA GLU D 175 14.75 24.30 -1.06
C GLU D 175 14.17 23.13 -1.85
N MET D 176 14.13 23.24 -3.17
CA MET D 176 13.58 22.14 -3.96
C MET D 176 14.40 20.88 -3.78
N SER D 177 15.72 21.01 -3.63
CA SER D 177 16.58 19.85 -3.37
C SER D 177 16.21 19.20 -2.05
N TRP D 178 15.98 20.02 -1.01
CA TRP D 178 15.57 19.48 0.29
C TRP D 178 14.21 18.78 0.21
N ILE D 179 13.26 19.36 -0.53
CA ILE D 179 11.95 18.75 -0.67
C ILE D 179 12.05 17.39 -1.35
N ALA D 180 12.78 17.33 -2.47
CA ALA D 180 12.87 16.08 -3.22
C ALA D 180 13.59 14.98 -2.42
N ASP D 181 14.64 15.35 -1.70
CA ASP D 181 15.39 14.37 -0.92
C ASP D 181 14.56 13.84 0.24
N THR D 182 13.77 14.69 0.90
CA THR D 182 12.93 14.23 2.01
C THR D 182 11.82 13.30 1.51
N TYR D 183 11.24 13.62 0.35
CA TYR D 183 10.20 12.77 -0.22
C TYR D 183 10.75 11.41 -0.63
N ALA D 184 11.79 11.41 -1.47
CA ALA D 184 12.31 10.16 -2.02
C ALA D 184 12.98 9.26 -0.98
N SER D 185 13.19 9.74 0.24
CA SER D 185 13.86 8.97 1.28
C SER D 185 12.90 8.43 2.32
N THR D 186 11.64 8.91 2.32
CA THR D 186 10.62 8.43 3.23
C THR D 186 9.50 7.85 2.36
N ILE D 187 8.40 8.57 2.20
CA ILE D 187 7.21 8.00 1.55
C ILE D 187 7.49 7.50 0.14
N GLY D 188 8.47 8.07 -0.55
CA GLY D 188 8.65 7.69 -1.93
C GLY D 188 9.80 6.76 -2.23
N HIS D 189 10.23 5.98 -1.24
CA HIS D 189 11.42 5.15 -1.43
C HIS D 189 11.22 4.09 -2.51
N TYR D 190 9.98 3.65 -2.75
CA TYR D 190 9.75 2.63 -3.75
C TYR D 190 9.15 3.17 -5.05
N ASP D 191 8.83 4.47 -5.09
CA ASP D 191 8.27 5.12 -6.27
C ASP D 191 9.35 5.33 -7.34
N ILE D 192 9.15 4.69 -8.49
CA ILE D 192 10.05 4.92 -9.62
C ILE D 192 10.05 6.39 -10.05
N ASN D 193 9.00 7.15 -9.70
CA ASN D 193 8.90 8.55 -10.07
C ASN D 193 9.10 9.49 -8.88
N ALA D 194 9.79 9.03 -7.83
CA ALA D 194 9.90 9.84 -6.62
C ALA D 194 10.44 11.24 -6.90
N HIS D 195 11.40 11.38 -7.78
CA HIS D 195 12.03 12.67 -8.00
C HIS D 195 11.16 13.59 -8.85
N ALA D 196 10.07 13.10 -9.43
CA ALA D 196 9.10 13.98 -10.06
C ALA D 196 8.17 14.59 -9.04
N CYS D 197 8.49 14.57 -7.76
CA CYS D 197 7.51 15.12 -6.82
C CYS D 197 7.62 16.63 -6.67
N VAL D 198 8.65 17.23 -7.24
CA VAL D 198 8.87 18.66 -7.16
C VAL D 198 9.69 19.06 -8.37
N THR D 199 9.46 20.28 -8.85
CA THR D 199 10.26 20.82 -9.96
C THR D 199 11.05 22.04 -9.47
N GLY D 200 11.84 22.61 -10.36
CA GLY D 200 12.84 23.57 -9.95
C GLY D 200 14.04 22.98 -9.26
N LYS D 201 14.32 21.70 -9.45
CA LYS D 201 15.42 21.06 -8.75
C LYS D 201 16.75 21.45 -9.41
N PRO D 202 17.86 21.36 -8.67
CA PRO D 202 19.18 21.52 -9.32
C PRO D 202 19.36 20.50 -10.41
N ILE D 203 20.13 20.87 -11.44
CA ILE D 203 20.29 19.99 -12.61
C ILE D 203 20.92 18.66 -12.22
N SER D 204 21.91 18.69 -11.37
CA SER D 204 22.54 17.51 -10.78
C SER D 204 21.55 16.57 -10.05
N GLN D 205 20.29 16.99 -9.92
CA GLN D 205 19.30 16.19 -9.17
C GLN D 205 18.02 15.92 -9.92
N GLY D 206 18.06 15.90 -11.24
CA GLY D 206 16.85 15.78 -11.97
C GLY D 206 16.26 17.09 -12.39
N GLY D 207 16.89 18.21 -12.07
CA GLY D 207 16.51 19.47 -12.67
C GLY D 207 16.74 19.46 -14.17
N ILE D 208 16.22 20.49 -14.82
CA ILE D 208 16.27 20.63 -16.27
C ILE D 208 16.98 21.95 -16.59
N HIS D 209 17.65 21.97 -17.74
CA HIS D 209 18.30 23.17 -18.23
C HIS D 209 17.32 24.33 -18.32
N GLY D 210 17.71 25.48 -17.78
CA GLY D 210 16.97 26.70 -17.96
C GLY D 210 15.80 26.93 -17.03
N ARG D 211 15.54 26.05 -16.07
CA ARG D 211 14.39 26.25 -15.21
C ARG D 211 14.55 27.52 -14.38
N ILE D 212 15.78 27.80 -13.94
CA ILE D 212 16.04 28.99 -13.14
C ILE D 212 15.66 30.25 -13.89
N SER D 213 16.13 30.39 -15.13
CA SER D 213 15.82 31.57 -15.93
C SER D 213 14.53 31.45 -16.73
N ALA D 214 13.74 30.40 -16.50
CA ALA D 214 12.63 30.11 -17.41
C ALA D 214 11.56 31.18 -17.33
N THR D 215 11.27 31.68 -16.13
CA THR D 215 10.18 32.64 -15.99
C THR D 215 10.50 33.94 -16.73
N GLY D 216 11.75 34.40 -16.64
CA GLY D 216 12.12 35.62 -17.32
C GLY D 216 12.23 35.42 -18.82
N ARG D 217 12.72 34.26 -19.24
CA ARG D 217 12.79 33.97 -20.66
C ARG D 217 11.40 33.95 -21.30
N GLY D 218 10.40 33.54 -20.54
CA GLY D 218 9.03 33.65 -21.03
C GLY D 218 8.42 35.00 -20.86
N VAL D 219 8.95 35.83 -19.94
CA VAL D 219 8.59 37.24 -19.89
C VAL D 219 9.07 37.96 -21.16
N PHE D 220 10.31 37.67 -21.57
CA PHE D 220 10.81 38.21 -22.84
C PHE D 220 9.94 37.79 -24.00
N HIS D 221 9.66 36.49 -24.13
CA HIS D 221 8.89 36.00 -25.27
C HIS D 221 7.49 36.61 -25.29
N GLY D 222 6.88 36.79 -24.12
CA GLY D 222 5.51 37.29 -24.09
C GLY D 222 5.42 38.76 -24.42
N ILE D 223 6.46 39.52 -24.06
CA ILE D 223 6.51 40.92 -24.45
C ILE D 223 6.79 41.02 -25.94
N GLU D 224 7.70 40.18 -26.43
CA GLU D 224 8.10 40.24 -27.82
C GLU D 224 6.95 39.92 -28.75
N ASN D 225 6.07 39.01 -28.34
CA ASN D 225 4.93 38.66 -29.17
C ASN D 225 3.96 39.83 -29.32
N PHE D 226 3.90 40.72 -28.33
CA PHE D 226 3.03 41.88 -28.44
C PHE D 226 3.75 43.13 -28.92
N ILE D 227 5.05 43.25 -28.64
CA ILE D 227 5.81 44.42 -29.07
C ILE D 227 6.09 44.41 -30.56
N ASN D 228 5.88 43.30 -31.24
CA ASN D 228 6.05 43.21 -32.69
C ASN D 228 4.72 43.12 -33.43
N GLU D 229 3.63 43.41 -32.75
CA GLU D 229 2.29 43.40 -33.32
C GLU D 229 1.91 44.84 -33.66
N ALA D 230 1.91 45.17 -34.96
CA ALA D 230 1.62 46.54 -35.37
C ALA D 230 0.25 47.00 -34.88
N SER D 231 -0.75 46.13 -34.94
CA SER D 231 -2.10 46.54 -34.54
C SER D 231 -2.10 47.07 -33.11
N TYR D 232 -1.35 46.43 -32.19
CA TYR D 232 -1.35 46.86 -30.80
C TYR D 232 -0.39 48.01 -30.56
N MET D 233 0.80 47.97 -31.18
CA MET D 233 1.80 49.01 -30.96
C MET D 233 1.35 50.36 -31.51
N SER D 234 0.34 50.38 -32.37
CA SER D 234 -0.18 51.64 -32.90
C SER D 234 -1.10 52.32 -31.89
N ILE D 235 -2.04 51.58 -31.30
CA ILE D 235 -2.90 52.16 -30.27
C ILE D 235 -2.06 52.74 -29.14
N LEU D 236 -0.88 52.19 -28.91
CA LEU D 236 0.00 52.69 -27.88
C LEU D 236 0.88 53.83 -28.38
N GLY D 237 0.95 54.05 -29.70
CA GLY D 237 1.80 55.09 -30.25
C GLY D 237 3.27 54.78 -30.13
N MET D 238 3.68 53.56 -30.50
CA MET D 238 5.06 53.13 -30.40
C MET D 238 5.50 52.40 -31.67
N THR D 239 6.81 52.40 -31.86
CA THR D 239 7.44 51.60 -32.89
C THR D 239 7.50 50.13 -32.48
N PRO D 240 7.22 49.21 -33.40
CA PRO D 240 7.50 47.80 -33.12
C PRO D 240 8.97 47.57 -32.79
N GLY D 241 9.22 46.52 -32.02
CA GLY D 241 10.57 46.07 -31.75
C GLY D 241 11.10 46.54 -30.41
N PHE D 242 12.30 46.07 -30.08
CA PHE D 242 12.94 46.32 -28.80
C PHE D 242 14.04 47.36 -28.87
N GLY D 243 14.69 47.52 -30.02
CA GLY D 243 15.96 48.23 -30.12
C GLY D 243 15.96 49.64 -29.56
N ASP D 244 14.77 50.16 -29.30
CA ASP D 244 14.50 51.56 -29.09
C ASP D 244 13.91 51.85 -27.73
N LYS D 245 13.66 50.83 -26.91
CA LYS D 245 12.80 51.01 -25.74
C LYS D 245 13.54 50.89 -24.43
N THR D 246 12.92 51.47 -23.41
CA THR D 246 13.42 51.43 -22.04
C THR D 246 12.44 50.67 -21.17
N PHE D 247 12.94 50.13 -20.06
CA PHE D 247 12.06 49.43 -19.14
C PHE D 247 12.57 49.58 -17.72
N ALA D 248 11.65 49.41 -16.78
CA ALA D 248 11.99 49.32 -15.37
C ALA D 248 11.42 48.04 -14.78
N VAL D 249 12.17 47.41 -13.89
CA VAL D 249 11.73 46.18 -13.24
C VAL D 249 11.75 46.37 -11.73
N GLN D 250 10.60 46.10 -11.11
CA GLN D 250 10.50 46.05 -9.66
C GLN D 250 10.72 44.61 -9.22
N GLY D 251 11.75 44.38 -8.40
CA GLY D 251 12.15 43.05 -8.07
C GLY D 251 13.37 42.62 -8.86
N PHE D 252 14.43 42.23 -8.15
CA PHE D 252 15.67 41.76 -8.77
C PHE D 252 15.97 40.31 -8.37
N GLY D 253 14.93 39.51 -8.18
CA GLY D 253 15.11 38.13 -7.84
C GLY D 253 15.07 37.22 -9.04
N ASN D 254 14.45 36.04 -8.87
CA ASN D 254 14.43 35.05 -9.94
C ASN D 254 13.77 35.58 -11.21
N VAL D 255 12.58 36.15 -11.08
CA VAL D 255 11.87 36.68 -12.25
C VAL D 255 12.53 37.96 -12.75
N GLY D 256 12.79 38.92 -11.83
CA GLY D 256 13.27 40.23 -12.27
C GLY D 256 14.59 40.15 -13.01
N LEU D 257 15.58 39.47 -12.40
CA LEU D 257 16.92 39.47 -12.98
C LEU D 257 16.92 38.88 -14.39
N HIS D 258 16.21 37.79 -14.61
CA HIS D 258 16.33 37.15 -15.92
C HIS D 258 15.49 37.85 -16.96
N SER D 259 14.34 38.43 -16.56
CA SER D 259 13.63 39.32 -17.46
C SER D 259 14.55 40.41 -17.99
N MET D 260 15.32 41.01 -17.08
CA MET D 260 16.21 42.09 -17.46
C MET D 260 17.40 41.59 -18.27
N ARG D 261 17.86 40.37 -18.01
CA ARG D 261 18.96 39.82 -18.82
C ARG D 261 18.53 39.65 -20.27
N TYR D 262 17.30 39.15 -20.50
CA TYR D 262 16.91 38.82 -21.87
C TYR D 262 16.51 40.06 -22.64
N LEU D 263 15.84 41.02 -22.00
CA LEU D 263 15.48 42.24 -22.72
C LEU D 263 16.74 43.04 -23.10
N HIS D 264 17.68 43.15 -22.17
CA HIS D 264 18.96 43.78 -22.46
C HIS D 264 19.64 43.11 -23.65
N ARG D 265 19.50 41.80 -23.78
CA ARG D 265 20.16 41.06 -24.85
C ARG D 265 19.63 41.47 -26.21
N PHE D 266 18.33 41.74 -26.31
CA PHE D 266 17.70 42.09 -27.58
C PHE D 266 17.51 43.59 -27.76
N GLY D 267 18.33 44.40 -27.10
CA GLY D 267 18.45 45.81 -27.43
C GLY D 267 17.80 46.75 -26.45
N ALA D 268 16.74 46.32 -25.77
CA ALA D 268 16.07 47.21 -24.82
C ALA D 268 17.03 47.61 -23.70
N LYS D 269 16.71 48.72 -23.05
CA LYS D 269 17.61 49.33 -22.08
C LYS D 269 16.99 49.41 -20.71
N CYS D 270 17.68 48.89 -19.71
CA CYS D 270 17.17 48.87 -18.36
C CYS D 270 17.46 50.20 -17.68
N VAL D 271 16.41 50.87 -17.27
CA VAL D 271 16.46 52.23 -16.77
C VAL D 271 16.40 52.33 -15.25
N ALA D 272 15.82 51.33 -14.58
CA ALA D 272 15.62 51.41 -13.13
C ALA D 272 15.36 50.01 -12.60
N VAL D 273 15.91 49.72 -11.42
CA VAL D 273 15.75 48.44 -10.73
C VAL D 273 15.40 48.73 -9.29
N GLY D 274 14.42 48.02 -8.74
CA GLY D 274 14.04 48.22 -7.36
C GLY D 274 13.93 46.92 -6.59
N GLU D 275 14.15 47.02 -5.28
CA GLU D 275 13.73 45.98 -4.34
C GLU D 275 13.18 46.66 -3.09
N SER D 276 13.00 45.90 -2.01
CA SER D 276 12.37 46.47 -0.81
C SER D 276 13.24 47.51 -0.13
N ASP D 277 14.55 47.46 -0.34
CA ASP D 277 15.44 48.52 0.09
C ASP D 277 15.05 49.89 -0.49
N GLY D 278 14.70 49.93 -1.77
CA GLY D 278 14.65 51.15 -2.54
C GLY D 278 14.99 50.82 -3.98
N SER D 279 15.30 51.87 -4.78
CA SER D 279 15.57 51.70 -6.20
C SER D 279 16.84 52.42 -6.60
N ILE D 280 17.33 52.05 -7.78
CA ILE D 280 18.43 52.71 -8.46
C ILE D 280 17.96 53.08 -9.86
N TRP D 281 18.71 54.00 -10.49
CA TRP D 281 18.25 54.66 -11.70
C TRP D 281 19.43 55.20 -12.48
N ASN D 282 19.31 55.13 -13.79
CA ASN D 282 20.29 55.67 -14.73
C ASN D 282 19.68 55.64 -16.13
N PRO D 283 19.30 56.81 -16.67
CA PRO D 283 18.63 56.82 -17.98
C PRO D 283 19.50 56.38 -19.14
N ASP D 284 20.81 56.14 -18.96
CA ASP D 284 21.68 55.56 -20.00
C ASP D 284 21.73 54.05 -19.98
N GLY D 285 21.13 53.42 -19.00
CA GLY D 285 21.16 51.97 -19.05
C GLY D 285 21.94 51.38 -17.89
N ILE D 286 21.42 50.27 -17.36
CA ILE D 286 22.05 49.51 -16.30
C ILE D 286 22.40 48.14 -16.86
N ASP D 287 23.62 47.68 -16.61
CA ASP D 287 24.00 46.40 -17.19
C ASP D 287 23.65 45.24 -16.26
N PRO D 288 22.95 44.21 -16.77
CA PRO D 288 22.47 43.14 -15.87
C PRO D 288 23.57 42.37 -15.20
N LYS D 289 24.63 42.10 -15.96
CA LYS D 289 25.72 41.27 -15.49
C LYS D 289 26.49 41.96 -14.34
N GLU D 290 26.85 43.23 -14.50
CA GLU D 290 27.58 43.88 -13.42
C GLU D 290 26.68 44.26 -12.24
N LEU D 291 25.39 44.48 -12.48
CA LEU D 291 24.49 44.70 -11.35
C LEU D 291 24.32 43.43 -10.53
N GLU D 292 24.22 42.28 -11.19
CA GLU D 292 24.16 41.00 -10.47
C GLU D 292 25.42 40.78 -9.65
N ASP D 293 26.58 41.00 -10.27
CA ASP D 293 27.84 40.84 -9.55
C ASP D 293 27.88 41.73 -8.31
N PHE D 294 27.32 42.93 -8.41
CA PHE D 294 27.28 43.83 -7.26
C PHE D 294 26.36 43.30 -6.18
N LYS D 295 25.18 42.82 -6.56
CA LYS D 295 24.29 42.29 -5.54
C LYS D 295 24.88 41.09 -4.82
N LEU D 296 25.41 40.14 -5.58
CA LEU D 296 26.01 38.98 -4.96
C LEU D 296 27.10 39.36 -3.98
N GLN D 297 27.76 40.48 -4.24
CA GLN D 297 28.92 40.89 -3.48
C GLN D 297 28.54 41.70 -2.24
N HIS D 298 27.54 42.57 -2.35
CA HIS D 298 27.18 43.44 -1.24
C HIS D 298 25.82 43.16 -0.66
N GLY D 299 25.02 42.28 -1.25
CA GLY D 299 23.73 41.94 -0.69
C GLY D 299 22.64 42.96 -0.89
N THR D 300 22.90 44.03 -1.64
CA THR D 300 21.91 45.04 -1.95
C THR D 300 22.24 45.63 -3.31
N ILE D 301 21.24 46.26 -3.95
CA ILE D 301 21.51 47.02 -5.17
C ILE D 301 21.81 48.48 -4.87
N LEU D 302 21.42 48.98 -3.71
CA LEU D 302 21.68 50.36 -3.36
C LEU D 302 23.18 50.62 -3.28
N GLY D 303 23.60 51.70 -3.93
CA GLY D 303 25.00 52.04 -3.99
C GLY D 303 25.74 51.47 -5.18
N PHE D 304 25.04 50.92 -6.15
CA PHE D 304 25.65 50.55 -7.41
C PHE D 304 26.40 51.76 -7.97
N PRO D 305 27.71 51.65 -8.25
CA PRO D 305 28.45 52.83 -8.73
C PRO D 305 27.89 53.44 -10.02
N LYS D 306 27.42 52.64 -10.98
CA LYS D 306 27.00 53.21 -12.26
C LYS D 306 25.53 53.51 -12.31
N ALA D 307 24.95 53.97 -11.22
CA ALA D 307 23.57 54.44 -11.20
C ALA D 307 23.36 55.22 -9.92
N LYS D 308 22.17 55.84 -9.82
CA LYS D 308 21.84 56.80 -8.78
C LYS D 308 20.68 56.28 -7.94
N ILE D 309 20.80 56.41 -6.61
CA ILE D 309 19.69 56.04 -5.72
C ILE D 309 18.48 56.89 -6.07
N TYR D 310 17.48 56.26 -6.66
CA TYR D 310 16.25 56.90 -7.06
C TYR D 310 15.30 56.93 -5.86
N GLU D 311 14.84 58.11 -5.48
CA GLU D 311 13.85 58.22 -4.42
C GLU D 311 12.56 58.79 -5.02
N GLY D 312 11.54 57.95 -5.16
CA GLY D 312 10.29 58.35 -5.78
C GLY D 312 9.50 57.25 -6.45
N SER D 313 9.72 55.99 -6.05
CA SER D 313 8.90 54.85 -6.43
C SER D 313 9.16 54.37 -7.85
N ILE D 314 9.71 53.15 -7.97
CA ILE D 314 10.10 52.61 -9.26
C ILE D 314 8.90 52.39 -10.17
N LEU D 315 7.71 52.22 -9.60
CA LEU D 315 6.51 51.98 -10.41
C LEU D 315 6.11 53.21 -11.23
N GLU D 316 6.59 54.40 -10.87
CA GLU D 316 6.23 55.61 -11.60
C GLU D 316 7.40 56.16 -12.40
N VAL D 317 8.52 55.42 -12.49
CA VAL D 317 9.67 55.92 -13.21
C VAL D 317 9.28 56.04 -14.68
N ASP D 318 9.96 56.94 -15.39
CA ASP D 318 9.66 57.18 -16.80
C ASP D 318 10.35 56.13 -17.66
N CYS D 319 9.57 55.35 -18.42
CA CYS D 319 10.08 54.27 -19.26
C CYS D 319 8.95 53.85 -20.19
N ASP D 320 9.27 52.95 -21.11
CA ASP D 320 8.25 52.40 -21.98
C ASP D 320 7.53 51.22 -21.33
N ILE D 321 8.29 50.30 -20.76
CA ILE D 321 7.77 49.04 -20.22
C ILE D 321 8.06 48.97 -18.73
N LEU D 322 7.02 48.74 -17.93
CA LEU D 322 7.21 48.53 -16.51
C LEU D 322 6.99 47.06 -16.19
N ILE D 323 7.95 46.44 -15.52
CA ILE D 323 7.86 45.00 -15.18
C ILE D 323 7.72 44.82 -13.68
N PRO D 324 6.49 44.68 -13.15
CA PRO D 324 6.34 44.25 -11.74
C PRO D 324 6.78 42.80 -11.63
N ALA D 325 7.84 42.56 -10.84
CA ALA D 325 8.36 41.21 -10.62
C ALA D 325 8.60 40.96 -9.13
N ALA D 326 7.69 41.43 -8.28
CA ALA D 326 7.80 41.20 -6.85
C ALA D 326 6.46 40.73 -6.27
N SER D 327 5.90 41.46 -5.31
CA SER D 327 4.69 41.02 -4.61
C SER D 327 3.44 41.32 -5.41
N GLU D 328 2.29 40.98 -4.85
CA GLU D 328 1.00 41.29 -5.45
C GLU D 328 0.53 42.69 -5.03
N LYS D 329 -0.50 43.17 -5.73
CA LYS D 329 -1.19 44.42 -5.41
C LYS D 329 -0.24 45.59 -5.22
N GLN D 330 0.63 45.76 -6.22
CA GLN D 330 1.57 46.86 -6.26
C GLN D 330 1.05 48.06 -7.04
N LEU D 331 0.25 47.82 -8.07
CA LEU D 331 -0.37 48.88 -8.86
C LEU D 331 -1.82 49.02 -8.40
N THR D 332 -2.13 50.13 -7.73
CA THR D 332 -3.42 50.33 -7.07
C THR D 332 -4.16 51.49 -7.74
N LYS D 333 -5.33 51.81 -7.19
CA LYS D 333 -6.14 52.90 -7.70
C LYS D 333 -5.51 54.26 -7.41
N SER D 334 -4.80 54.40 -6.29
CA SER D 334 -4.07 55.62 -5.99
C SER D 334 -2.80 55.74 -6.81
N ASN D 335 -2.35 54.64 -7.40
CA ASN D 335 -1.04 54.51 -8.01
C ASN D 335 -1.05 54.68 -9.52
N ALA D 336 -2.10 54.18 -10.17
CA ALA D 336 -2.10 54.04 -11.63
C ALA D 336 -2.07 55.38 -12.35
N PRO D 337 -2.69 56.47 -11.84
CA PRO D 337 -2.56 57.77 -12.49
C PRO D 337 -1.14 58.20 -12.88
N ARG D 338 -0.07 57.77 -12.22
CA ARG D 338 1.25 58.29 -12.53
C ARG D 338 2.19 57.29 -13.18
N VAL D 339 1.68 56.22 -13.73
CA VAL D 339 2.56 55.09 -13.94
C VAL D 339 3.58 55.38 -15.03
N LYS D 340 3.27 56.27 -15.98
CA LYS D 340 4.21 56.85 -16.93
C LYS D 340 4.95 55.81 -17.79
N ALA D 341 4.38 54.60 -17.92
CA ALA D 341 4.76 53.68 -18.96
C ALA D 341 3.51 53.34 -19.76
N LYS D 342 3.69 52.79 -20.94
CA LYS D 342 2.54 52.37 -21.73
C LYS D 342 2.33 50.86 -21.77
N ILE D 343 3.35 50.08 -21.41
CA ILE D 343 3.22 48.63 -21.32
C ILE D 343 3.54 48.18 -19.89
N ILE D 344 2.60 47.49 -19.27
CA ILE D 344 2.81 46.87 -17.96
C ILE D 344 2.88 45.37 -18.16
N ALA D 345 4.08 44.81 -18.02
CA ALA D 345 4.32 43.38 -18.21
C ALA D 345 4.36 42.72 -16.83
N GLU D 346 3.30 42.00 -16.47
CA GLU D 346 3.15 41.41 -15.13
C GLU D 346 3.95 40.12 -15.04
N GLY D 347 5.19 40.22 -14.54
CA GLY D 347 5.95 39.03 -14.23
C GLY D 347 5.53 38.46 -12.90
N ALA D 348 5.20 39.33 -11.95
CA ALA D 348 4.68 38.91 -10.68
C ALA D 348 3.28 38.35 -10.87
N ASN D 349 2.80 37.67 -9.85
CA ASN D 349 1.43 37.20 -9.79
C ASN D 349 0.57 38.24 -9.06
N GLY D 350 -0.57 38.57 -9.66
CA GLY D 350 -1.51 39.55 -9.14
C GLY D 350 -0.91 40.89 -8.74
N PRO D 351 -0.07 41.52 -9.57
CA PRO D 351 0.51 42.81 -9.17
C PRO D 351 -0.40 44.01 -9.39
N THR D 352 -1.54 43.84 -10.07
CA THR D 352 -2.44 44.95 -10.39
C THR D 352 -3.86 44.65 -9.85
N THR D 353 -4.41 45.59 -9.07
CA THR D 353 -5.78 45.49 -8.58
C THR D 353 -6.78 45.74 -9.72
N PRO D 354 -8.06 45.34 -9.52
CA PRO D 354 -9.07 45.63 -10.57
C PRO D 354 -9.29 47.11 -10.82
N GLU D 355 -9.26 47.93 -9.76
CA GLU D 355 -9.38 49.38 -9.92
C GLU D 355 -8.24 49.95 -10.75
N ALA D 356 -7.02 49.43 -10.57
CA ALA D 356 -5.92 49.87 -11.40
C ALA D 356 -6.08 49.40 -12.84
N ASP D 357 -6.78 48.29 -13.05
CA ASP D 357 -7.08 47.84 -14.42
C ASP D 357 -7.97 48.85 -15.14
N LYS D 358 -9.03 49.29 -14.48
CA LYS D 358 -9.93 50.26 -15.08
C LYS D 358 -9.15 51.47 -15.56
N ILE D 359 -8.30 52.03 -14.69
CA ILE D 359 -7.52 53.21 -15.05
C ILE D 359 -6.65 52.93 -16.26
N PHE D 360 -5.85 51.86 -16.21
CA PHE D 360 -4.92 51.58 -17.29
C PHE D 360 -5.66 51.43 -18.62
N LEU D 361 -6.86 50.86 -18.59
CA LEU D 361 -7.67 50.81 -19.79
C LEU D 361 -7.93 52.21 -20.32
N GLU D 362 -8.44 53.08 -19.46
CA GLU D 362 -8.77 54.46 -19.83
C GLU D 362 -7.59 55.14 -20.51
N ARG D 363 -6.44 55.11 -19.87
CA ARG D 363 -5.26 55.78 -20.37
C ARG D 363 -4.61 55.10 -21.56
N ASN D 364 -5.24 54.08 -22.15
CA ASN D 364 -4.64 53.23 -23.19
C ASN D 364 -3.27 52.72 -22.83
N ILE D 365 -3.14 52.15 -21.65
CA ILE D 365 -1.96 51.42 -21.23
C ILE D 365 -2.25 49.93 -21.34
N MET D 366 -1.32 49.19 -21.93
CA MET D 366 -1.53 47.79 -22.20
C MET D 366 -0.92 46.95 -21.07
N VAL D 367 -1.77 46.16 -20.43
CA VAL D 367 -1.36 45.25 -19.36
C VAL D 367 -1.26 43.83 -19.93
N ILE D 368 -0.04 43.32 -20.07
CA ILE D 368 0.14 41.92 -20.47
C ILE D 368 -0.03 41.08 -19.20
N PRO D 369 -1.08 40.28 -19.10
CA PRO D 369 -1.49 39.74 -17.81
C PRO D 369 -0.65 38.57 -17.32
N ASP D 370 -0.58 38.45 -16.00
CA ASP D 370 0.22 37.42 -15.32
C ASP D 370 -0.09 36.01 -15.83
N LEU D 371 -1.36 35.61 -15.85
CA LEU D 371 -1.71 34.24 -16.19
C LEU D 371 -1.28 33.86 -17.61
N TYR D 372 -0.85 34.82 -18.43
CA TYR D 372 -0.14 34.51 -19.65
C TYR D 372 1.36 34.71 -19.50
N LEU D 373 1.76 35.86 -18.95
CA LEU D 373 3.13 36.33 -19.12
C LEU D 373 4.11 35.55 -18.27
N ASN D 374 3.77 35.19 -17.06
CA ASN D 374 4.76 34.52 -16.23
C ASN D 374 4.65 33.00 -16.31
N ALA D 375 3.78 32.45 -17.17
CA ALA D 375 3.59 31.00 -17.33
C ALA D 375 4.80 30.28 -17.92
N GLY D 376 5.93 30.96 -18.15
CA GLY D 376 7.11 30.26 -18.60
C GLY D 376 7.70 29.34 -17.54
N GLY D 377 7.53 29.71 -16.27
CA GLY D 377 8.07 28.86 -15.22
C GLY D 377 7.36 27.53 -15.14
N VAL D 378 6.03 27.55 -15.21
CA VAL D 378 5.29 26.30 -15.12
C VAL D 378 5.44 25.50 -16.39
N THR D 379 5.63 26.17 -17.54
CA THR D 379 5.85 25.46 -18.79
C THR D 379 7.13 24.64 -18.71
N VAL D 380 8.22 25.26 -18.26
CA VAL D 380 9.47 24.51 -18.18
C VAL D 380 9.45 23.54 -17.00
N SER D 381 8.69 23.83 -15.93
CA SER D 381 8.50 22.85 -14.86
C SER D 381 7.80 21.61 -15.39
N TYR D 382 6.86 21.81 -16.32
CA TYR D 382 6.18 20.70 -16.95
C TYR D 382 7.18 19.84 -17.72
N PHE D 383 8.09 20.49 -18.46
CA PHE D 383 9.18 19.78 -19.12
C PHE D 383 10.05 18.99 -18.14
N GLU D 384 10.37 19.58 -16.98
CA GLU D 384 11.20 18.89 -15.99
C GLU D 384 10.48 17.68 -15.42
N TRP D 385 9.19 17.82 -15.12
CA TRP D 385 8.40 16.68 -14.66
C TRP D 385 8.43 15.54 -15.67
N LEU D 386 8.19 15.87 -16.94
CA LEU D 386 8.18 14.89 -18.02
C LEU D 386 9.52 14.19 -18.12
N LYS D 387 10.61 14.98 -18.06
CA LYS D 387 11.96 14.45 -17.96
C LYS D 387 12.13 13.38 -16.82
N ASN D 388 11.71 13.71 -15.61
CA ASN D 388 11.82 12.71 -14.53
C ASN D 388 11.01 11.43 -14.80
N LEU D 389 9.86 11.62 -15.42
CA LEU D 389 9.04 10.47 -15.77
C LEU D 389 9.76 9.57 -16.79
N ASN D 390 10.45 10.17 -17.77
CA ASN D 390 11.06 9.41 -18.85
C ASN D 390 12.43 8.79 -18.51
N HIS D 391 13.18 9.34 -17.57
CA HIS D 391 14.47 8.78 -17.12
C HIS D 391 15.53 8.71 -18.20
N VAL D 392 15.48 9.62 -19.18
CA VAL D 392 16.57 9.82 -20.12
C VAL D 392 16.77 11.30 -20.41
N SER D 393 18.03 11.70 -20.61
CA SER D 393 18.34 12.99 -21.21
C SER D 393 17.85 12.99 -22.64
N TYR D 394 17.04 13.98 -22.98
CA TYR D 394 16.55 14.11 -24.34
C TYR D 394 17.70 13.92 -25.34
N GLY D 395 17.42 13.19 -26.42
CA GLY D 395 18.36 12.98 -27.50
C GLY D 395 19.37 11.88 -27.27
N ARG D 396 19.56 11.45 -26.01
CA ARG D 396 20.60 10.48 -25.63
C ARG D 396 20.58 9.26 -26.51
N LEU D 397 19.40 8.70 -26.76
CA LEU D 397 19.33 7.45 -27.49
C LEU D 397 19.49 7.63 -28.99
N THR D 398 19.39 8.86 -29.50
CA THR D 398 19.21 9.08 -30.93
C THR D 398 20.28 9.96 -31.58
N PHE D 399 21.18 10.58 -30.81
CA PHE D 399 22.16 11.51 -31.35
C PHE D 399 22.91 10.91 -32.53
N LYS D 400 23.54 9.75 -32.32
CA LYS D 400 24.35 9.16 -33.38
C LYS D 400 23.49 8.72 -34.56
N TYR D 401 22.36 8.08 -34.31
CA TYR D 401 21.50 7.62 -35.41
C TYR D 401 21.04 8.80 -36.27
N GLU D 402 20.62 9.89 -35.63
CA GLU D 402 20.15 11.08 -36.32
C GLU D 402 21.24 11.67 -37.20
N ARG D 403 22.41 11.89 -36.61
CA ARG D 403 23.58 12.42 -37.32
C ARG D 403 23.82 11.61 -38.58
N ASP D 404 23.97 10.29 -38.41
CA ASP D 404 24.22 9.44 -39.56
C ASP D 404 23.07 9.49 -40.56
N SER D 405 21.84 9.59 -40.07
CA SER D 405 20.68 9.60 -40.96
C SER D 405 20.68 10.87 -41.82
N ASN D 406 21.03 12.00 -41.21
CA ASN D 406 21.00 13.27 -41.92
C ASN D 406 22.07 13.33 -43.00
N TYR D 407 23.22 12.69 -42.78
CA TYR D 407 24.26 12.72 -43.80
C TYR D 407 23.92 11.79 -44.95
N HIS D 408 23.27 10.66 -44.67
CA HIS D 408 22.84 9.82 -45.77
C HIS D 408 21.69 10.46 -46.55
N LEU D 409 20.82 11.23 -45.87
CA LEU D 409 19.82 12.02 -46.57
C LEU D 409 20.48 12.97 -47.55
N LEU D 410 21.39 13.81 -47.06
CA LEU D 410 22.06 14.76 -47.93
C LEU D 410 22.87 14.05 -49.01
N MET D 411 23.47 12.91 -48.68
CA MET D 411 24.22 12.14 -49.66
C MET D 411 23.30 11.61 -50.74
N SER D 412 22.06 11.26 -50.39
CA SER D 412 21.10 10.84 -51.39
C SER D 412 20.86 11.92 -52.43
N VAL D 413 20.76 13.19 -51.99
CA VAL D 413 20.58 14.29 -52.93
C VAL D 413 21.83 14.45 -53.80
N GLN D 414 23.01 14.42 -53.18
CA GLN D 414 24.27 14.57 -53.89
C GLN D 414 24.42 13.50 -54.97
N GLU D 415 24.26 12.23 -54.57
CA GLU D 415 24.41 11.15 -55.53
C GLU D 415 23.36 11.22 -56.62
N SER D 416 22.13 11.64 -56.28
CA SER D 416 21.06 11.74 -57.28
C SER D 416 21.39 12.79 -58.35
N LEU D 417 21.95 13.92 -57.94
CA LEU D 417 22.32 14.95 -58.92
C LEU D 417 23.55 14.53 -59.72
N GLU D 418 24.50 13.87 -59.07
CA GLU D 418 25.68 13.41 -59.79
C GLU D 418 25.33 12.41 -60.89
N ARG D 419 24.32 11.55 -60.70
CA ARG D 419 24.04 10.61 -61.77
C ARG D 419 23.07 11.17 -62.81
N LYS D 420 22.54 12.36 -62.61
CA LYS D 420 21.80 13.04 -63.67
C LYS D 420 22.76 13.87 -64.51
N PHE D 421 23.34 14.92 -63.91
CA PHE D 421 24.38 15.73 -64.53
C PHE D 421 25.73 15.04 -64.32
N GLY D 422 25.97 14.01 -65.14
CA GLY D 422 27.00 13.04 -64.86
C GLY D 422 28.44 13.53 -64.77
N LYS D 423 29.15 13.24 -65.85
CA LYS D 423 30.55 13.59 -66.05
C LYS D 423 30.71 14.97 -66.67
N HIS D 424 29.62 15.75 -66.73
CA HIS D 424 29.65 17.13 -67.16
C HIS D 424 29.49 18.10 -65.98
N GLY D 425 29.58 17.59 -64.75
CA GLY D 425 29.28 18.39 -63.57
C GLY D 425 30.23 18.10 -62.43
N GLY D 426 30.91 16.96 -62.49
CA GLY D 426 31.96 16.65 -61.51
C GLY D 426 31.37 16.20 -60.19
N THR D 427 31.78 16.88 -59.11
CA THR D 427 31.26 16.63 -57.78
C THR D 427 30.34 17.77 -57.37
N ILE D 428 29.13 17.42 -56.91
CA ILE D 428 28.21 18.43 -56.40
C ILE D 428 28.08 18.22 -54.90
N PRO D 429 29.01 18.75 -54.09
CA PRO D 429 28.94 18.52 -52.64
C PRO D 429 27.69 19.14 -52.04
N ILE D 430 26.92 18.32 -51.34
CA ILE D 430 25.81 18.79 -50.53
C ILE D 430 26.25 18.71 -49.07
N VAL D 431 26.35 19.87 -48.42
CA VAL D 431 26.82 19.95 -47.04
C VAL D 431 25.85 20.80 -46.20
N PRO D 432 25.77 20.58 -44.89
CA PRO D 432 24.91 21.41 -44.04
C PRO D 432 25.40 22.84 -44.01
N THR D 433 24.45 23.78 -43.99
CA THR D 433 24.81 25.12 -43.58
C THR D 433 25.35 25.08 -42.15
N ALA D 434 25.90 26.22 -41.71
CA ALA D 434 26.42 26.28 -40.36
C ALA D 434 25.32 26.08 -39.33
N GLU D 435 24.09 26.44 -39.67
CA GLU D 435 22.97 26.37 -38.73
C GLU D 435 22.34 24.98 -38.72
N PHE D 436 22.33 24.30 -39.85
CA PHE D 436 21.94 22.89 -39.83
C PHE D 436 22.99 22.01 -39.16
N GLN D 437 24.28 22.33 -39.29
CA GLN D 437 25.31 21.52 -38.65
C GLN D 437 25.08 21.47 -37.16
N ASP D 438 24.45 22.54 -36.62
CA ASP D 438 24.24 22.68 -35.19
C ASP D 438 23.14 21.75 -34.75
N ARG D 439 22.16 21.46 -35.62
CA ARG D 439 21.02 20.58 -35.38
C ARG D 439 21.21 19.18 -35.94
N ILE D 440 22.39 18.88 -36.43
CA ILE D 440 22.56 17.67 -37.23
C ILE D 440 22.23 16.40 -36.44
N SER D 441 22.38 16.43 -35.11
CA SER D 441 22.11 15.27 -34.27
C SER D 441 20.72 15.29 -33.65
N GLY D 442 19.90 16.30 -33.97
CA GLY D 442 18.61 16.46 -33.35
C GLY D 442 18.70 17.19 -32.02
N ALA D 443 17.53 17.49 -31.47
CA ALA D 443 17.44 18.34 -30.29
C ALA D 443 18.05 17.68 -29.05
N SER D 444 18.74 18.48 -28.25
CA SER D 444 19.05 18.14 -26.88
C SER D 444 18.01 18.76 -25.95
N GLU D 445 18.24 18.56 -24.65
CA GLU D 445 17.31 19.07 -23.63
C GLU D 445 17.28 20.59 -23.66
N LYS D 446 18.44 21.22 -23.77
CA LYS D 446 18.48 22.67 -23.94
C LYS D 446 17.64 23.13 -25.13
N ASP D 447 17.75 22.43 -26.27
CA ASP D 447 17.00 22.82 -27.46
C ASP D 447 15.53 22.69 -27.22
N ILE D 448 15.14 21.62 -26.51
CA ILE D 448 13.72 21.42 -26.33
C ILE D 448 13.17 22.49 -25.43
N VAL D 449 13.87 22.79 -24.34
CA VAL D 449 13.38 23.81 -23.42
C VAL D 449 13.19 25.12 -24.15
N HIS D 450 14.22 25.53 -24.90
CA HIS D 450 14.17 26.81 -25.59
C HIS D 450 13.01 26.86 -26.58
N SER D 451 12.97 25.92 -27.52
CA SER D 451 11.97 26.00 -28.59
C SER D 451 10.60 25.57 -28.10
N GLY D 452 10.54 24.65 -27.14
CA GLY D 452 9.28 24.34 -26.51
C GLY D 452 8.64 25.54 -25.84
N LEU D 453 9.44 26.29 -25.06
CA LEU D 453 8.94 27.51 -24.44
C LEU D 453 8.46 28.52 -25.48
N ALA D 454 9.30 28.85 -26.46
CA ALA D 454 8.92 29.83 -27.48
C ALA D 454 7.65 29.39 -28.20
N TYR D 455 7.51 28.09 -28.49
CA TYR D 455 6.31 27.62 -29.18
C TYR D 455 5.06 27.90 -28.35
N THR D 456 5.08 27.59 -27.05
CA THR D 456 3.82 27.75 -26.32
C THR D 456 3.58 29.23 -25.98
N MET D 457 4.63 30.01 -25.70
CA MET D 457 4.42 31.44 -25.45
C MET D 457 3.80 32.11 -26.66
N GLU D 458 4.16 31.68 -27.86
CA GLU D 458 3.65 32.29 -29.06
C GLU D 458 2.25 31.80 -29.40
N ARG D 459 2.02 30.48 -29.33
CA ARG D 459 0.69 29.96 -29.62
C ARG D 459 -0.34 30.49 -28.64
N SER D 460 0.09 30.81 -27.43
CA SER D 460 -0.81 31.31 -26.39
C SER D 460 -1.12 32.79 -26.62
N ALA D 461 -0.11 33.56 -27.01
CA ALA D 461 -0.31 34.96 -27.38
C ALA D 461 -1.30 35.09 -28.53
N ARG D 462 -1.15 34.26 -29.55
CA ARG D 462 -2.03 34.31 -30.71
C ARG D 462 -3.46 33.97 -30.33
N GLN D 463 -3.64 33.05 -29.40
CA GLN D 463 -4.96 32.68 -28.96
C GLN D 463 -5.61 33.82 -28.17
N ILE D 464 -4.82 34.55 -27.39
CA ILE D 464 -5.36 35.70 -26.66
C ILE D 464 -5.76 36.80 -27.64
N MET D 465 -4.89 37.12 -28.62
CA MET D 465 -5.22 38.12 -29.64
C MET D 465 -6.48 37.75 -30.42
N ARG D 466 -6.53 36.52 -30.91
CA ARG D 466 -7.72 36.03 -31.56
C ARG D 466 -8.95 36.34 -30.72
N THR D 467 -8.89 36.01 -29.43
CA THR D 467 -10.05 36.13 -28.54
C THR D 467 -10.37 37.60 -28.26
N ALA D 468 -9.36 38.42 -27.99
CA ALA D 468 -9.59 39.83 -27.73
C ALA D 468 -10.27 40.51 -28.93
N MET D 469 -9.96 40.05 -30.14
CA MET D 469 -10.61 40.61 -31.31
C MET D 469 -12.02 40.05 -31.49
N LYS D 470 -12.24 38.76 -31.22
CA LYS D 470 -13.57 38.19 -31.41
C LYS D 470 -14.61 38.83 -30.47
N TYR D 471 -14.19 39.39 -29.33
CA TYR D 471 -15.09 39.99 -28.36
C TYR D 471 -14.84 41.49 -28.21
N ASN D 472 -13.98 42.06 -29.05
CA ASN D 472 -13.76 43.50 -29.10
C ASN D 472 -13.33 44.04 -27.73
N LEU D 473 -12.22 43.49 -27.24
CA LEU D 473 -11.76 43.77 -25.89
C LEU D 473 -10.60 44.75 -25.84
N GLY D 474 -10.16 45.26 -26.99
CA GLY D 474 -9.13 46.30 -26.99
C GLY D 474 -7.86 45.81 -26.32
N LEU D 475 -7.38 46.61 -25.37
CA LEU D 475 -6.20 46.28 -24.57
C LEU D 475 -6.53 45.52 -23.29
N ASP D 476 -7.78 45.07 -23.12
CA ASP D 476 -8.08 44.26 -21.94
C ASP D 476 -7.74 42.82 -22.26
N LEU D 477 -6.44 42.56 -22.33
CA LEU D 477 -5.95 41.21 -22.61
C LEU D 477 -6.17 40.27 -21.41
N ARG D 478 -6.23 40.82 -20.19
CA ARG D 478 -6.51 39.97 -19.04
C ARG D 478 -7.85 39.24 -19.21
N THR D 479 -8.90 39.96 -19.63
CA THR D 479 -10.19 39.29 -19.84
C THR D 479 -10.09 38.24 -20.94
N ALA D 480 -9.32 38.54 -21.99
CA ALA D 480 -9.16 37.57 -23.08
C ALA D 480 -8.50 36.28 -22.57
N ALA D 481 -7.45 36.41 -21.76
CA ALA D 481 -6.82 35.23 -21.19
C ALA D 481 -7.79 34.42 -20.31
N TYR D 482 -8.57 35.09 -19.46
CA TYR D 482 -9.51 34.34 -18.62
C TYR D 482 -10.59 33.67 -19.46
N VAL D 483 -11.00 34.31 -20.54
CA VAL D 483 -11.94 33.69 -21.46
C VAL D 483 -11.37 32.38 -21.96
N ASN D 484 -10.10 32.40 -22.35
CA ASN D 484 -9.43 31.21 -22.84
C ASN D 484 -9.32 30.16 -21.74
N ALA D 485 -8.86 30.57 -20.56
CA ALA D 485 -8.72 29.63 -19.45
C ALA D 485 -10.06 28.98 -19.11
N ILE D 486 -11.13 29.78 -19.07
CA ILE D 486 -12.43 29.25 -18.69
C ILE D 486 -12.90 28.23 -19.71
N GLU D 487 -12.75 28.54 -21.00
CA GLU D 487 -13.16 27.59 -22.03
C GLU D 487 -12.48 26.24 -21.85
N LYS D 488 -11.16 26.26 -21.65
CA LYS D 488 -10.40 25.03 -21.59
C LYS D 488 -10.77 24.20 -20.35
N VAL D 489 -11.00 24.86 -19.21
CA VAL D 489 -11.40 24.17 -17.99
C VAL D 489 -12.84 23.67 -18.09
N PHE D 490 -13.70 24.51 -18.66
CA PHE D 490 -15.11 24.11 -18.75
C PHE D 490 -15.29 22.84 -19.58
N ARG D 491 -14.45 22.65 -20.60
CA ARG D 491 -14.58 21.47 -21.45
C ARG D 491 -14.45 20.18 -20.65
N VAL D 492 -13.56 20.17 -19.64
CA VAL D 492 -13.31 18.95 -18.89
C VAL D 492 -14.50 18.63 -17.98
N TYR D 493 -15.12 19.67 -17.41
CA TYR D 493 -16.29 19.48 -16.53
C TYR D 493 -17.50 19.03 -17.30
N ASN D 494 -17.59 19.40 -18.57
CA ASN D 494 -18.72 19.04 -19.40
C ASN D 494 -18.83 17.53 -19.54
N GLU D 495 -17.90 16.93 -20.28
CA GLU D 495 -17.99 15.49 -20.55
C GLU D 495 -17.92 14.67 -19.26
N ALA D 496 -17.29 15.20 -18.20
CA ALA D 496 -17.04 14.38 -17.00
C ALA D 496 -18.31 14.04 -16.22
N GLY D 497 -19.34 14.89 -16.29
CA GLY D 497 -20.45 14.75 -15.36
C GLY D 497 -20.13 15.23 -13.97
N VAL D 498 -19.09 16.06 -13.82
CA VAL D 498 -18.59 16.60 -12.55
C VAL D 498 -18.47 15.52 -11.49
N THR D 499 -19.11 15.72 -10.32
CA THR D 499 -18.99 14.89 -9.12
C THR D 499 -17.66 14.17 -9.00
N PHE D 500 -16.60 14.88 -8.53
CA PHE D 500 -15.22 14.44 -8.29
C PHE D 500 -14.26 15.29 -9.15
N THR D 501 -14.64 15.59 -10.41
CA THR D 501 -13.82 16.31 -11.41
C THR D 501 -14.66 16.69 -12.64
N ALA E 1 -28.19 -18.29 -33.56
CA ALA E 1 -29.23 -17.60 -34.32
C ALA E 1 -30.46 -18.48 -34.50
N ASP E 2 -30.31 -19.54 -35.30
CA ASP E 2 -31.33 -20.58 -35.40
C ASP E 2 -31.36 -21.38 -34.10
N ARG E 3 -32.12 -22.47 -34.11
CA ARG E 3 -31.85 -23.59 -33.22
C ARG E 3 -31.10 -24.67 -33.98
N GLU E 4 -30.49 -25.57 -33.22
CA GLU E 4 -29.40 -26.47 -33.62
C GLU E 4 -28.49 -25.90 -34.71
N ASP E 5 -28.21 -24.59 -34.61
CA ASP E 5 -27.15 -23.90 -35.35
C ASP E 5 -26.43 -22.91 -34.46
N ASP E 6 -26.27 -23.26 -33.21
CA ASP E 6 -26.20 -22.28 -32.13
C ASP E 6 -25.22 -22.84 -31.11
N PRO E 7 -23.94 -22.89 -31.46
CA PRO E 7 -22.97 -23.56 -30.60
C PRO E 7 -22.59 -22.70 -29.40
N ASN E 8 -21.99 -23.36 -28.42
CA ASN E 8 -21.41 -22.67 -27.29
C ASN E 8 -20.31 -21.72 -27.77
N PHE E 9 -20.55 -20.41 -27.60
CA PHE E 9 -19.62 -19.39 -28.12
C PHE E 9 -18.19 -19.68 -27.72
N PHE E 10 -17.94 -20.07 -26.47
CA PHE E 10 -16.58 -20.29 -26.01
C PHE E 10 -15.97 -21.53 -26.66
N LYS E 11 -16.74 -22.63 -26.74
CA LYS E 11 -16.24 -23.81 -27.43
C LYS E 11 -16.01 -23.56 -28.90
N MET E 12 -16.87 -22.76 -29.50
CA MET E 12 -16.71 -22.45 -30.91
C MET E 12 -15.38 -21.74 -31.17
N VAL E 13 -15.02 -20.79 -30.31
CA VAL E 13 -13.74 -20.13 -30.44
C VAL E 13 -12.60 -21.09 -30.11
N GLU E 14 -12.82 -22.00 -29.16
CA GLU E 14 -11.83 -23.06 -28.92
C GLU E 14 -11.63 -23.89 -30.18
N GLY E 15 -12.70 -24.12 -30.94
CA GLY E 15 -12.62 -24.88 -32.18
C GLY E 15 -11.75 -24.18 -33.21
N PHE E 16 -11.97 -22.88 -33.40
CA PHE E 16 -11.09 -22.09 -34.26
C PHE E 16 -9.63 -22.23 -33.81
N PHE E 17 -9.40 -22.18 -32.48
CA PHE E 17 -8.05 -22.32 -31.94
C PHE E 17 -7.47 -23.70 -32.29
N ASP E 18 -8.26 -24.77 -32.12
CA ASP E 18 -7.77 -26.11 -32.39
C ASP E 18 -7.35 -26.28 -33.85
N ARG E 19 -8.22 -25.86 -34.75
CA ARG E 19 -7.89 -25.73 -36.16
C ARG E 19 -6.47 -25.20 -36.37
N GLY E 20 -6.19 -24.01 -35.83
CA GLY E 20 -4.87 -23.42 -35.99
C GLY E 20 -3.79 -24.16 -35.26
N ALA E 21 -4.13 -24.78 -34.12
CA ALA E 21 -3.14 -25.57 -33.40
C ALA E 21 -2.70 -26.80 -34.21
N SER E 22 -3.64 -27.47 -34.92
CA SER E 22 -3.22 -28.59 -35.77
C SER E 22 -2.14 -28.19 -36.74
N ILE E 23 -2.21 -26.99 -37.31
CA ILE E 23 -1.40 -26.67 -38.47
C ILE E 23 0.00 -26.25 -38.07
N VAL E 24 0.16 -25.51 -36.95
CA VAL E 24 1.49 -25.12 -36.50
C VAL E 24 2.14 -26.13 -35.56
N GLU E 25 1.43 -27.20 -35.19
CA GLU E 25 1.99 -28.11 -34.19
C GLU E 25 3.39 -28.57 -34.59
N ASP E 26 3.58 -28.94 -35.87
CA ASP E 26 4.89 -29.35 -36.34
C ASP E 26 5.90 -28.21 -36.19
N LYS E 27 5.54 -27.01 -36.65
CA LYS E 27 6.46 -25.87 -36.57
C LYS E 27 6.83 -25.54 -35.12
N LEU E 28 5.87 -25.64 -34.20
CA LEU E 28 6.19 -25.36 -32.80
C LEU E 28 7.18 -26.36 -32.26
N VAL E 29 6.99 -27.65 -32.57
CA VAL E 29 7.90 -28.68 -32.11
C VAL E 29 9.29 -28.47 -32.72
N GLU E 30 9.33 -27.97 -33.96
CA GLU E 30 10.57 -27.63 -34.65
C GLU E 30 11.50 -26.78 -33.80
N ASP E 31 11.17 -25.50 -33.66
CA ASP E 31 12.06 -24.56 -32.98
C ASP E 31 11.83 -24.61 -31.47
N LEU E 32 12.19 -25.75 -30.89
CA LEU E 32 12.32 -25.88 -29.45
C LEU E 32 13.78 -26.20 -29.14
N LYS E 33 14.45 -25.18 -28.57
CA LYS E 33 15.70 -25.15 -27.83
C LYS E 33 16.09 -26.41 -27.09
N THR E 34 15.08 -27.11 -26.56
CA THR E 34 15.20 -27.91 -25.36
C THR E 34 15.93 -29.23 -25.60
N ARG E 35 16.02 -30.01 -24.52
CA ARG E 35 16.80 -31.25 -24.40
C ARG E 35 16.57 -32.25 -25.52
N GLU E 36 15.95 -33.38 -25.21
CA GLU E 36 15.97 -34.53 -26.12
C GLU E 36 14.59 -34.78 -26.72
N THR E 37 14.47 -34.41 -27.98
CA THR E 37 13.43 -34.77 -28.95
C THR E 37 12.62 -36.05 -28.76
N GLU E 38 12.50 -36.58 -27.52
CA GLU E 38 11.80 -37.84 -27.26
C GLU E 38 10.32 -37.71 -27.60
N GLU E 39 10.06 -36.78 -28.53
CA GLU E 39 8.99 -35.79 -28.52
C GLU E 39 8.02 -35.89 -27.36
N GLN E 40 8.63 -35.99 -26.15
CA GLN E 40 8.20 -35.18 -25.03
C GLN E 40 8.12 -33.70 -25.44
N LYS E 41 8.93 -33.29 -26.42
CA LYS E 41 8.71 -32.02 -27.12
C LYS E 41 7.27 -31.83 -27.52
N ARG E 42 6.78 -32.78 -28.30
CA ARG E 42 5.41 -32.77 -28.81
C ARG E 42 4.41 -32.66 -27.70
N ASN E 43 4.67 -33.31 -26.56
CA ASN E 43 3.72 -33.25 -25.47
C ASN E 43 3.84 -31.97 -24.70
N ARG E 44 5.04 -31.49 -24.57
CA ARG E 44 5.21 -30.18 -24.02
C ARG E 44 4.45 -29.09 -24.81
N VAL E 45 4.56 -29.11 -26.17
CA VAL E 45 3.82 -28.19 -27.01
C VAL E 45 2.34 -28.29 -26.74
N ARG E 46 1.82 -29.50 -26.63
CA ARG E 46 0.39 -29.69 -26.49
C ARG E 46 -0.08 -29.41 -25.06
N GLY E 47 0.82 -29.40 -24.08
CA GLY E 47 0.51 -28.99 -22.73
C GLY E 47 0.44 -27.48 -22.62
N ILE E 48 1.31 -26.78 -23.33
CA ILE E 48 1.26 -25.32 -23.35
C ILE E 48 -0.01 -24.83 -24.05
N LEU E 49 -0.37 -25.43 -25.18
CA LEU E 49 -1.61 -25.02 -25.82
C LEU E 49 -2.82 -25.32 -24.93
N ARG E 50 -2.73 -26.33 -24.09
CA ARG E 50 -3.83 -26.58 -23.15
C ARG E 50 -3.92 -25.52 -22.07
N ILE E 51 -2.79 -24.91 -21.72
CA ILE E 51 -2.80 -23.84 -20.72
C ILE E 51 -3.37 -22.56 -21.30
N ILE E 52 -3.10 -22.29 -22.58
CA ILE E 52 -3.47 -21.02 -23.19
C ILE E 52 -4.99 -20.91 -23.34
N LYS E 53 -5.65 -22.00 -23.66
CA LYS E 53 -7.02 -21.81 -24.13
C LYS E 53 -8.03 -21.42 -23.05
N PRO E 54 -7.98 -21.95 -21.83
CA PRO E 54 -9.00 -21.54 -20.85
C PRO E 54 -8.69 -20.18 -20.23
N CYS E 55 -9.76 -19.48 -19.86
CA CYS E 55 -9.65 -18.26 -19.10
C CYS E 55 -9.00 -18.51 -17.75
N ASN E 56 -8.12 -17.62 -17.35
CA ASN E 56 -7.45 -17.73 -16.07
C ASN E 56 -8.36 -17.29 -14.92
N HIS E 57 -9.20 -16.30 -15.14
CA HIS E 57 -9.96 -15.60 -14.08
C HIS E 57 -11.31 -15.20 -14.64
N VAL E 58 -12.38 -15.45 -13.89
CA VAL E 58 -13.70 -14.90 -14.22
C VAL E 58 -14.33 -14.44 -12.91
N LEU E 59 -14.67 -13.16 -12.83
CA LEU E 59 -15.42 -12.62 -11.71
C LEU E 59 -16.89 -12.49 -12.10
N SER E 60 -17.77 -13.10 -11.29
CA SER E 60 -19.21 -12.93 -11.42
C SER E 60 -19.71 -12.04 -10.29
N LEU E 61 -20.55 -11.07 -10.65
CA LEU E 61 -21.07 -10.08 -9.69
C LEU E 61 -22.57 -10.02 -9.68
N SER E 62 -23.12 -9.87 -8.45
CA SER E 62 -24.41 -9.28 -8.21
C SER E 62 -24.28 -8.11 -7.25
N PHE E 63 -24.96 -7.03 -7.59
CA PHE E 63 -24.96 -5.88 -6.70
C PHE E 63 -26.25 -5.09 -6.90
N PRO E 64 -26.76 -4.47 -5.85
CA PRO E 64 -28.02 -3.74 -5.96
C PRO E 64 -27.81 -2.30 -6.42
N ILE E 65 -28.82 -1.80 -7.14
CA ILE E 65 -28.95 -0.37 -7.39
C ILE E 65 -30.39 0.04 -7.09
N ARG E 66 -30.55 1.34 -6.80
CA ARG E 66 -31.84 1.94 -6.48
C ARG E 66 -32.37 2.65 -7.72
N ARG E 67 -33.42 2.07 -8.33
CA ARG E 67 -34.00 2.61 -9.55
C ARG E 67 -34.57 4.00 -9.33
N ASP E 68 -34.90 4.67 -10.45
CA ASP E 68 -35.43 6.03 -10.36
C ASP E 68 -36.74 6.10 -9.59
N ASP E 69 -37.57 5.06 -9.62
CA ASP E 69 -38.82 5.15 -8.87
C ASP E 69 -38.71 4.66 -7.43
N GLY E 70 -37.49 4.34 -6.97
CA GLY E 70 -37.28 3.95 -5.59
C GLY E 70 -37.13 2.46 -5.36
N SER E 71 -37.45 1.64 -6.36
CA SER E 71 -37.35 0.20 -6.26
C SER E 71 -35.89 -0.26 -6.26
N TRP E 72 -35.62 -1.35 -5.54
CA TRP E 72 -34.33 -2.00 -5.64
C TRP E 72 -34.30 -3.02 -6.75
N GLU E 73 -33.17 -3.06 -7.45
CA GLU E 73 -32.91 -4.06 -8.47
C GLU E 73 -31.53 -4.65 -8.23
N VAL E 74 -31.42 -5.97 -8.44
CA VAL E 74 -30.13 -6.65 -8.47
C VAL E 74 -29.70 -6.77 -9.92
N ILE E 75 -28.49 -6.38 -10.22
CA ILE E 75 -28.03 -6.59 -11.58
C ILE E 75 -26.75 -7.42 -11.56
N GLU E 76 -26.62 -8.30 -12.55
CA GLU E 76 -25.49 -9.20 -12.68
C GLU E 76 -24.49 -8.67 -13.69
N GLY E 77 -23.22 -8.96 -13.40
CA GLY E 77 -22.13 -8.55 -14.25
C GLY E 77 -21.02 -9.56 -14.17
N TYR E 78 -20.18 -9.55 -15.21
CA TYR E 78 -19.05 -10.47 -15.30
C TYR E 78 -17.86 -9.73 -15.90
N ARG E 79 -16.66 -10.22 -15.57
CA ARG E 79 -15.45 -9.83 -16.28
C ARG E 79 -14.52 -11.02 -16.28
N ALA E 80 -14.18 -11.49 -17.48
CA ALA E 80 -13.24 -12.58 -17.63
C ALA E 80 -11.89 -12.04 -18.05
N GLN E 81 -10.84 -12.61 -17.49
CA GLN E 81 -9.47 -12.30 -17.87
C GLN E 81 -8.89 -13.57 -18.48
N HIS E 82 -8.74 -13.58 -19.80
CA HIS E 82 -8.39 -14.83 -20.46
C HIS E 82 -6.92 -15.19 -20.26
N SER E 83 -6.03 -14.20 -20.28
CA SER E 83 -4.60 -14.51 -20.23
C SER E 83 -3.85 -13.32 -19.65
N GLN E 84 -2.81 -13.62 -18.88
CA GLN E 84 -1.91 -12.60 -18.37
C GLN E 84 -0.51 -12.76 -18.90
N HIS E 85 -0.33 -13.50 -19.99
CA HIS E 85 1.00 -13.63 -20.55
C HIS E 85 1.57 -12.27 -20.96
N ARG E 86 0.72 -11.26 -21.13
CA ARG E 86 1.14 -9.86 -21.22
C ARG E 86 0.27 -9.08 -20.27
N THR E 87 0.88 -8.13 -19.52
CA THR E 87 0.42 -7.92 -18.15
C THR E 87 -0.89 -7.13 -18.09
N PRO E 88 -1.03 -5.96 -18.71
CA PRO E 88 -2.36 -5.34 -18.69
C PRO E 88 -3.26 -6.09 -19.65
N CYS E 89 -4.31 -6.69 -19.10
CA CYS E 89 -5.39 -7.25 -19.91
C CYS E 89 -6.23 -6.14 -20.50
N LYS E 90 -6.86 -6.43 -21.64
CA LYS E 90 -7.56 -5.41 -22.40
C LYS E 90 -8.84 -6.02 -22.99
N GLY E 91 -9.93 -5.26 -22.92
CA GLY E 91 -11.15 -5.66 -23.57
C GLY E 91 -12.32 -4.84 -23.10
N GLY E 92 -13.36 -4.79 -23.93
CA GLY E 92 -14.49 -3.90 -23.74
C GLY E 92 -15.52 -4.36 -22.72
N ILE E 93 -16.53 -3.52 -22.55
CA ILE E 93 -17.66 -3.75 -21.65
C ILE E 93 -18.97 -3.69 -22.45
N ARG E 94 -19.77 -4.76 -22.34
CA ARG E 94 -20.99 -4.92 -23.12
C ARG E 94 -22.18 -4.88 -22.17
N TYR E 95 -23.13 -3.99 -22.45
CA TYR E 95 -24.40 -3.94 -21.73
C TYR E 95 -25.45 -4.59 -22.62
N SER E 96 -25.88 -5.80 -22.27
CA SER E 96 -26.84 -6.52 -23.10
C SER E 96 -27.42 -7.66 -22.28
N THR E 97 -28.70 -7.97 -22.54
CA THR E 97 -29.37 -9.09 -21.86
C THR E 97 -28.80 -10.44 -22.28
N ASP E 98 -27.99 -10.49 -23.33
CA ASP E 98 -27.39 -11.74 -23.76
C ASP E 98 -26.10 -12.03 -23.02
N VAL E 99 -25.65 -11.13 -22.15
CA VAL E 99 -24.39 -11.32 -21.47
C VAL E 99 -24.50 -12.54 -20.58
N SER E 100 -23.50 -13.39 -20.65
CA SER E 100 -23.37 -14.53 -19.76
C SER E 100 -21.91 -14.79 -19.52
N VAL E 101 -21.63 -15.69 -18.57
CA VAL E 101 -20.26 -16.12 -18.33
C VAL E 101 -19.68 -16.73 -19.61
N ASP E 102 -20.47 -17.62 -20.24
CA ASP E 102 -20.28 -18.23 -21.56
C ASP E 102 -19.74 -17.17 -22.53
N GLU E 103 -20.54 -16.15 -22.78
CA GLU E 103 -20.25 -15.16 -23.81
C GLU E 103 -19.05 -14.28 -23.45
N VAL E 104 -18.90 -13.95 -22.17
CA VAL E 104 -17.81 -13.10 -21.74
C VAL E 104 -16.47 -13.82 -21.83
N LYS E 105 -16.45 -15.13 -21.56
CA LYS E 105 -15.23 -15.91 -21.73
C LYS E 105 -14.83 -16.01 -23.19
N ALA E 106 -15.80 -16.22 -24.09
CA ALA E 106 -15.50 -16.31 -25.51
C ALA E 106 -14.87 -15.02 -26.02
N LEU E 107 -15.49 -13.88 -25.71
CA LEU E 107 -14.97 -12.61 -26.17
C LEU E 107 -13.63 -12.26 -25.54
N ALA E 108 -13.42 -12.68 -24.29
CA ALA E 108 -12.11 -12.46 -23.67
C ALA E 108 -11.01 -13.20 -24.42
N SER E 109 -11.28 -14.43 -24.86
CA SER E 109 -10.25 -15.19 -25.55
C SER E 109 -10.01 -14.61 -26.94
N LEU E 110 -11.07 -14.21 -27.66
CA LEU E 110 -10.88 -13.50 -28.92
C LEU E 110 -9.98 -12.28 -28.73
N MET E 111 -10.11 -11.59 -27.59
CA MET E 111 -9.28 -10.41 -27.36
C MET E 111 -7.80 -10.78 -27.29
N THR E 112 -7.48 -11.89 -26.62
CA THR E 112 -6.09 -12.36 -26.54
C THR E 112 -5.51 -12.59 -27.93
N TYR E 113 -6.20 -13.37 -28.75
CA TYR E 113 -5.71 -13.74 -30.07
C TYR E 113 -5.69 -12.53 -31.01
N LYS E 114 -6.69 -11.68 -30.90
CA LYS E 114 -6.71 -10.46 -31.72
C LYS E 114 -5.51 -9.56 -31.41
N CYS E 115 -5.22 -9.35 -30.13
CA CYS E 115 -4.07 -8.53 -29.78
C CYS E 115 -2.77 -9.15 -30.30
N ALA E 116 -2.67 -10.48 -30.27
CA ALA E 116 -1.48 -11.13 -30.79
C ALA E 116 -1.34 -10.93 -32.30
N VAL E 117 -2.47 -11.00 -33.03
CA VAL E 117 -2.44 -10.84 -34.49
C VAL E 117 -1.86 -9.49 -34.88
N VAL E 118 -2.30 -8.43 -34.18
CA VAL E 118 -1.88 -7.03 -34.42
C VAL E 118 -0.72 -6.63 -33.54
N ASP E 119 -0.22 -7.51 -32.68
CA ASP E 119 1.02 -7.25 -31.98
C ASP E 119 0.83 -6.11 -30.97
N VAL E 120 -0.29 -6.15 -30.26
CA VAL E 120 -0.57 -5.20 -29.18
C VAL E 120 -0.31 -5.92 -27.86
N PRO E 121 0.56 -5.41 -27.00
CA PRO E 121 1.07 -6.19 -25.85
C PRO E 121 0.09 -6.26 -24.68
N PHE E 122 -1.11 -6.76 -24.95
CA PHE E 122 -2.13 -6.91 -23.93
C PHE E 122 -2.61 -8.35 -23.92
N GLY E 123 -2.92 -8.87 -22.74
CA GLY E 123 -3.71 -10.09 -22.66
C GLY E 123 -5.19 -9.81 -22.81
N GLY E 124 -5.97 -10.85 -23.09
CA GLY E 124 -7.38 -10.66 -23.38
C GLY E 124 -8.26 -10.62 -22.14
N ALA E 125 -9.27 -9.75 -22.18
CA ALA E 125 -10.27 -9.64 -21.13
C ALA E 125 -11.55 -9.12 -21.75
N LYS E 126 -12.68 -9.31 -21.06
CA LYS E 126 -13.96 -8.78 -21.53
C LYS E 126 -14.96 -8.78 -20.39
N ALA E 127 -15.78 -7.72 -20.32
CA ALA E 127 -16.78 -7.58 -19.28
C ALA E 127 -18.16 -7.44 -19.89
N GLY E 128 -19.17 -7.80 -19.09
CA GLY E 128 -20.56 -7.69 -19.49
C GLY E 128 -21.49 -7.44 -18.33
N VAL E 129 -22.48 -6.55 -18.55
CA VAL E 129 -23.52 -6.28 -17.56
C VAL E 129 -24.85 -6.68 -18.17
N LYS E 130 -25.62 -7.47 -17.43
CA LYS E 130 -26.80 -8.16 -17.98
C LYS E 130 -28.03 -7.26 -17.88
N ILE E 131 -28.04 -6.20 -18.68
CA ILE E 131 -29.17 -5.26 -18.75
C ILE E 131 -29.41 -4.89 -20.20
N ASN E 132 -30.60 -4.37 -20.46
CA ASN E 132 -30.89 -3.71 -21.73
C ASN E 132 -30.87 -2.22 -21.47
N PRO E 133 -29.85 -1.47 -21.93
CA PRO E 133 -29.75 -0.06 -21.55
C PRO E 133 -30.90 0.79 -22.04
N LYS E 134 -31.70 0.29 -23.00
CA LYS E 134 -32.91 0.99 -23.44
C LYS E 134 -33.86 1.24 -22.26
N ASN E 135 -33.87 0.34 -21.27
CA ASN E 135 -34.85 0.37 -20.20
C ASN E 135 -34.38 1.09 -18.95
N TYR E 136 -33.36 1.94 -19.05
CA TYR E 136 -32.83 2.63 -17.89
C TYR E 136 -32.65 4.11 -18.21
N THR E 137 -32.82 4.97 -17.21
CA THR E 137 -32.51 6.38 -17.44
C THR E 137 -30.99 6.57 -17.45
N ASP E 138 -30.57 7.76 -17.88
CA ASP E 138 -29.15 8.08 -17.82
C ASP E 138 -28.67 8.10 -16.38
N ASN E 139 -29.52 8.58 -15.47
CA ASN E 139 -29.21 8.53 -14.05
C ASN E 139 -28.96 7.10 -13.60
N GLU E 140 -29.81 6.17 -14.03
CA GLU E 140 -29.67 4.78 -13.60
C GLU E 140 -28.41 4.15 -14.19
N LEU E 141 -28.11 4.45 -15.45
CA LEU E 141 -26.96 3.84 -16.10
C LEU E 141 -25.66 4.35 -15.49
N GLU E 142 -25.62 5.63 -15.09
CA GLU E 142 -24.47 6.12 -14.35
C GLU E 142 -24.24 5.32 -13.08
N LYS E 143 -25.30 5.07 -12.29
CA LYS E 143 -25.15 4.32 -11.05
C LYS E 143 -24.66 2.92 -11.32
N ILE E 144 -25.23 2.27 -12.33
CA ILE E 144 -24.81 0.92 -12.69
C ILE E 144 -23.33 0.91 -13.07
N THR E 145 -22.92 1.89 -13.89
CA THR E 145 -21.53 1.92 -14.35
C THR E 145 -20.58 2.21 -13.21
N ARG E 146 -20.91 3.19 -12.39
CA ARG E 146 -19.98 3.64 -11.37
C ARG E 146 -19.77 2.57 -10.33
N ARG E 147 -20.82 1.86 -10.04
CA ARG E 147 -20.73 0.80 -9.08
C ARG E 147 -20.09 -0.47 -9.64
N PHE E 148 -20.38 -0.81 -10.89
CA PHE E 148 -19.69 -1.90 -11.55
C PHE E 148 -18.19 -1.66 -11.49
N THR E 149 -17.77 -0.40 -11.66
CA THR E 149 -16.36 -0.06 -11.60
C THR E 149 -15.77 -0.34 -10.22
N MET E 150 -16.47 0.04 -9.16
CA MET E 150 -15.87 -0.12 -7.83
C MET E 150 -15.77 -1.60 -7.45
N GLU E 151 -16.78 -2.40 -7.78
CA GLU E 151 -16.70 -3.83 -7.50
C GLU E 151 -15.58 -4.49 -8.28
N LEU E 152 -15.33 -4.05 -9.50
CA LEU E 152 -14.21 -4.58 -10.25
C LEU E 152 -12.87 -4.15 -9.65
N ALA E 153 -12.78 -2.90 -9.19
CA ALA E 153 -11.51 -2.36 -8.71
C ALA E 153 -11.12 -2.97 -7.37
N LYS E 154 -12.09 -3.26 -6.50
CA LYS E 154 -11.74 -3.88 -5.22
C LYS E 154 -11.15 -5.29 -5.38
N LYS E 155 -11.53 -6.02 -6.43
CA LYS E 155 -11.02 -7.38 -6.66
C LYS E 155 -9.90 -7.45 -7.71
N GLY E 156 -9.29 -6.31 -8.03
CA GLY E 156 -8.23 -6.30 -9.01
C GLY E 156 -8.63 -6.67 -10.41
N PHE E 157 -9.86 -6.35 -10.83
CA PHE E 157 -10.28 -6.54 -12.22
C PHE E 157 -10.37 -5.23 -13.02
N ILE E 158 -9.82 -4.13 -12.51
CA ILE E 158 -9.55 -2.95 -13.33
C ILE E 158 -8.41 -2.18 -12.69
N GLY E 159 -7.55 -1.62 -13.52
CA GLY E 159 -6.39 -0.88 -13.08
C GLY E 159 -5.43 -0.70 -14.24
N PRO E 160 -4.71 0.41 -14.24
CA PRO E 160 -3.84 0.71 -15.40
C PRO E 160 -2.84 -0.38 -15.70
N GLY E 161 -2.30 -1.04 -14.69
CA GLY E 161 -1.37 -2.13 -14.89
C GLY E 161 -1.98 -3.51 -14.79
N VAL E 162 -3.29 -3.63 -14.79
CA VAL E 162 -3.86 -4.92 -14.44
C VAL E 162 -4.88 -5.26 -15.51
N ASP E 163 -5.79 -4.34 -15.78
CA ASP E 163 -6.90 -4.62 -16.70
C ASP E 163 -7.54 -3.31 -17.10
N VAL E 164 -7.58 -3.03 -18.40
CA VAL E 164 -7.99 -1.75 -18.93
C VAL E 164 -9.19 -1.95 -19.85
N PRO E 165 -10.41 -1.61 -19.40
CA PRO E 165 -11.59 -1.79 -20.24
C PRO E 165 -11.71 -0.76 -21.37
N ALA E 166 -12.84 -0.79 -22.10
CA ALA E 166 -13.05 -0.04 -23.33
C ALA E 166 -14.52 -0.19 -23.74
N PRO E 167 -14.98 0.53 -24.76
CA PRO E 167 -16.38 0.36 -25.19
C PRO E 167 -16.62 -0.97 -25.89
N ASP E 168 -17.89 -1.42 -25.85
CA ASP E 168 -18.39 -2.52 -26.67
C ASP E 168 -19.86 -2.23 -27.01
N MET E 169 -20.66 -3.26 -27.27
CA MET E 169 -22.06 -3.01 -27.62
C MET E 169 -22.79 -2.25 -26.50
N SER E 170 -23.43 -1.15 -26.87
CA SER E 170 -24.25 -0.32 -25.99
C SER E 170 -23.48 0.44 -24.92
N THR E 171 -22.16 0.54 -25.06
CA THR E 171 -21.39 1.44 -24.22
C THR E 171 -20.54 2.34 -25.12
N GLY E 172 -20.14 3.48 -24.58
CA GLY E 172 -19.35 4.40 -25.38
C GLY E 172 -18.59 5.36 -24.51
N GLU E 173 -18.09 6.41 -25.15
CA GLU E 173 -17.46 7.57 -24.53
C GLU E 173 -18.03 7.91 -23.16
N ARG E 174 -19.36 7.91 -23.05
CA ARG E 174 -20.00 8.38 -21.83
C ARG E 174 -19.75 7.42 -20.68
N GLU E 175 -19.95 6.11 -20.91
CA GLU E 175 -19.67 5.14 -19.86
C GLU E 175 -18.18 5.14 -19.50
N MET E 176 -17.30 5.25 -20.51
CA MET E 176 -15.88 5.27 -20.21
C MET E 176 -15.51 6.46 -19.33
N SER E 177 -16.19 7.59 -19.54
CA SER E 177 -15.96 8.74 -18.66
C SER E 177 -16.30 8.41 -17.22
N TRP E 178 -17.45 7.76 -17.02
CA TRP E 178 -17.87 7.39 -15.67
C TRP E 178 -16.91 6.39 -15.04
N ILE E 179 -16.39 5.45 -15.84
CA ILE E 179 -15.45 4.46 -15.31
C ILE E 179 -14.18 5.14 -14.84
N ALA E 180 -13.61 6.00 -15.68
CA ALA E 180 -12.35 6.66 -15.36
C ALA E 180 -12.49 7.59 -14.16
N ASP E 181 -13.60 8.32 -14.08
CA ASP E 181 -13.80 9.24 -12.96
C ASP E 181 -13.97 8.48 -11.65
N THR E 182 -14.66 7.34 -11.68
CA THR E 182 -14.84 6.56 -10.45
C THR E 182 -13.52 5.95 -9.98
N TYR E 183 -12.72 5.45 -10.92
CA TYR E 183 -11.42 4.89 -10.58
C TYR E 183 -10.49 5.95 -10.00
N ALA E 184 -10.25 7.03 -10.75
CA ALA E 184 -9.28 8.05 -10.34
C ALA E 184 -9.68 8.84 -9.10
N SER E 185 -10.92 8.68 -8.60
CA SER E 185 -11.40 9.41 -7.43
C SER E 185 -11.45 8.54 -6.18
N THR E 186 -11.30 7.23 -6.34
CA THR E 186 -11.27 6.34 -5.19
C THR E 186 -9.91 5.65 -5.23
N ILE E 187 -9.84 4.40 -5.68
CA ILE E 187 -8.61 3.61 -5.55
C ILE E 187 -7.42 4.26 -6.24
N GLY E 188 -7.65 5.04 -7.28
CA GLY E 188 -6.54 5.57 -8.02
C GLY E 188 -6.15 7.01 -7.72
N HIS E 189 -6.49 7.52 -6.54
CA HIS E 189 -6.25 8.94 -6.27
C HIS E 189 -4.77 9.29 -6.28
N TYR E 190 -3.89 8.35 -5.94
CA TYR E 190 -2.47 8.67 -5.90
C TYR E 190 -1.71 8.13 -7.10
N ASP E 191 -2.37 7.43 -8.00
CA ASP E 191 -1.73 6.82 -9.15
C ASP E 191 -1.49 7.88 -10.23
N ILE E 192 -0.24 8.10 -10.58
CA ILE E 192 0.08 9.01 -11.67
C ILE E 192 -0.53 8.53 -12.99
N ASN E 193 -0.88 7.25 -13.10
CA ASN E 193 -1.46 6.70 -14.31
C ASN E 193 -2.95 6.38 -14.17
N ALA E 194 -3.65 7.04 -13.27
CA ALA E 194 -5.02 6.66 -12.99
C ALA E 194 -5.88 6.69 -14.23
N HIS E 195 -5.65 7.65 -15.12
CA HIS E 195 -6.56 7.76 -16.24
C HIS E 195 -6.23 6.79 -17.36
N ALA E 196 -5.13 6.06 -17.26
CA ALA E 196 -4.89 4.95 -18.14
C ALA E 196 -5.68 3.70 -17.75
N CYS E 197 -6.65 3.81 -16.84
CA CYS E 197 -7.38 2.66 -16.37
C CYS E 197 -8.46 2.21 -17.34
N VAL E 198 -8.78 3.02 -18.35
CA VAL E 198 -9.80 2.66 -19.32
C VAL E 198 -9.52 3.45 -20.59
N THR E 199 -9.88 2.88 -21.74
CA THR E 199 -9.70 3.57 -23.00
C THR E 199 -11.08 3.81 -23.62
N GLY E 200 -11.07 4.52 -24.76
CA GLY E 200 -12.32 5.01 -25.32
C GLY E 200 -12.88 6.20 -24.60
N LYS E 201 -12.04 6.93 -23.86
CA LYS E 201 -12.52 8.07 -23.10
C LYS E 201 -12.77 9.26 -24.05
N PRO E 202 -13.62 10.21 -23.64
CA PRO E 202 -13.74 11.45 -24.41
C PRO E 202 -12.40 12.16 -24.48
N ILE E 203 -12.17 12.85 -25.60
CA ILE E 203 -10.90 13.50 -25.84
C ILE E 203 -10.58 14.51 -24.74
N SER E 204 -11.59 15.19 -24.24
CA SER E 204 -11.35 16.16 -23.17
C SER E 204 -10.93 15.51 -21.87
N GLN E 205 -10.84 14.18 -21.84
CA GLN E 205 -10.59 13.43 -20.61
C GLN E 205 -9.41 12.50 -20.73
N GLY E 206 -8.55 12.73 -21.69
CA GLY E 206 -7.52 11.76 -21.92
C GLY E 206 -7.84 10.80 -23.02
N GLY E 207 -8.97 10.96 -23.69
CA GLY E 207 -9.20 10.26 -24.95
C GLY E 207 -8.18 10.66 -26.01
N ILE E 208 -8.26 9.96 -27.13
CA ILE E 208 -7.35 10.14 -28.25
C ILE E 208 -8.18 10.35 -29.50
N HIS E 209 -7.62 11.15 -30.41
CA HIS E 209 -8.27 11.40 -31.69
C HIS E 209 -8.58 10.10 -32.41
N GLY E 210 -9.81 9.97 -32.90
CA GLY E 210 -10.19 8.87 -33.74
C GLY E 210 -10.54 7.57 -33.06
N ARG E 211 -10.55 7.49 -31.73
CA ARG E 211 -10.86 6.20 -31.11
C ARG E 211 -12.30 5.80 -31.43
N ILE E 212 -13.22 6.77 -31.45
CA ILE E 212 -14.62 6.45 -31.79
C ILE E 212 -14.72 5.75 -33.14
N SER E 213 -14.13 6.34 -34.19
CA SER E 213 -14.21 5.76 -35.53
C SER E 213 -13.12 4.72 -35.81
N ALA E 214 -12.33 4.35 -34.79
CA ALA E 214 -11.14 3.55 -35.05
C ALA E 214 -11.49 2.17 -35.58
N THR E 215 -12.53 1.53 -35.04
CA THR E 215 -12.82 0.17 -35.47
C THR E 215 -13.25 0.12 -36.92
N GLY E 216 -14.06 1.09 -37.36
CA GLY E 216 -14.48 1.11 -38.75
C GLY E 216 -13.35 1.51 -39.68
N ARG E 217 -12.51 2.43 -39.25
CA ARG E 217 -11.35 2.83 -40.04
C ARG E 217 -10.40 1.65 -40.25
N GLY E 218 -10.32 0.75 -39.28
CA GLY E 218 -9.58 -0.48 -39.47
C GLY E 218 -10.33 -1.55 -40.23
N VAL E 219 -11.67 -1.50 -40.22
CA VAL E 219 -12.44 -2.37 -41.12
C VAL E 219 -12.18 -1.95 -42.57
N PHE E 220 -12.12 -0.64 -42.87
CA PHE E 220 -11.77 -0.16 -44.20
C PHE E 220 -10.39 -0.66 -44.58
N HIS E 221 -9.38 -0.44 -43.72
CA HIS E 221 -8.00 -0.79 -44.06
C HIS E 221 -7.85 -2.30 -44.30
N GLY E 222 -8.54 -3.11 -43.50
CA GLY E 222 -8.40 -4.54 -43.63
C GLY E 222 -9.07 -5.08 -44.88
N ILE E 223 -10.18 -4.48 -45.29
CA ILE E 223 -10.80 -4.86 -46.56
C ILE E 223 -9.92 -4.42 -47.73
N GLU E 224 -9.40 -3.20 -47.65
CA GLU E 224 -8.62 -2.65 -48.74
C GLU E 224 -7.35 -3.46 -49.00
N ASN E 225 -6.76 -3.98 -47.92
CA ASN E 225 -5.56 -4.80 -48.03
C ASN E 225 -5.82 -6.09 -48.80
N PHE E 226 -7.04 -6.61 -48.76
CA PHE E 226 -7.38 -7.81 -49.53
C PHE E 226 -8.08 -7.50 -50.85
N ILE E 227 -8.83 -6.40 -50.91
CA ILE E 227 -9.53 -6.04 -52.15
C ILE E 227 -8.59 -5.56 -53.25
N ASN E 228 -7.35 -5.23 -52.90
CA ASN E 228 -6.31 -4.84 -53.83
C ASN E 228 -5.28 -5.94 -54.07
N GLU E 229 -5.52 -7.18 -53.60
CA GLU E 229 -4.68 -8.34 -53.90
C GLU E 229 -5.25 -9.08 -55.10
N ALA E 230 -4.54 -9.02 -56.23
CA ALA E 230 -5.01 -9.72 -57.41
C ALA E 230 -5.15 -11.22 -57.17
N SER E 231 -4.19 -11.81 -56.48
CA SER E 231 -4.23 -13.25 -56.19
C SER E 231 -5.56 -13.66 -55.60
N TYR E 232 -6.07 -12.89 -54.62
CA TYR E 232 -7.32 -13.26 -53.95
C TYR E 232 -8.55 -12.82 -54.74
N MET E 233 -8.51 -11.60 -55.30
CA MET E 233 -9.66 -11.09 -56.04
C MET E 233 -9.95 -11.91 -57.31
N SER E 234 -9.00 -12.74 -57.75
CA SER E 234 -9.24 -13.58 -58.92
C SER E 234 -10.03 -14.83 -58.55
N ILE E 235 -9.65 -15.52 -57.47
CA ILE E 235 -10.44 -16.67 -57.03
C ILE E 235 -11.88 -16.28 -56.78
N LEU E 236 -12.11 -15.02 -56.41
CA LEU E 236 -13.46 -14.55 -56.18
C LEU E 236 -14.14 -14.07 -57.46
N GLY E 237 -13.38 -13.88 -58.54
CA GLY E 237 -13.94 -13.38 -59.77
C GLY E 237 -14.34 -11.92 -59.70
N MET E 238 -13.47 -11.06 -59.15
CA MET E 238 -13.77 -9.65 -59.00
C MET E 238 -12.59 -8.80 -59.44
N THR E 239 -12.91 -7.57 -59.78
CA THR E 239 -11.92 -6.55 -60.07
C THR E 239 -11.31 -6.03 -58.77
N PRO E 240 -10.00 -5.81 -58.74
CA PRO E 240 -9.40 -5.09 -57.61
C PRO E 240 -10.02 -3.71 -57.44
N GLY E 241 -9.99 -3.22 -56.20
CA GLY E 241 -10.38 -1.85 -55.91
C GLY E 241 -11.80 -1.74 -55.37
N PHE E 242 -12.15 -0.51 -54.98
CA PHE E 242 -13.43 -0.21 -54.37
C PHE E 242 -14.44 0.45 -55.30
N GLY E 243 -13.97 1.18 -56.32
CA GLY E 243 -14.78 2.08 -57.11
C GLY E 243 -16.06 1.53 -57.70
N ASP E 244 -16.20 0.21 -57.77
CA ASP E 244 -17.33 -0.40 -58.44
C ASP E 244 -18.22 -1.24 -57.54
N LYS E 245 -17.88 -1.40 -56.27
CA LYS E 245 -18.45 -2.48 -55.46
C LYS E 245 -19.52 -1.96 -54.51
N THR E 246 -20.42 -2.87 -54.15
CA THR E 246 -21.52 -2.60 -53.24
C THR E 246 -21.29 -3.38 -51.95
N PHE E 247 -21.88 -2.87 -50.87
CA PHE E 247 -21.78 -3.59 -49.61
C PHE E 247 -23.04 -3.38 -48.78
N ALA E 248 -23.28 -4.30 -47.86
CA ALA E 248 -24.35 -4.18 -46.89
C ALA E 248 -23.76 -4.35 -45.50
N VAL E 249 -24.24 -3.57 -44.56
CA VAL E 249 -23.76 -3.64 -43.18
C VAL E 249 -24.92 -3.93 -42.26
N GLN E 250 -24.77 -4.96 -41.42
CA GLN E 250 -25.72 -5.26 -40.37
C GLN E 250 -25.22 -4.60 -39.09
N GLY E 251 -26.02 -3.69 -38.53
CA GLY E 251 -25.57 -2.89 -37.41
C GLY E 251 -25.18 -1.49 -37.85
N PHE E 252 -25.81 -0.48 -37.26
CA PHE E 252 -25.51 0.91 -37.58
C PHE E 252 -24.99 1.64 -36.34
N GLY E 253 -24.25 0.92 -35.48
CA GLY E 253 -23.68 1.52 -34.29
C GLY E 253 -22.27 2.01 -34.49
N ASN E 254 -21.43 1.84 -33.45
CA ASN E 254 -20.06 2.34 -33.50
C ASN E 254 -19.28 1.74 -34.67
N VAL E 255 -19.34 0.42 -34.83
CA VAL E 255 -18.59 -0.24 -35.90
C VAL E 255 -19.27 -0.03 -37.24
N GLY E 256 -20.57 -0.28 -37.32
CA GLY E 256 -21.26 -0.24 -38.60
C GLY E 256 -21.18 1.11 -39.26
N LEU E 257 -21.52 2.18 -38.52
CA LEU E 257 -21.60 3.50 -39.12
C LEU E 257 -20.26 3.95 -39.70
N HIS E 258 -19.17 3.72 -38.98
CA HIS E 258 -17.90 4.24 -39.47
C HIS E 258 -17.30 3.36 -40.55
N SER E 259 -17.53 2.05 -40.50
CA SER E 259 -17.21 1.20 -41.64
C SER E 259 -17.86 1.75 -42.90
N MET E 260 -19.14 2.09 -42.81
CA MET E 260 -19.88 2.60 -43.97
C MET E 260 -19.41 4.00 -44.37
N ARG E 261 -19.01 4.85 -43.40
CA ARG E 261 -18.45 6.15 -43.76
C ARG E 261 -17.20 6.01 -44.61
N TYR E 262 -16.30 5.10 -44.22
CA TYR E 262 -14.99 5.06 -44.89
C TYR E 262 -15.07 4.37 -46.24
N LEU E 263 -15.87 3.31 -46.37
CA LEU E 263 -16.00 2.67 -47.67
C LEU E 263 -16.69 3.62 -48.68
N HIS E 264 -17.76 4.30 -48.25
CA HIS E 264 -18.40 5.30 -49.09
C HIS E 264 -17.40 6.35 -49.57
N ARG E 265 -16.45 6.71 -48.71
CA ARG E 265 -15.46 7.73 -49.07
C ARG E 265 -14.58 7.29 -50.22
N PHE E 266 -14.25 6.00 -50.29
CA PHE E 266 -13.34 5.49 -51.32
C PHE E 266 -14.09 4.80 -52.46
N GLY E 267 -15.34 5.19 -52.69
CA GLY E 267 -16.03 4.84 -53.91
C GLY E 267 -17.07 3.75 -53.79
N ALA E 268 -16.91 2.84 -52.84
CA ALA E 268 -17.90 1.78 -52.68
C ALA E 268 -19.25 2.36 -52.30
N LYS E 269 -20.30 1.59 -52.55
CA LYS E 269 -21.68 2.07 -52.50
C LYS E 269 -22.46 1.25 -51.48
N CYS E 270 -23.04 1.91 -50.48
CA CYS E 270 -23.80 1.21 -49.46
C CYS E 270 -25.20 0.92 -49.95
N VAL E 271 -25.54 -0.37 -49.96
CA VAL E 271 -26.77 -0.86 -50.58
C VAL E 271 -27.85 -1.19 -49.56
N ALA E 272 -27.49 -1.49 -48.31
CA ALA E 272 -28.46 -1.92 -47.31
C ALA E 272 -27.84 -1.75 -45.93
N VAL E 273 -28.69 -1.33 -44.98
CA VAL E 273 -28.31 -1.11 -43.58
C VAL E 273 -29.39 -1.75 -42.71
N GLY E 274 -28.96 -2.46 -41.66
CA GLY E 274 -29.90 -3.12 -40.79
C GLY E 274 -29.64 -2.88 -39.32
N GLU E 275 -30.71 -2.96 -38.52
CA GLU E 275 -30.64 -2.98 -37.07
C GLU E 275 -31.60 -4.05 -36.58
N SER E 276 -31.87 -4.06 -35.27
CA SER E 276 -32.81 -5.03 -34.71
C SER E 276 -34.23 -4.73 -35.17
N ASP E 277 -34.51 -3.46 -35.44
CA ASP E 277 -35.79 -3.06 -36.01
C ASP E 277 -36.11 -3.81 -37.30
N GLY E 278 -35.11 -3.94 -38.17
CA GLY E 278 -35.32 -4.32 -39.55
C GLY E 278 -34.24 -3.66 -40.39
N SER E 279 -34.45 -3.67 -41.71
CA SER E 279 -33.48 -3.07 -42.61
C SER E 279 -34.10 -2.15 -43.66
N ILE E 280 -33.21 -1.36 -44.27
CA ILE E 280 -33.54 -0.48 -45.37
C ILE E 280 -32.64 -0.84 -46.54
N TRP E 281 -33.03 -0.40 -47.73
CA TRP E 281 -32.42 -0.88 -48.97
C TRP E 281 -32.62 0.16 -50.05
N ASN E 282 -31.65 0.22 -50.96
CA ASN E 282 -31.69 1.08 -52.13
C ASN E 282 -30.49 0.76 -53.01
N PRO E 283 -30.70 0.09 -54.15
CA PRO E 283 -29.55 -0.33 -54.97
C PRO E 283 -28.79 0.82 -55.59
N ASP E 284 -29.27 2.06 -55.44
CA ASP E 284 -28.58 3.25 -55.94
C ASP E 284 -27.61 3.82 -54.91
N GLY E 285 -27.60 3.30 -53.70
CA GLY E 285 -26.69 3.82 -52.69
C GLY E 285 -27.40 4.59 -51.59
N ILE E 286 -26.88 4.44 -50.38
CA ILE E 286 -27.36 5.16 -49.21
C ILE E 286 -26.25 6.06 -48.72
N ASP E 287 -26.58 7.30 -48.36
CA ASP E 287 -25.50 8.21 -47.98
C ASP E 287 -25.31 8.17 -46.47
N PRO E 288 -24.05 7.96 -46.00
CA PRO E 288 -23.84 7.74 -44.56
C PRO E 288 -24.22 8.95 -43.75
N LYS E 289 -23.97 10.11 -44.31
CA LYS E 289 -24.16 11.30 -43.54
C LYS E 289 -25.66 11.58 -43.29
N GLU E 290 -26.44 11.52 -44.33
CA GLU E 290 -27.84 11.84 -44.13
C GLU E 290 -28.57 10.69 -43.43
N LEU E 291 -28.07 9.46 -43.54
CA LEU E 291 -28.67 8.38 -42.78
C LEU E 291 -28.40 8.54 -41.28
N GLU E 292 -27.19 8.98 -40.93
CA GLU E 292 -26.87 9.24 -39.52
C GLU E 292 -27.73 10.38 -38.97
N ASP E 293 -27.85 11.48 -39.73
CA ASP E 293 -28.72 12.58 -39.33
C ASP E 293 -30.15 12.10 -39.08
N PHE E 294 -30.63 11.18 -39.91
CA PHE E 294 -31.97 10.65 -39.73
C PHE E 294 -32.09 9.84 -38.45
N LYS E 295 -31.12 8.98 -38.16
CA LYS E 295 -31.22 8.16 -36.96
C LYS E 295 -31.13 9.00 -35.70
N LEU E 296 -30.19 9.93 -35.67
CA LEU E 296 -30.06 10.88 -34.57
C LEU E 296 -31.39 11.59 -34.29
N GLN E 297 -32.13 11.83 -35.33
CA GLN E 297 -33.35 12.65 -35.25
C GLN E 297 -34.58 11.82 -34.89
N HIS E 298 -34.69 10.61 -35.42
CA HIS E 298 -35.88 9.80 -35.22
C HIS E 298 -35.64 8.54 -34.38
N GLY E 299 -34.39 8.22 -34.03
CA GLY E 299 -34.10 7.05 -33.22
C GLY E 299 -34.20 5.72 -33.92
N THR E 300 -34.45 5.71 -35.23
CA THR E 300 -34.51 4.48 -36.00
C THR E 300 -34.04 4.80 -37.41
N ILE E 301 -33.64 3.77 -38.13
CA ILE E 301 -33.36 3.97 -39.54
C ILE E 301 -34.60 3.71 -40.39
N LEU E 302 -35.55 2.89 -39.89
CA LEU E 302 -36.74 2.59 -40.65
C LEU E 302 -37.49 3.86 -41.00
N GLY E 303 -37.88 3.96 -42.27
CA GLY E 303 -38.56 5.13 -42.78
C GLY E 303 -37.64 6.18 -43.33
N PHE E 304 -36.38 5.85 -43.57
CA PHE E 304 -35.49 6.76 -44.28
C PHE E 304 -36.13 7.10 -45.63
N PRO E 305 -36.32 8.39 -45.94
CA PRO E 305 -36.99 8.74 -47.19
C PRO E 305 -36.27 8.21 -48.43
N LYS E 306 -34.94 8.22 -48.45
CA LYS E 306 -34.23 7.81 -49.67
C LYS E 306 -33.85 6.34 -49.68
N ALA E 307 -34.71 5.49 -49.16
CA ALA E 307 -34.52 4.05 -49.27
C ALA E 307 -35.81 3.34 -48.90
N LYS E 308 -35.70 2.01 -48.88
CA LYS E 308 -36.80 1.07 -48.99
C LYS E 308 -36.76 0.17 -47.70
N ILE E 309 -37.86 0.13 -46.94
CA ILE E 309 -37.91 -0.93 -45.94
C ILE E 309 -37.83 -2.36 -46.62
N TYR E 310 -36.66 -2.92 -46.45
CA TYR E 310 -36.33 -4.22 -47.00
C TYR E 310 -36.87 -5.28 -46.05
N GLU E 311 -37.79 -6.10 -46.54
CA GLU E 311 -38.17 -7.34 -45.85
C GLU E 311 -37.37 -8.46 -46.49
N GLY E 312 -36.65 -9.23 -45.68
CA GLY E 312 -36.00 -10.43 -46.18
C GLY E 312 -34.58 -10.65 -45.75
N SER E 313 -34.16 -10.06 -44.63
CA SER E 313 -32.88 -10.31 -43.98
C SER E 313 -31.69 -9.68 -44.71
N ILE E 314 -31.12 -8.64 -44.10
CA ILE E 314 -29.87 -7.99 -44.51
C ILE E 314 -28.80 -8.96 -44.97
N LEU E 315 -28.63 -10.05 -44.22
CA LEU E 315 -27.49 -10.93 -44.43
C LEU E 315 -27.53 -11.61 -45.79
N GLU E 316 -28.70 -11.67 -46.43
CA GLU E 316 -28.84 -12.31 -47.73
C GLU E 316 -29.06 -11.30 -48.86
N VAL E 317 -28.96 -10.01 -48.54
CA VAL E 317 -29.11 -9.00 -49.59
C VAL E 317 -28.00 -9.17 -50.62
N ASP E 318 -28.26 -8.70 -51.83
CA ASP E 318 -27.31 -8.96 -52.91
C ASP E 318 -26.33 -7.80 -53.00
N CYS E 319 -25.06 -8.12 -52.86
CA CYS E 319 -23.99 -7.13 -52.77
C CYS E 319 -22.69 -7.88 -52.94
N ASP E 320 -21.59 -7.12 -53.03
CA ASP E 320 -20.28 -7.72 -53.09
C ASP E 320 -19.77 -8.09 -51.69
N ILE E 321 -19.87 -7.15 -50.76
CA ILE E 321 -19.26 -7.26 -49.44
C ILE E 321 -20.36 -7.16 -48.39
N LEU E 322 -20.41 -8.12 -47.49
CA LEU E 322 -21.35 -8.10 -46.38
C LEU E 322 -20.58 -7.85 -45.09
N ILE E 323 -20.98 -6.85 -44.33
CA ILE E 323 -20.27 -6.49 -43.09
C ILE E 323 -21.15 -6.78 -41.88
N PRO E 324 -21.02 -7.95 -41.25
CA PRO E 324 -21.66 -8.13 -39.94
C PRO E 324 -21.02 -7.25 -38.88
N ALA E 325 -21.77 -6.28 -38.35
CA ALA E 325 -21.30 -5.34 -37.35
C ALA E 325 -22.26 -5.26 -36.18
N ALA E 326 -22.79 -6.40 -35.75
CA ALA E 326 -23.69 -6.44 -34.62
C ALA E 326 -23.33 -7.60 -33.68
N SER E 327 -24.25 -8.53 -33.46
CA SER E 327 -24.05 -9.57 -32.46
C SER E 327 -23.23 -10.73 -33.04
N GLU E 328 -23.03 -11.74 -32.21
CA GLU E 328 -22.35 -12.94 -32.63
C GLU E 328 -23.34 -13.94 -33.24
N LYS E 329 -22.78 -14.92 -33.94
CA LYS E 329 -23.50 -16.08 -34.45
C LYS E 329 -24.69 -15.65 -35.30
N GLN E 330 -24.43 -14.73 -36.24
CA GLN E 330 -25.42 -14.26 -37.20
C GLN E 330 -25.43 -15.05 -38.50
N LEU E 331 -24.30 -15.56 -38.92
CA LEU E 331 -24.20 -16.41 -40.11
C LEU E 331 -24.09 -17.86 -39.64
N THR E 332 -25.11 -18.67 -39.89
CA THR E 332 -25.25 -20.02 -39.38
C THR E 332 -25.24 -21.01 -40.55
N LYS E 333 -25.35 -22.31 -40.22
CA LYS E 333 -25.43 -23.34 -41.25
C LYS E 333 -26.70 -23.18 -42.11
N SER E 334 -27.83 -22.86 -41.47
CA SER E 334 -29.07 -22.66 -42.22
C SER E 334 -29.04 -21.38 -43.05
N ASN E 335 -28.09 -20.50 -42.77
CA ASN E 335 -28.05 -19.16 -43.31
C ASN E 335 -27.09 -19.01 -44.49
N ALA E 336 -25.94 -19.68 -44.42
CA ALA E 336 -24.86 -19.42 -45.37
C ALA E 336 -25.21 -19.76 -46.82
N PRO E 337 -26.03 -20.80 -47.12
CA PRO E 337 -26.43 -21.05 -48.52
C PRO E 337 -26.89 -19.83 -49.31
N ARG E 338 -27.48 -18.80 -48.70
CA ARG E 338 -28.08 -17.70 -49.46
C ARG E 338 -27.35 -16.39 -49.35
N VAL E 339 -26.09 -16.42 -48.98
CA VAL E 339 -25.52 -15.18 -48.48
C VAL E 339 -25.27 -14.20 -49.62
N LYS E 340 -25.03 -14.69 -50.84
CA LYS E 340 -25.09 -13.90 -52.07
C LYS E 340 -23.96 -12.88 -52.23
N ALA E 341 -23.15 -12.65 -51.19
CA ALA E 341 -21.95 -11.84 -51.33
C ALA E 341 -20.73 -12.76 -51.44
N LYS E 342 -19.63 -12.20 -51.95
CA LYS E 342 -18.41 -13.00 -52.06
C LYS E 342 -17.35 -12.62 -51.04
N ILE E 343 -17.51 -11.50 -50.33
CA ILE E 343 -16.62 -11.14 -49.24
C ILE E 343 -17.45 -10.89 -47.99
N ILE E 344 -17.13 -11.59 -46.92
CA ILE E 344 -17.71 -11.36 -45.60
C ILE E 344 -16.64 -10.73 -44.71
N ALA E 345 -16.83 -9.45 -44.40
CA ALA E 345 -15.90 -8.69 -43.56
C ALA E 345 -16.47 -8.64 -42.14
N GLU E 346 -15.93 -9.50 -41.26
CA GLU E 346 -16.40 -9.57 -39.87
C GLU E 346 -15.95 -8.36 -39.05
N GLY E 347 -16.82 -7.34 -38.97
CA GLY E 347 -16.57 -6.25 -38.06
C GLY E 347 -16.98 -6.64 -36.66
N ALA E 348 -18.08 -7.38 -36.55
CA ALA E 348 -18.50 -7.90 -35.26
C ALA E 348 -17.53 -8.97 -34.77
N ASN E 349 -17.64 -9.30 -33.49
CA ASN E 349 -16.91 -10.43 -32.91
C ASN E 349 -17.75 -11.69 -33.00
N GLY E 350 -17.14 -12.75 -33.51
CA GLY E 350 -17.77 -14.04 -33.66
C GLY E 350 -19.10 -14.07 -34.38
N PRO E 351 -19.22 -13.40 -35.54
CA PRO E 351 -20.51 -13.40 -36.24
C PRO E 351 -20.77 -14.62 -37.12
N THR E 352 -19.80 -15.51 -37.30
CA THR E 352 -19.93 -16.69 -38.15
C THR E 352 -19.64 -17.97 -37.35
N THR E 353 -20.57 -18.92 -37.36
CA THR E 353 -20.36 -20.23 -36.73
C THR E 353 -19.37 -21.08 -37.54
N PRO E 354 -18.77 -22.12 -36.93
CA PRO E 354 -17.86 -22.99 -37.70
C PRO E 354 -18.49 -23.66 -38.92
N GLU E 355 -19.74 -24.11 -38.84
CA GLU E 355 -20.30 -24.76 -40.03
C GLU E 355 -20.72 -23.76 -41.09
N ALA E 356 -20.98 -22.50 -40.71
CA ALA E 356 -21.07 -21.48 -41.73
C ALA E 356 -19.72 -21.26 -42.40
N ASP E 357 -18.62 -21.46 -41.66
CA ASP E 357 -17.30 -21.39 -42.27
C ASP E 357 -17.13 -22.48 -43.31
N LYS E 358 -17.51 -23.72 -42.98
CA LYS E 358 -17.45 -24.84 -43.92
C LYS E 358 -18.08 -24.47 -45.25
N ILE E 359 -19.31 -23.97 -45.18
CA ILE E 359 -20.05 -23.60 -46.37
C ILE E 359 -19.31 -22.53 -47.14
N PHE E 360 -18.97 -21.42 -46.47
CA PHE E 360 -18.38 -20.29 -47.18
C PHE E 360 -17.11 -20.71 -47.93
N LEU E 361 -16.42 -21.71 -47.39
CA LEU E 361 -15.18 -22.16 -48.00
C LEU E 361 -15.48 -22.87 -49.30
N GLU E 362 -16.50 -23.76 -49.34
CA GLU E 362 -16.86 -24.49 -50.55
C GLU E 362 -17.82 -23.76 -51.50
N ARG E 363 -18.19 -22.51 -51.22
CA ARG E 363 -18.71 -21.62 -52.24
C ARG E 363 -17.70 -20.59 -52.72
N ASN E 364 -16.43 -20.73 -52.30
CA ASN E 364 -15.40 -19.71 -52.56
C ASN E 364 -15.80 -18.32 -52.15
N ILE E 365 -16.30 -18.18 -50.92
CA ILE E 365 -16.58 -16.89 -50.31
C ILE E 365 -15.46 -16.61 -49.33
N MET E 366 -14.92 -15.43 -49.39
CA MET E 366 -13.83 -15.03 -48.51
C MET E 366 -14.28 -14.38 -47.25
N VAL E 367 -13.93 -14.97 -46.11
CA VAL E 367 -14.24 -14.41 -44.80
C VAL E 367 -12.98 -13.76 -44.23
N ILE E 368 -12.99 -12.42 -44.16
CA ILE E 368 -11.91 -11.71 -43.48
C ILE E 368 -12.23 -11.74 -41.99
N PRO E 369 -11.43 -12.44 -41.20
CA PRO E 369 -11.86 -12.82 -39.84
C PRO E 369 -11.77 -11.69 -38.83
N ASP E 370 -12.63 -11.81 -37.81
CA ASP E 370 -12.74 -10.79 -36.75
C ASP E 370 -11.41 -10.50 -36.08
N LEU E 371 -10.70 -11.54 -35.63
CA LEU E 371 -9.49 -11.31 -34.86
C LEU E 371 -8.42 -10.56 -35.65
N TYR E 372 -8.59 -10.38 -36.96
CA TYR E 372 -7.78 -9.43 -37.72
C TYR E 372 -8.55 -8.14 -38.02
N LEU E 373 -9.79 -8.24 -38.51
CA LEU E 373 -10.43 -7.09 -39.12
C LEU E 373 -10.89 -6.03 -38.12
N ASN E 374 -11.43 -6.43 -36.97
CA ASN E 374 -11.90 -5.38 -36.07
C ASN E 374 -10.86 -4.98 -35.04
N ALA E 375 -9.63 -5.46 -35.15
CA ALA E 375 -8.56 -5.11 -34.22
C ALA E 375 -8.13 -3.66 -34.31
N GLY E 376 -8.77 -2.81 -35.11
CA GLY E 376 -8.41 -1.41 -35.13
C GLY E 376 -8.83 -0.68 -33.87
N GLY E 377 -9.86 -1.17 -33.19
CA GLY E 377 -10.29 -0.55 -31.95
C GLY E 377 -9.27 -0.72 -30.85
N VAL E 378 -8.75 -1.94 -30.71
CA VAL E 378 -7.75 -2.21 -29.68
C VAL E 378 -6.41 -1.60 -30.06
N THR E 379 -6.11 -1.47 -31.36
CA THR E 379 -4.86 -0.82 -31.75
C THR E 379 -4.85 0.65 -31.34
N VAL E 380 -5.96 1.35 -31.57
CA VAL E 380 -6.00 2.76 -31.21
C VAL E 380 -6.23 2.94 -29.70
N SER E 381 -6.90 1.99 -29.04
CA SER E 381 -6.93 1.98 -27.57
C SER E 381 -5.53 1.84 -26.99
N TYR E 382 -4.68 1.05 -27.64
CA TYR E 382 -3.30 0.92 -27.20
C TYR E 382 -2.58 2.28 -27.29
N PHE E 383 -2.81 3.00 -28.39
CA PHE E 383 -2.24 4.34 -28.53
C PHE E 383 -2.77 5.28 -27.45
N GLU E 384 -4.07 5.21 -27.13
CA GLU E 384 -4.62 6.04 -26.06
C GLU E 384 -3.98 5.71 -24.72
N TRP E 385 -3.81 4.43 -24.41
CA TRP E 385 -3.20 4.03 -23.15
C TRP E 385 -1.77 4.59 -23.05
N LEU E 386 -1.01 4.47 -24.14
CA LEU E 386 0.34 4.99 -24.22
C LEU E 386 0.35 6.49 -24.01
N LYS E 387 -0.63 7.16 -24.59
CA LYS E 387 -0.70 8.60 -24.46
C LYS E 387 -0.89 9.02 -23.01
N ASN E 388 -1.82 8.36 -22.31
CA ASN E 388 -2.01 8.66 -20.89
C ASN E 388 -0.74 8.38 -20.10
N LEU E 389 -0.02 7.33 -20.44
CA LEU E 389 1.23 7.04 -19.72
C LEU E 389 2.25 8.14 -19.92
N ASN E 390 2.32 8.74 -21.11
CA ASN E 390 3.33 9.74 -21.42
C ASN E 390 3.00 11.16 -20.96
N HIS E 391 1.72 11.51 -20.82
CA HIS E 391 1.31 12.82 -20.30
C HIS E 391 1.70 13.99 -21.19
N VAL E 392 1.81 13.77 -22.51
CA VAL E 392 1.97 14.86 -23.49
C VAL E 392 1.18 14.54 -24.74
N SER E 393 0.61 15.59 -25.33
CA SER E 393 0.13 15.50 -26.70
C SER E 393 1.33 15.28 -27.61
N TYR E 394 1.25 14.22 -28.41
CA TYR E 394 2.28 13.94 -29.40
C TYR E 394 2.66 15.21 -30.16
N GLY E 395 3.97 15.39 -30.39
CA GLY E 395 4.51 16.51 -31.11
C GLY E 395 4.70 17.78 -30.30
N ARG E 396 4.01 17.91 -29.17
CA ARG E 396 3.97 19.17 -28.45
C ARG E 396 5.36 19.73 -28.17
N LEU E 397 6.31 18.86 -27.82
CA LEU E 397 7.65 19.33 -27.45
C LEU E 397 8.52 19.62 -28.64
N THR E 398 8.14 19.15 -29.82
CA THR E 398 9.05 19.14 -30.96
C THR E 398 8.57 19.94 -32.17
N PHE E 399 7.33 20.42 -32.19
CA PHE E 399 6.78 21.08 -33.37
C PHE E 399 7.72 22.17 -33.90
N LYS E 400 8.03 23.17 -33.07
CA LYS E 400 8.88 24.28 -33.50
C LYS E 400 10.27 23.80 -33.90
N TYR E 401 10.89 22.94 -33.08
CA TYR E 401 12.24 22.47 -33.39
C TYR E 401 12.28 21.74 -34.75
N GLU E 402 11.30 20.88 -35.00
CA GLU E 402 11.18 20.14 -36.26
C GLU E 402 11.04 21.07 -37.46
N ARG E 403 10.13 22.04 -37.33
CA ARG E 403 9.83 22.97 -38.41
C ARG E 403 11.09 23.73 -38.78
N ASP E 404 11.78 24.27 -37.78
CA ASP E 404 13.03 24.96 -38.02
C ASP E 404 14.09 24.03 -38.62
N SER E 405 14.19 22.81 -38.10
CA SER E 405 15.18 21.86 -38.63
C SER E 405 14.96 21.59 -40.10
N ASN E 406 13.71 21.39 -40.51
CA ASN E 406 13.43 21.01 -41.88
C ASN E 406 13.73 22.16 -42.84
N TYR E 407 13.52 23.40 -42.38
CA TYR E 407 13.86 24.54 -43.22
C TYR E 407 15.37 24.66 -43.40
N HIS E 408 16.14 24.43 -42.33
CA HIS E 408 17.60 24.49 -42.45
C HIS E 408 18.15 23.32 -43.28
N LEU E 409 17.53 22.14 -43.18
CA LEU E 409 17.88 21.05 -44.07
C LEU E 409 17.72 21.47 -45.52
N LEU E 410 16.54 21.95 -45.88
CA LEU E 410 16.30 22.36 -47.25
C LEU E 410 17.19 23.52 -47.65
N MET E 411 17.46 24.43 -46.71
CA MET E 411 18.35 25.54 -47.00
C MET E 411 19.77 25.04 -47.27
N SER E 412 20.20 23.99 -46.57
CA SER E 412 21.50 23.39 -46.85
C SER E 412 21.62 22.96 -48.30
N VAL E 413 20.58 22.34 -48.84
CA VAL E 413 20.59 21.93 -50.24
C VAL E 413 20.66 23.14 -51.15
N GLN E 414 19.82 24.15 -50.87
CA GLN E 414 19.79 25.36 -51.67
C GLN E 414 21.15 26.05 -51.69
N GLU E 415 21.72 26.33 -50.51
CA GLU E 415 23.02 26.99 -50.48
C GLU E 415 24.11 26.13 -51.12
N SER E 416 24.02 24.79 -50.99
CA SER E 416 25.05 23.92 -51.59
C SER E 416 25.03 24.01 -53.12
N LEU E 417 23.83 24.08 -53.71
CA LEU E 417 23.72 24.19 -55.16
C LEU E 417 24.08 25.59 -55.65
N GLU E 418 23.72 26.62 -54.88
CA GLU E 418 24.10 27.98 -55.24
C GLU E 418 25.62 28.15 -55.23
N ARG E 419 26.32 27.51 -54.27
CA ARG E 419 27.79 27.52 -54.26
C ARG E 419 28.34 26.98 -55.56
N LYS E 420 27.81 25.85 -55.99
CA LYS E 420 28.37 25.11 -57.11
C LYS E 420 28.15 25.85 -58.42
N PHE E 421 26.91 25.95 -58.82
CA PHE E 421 26.42 26.66 -60.01
C PHE E 421 26.23 28.12 -59.55
N GLY E 422 27.34 28.86 -59.48
CA GLY E 422 27.41 30.10 -58.75
C GLY E 422 26.50 31.23 -59.16
N LYS E 423 27.16 32.24 -59.75
CA LYS E 423 26.61 33.59 -59.84
C LYS E 423 25.48 33.71 -60.84
N HIS E 424 25.52 32.92 -61.93
CA HIS E 424 24.56 33.09 -63.02
C HIS E 424 23.66 31.86 -63.22
N GLY E 425 23.57 30.98 -62.20
CA GLY E 425 22.41 30.13 -61.95
C GLY E 425 21.42 30.87 -61.05
N GLY E 426 21.92 31.94 -60.40
CA GLY E 426 21.08 32.83 -59.63
C GLY E 426 20.62 32.26 -58.32
N THR E 427 19.29 32.15 -58.12
CA THR E 427 18.77 31.67 -56.86
C THR E 427 18.09 30.39 -57.22
N ILE E 428 18.36 29.31 -56.51
CA ILE E 428 17.70 28.01 -56.71
C ILE E 428 16.83 27.73 -55.50
N PRO E 429 15.60 28.26 -55.46
CA PRO E 429 14.76 28.06 -54.27
C PRO E 429 14.39 26.60 -54.08
N ILE E 430 14.65 26.08 -52.89
CA ILE E 430 14.24 24.74 -52.52
C ILE E 430 13.11 24.91 -51.50
N VAL E 431 11.91 24.45 -51.83
CA VAL E 431 10.77 24.74 -50.96
C VAL E 431 9.98 23.45 -50.82
N PRO E 432 9.22 23.28 -49.74
CA PRO E 432 8.44 22.03 -49.57
C PRO E 432 7.34 21.95 -50.62
N THR E 433 7.10 20.73 -51.12
CA THR E 433 5.81 20.49 -51.83
C THR E 433 4.66 20.82 -50.89
N ALA E 434 3.46 20.87 -51.46
CA ALA E 434 2.29 21.14 -50.64
C ALA E 434 2.09 20.05 -49.60
N GLU E 435 2.46 18.81 -49.93
CA GLU E 435 2.29 17.70 -49.00
C GLU E 435 3.35 17.76 -47.90
N PHE E 436 4.61 18.05 -48.25
CA PHE E 436 5.62 18.14 -47.21
C PHE E 436 5.35 19.31 -46.28
N GLN E 437 4.73 20.38 -46.78
CA GLN E 437 4.43 21.51 -45.92
C GLN E 437 3.50 21.11 -44.79
N ASP E 438 2.62 20.14 -45.05
CA ASP E 438 1.71 19.62 -44.03
C ASP E 438 2.44 18.86 -42.93
N ARG E 439 3.57 18.21 -43.25
CA ARG E 439 4.33 17.42 -42.29
C ARG E 439 5.52 18.16 -41.77
N ILE E 440 5.64 19.45 -42.11
CA ILE E 440 6.89 20.16 -41.83
C ILE E 440 7.22 20.20 -40.35
N SER E 441 6.23 20.13 -39.47
CA SER E 441 6.45 20.15 -38.03
C SER E 441 6.48 18.77 -37.42
N GLY E 442 6.38 17.71 -38.22
CA GLY E 442 6.33 16.37 -37.69
C GLY E 442 4.93 15.99 -37.26
N ALA E 443 4.79 14.73 -36.86
CA ALA E 443 3.47 14.15 -36.65
C ALA E 443 2.80 14.76 -35.42
N SER E 444 1.48 14.94 -35.53
CA SER E 444 0.64 15.17 -34.37
C SER E 444 -0.04 13.85 -33.97
N GLU E 445 -0.90 13.94 -32.96
CA GLU E 445 -1.63 12.78 -32.45
C GLU E 445 -2.51 12.18 -33.53
N LYS E 446 -3.24 13.04 -34.23
CA LYS E 446 -4.04 12.58 -35.35
C LYS E 446 -3.20 11.82 -36.37
N ASP E 447 -2.00 12.33 -36.67
CA ASP E 447 -1.14 11.69 -37.67
C ASP E 447 -0.69 10.33 -37.18
N ILE E 448 -0.32 10.25 -35.92
CA ILE E 448 0.13 9.00 -35.33
C ILE E 448 -0.97 7.96 -35.39
N VAL E 449 -2.19 8.35 -35.02
CA VAL E 449 -3.29 7.39 -35.00
C VAL E 449 -3.54 6.85 -36.39
N HIS E 450 -3.66 7.76 -37.37
CA HIS E 450 -3.95 7.38 -38.74
C HIS E 450 -2.88 6.44 -39.29
N SER E 451 -1.62 6.90 -39.29
CA SER E 451 -0.56 6.12 -39.94
C SER E 451 -0.15 4.93 -39.08
N GLY E 452 -0.21 5.08 -37.75
CA GLY E 452 -0.02 3.92 -36.89
C GLY E 452 -1.01 2.80 -37.20
N LEU E 453 -2.30 3.16 -37.31
CA LEU E 453 -3.32 2.15 -37.62
C LEU E 453 -3.07 1.50 -38.97
N ALA E 454 -2.86 2.32 -40.02
CA ALA E 454 -2.62 1.78 -41.36
C ALA E 454 -1.39 0.87 -41.38
N TYR E 455 -0.32 1.27 -40.67
CA TYR E 455 0.88 0.44 -40.62
C TYR E 455 0.57 -0.95 -40.07
N THR E 456 -0.07 -1.04 -38.89
CA THR E 456 -0.33 -2.37 -38.32
C THR E 456 -1.40 -3.15 -39.09
N MET E 457 -2.44 -2.50 -39.62
CA MET E 457 -3.43 -3.28 -40.37
C MET E 457 -2.80 -3.92 -41.59
N GLU E 458 -1.85 -3.23 -42.20
CA GLU E 458 -1.25 -3.84 -43.38
C GLU E 458 -0.13 -4.81 -43.06
N ARG E 459 0.75 -4.51 -42.09
CA ARG E 459 1.74 -5.49 -41.63
C ARG E 459 1.05 -6.79 -41.20
N SER E 460 -0.12 -6.69 -40.56
CA SER E 460 -0.85 -7.89 -40.12
C SER E 460 -1.47 -8.65 -41.29
N ALA E 461 -2.07 -7.93 -42.24
CA ALA E 461 -2.62 -8.57 -43.43
C ALA E 461 -1.56 -9.36 -44.17
N ARG E 462 -0.38 -8.79 -44.34
CA ARG E 462 0.63 -9.49 -45.13
C ARG E 462 1.25 -10.66 -44.37
N GLN E 463 1.15 -10.66 -43.04
CA GLN E 463 1.55 -11.85 -42.27
C GLN E 463 0.52 -12.95 -42.39
N ILE E 464 -0.76 -12.59 -42.51
CA ILE E 464 -1.79 -13.59 -42.68
C ILE E 464 -1.67 -14.22 -44.07
N MET E 465 -1.55 -13.41 -45.13
CA MET E 465 -1.32 -13.99 -46.47
C MET E 465 -0.04 -14.82 -46.57
N ARG E 466 1.03 -14.34 -46.01
CA ARG E 466 2.23 -15.18 -45.99
C ARG E 466 1.95 -16.56 -45.39
N THR E 467 1.20 -16.57 -44.28
CA THR E 467 0.91 -17.81 -43.58
C THR E 467 -0.09 -18.68 -44.34
N ALA E 468 -1.13 -18.07 -44.90
CA ALA E 468 -2.12 -18.84 -45.66
C ALA E 468 -1.50 -19.50 -46.88
N MET E 469 -0.55 -18.82 -47.54
CA MET E 469 0.12 -19.44 -48.68
C MET E 469 1.03 -20.58 -48.23
N LYS E 470 1.78 -20.39 -47.14
CA LYS E 470 2.76 -21.39 -46.75
C LYS E 470 2.11 -22.71 -46.32
N TYR E 471 0.90 -22.65 -45.75
CA TYR E 471 0.17 -23.85 -45.36
C TYR E 471 -0.95 -24.19 -46.34
N ASN E 472 -1.03 -23.46 -47.45
CA ASN E 472 -1.98 -23.76 -48.52
C ASN E 472 -3.42 -23.77 -47.99
N LEU E 473 -3.82 -22.63 -47.43
CA LEU E 473 -5.10 -22.51 -46.75
C LEU E 473 -6.15 -21.79 -47.60
N GLY E 474 -5.79 -21.41 -48.82
CA GLY E 474 -6.78 -20.81 -49.70
C GLY E 474 -7.40 -19.61 -49.04
N LEU E 475 -8.70 -19.61 -48.91
CA LEU E 475 -9.51 -18.48 -48.48
C LEU E 475 -9.83 -18.62 -46.99
N ASP E 476 -9.31 -19.67 -46.34
CA ASP E 476 -9.45 -19.88 -44.90
C ASP E 476 -8.41 -19.02 -44.19
N LEU E 477 -8.68 -17.72 -44.24
CA LEU E 477 -7.83 -16.76 -43.56
C LEU E 477 -8.00 -16.80 -42.04
N ARG E 478 -9.17 -17.26 -41.55
CA ARG E 478 -9.35 -17.38 -40.12
C ARG E 478 -8.30 -18.31 -39.53
N THR E 479 -8.09 -19.48 -40.15
CA THR E 479 -7.07 -20.40 -39.66
C THR E 479 -5.68 -19.77 -39.72
N ALA E 480 -5.42 -18.97 -40.76
CA ALA E 480 -4.12 -18.33 -40.86
C ALA E 480 -3.90 -17.35 -39.71
N ALA E 481 -4.94 -16.57 -39.38
CA ALA E 481 -4.84 -15.63 -38.27
C ALA E 481 -4.58 -16.36 -36.95
N TYR E 482 -5.31 -17.46 -36.68
CA TYR E 482 -5.09 -18.18 -35.43
C TYR E 482 -3.70 -18.81 -35.40
N VAL E 483 -3.19 -19.26 -36.55
CA VAL E 483 -1.82 -19.76 -36.62
C VAL E 483 -0.85 -18.68 -36.16
N ASN E 484 -1.05 -17.46 -36.63
CA ASN E 484 -0.20 -16.34 -36.24
C ASN E 484 -0.35 -16.03 -34.76
N ALA E 485 -1.59 -15.91 -34.30
CA ALA E 485 -1.84 -15.62 -32.89
C ALA E 485 -1.21 -16.67 -31.99
N ILE E 486 -1.37 -17.95 -32.34
CA ILE E 486 -0.83 -19.02 -31.49
C ILE E 486 0.69 -18.95 -31.43
N GLU E 487 1.33 -18.71 -32.58
CA GLU E 487 2.79 -18.66 -32.59
C GLU E 487 3.31 -17.56 -31.66
N LYS E 488 2.70 -16.38 -31.74
CA LYS E 488 3.12 -15.28 -30.88
C LYS E 488 2.97 -15.66 -29.40
N VAL E 489 1.76 -16.09 -29.00
CA VAL E 489 1.50 -16.39 -27.59
C VAL E 489 2.39 -17.52 -27.11
N PHE E 490 2.60 -18.53 -27.96
CA PHE E 490 3.39 -19.69 -27.56
C PHE E 490 4.82 -19.29 -27.21
N ARG E 491 5.41 -18.34 -27.94
CA ARG E 491 6.79 -18.01 -27.62
C ARG E 491 6.93 -17.46 -26.20
N VAL E 492 5.93 -16.71 -25.70
CA VAL E 492 6.05 -16.16 -24.35
C VAL E 492 6.03 -17.29 -23.32
N TYR E 493 5.20 -18.31 -23.54
CA TYR E 493 5.13 -19.42 -22.59
C TYR E 493 6.39 -20.29 -22.65
N ASN E 494 7.08 -20.29 -23.79
CA ASN E 494 8.30 -21.08 -23.93
C ASN E 494 9.37 -20.61 -22.96
N GLU E 495 9.94 -19.42 -23.22
CA GLU E 495 11.04 -18.95 -22.38
C GLU E 495 10.64 -18.80 -20.92
N ALA E 496 9.35 -18.60 -20.62
CA ALA E 496 8.94 -18.24 -19.26
C ALA E 496 9.05 -19.40 -18.28
N GLY E 497 8.94 -20.63 -18.76
CA GLY E 497 8.77 -21.76 -17.86
C GLY E 497 7.38 -21.84 -17.26
N VAL E 498 6.40 -21.18 -17.88
CA VAL E 498 5.00 -21.14 -17.44
C VAL E 498 4.90 -20.79 -15.96
N THR E 499 4.23 -21.66 -15.18
CA THR E 499 3.85 -21.45 -13.78
C THR E 499 3.60 -19.98 -13.45
N PHE E 500 2.34 -19.61 -13.68
CA PHE E 500 1.69 -18.33 -13.99
C PHE E 500 1.68 -18.10 -15.49
N THR E 501 2.69 -17.37 -15.96
CA THR E 501 2.70 -16.78 -17.29
C THR E 501 3.65 -17.52 -18.22
N ALA F 1 37.66 -9.81 25.30
CA ALA F 1 38.70 -10.69 24.78
C ALA F 1 39.37 -11.52 25.89
N ASP F 2 39.88 -12.67 25.47
CA ASP F 2 40.84 -13.46 26.24
C ASP F 2 41.60 -14.31 25.25
N ARG F 3 42.91 -14.15 25.19
CA ARG F 3 43.69 -14.76 24.12
C ARG F 3 43.63 -16.26 24.19
N GLU F 4 43.37 -16.88 23.04
CA GLU F 4 42.97 -18.28 22.81
C GLU F 4 42.06 -18.80 23.93
N ASP F 5 41.11 -17.94 24.36
CA ASP F 5 39.95 -18.31 25.17
C ASP F 5 38.73 -17.57 24.69
N ASP F 6 38.63 -17.38 23.39
CA ASP F 6 37.90 -16.26 22.81
C ASP F 6 37.24 -16.75 21.54
N PRO F 7 36.24 -17.63 21.68
CA PRO F 7 35.64 -18.25 20.51
C PRO F 7 34.72 -17.30 19.76
N ASN F 8 34.44 -17.67 18.53
CA ASN F 8 33.44 -17.00 17.71
C ASN F 8 32.09 -17.06 18.39
N PHE F 9 31.55 -15.91 18.81
CA PHE F 9 30.32 -15.85 19.59
C PHE F 9 29.19 -16.65 18.93
N PHE F 10 29.03 -16.51 17.62
CA PHE F 10 27.96 -17.22 16.94
C PHE F 10 28.18 -18.72 16.93
N LYS F 11 29.40 -19.15 16.58
CA LYS F 11 29.74 -20.56 16.62
C LYS F 11 29.59 -21.15 18.01
N MET F 12 29.95 -20.37 19.03
CA MET F 12 29.84 -20.83 20.41
C MET F 12 28.40 -21.11 20.79
N VAL F 13 27.48 -20.24 20.37
CA VAL F 13 26.06 -20.50 20.62
C VAL F 13 25.56 -21.64 19.77
N GLU F 14 26.10 -21.79 18.55
CA GLU F 14 25.82 -22.98 17.76
C GLU F 14 26.24 -24.23 18.50
N GLY F 15 27.34 -24.17 19.25
CA GLY F 15 27.79 -25.35 19.99
C GLY F 15 26.84 -25.72 21.10
N PHE F 16 26.41 -24.75 21.90
CA PHE F 16 25.35 -24.97 22.88
C PHE F 16 24.13 -25.62 22.21
N PHE F 17 23.75 -25.14 21.01
CA PHE F 17 22.63 -25.71 20.29
C PHE F 17 22.88 -27.18 19.96
N ASP F 18 24.13 -27.48 19.56
CA ASP F 18 24.45 -28.83 19.08
C ASP F 18 24.35 -29.84 20.22
N ARG F 19 24.77 -29.47 21.44
CA ARG F 19 24.67 -30.41 22.55
C ARG F 19 23.22 -30.70 22.91
N GLY F 20 22.38 -29.67 22.89
CA GLY F 20 20.95 -29.91 23.04
C GLY F 20 20.38 -30.76 21.92
N ALA F 21 20.86 -30.55 20.69
CA ALA F 21 20.38 -31.35 19.57
C ALA F 21 20.77 -32.82 19.73
N SER F 22 21.97 -33.08 20.25
CA SER F 22 22.41 -34.45 20.51
C SER F 22 21.38 -35.21 21.32
N ILE F 23 20.85 -34.54 22.33
CA ILE F 23 20.14 -35.22 23.40
C ILE F 23 18.69 -35.47 23.05
N VAL F 24 18.03 -34.53 22.35
CA VAL F 24 16.65 -34.74 21.92
C VAL F 24 16.52 -35.43 20.58
N GLU F 25 17.63 -35.72 19.90
CA GLU F 25 17.52 -36.26 18.55
C GLU F 25 16.65 -37.52 18.52
N ASP F 26 16.88 -38.44 19.45
CA ASP F 26 16.01 -39.59 19.58
C ASP F 26 14.55 -39.22 19.81
N LYS F 27 14.32 -38.33 20.76
CA LYS F 27 12.94 -37.93 21.02
C LYS F 27 12.26 -37.35 19.79
N LEU F 28 12.96 -36.47 19.09
CA LEU F 28 12.37 -35.84 17.90
C LEU F 28 12.00 -36.87 16.86
N VAL F 29 12.89 -37.83 16.62
CA VAL F 29 12.58 -38.89 15.65
C VAL F 29 11.39 -39.73 16.12
N GLU F 30 11.25 -39.92 17.45
CA GLU F 30 10.15 -40.59 18.11
C GLU F 30 8.79 -40.11 17.53
N ASP F 31 8.38 -38.93 17.93
CA ASP F 31 7.02 -38.42 17.62
C ASP F 31 7.07 -37.66 16.28
N LEU F 32 7.32 -38.46 15.24
CA LEU F 32 7.08 -38.02 13.86
C LEU F 32 6.01 -38.94 13.30
N LYS F 33 4.79 -38.38 13.28
CA LYS F 33 3.73 -38.60 12.31
C LYS F 33 4.07 -39.55 11.17
N THR F 34 5.04 -39.11 10.36
CA THR F 34 5.22 -39.38 8.94
C THR F 34 5.36 -40.87 8.58
N ARG F 35 5.55 -41.22 7.31
CA ARG F 35 5.59 -42.64 6.95
C ARG F 35 6.92 -43.31 7.29
N GLU F 36 7.88 -43.29 6.36
CA GLU F 36 9.04 -44.18 6.39
C GLU F 36 9.95 -43.85 7.57
N THR F 37 9.94 -44.67 8.63
CA THR F 37 10.99 -44.60 9.66
C THR F 37 12.35 -45.00 9.06
N GLU F 38 12.43 -45.16 7.73
CA GLU F 38 13.59 -45.61 6.98
C GLU F 38 14.92 -44.95 7.36
N GLU F 39 15.15 -44.41 8.55
CA GLU F 39 16.34 -43.60 8.73
C GLU F 39 16.31 -42.37 7.80
N GLN F 40 15.17 -42.12 7.15
CA GLN F 40 14.90 -40.83 6.52
C GLN F 40 14.22 -39.89 7.52
N LYS F 41 13.46 -40.45 8.48
CA LYS F 41 13.04 -39.68 9.65
C LYS F 41 14.21 -38.97 10.28
N ARG F 42 15.22 -39.74 10.62
CA ARG F 42 16.40 -39.20 11.28
C ARG F 42 17.06 -38.11 10.46
N ASN F 43 16.99 -38.22 9.13
CA ASN F 43 17.64 -37.25 8.29
C ASN F 43 16.75 -36.01 8.13
N ARG F 44 15.45 -36.21 8.11
CA ARG F 44 14.58 -35.05 8.23
C ARG F 44 14.86 -34.24 9.47
N VAL F 45 14.92 -34.94 10.60
CA VAL F 45 15.16 -34.21 11.85
C VAL F 45 16.41 -33.36 11.76
N ARG F 46 17.50 -33.92 11.21
CA ARG F 46 18.74 -33.16 11.14
C ARG F 46 18.65 -32.04 10.13
N GLY F 47 17.93 -32.28 9.03
CA GLY F 47 17.78 -31.24 8.04
C GLY F 47 17.00 -30.06 8.59
N ILE F 48 16.02 -30.33 9.45
CA ILE F 48 15.30 -29.23 10.08
C ILE F 48 16.19 -28.48 11.03
N LEU F 49 16.96 -29.19 11.86
CA LEU F 49 17.86 -28.51 12.78
C LEU F 49 18.94 -27.73 12.04
N ARG F 50 19.29 -28.16 10.82
CA ARG F 50 20.23 -27.39 10.01
C ARG F 50 19.60 -26.10 9.50
N ILE F 51 18.28 -26.08 9.32
CA ILE F 51 17.62 -24.85 8.88
C ILE F 51 17.50 -23.86 10.03
N ILE F 52 17.28 -24.35 11.24
CA ILE F 52 17.01 -23.48 12.39
C ILE F 52 18.25 -22.69 12.77
N LYS F 53 19.44 -23.34 12.75
CA LYS F 53 20.67 -22.73 13.26
C LYS F 53 21.02 -21.38 12.62
N PRO F 54 21.12 -21.25 11.30
CA PRO F 54 21.63 -19.98 10.74
C PRO F 54 20.57 -18.89 10.73
N CYS F 55 21.05 -17.65 10.87
CA CYS F 55 20.22 -16.47 10.70
C CYS F 55 19.65 -16.42 9.30
N ASN F 56 18.37 -16.09 9.20
CA ASN F 56 17.76 -15.98 7.87
C ASN F 56 18.13 -14.68 7.16
N HIS F 57 18.31 -13.60 7.93
CA HIS F 57 18.46 -12.25 7.38
C HIS F 57 19.45 -11.46 8.23
N VAL F 58 20.39 -10.77 7.58
CA VAL F 58 21.27 -9.81 8.27
C VAL F 58 21.43 -8.57 7.39
N LEU F 59 20.98 -7.42 7.89
CA LEU F 59 21.18 -6.14 7.22
C LEU F 59 22.38 -5.42 7.80
N SER F 60 23.31 -5.04 6.95
CA SER F 60 24.49 -4.27 7.31
C SER F 60 24.31 -2.87 6.75
N LEU F 61 24.56 -1.85 7.56
CA LEU F 61 24.26 -0.47 7.20
C LEU F 61 25.52 0.41 7.36
N SER F 62 25.72 1.32 6.41
CA SER F 62 26.57 2.51 6.59
C SER F 62 25.70 3.72 6.28
N PHE F 63 25.74 4.74 7.12
CA PHE F 63 25.00 5.96 6.81
C PHE F 63 25.68 7.12 7.47
N PRO F 64 25.63 8.32 6.87
CA PRO F 64 26.31 9.47 7.44
C PRO F 64 25.46 10.26 8.42
N ILE F 65 26.13 10.84 9.42
CA ILE F 65 25.52 11.84 10.28
C ILE F 65 26.48 13.00 10.37
N ARG F 66 25.93 14.18 10.61
CA ARG F 66 26.73 15.37 10.84
C ARG F 66 26.93 15.54 12.35
N ARG F 67 28.18 15.62 12.75
CA ARG F 67 28.49 15.77 14.16
C ARG F 67 28.21 17.20 14.62
N ASP F 68 28.27 17.40 15.94
CA ASP F 68 27.97 18.71 16.49
C ASP F 68 28.94 19.78 16.01
N ASP F 69 30.19 19.44 15.70
CA ASP F 69 31.10 20.47 15.23
C ASP F 69 31.07 20.66 13.72
N GLY F 70 30.16 20.00 12.99
CA GLY F 70 30.03 20.18 11.57
C GLY F 70 30.64 19.08 10.73
N SER F 71 31.47 18.24 11.33
CA SER F 71 32.13 17.16 10.60
C SER F 71 31.14 16.06 10.22
N TRP F 72 31.41 15.37 9.11
CA TRP F 72 30.65 14.19 8.70
C TRP F 72 31.32 12.93 9.25
N GLU F 73 30.49 11.95 9.62
CA GLU F 73 30.92 10.69 10.20
C GLU F 73 30.03 9.58 9.66
N VAL F 74 30.63 8.59 8.99
CA VAL F 74 29.92 7.34 8.72
C VAL F 74 29.86 6.44 9.95
N ILE F 75 28.68 5.93 10.24
CA ILE F 75 28.55 4.97 11.32
C ILE F 75 27.90 3.69 10.79
N GLU F 76 28.41 2.58 11.25
CA GLU F 76 27.95 1.27 10.84
C GLU F 76 26.93 0.73 11.84
N GLY F 77 26.01 -0.07 11.30
CA GLY F 77 24.99 -0.69 12.12
C GLY F 77 24.55 -1.97 11.45
N TYR F 78 23.99 -2.87 12.27
CA TYR F 78 23.52 -4.16 11.81
C TYR F 78 22.22 -4.51 12.54
N ARG F 79 21.44 -5.38 11.90
CA ARG F 79 20.29 -6.02 12.56
C ARG F 79 20.10 -7.38 11.90
N ALA F 80 20.21 -8.42 12.70
CA ALA F 80 20.02 -9.79 12.23
C ALA F 80 18.65 -10.29 12.67
N GLN F 81 17.97 -11.00 11.78
CA GLN F 81 16.72 -11.67 12.08
C GLN F 81 17.01 -13.17 12.01
N HIS F 82 17.08 -13.81 13.17
CA HIS F 82 17.53 -15.20 13.20
C HIS F 82 16.45 -16.15 12.69
N SER F 83 15.18 -15.89 13.02
CA SER F 83 14.12 -16.81 12.65
C SER F 83 12.79 -16.11 12.51
N GLN F 84 12.01 -16.55 11.52
CA GLN F 84 10.63 -16.09 11.33
C GLN F 84 9.62 -17.19 11.54
N HIS F 85 9.98 -18.25 12.25
CA HIS F 85 9.00 -19.29 12.54
C HIS F 85 7.86 -18.76 13.41
N ARG F 86 8.09 -17.67 14.15
CA ARG F 86 7.03 -16.82 14.71
C ARG F 86 7.23 -15.39 14.29
N THR F 87 6.12 -14.73 13.93
CA THR F 87 6.18 -13.72 12.87
C THR F 87 6.84 -12.44 13.33
N PRO F 88 6.43 -11.78 14.41
CA PRO F 88 7.19 -10.58 14.81
C PRO F 88 8.50 -11.03 15.48
N CYS F 89 9.62 -10.67 14.87
CA CYS F 89 10.93 -10.89 15.47
C CYS F 89 11.10 -9.93 16.63
N LYS F 90 11.95 -10.29 17.57
CA LYS F 90 12.12 -9.49 18.78
C LYS F 90 13.58 -9.52 19.17
N GLY F 91 14.09 -8.38 19.62
CA GLY F 91 15.45 -8.30 20.14
C GLY F 91 15.92 -6.86 20.21
N GLY F 92 16.89 -6.64 21.10
CA GLY F 92 17.28 -5.30 21.48
C GLY F 92 18.29 -4.65 20.54
N ILE F 93 18.70 -3.44 20.93
CA ILE F 93 19.64 -2.64 20.16
C ILE F 93 20.78 -2.26 21.08
N ARG F 94 22.00 -2.59 20.66
CA ARG F 94 23.21 -2.38 21.43
C ARG F 94 24.06 -1.31 20.74
N TYR F 95 24.41 -0.25 21.48
CA TYR F 95 25.37 0.75 21.02
C TYR F 95 26.72 0.45 21.68
N SER F 96 27.66 -0.10 20.90
CA SER F 96 28.95 -0.47 21.46
C SER F 96 29.97 -0.67 20.34
N THR F 97 31.25 -0.43 20.66
CA THR F 97 32.32 -0.50 19.68
C THR F 97 32.58 -1.95 19.33
N ASP F 98 32.09 -2.88 20.15
CA ASP F 98 32.27 -4.32 20.00
C ASP F 98 31.21 -4.92 19.03
N VAL F 99 30.27 -4.10 18.54
CA VAL F 99 29.23 -4.60 17.66
C VAL F 99 29.84 -5.05 16.35
N SER F 100 29.44 -6.23 15.91
CA SER F 100 29.85 -6.78 14.64
C SER F 100 28.72 -7.64 14.11
N VAL F 101 28.88 -8.09 12.87
CA VAL F 101 27.94 -9.03 12.28
C VAL F 101 27.85 -10.29 13.12
N ASP F 102 29.00 -10.79 13.57
CA ASP F 102 29.04 -12.06 14.27
C ASP F 102 28.45 -11.94 15.68
N GLU F 103 28.68 -10.80 16.35
CA GLU F 103 28.06 -10.57 17.64
C GLU F 103 26.55 -10.40 17.51
N VAL F 104 26.10 -9.72 16.47
CA VAL F 104 24.68 -9.47 16.31
C VAL F 104 23.96 -10.74 15.89
N LYS F 105 24.60 -11.64 15.11
CA LYS F 105 23.96 -12.91 14.76
C LYS F 105 23.89 -13.81 15.97
N ALA F 106 24.93 -13.83 16.81
CA ALA F 106 24.91 -14.67 18.00
C ALA F 106 23.77 -14.26 18.93
N LEU F 107 23.68 -12.97 19.25
CA LEU F 107 22.62 -12.49 20.12
C LEU F 107 21.23 -12.72 19.51
N ALA F 108 21.12 -12.62 18.20
CA ALA F 108 19.80 -12.85 17.59
C ALA F 108 19.35 -14.29 17.77
N SER F 109 20.28 -15.25 17.66
CA SER F 109 19.89 -16.65 17.84
C SER F 109 19.54 -16.95 19.29
N LEU F 110 20.32 -16.41 20.24
CA LEU F 110 19.95 -16.50 21.65
C LEU F 110 18.54 -15.99 21.87
N MET F 111 18.14 -14.91 21.18
CA MET F 111 16.80 -14.38 21.37
C MET F 111 15.74 -15.40 20.92
N THR F 112 15.99 -16.10 19.82
CA THR F 112 15.05 -17.13 19.38
C THR F 112 14.85 -18.19 20.46
N TYR F 113 15.95 -18.72 20.98
CA TYR F 113 15.86 -19.84 21.91
C TYR F 113 15.37 -19.40 23.27
N LYS F 114 15.74 -18.19 23.70
CA LYS F 114 15.23 -17.66 24.95
C LYS F 114 13.72 -17.45 24.88
N CYS F 115 13.21 -16.90 23.77
CA CYS F 115 11.76 -16.74 23.62
C CYS F 115 11.06 -18.09 23.65
N ALA F 116 11.66 -19.11 23.05
CA ALA F 116 11.06 -20.44 23.09
C ALA F 116 11.04 -21.01 24.51
N VAL F 117 12.11 -20.79 25.29
CA VAL F 117 12.17 -21.31 26.67
C VAL F 117 11.01 -20.79 27.49
N VAL F 118 10.74 -19.48 27.37
CA VAL F 118 9.72 -18.78 28.15
C VAL F 118 8.39 -18.74 27.42
N ASP F 119 8.32 -19.32 26.24
CA ASP F 119 7.04 -19.40 25.50
C ASP F 119 6.52 -18.05 25.10
N VAL F 120 7.38 -17.21 24.54
CA VAL F 120 7.00 -15.89 24.03
C VAL F 120 6.98 -15.98 22.51
N PRO F 121 5.87 -15.68 21.85
CA PRO F 121 5.70 -16.07 20.44
C PRO F 121 6.39 -15.11 19.47
N PHE F 122 7.70 -14.94 19.65
CA PHE F 122 8.54 -14.09 18.85
C PHE F 122 9.70 -14.91 18.28
N GLY F 123 10.10 -14.62 17.04
CA GLY F 123 11.37 -15.08 16.55
C GLY F 123 12.48 -14.17 17.02
N GLY F 124 13.72 -14.65 16.94
CA GLY F 124 14.86 -13.88 17.48
C GLY F 124 15.42 -12.86 16.49
N ALA F 125 15.84 -11.72 17.03
CA ALA F 125 16.48 -10.66 16.26
C ALA F 125 17.35 -9.84 17.17
N LYS F 126 18.26 -9.07 16.59
CA LYS F 126 19.12 -8.22 17.40
C LYS F 126 19.80 -7.19 16.51
N ALA F 127 19.94 -5.96 17.01
CA ALA F 127 20.58 -4.89 16.27
C ALA F 127 21.76 -4.33 17.05
N GLY F 128 22.69 -3.73 16.30
CA GLY F 128 23.86 -3.12 16.89
C GLY F 128 24.36 -1.92 16.10
N VAL F 129 24.77 -0.87 16.80
CA VAL F 129 25.36 0.31 16.18
C VAL F 129 26.77 0.47 16.75
N LYS F 130 27.74 0.63 15.87
CA LYS F 130 29.13 0.44 16.26
C LYS F 130 29.71 1.80 16.67
N ILE F 131 29.28 2.26 17.85
CA ILE F 131 29.73 3.52 18.44
C ILE F 131 29.91 3.35 19.93
N ASN F 132 30.67 4.26 20.54
CA ASN F 132 30.72 4.34 21.99
C ASN F 132 29.90 5.54 22.40
N PRO F 133 28.71 5.35 22.98
CA PRO F 133 27.81 6.49 23.21
C PRO F 133 28.37 7.55 24.15
N LYS F 134 29.42 7.24 24.92
CA LYS F 134 30.02 8.27 25.77
C LYS F 134 30.75 9.35 24.99
N ASN F 135 31.01 9.12 23.70
CA ASN F 135 31.72 10.07 22.85
C ASN F 135 30.79 10.92 21.99
N TYR F 136 29.49 10.95 22.28
CA TYR F 136 28.53 11.67 21.46
C TYR F 136 27.63 12.49 22.36
N THR F 137 27.19 13.64 21.85
CA THR F 137 26.21 14.41 22.61
C THR F 137 24.85 13.74 22.52
N ASP F 138 23.93 14.20 23.37
CA ASP F 138 22.54 13.73 23.25
C ASP F 138 21.96 14.13 21.90
N ASN F 139 22.32 15.33 21.42
CA ASN F 139 21.87 15.70 20.08
C ASN F 139 22.35 14.70 19.05
N GLU F 140 23.62 14.32 19.13
CA GLU F 140 24.18 13.42 18.13
C GLU F 140 23.57 12.02 18.22
N LEU F 141 23.30 11.55 19.44
CA LEU F 141 22.73 10.21 19.61
C LEU F 141 21.30 10.16 19.11
N GLU F 142 20.56 11.25 19.27
CA GLU F 142 19.22 11.31 18.71
C GLU F 142 19.25 11.11 17.21
N LYS F 143 20.15 11.82 16.51
CA LYS F 143 20.23 11.73 15.06
C LYS F 143 20.65 10.33 14.63
N ILE F 144 21.61 9.74 15.34
CA ILE F 144 22.02 8.38 15.01
C ILE F 144 20.84 7.43 15.16
N THR F 145 20.07 7.58 16.25
CA THR F 145 18.96 6.67 16.51
C THR F 145 17.85 6.87 15.48
N ARG F 146 17.43 8.11 15.26
CA ARG F 146 16.30 8.36 14.37
C ARG F 146 16.62 7.92 12.96
N ARG F 147 17.86 8.05 12.60
CA ARG F 147 18.27 7.65 11.28
C ARG F 147 18.40 6.15 11.12
N PHE F 148 19.00 5.51 12.12
CA PHE F 148 19.07 4.06 12.14
C PHE F 148 17.68 3.47 12.00
N THR F 149 16.69 4.10 12.62
CA THR F 149 15.31 3.62 12.53
C THR F 149 14.79 3.69 11.09
N MET F 150 15.03 4.81 10.41
CA MET F 150 14.46 4.94 9.08
C MET F 150 15.13 3.97 8.11
N GLU F 151 16.44 3.75 8.24
CA GLU F 151 17.06 2.81 7.33
C GLU F 151 16.57 1.38 7.58
N LEU F 152 16.29 1.06 8.82
CA LEU F 152 15.71 -0.25 9.11
C LEU F 152 14.28 -0.35 8.58
N ALA F 153 13.50 0.73 8.73
CA ALA F 153 12.09 0.66 8.33
C ALA F 153 11.94 0.52 6.82
N LYS F 154 12.80 1.18 6.03
CA LYS F 154 12.65 1.11 4.58
C LYS F 154 12.90 -0.31 4.04
N LYS F 155 13.73 -1.11 4.72
CA LYS F 155 14.03 -2.47 4.30
C LYS F 155 13.27 -3.53 5.12
N GLY F 156 12.19 -3.14 5.80
CA GLY F 156 11.40 -4.09 6.54
C GLY F 156 12.10 -4.76 7.69
N PHE F 157 12.98 -4.05 8.39
CA PHE F 157 13.65 -4.59 9.56
C PHE F 157 13.18 -3.93 10.85
N ILE F 158 12.08 -3.20 10.80
CA ILE F 158 11.35 -2.80 11.99
C ILE F 158 9.91 -2.56 11.58
N GLY F 159 8.99 -2.93 12.47
CA GLY F 159 7.57 -2.83 12.22
C GLY F 159 6.80 -3.70 13.19
N PRO F 160 5.61 -3.25 13.59
CA PRO F 160 4.85 -3.98 14.62
C PRO F 160 4.64 -5.46 14.33
N GLY F 161 4.46 -5.83 13.07
CA GLY F 161 4.24 -7.23 12.74
C GLY F 161 5.42 -7.85 11.99
N VAL F 162 6.60 -7.25 12.13
CA VAL F 162 7.80 -7.71 11.41
C VAL F 162 8.94 -7.91 12.36
N ASP F 163 9.27 -6.87 13.15
CA ASP F 163 10.47 -6.82 13.96
C ASP F 163 10.35 -5.67 14.96
N VAL F 164 10.38 -6.01 16.25
CA VAL F 164 10.08 -5.08 17.32
C VAL F 164 11.30 -4.98 18.23
N PRO F 165 12.10 -3.92 18.10
CA PRO F 165 13.30 -3.79 18.94
C PRO F 165 12.99 -3.44 20.38
N ALA F 166 14.05 -3.16 21.17
CA ALA F 166 14.00 -3.02 22.62
C ALA F 166 15.35 -2.51 23.11
N PRO F 167 15.50 -2.14 24.38
CA PRO F 167 16.82 -1.76 24.89
C PRO F 167 17.78 -2.94 24.99
N ASP F 168 19.08 -2.59 24.94
CA ASP F 168 20.18 -3.48 25.26
C ASP F 168 21.28 -2.64 25.86
N MET F 169 22.54 -3.04 25.71
CA MET F 169 23.57 -2.26 26.37
C MET F 169 23.72 -0.89 25.78
N SER F 170 23.73 0.12 26.67
CA SER F 170 23.92 1.53 26.38
C SER F 170 22.72 2.14 25.64
N THR F 171 21.56 1.46 25.62
CA THR F 171 20.32 2.06 25.14
C THR F 171 19.25 1.89 26.21
N GLY F 172 18.26 2.77 26.16
CA GLY F 172 17.24 2.77 27.18
C GLY F 172 15.95 3.40 26.73
N GLU F 173 15.10 3.65 27.71
CA GLU F 173 13.86 4.41 27.54
C GLU F 173 13.98 5.52 26.51
N ARG F 174 15.07 6.28 26.59
CA ARG F 174 15.22 7.46 25.76
C ARG F 174 15.37 7.10 24.29
N GLU F 175 16.25 6.15 23.98
CA GLU F 175 16.39 5.73 22.59
C GLU F 175 15.09 5.13 22.07
N MET F 176 14.42 4.31 22.89
CA MET F 176 13.18 3.68 22.45
C MET F 176 12.12 4.73 22.12
N SER F 177 12.10 5.83 22.86
CA SER F 177 11.21 6.95 22.55
C SER F 177 11.50 7.51 21.17
N TRP F 178 12.79 7.69 20.85
CA TRP F 178 13.18 8.20 19.55
C TRP F 178 12.79 7.24 18.42
N ILE F 179 12.97 5.94 18.65
CA ILE F 179 12.62 4.94 17.64
C ILE F 179 11.12 4.99 17.36
N ALA F 180 10.31 4.98 18.41
CA ALA F 180 8.86 4.90 18.23
C ALA F 180 8.32 6.15 17.56
N ASP F 181 8.87 7.32 17.91
CA ASP F 181 8.42 8.57 17.32
C ASP F 181 8.80 8.65 15.84
N THR F 182 10.00 8.20 15.49
CA THR F 182 10.41 8.23 14.09
C THR F 182 9.55 7.30 13.25
N TYR F 183 9.24 6.13 13.79
CA TYR F 183 8.41 5.17 13.05
C TYR F 183 7.00 5.71 12.87
N ALA F 184 6.34 6.10 13.97
CA ALA F 184 4.94 6.49 13.93
C ALA F 184 4.71 7.81 13.20
N SER F 185 5.76 8.54 12.84
CA SER F 185 5.62 9.81 12.14
C SER F 185 5.98 9.72 10.67
N THR F 186 6.55 8.59 10.24
CA THR F 186 6.86 8.39 8.84
C THR F 186 6.06 7.18 8.41
N ILE F 187 6.70 6.01 8.26
CA ILE F 187 6.09 4.83 7.64
C ILE F 187 4.83 4.41 8.36
N GLY F 188 4.74 4.65 9.68
CA GLY F 188 3.62 4.15 10.40
C GLY F 188 2.50 5.12 10.68
N HIS F 189 2.37 6.20 9.90
CA HIS F 189 1.39 7.22 10.25
C HIS F 189 -0.05 6.72 10.19
N TYR F 190 -0.33 5.71 9.39
CA TYR F 190 -1.70 5.22 9.29
C TYR F 190 -1.92 3.92 10.05
N ASP F 191 -0.86 3.37 10.66
CA ASP F 191 -0.89 2.09 11.34
C ASP F 191 -1.49 2.26 12.73
N ILE F 192 -2.64 1.63 12.96
CA ILE F 192 -3.25 1.68 14.28
C ILE F 192 -2.33 1.10 15.34
N ASN F 193 -1.34 0.28 14.95
CA ASN F 193 -0.41 -0.34 15.90
C ASN F 193 0.99 0.25 15.82
N ALA F 194 1.11 1.51 15.37
CA ALA F 194 2.44 2.07 15.14
C ALA F 194 3.29 1.99 16.39
N HIS F 195 2.71 2.22 17.55
CA HIS F 195 3.53 2.32 18.74
C HIS F 195 3.94 0.95 19.30
N ALA F 196 3.42 -0.13 18.75
CA ALA F 196 3.91 -1.44 19.05
C ALA F 196 5.15 -1.79 18.24
N CYS F 197 5.78 -0.82 17.59
CA CYS F 197 6.94 -1.11 16.78
C CYS F 197 8.20 -1.29 17.62
N VAL F 198 8.18 -0.93 18.89
CA VAL F 198 9.36 -1.06 19.75
C VAL F 198 8.85 -1.18 21.19
N THR F 199 9.60 -1.89 22.01
CA THR F 199 9.23 -2.00 23.42
C THR F 199 10.34 -1.38 24.27
N GLY F 200 10.13 -1.36 25.58
CA GLY F 200 10.98 -0.56 26.42
C GLY F 200 10.71 0.92 26.38
N LYS F 201 9.52 1.35 25.91
CA LYS F 201 9.26 2.77 25.82
C LYS F 201 8.94 3.36 27.19
N PRO F 202 9.09 4.67 27.33
CA PRO F 202 8.67 5.33 28.57
C PRO F 202 7.18 5.14 28.76
N ILE F 203 6.77 5.10 30.02
CA ILE F 203 5.39 4.78 30.34
C ILE F 203 4.43 5.78 29.73
N SER F 204 4.80 7.07 29.76
CA SER F 204 3.94 8.09 29.15
C SER F 204 3.77 7.93 27.66
N GLN F 205 4.33 6.88 27.07
CA GLN F 205 4.52 6.87 25.66
C GLN F 205 4.11 5.57 25.06
N GLY F 206 3.37 4.79 25.94
CA GLY F 206 2.95 3.43 25.72
C GLY F 206 3.82 2.33 26.30
N GLY F 207 4.84 2.70 27.07
CA GLY F 207 5.55 1.74 27.89
C GLY F 207 4.65 1.12 28.93
N ILE F 208 5.19 0.17 29.65
CA ILE F 208 4.44 -0.63 30.59
C ILE F 208 5.18 -0.58 31.92
N HIS F 209 4.42 -0.66 32.99
CA HIS F 209 5.00 -0.70 34.34
C HIS F 209 6.06 -1.79 34.46
N GLY F 210 7.22 -1.41 34.98
CA GLY F 210 8.23 -2.36 35.34
C GLY F 210 9.12 -2.88 34.22
N ARG F 211 9.02 -2.37 32.99
CA ARG F 211 9.91 -2.86 31.94
C ARG F 211 11.35 -2.57 32.30
N ILE F 212 11.60 -1.40 32.87
CA ILE F 212 12.96 -1.01 33.21
C ILE F 212 13.59 -2.04 34.14
N SER F 213 12.89 -2.41 35.22
CA SER F 213 13.44 -3.34 36.18
C SER F 213 13.16 -4.79 35.82
N ALA F 214 12.53 -5.04 34.67
CA ALA F 214 11.99 -6.36 34.42
C ALA F 214 13.08 -7.43 34.36
N THR F 215 14.22 -7.10 33.77
CA THR F 215 15.23 -8.14 33.58
C THR F 215 15.80 -8.58 34.92
N GLY F 216 16.03 -7.64 35.83
CA GLY F 216 16.55 -7.99 37.14
C GLY F 216 15.51 -8.70 37.99
N ARG F 217 14.25 -8.27 37.90
CA ARG F 217 13.17 -8.92 38.62
C ARG F 217 13.02 -10.36 38.18
N GLY F 218 13.28 -10.66 36.92
CA GLY F 218 13.35 -12.03 36.45
C GLY F 218 14.66 -12.73 36.77
N VAL F 219 15.73 -11.97 36.98
CA VAL F 219 16.94 -12.57 37.54
C VAL F 219 16.67 -13.06 38.96
N PHE F 220 15.98 -12.25 39.77
CA PHE F 220 15.61 -12.66 41.12
C PHE F 220 14.75 -13.92 41.09
N HIS F 221 13.69 -13.92 40.29
CA HIS F 221 12.76 -15.06 40.25
C HIS F 221 13.47 -16.33 39.81
N GLY F 222 14.39 -16.22 38.85
CA GLY F 222 15.02 -17.42 38.32
C GLY F 222 16.05 -18.00 39.27
N ILE F 223 16.69 -17.14 40.08
CA ILE F 223 17.57 -17.63 41.12
C ILE F 223 16.76 -18.25 42.24
N GLU F 224 15.67 -17.59 42.63
CA GLU F 224 14.84 -18.07 43.72
C GLU F 224 14.24 -19.44 43.44
N ASN F 225 13.89 -19.70 42.19
CA ASN F 225 13.31 -20.98 41.82
C ASN F 225 14.33 -22.11 41.99
N PHE F 226 15.62 -21.82 41.91
CA PHE F 226 16.63 -22.85 42.10
C PHE F 226 17.23 -22.83 43.49
N ILE F 227 17.31 -21.66 44.13
CA ILE F 227 17.87 -21.53 45.47
C ILE F 227 16.96 -22.16 46.53
N ASN F 228 15.69 -22.43 46.21
CA ASN F 228 14.75 -23.06 47.11
C ASN F 228 14.46 -24.51 46.72
N GLU F 229 15.27 -25.08 45.86
CA GLU F 229 15.15 -26.48 45.43
C GLU F 229 16.17 -27.30 46.20
N ALA F 230 15.70 -28.09 47.18
CA ALA F 230 16.62 -28.86 48.03
C ALA F 230 17.51 -29.79 47.22
N SER F 231 16.93 -30.44 46.20
CA SER F 231 17.70 -31.35 45.35
C SER F 231 18.96 -30.69 44.82
N TYR F 232 18.85 -29.44 44.35
CA TYR F 232 20.00 -28.77 43.75
C TYR F 232 20.89 -28.14 44.81
N MET F 233 20.31 -27.49 45.81
CA MET F 233 21.11 -26.84 46.83
C MET F 233 21.95 -27.82 47.65
N SER F 234 21.64 -29.13 47.59
CA SER F 234 22.42 -30.11 48.33
C SER F 234 23.69 -30.47 47.56
N ILE F 235 23.60 -30.77 46.25
CA ILE F 235 24.81 -30.95 45.47
C ILE F 235 25.76 -29.74 45.56
N LEU F 236 25.25 -28.56 45.80
CA LEU F 236 26.13 -27.40 46.00
C LEU F 236 26.62 -27.24 47.44
N GLY F 237 26.01 -27.95 48.39
CA GLY F 237 26.38 -27.84 49.78
C GLY F 237 25.94 -26.54 50.39
N MET F 238 24.69 -26.14 50.16
CA MET F 238 24.17 -24.88 50.65
C MET F 238 22.79 -25.05 51.26
N THR F 239 22.44 -24.06 52.10
CA THR F 239 21.12 -24.00 52.68
C THR F 239 20.15 -23.37 51.68
N PRO F 240 18.94 -23.91 51.56
CA PRO F 240 17.95 -23.22 50.76
C PRO F 240 17.70 -21.80 51.28
N GLY F 241 17.26 -20.92 50.37
CA GLY F 241 16.81 -19.58 50.72
C GLY F 241 17.90 -18.53 50.49
N PHE F 242 17.49 -17.29 50.72
CA PHE F 242 18.32 -16.11 50.45
C PHE F 242 18.92 -15.49 51.71
N GLY F 243 18.28 -15.66 52.86
CA GLY F 243 18.56 -14.88 54.06
C GLY F 243 20.01 -14.88 54.50
N ASP F 244 20.82 -15.77 53.98
CA ASP F 244 22.16 -15.98 54.50
C ASP F 244 23.12 -16.22 53.35
N LYS F 245 22.99 -15.47 52.27
CA LYS F 245 23.89 -15.63 51.14
C LYS F 245 24.39 -14.28 50.67
N THR F 246 25.56 -14.30 50.05
CA THR F 246 26.21 -13.14 49.49
C THR F 246 26.24 -13.28 47.98
N PHE F 247 26.37 -12.14 47.28
CA PHE F 247 26.51 -12.20 45.84
C PHE F 247 27.36 -11.03 45.36
N ALA F 248 27.93 -11.19 44.17
CA ALA F 248 28.63 -10.13 43.50
C ALA F 248 28.06 -9.98 42.10
N VAL F 249 27.95 -8.74 41.63
CA VAL F 249 27.38 -8.47 40.32
C VAL F 249 28.40 -7.67 39.52
N GLN F 250 28.72 -8.15 38.33
CA GLN F 250 29.53 -7.41 37.38
C GLN F 250 28.60 -6.65 36.44
N GLY F 251 28.71 -5.33 36.43
CA GLY F 251 27.79 -4.50 35.67
C GLY F 251 26.77 -3.89 36.59
N PHE F 252 26.68 -2.56 36.59
CA PHE F 252 25.74 -1.83 37.43
C PHE F 252 24.74 -1.06 36.59
N GLY F 253 24.41 -1.58 35.42
CA GLY F 253 23.48 -0.93 34.51
C GLY F 253 22.05 -1.39 34.73
N ASN F 254 21.32 -1.51 33.62
CA ASN F 254 19.92 -1.89 33.71
C ASN F 254 19.73 -3.25 34.38
N VAL F 255 20.49 -4.26 33.96
CA VAL F 255 20.33 -5.60 34.53
C VAL F 255 20.95 -5.65 35.93
N GLY F 256 22.19 -5.17 36.07
CA GLY F 256 22.90 -5.31 37.32
C GLY F 256 22.18 -4.65 38.48
N LEU F 257 21.83 -3.37 38.31
CA LEU F 257 21.29 -2.60 39.42
C LEU F 257 20.02 -3.23 39.97
N HIS F 258 19.13 -3.67 39.07
CA HIS F 258 17.84 -4.17 39.55
C HIS F 258 17.95 -5.60 40.08
N SER F 259 18.82 -6.43 39.49
CA SER F 259 19.14 -7.70 40.11
C SER F 259 19.56 -7.51 41.56
N MET F 260 20.44 -6.54 41.81
CA MET F 260 20.93 -6.25 43.15
C MET F 260 19.85 -5.65 44.03
N ARG F 261 18.94 -4.85 43.47
CA ARG F 261 17.85 -4.31 44.28
C ARG F 261 16.97 -5.42 44.81
N TYR F 262 16.64 -6.40 43.97
CA TYR F 262 15.65 -7.40 44.37
C TYR F 262 16.26 -8.44 45.30
N LEU F 263 17.51 -8.82 45.09
CA LEU F 263 18.13 -9.78 46.00
C LEU F 263 18.35 -9.17 47.38
N HIS F 264 18.81 -7.93 47.42
CA HIS F 264 18.92 -7.21 48.69
C HIS F 264 17.59 -7.15 49.43
N ARG F 265 16.48 -7.05 48.69
CA ARG F 265 15.17 -6.95 49.33
C ARG F 265 14.78 -8.24 50.05
N PHE F 266 15.19 -9.39 49.51
CA PHE F 266 14.84 -10.68 50.10
C PHE F 266 15.97 -11.27 50.94
N GLY F 267 16.84 -10.42 51.49
CA GLY F 267 17.77 -10.82 52.52
C GLY F 267 19.21 -11.04 52.08
N ALA F 268 19.44 -11.40 50.82
CA ALA F 268 20.81 -11.59 50.35
C ALA F 268 21.59 -10.28 50.45
N LYS F 269 22.90 -10.39 50.59
CA LYS F 269 23.74 -9.24 50.82
C LYS F 269 24.67 -9.08 49.63
N CYS F 270 24.77 -7.86 49.11
CA CYS F 270 25.65 -7.55 47.99
C CYS F 270 27.05 -7.25 48.50
N VAL F 271 28.02 -7.99 47.98
CA VAL F 271 29.37 -7.98 48.53
C VAL F 271 30.34 -7.22 47.63
N ALA F 272 30.05 -7.09 46.34
CA ALA F 272 30.95 -6.48 45.38
C ALA F 272 30.18 -6.08 44.13
N VAL F 273 30.55 -4.94 43.54
CA VAL F 273 29.93 -4.38 42.34
C VAL F 273 31.05 -3.90 41.42
N GLY F 274 30.95 -4.22 40.14
CA GLY F 274 31.98 -3.82 39.19
C GLY F 274 31.43 -3.18 37.95
N GLU F 275 32.26 -2.32 37.35
CA GLU F 275 32.03 -1.79 35.99
C GLU F 275 33.36 -1.85 35.24
N SER F 276 33.42 -1.17 34.09
CA SER F 276 34.66 -1.14 33.31
C SER F 276 35.74 -0.37 34.03
N ASP F 277 35.36 0.59 34.87
CA ASP F 277 36.29 1.32 35.71
C ASP F 277 37.13 0.40 36.58
N GLY F 278 36.48 -0.60 37.18
CA GLY F 278 37.02 -1.34 38.31
C GLY F 278 35.87 -1.78 39.18
N SER F 279 36.19 -2.19 40.41
CA SER F 279 35.20 -2.74 41.33
C SER F 279 35.30 -2.09 42.69
N ILE F 280 34.24 -2.28 43.48
CA ILE F 280 34.21 -1.93 44.90
C ILE F 280 33.77 -3.16 45.67
N TRP F 281 34.03 -3.13 46.98
CA TRP F 281 33.95 -4.34 47.80
C TRP F 281 33.72 -3.92 49.24
N ASN F 282 32.95 -4.75 49.96
CA ASN F 282 32.67 -4.61 51.38
C ASN F 282 31.95 -5.87 51.86
N PRO F 283 32.63 -6.76 52.58
CA PRO F 283 32.02 -8.05 52.98
C PRO F 283 30.85 -7.90 53.90
N ASP F 284 30.52 -6.67 54.17
CA ASP F 284 29.65 -6.28 55.24
C ASP F 284 28.30 -5.85 54.62
N GLY F 285 28.27 -5.72 53.29
CA GLY F 285 27.11 -5.43 52.46
C GLY F 285 27.18 -4.04 51.85
N ILE F 286 26.66 -3.92 50.62
CA ILE F 286 26.54 -2.65 49.92
C ILE F 286 25.05 -2.38 49.70
N ASP F 287 24.63 -1.14 49.97
CA ASP F 287 23.20 -0.85 49.85
C ASP F 287 22.86 -0.35 48.45
N PRO F 288 21.87 -0.95 47.79
CA PRO F 288 21.62 -0.61 46.37
C PRO F 288 21.19 0.83 46.18
N LYS F 289 20.33 1.30 47.07
CA LYS F 289 19.82 2.66 47.05
C LYS F 289 20.92 3.68 47.07
N GLU F 290 21.76 3.65 48.11
CA GLU F 290 22.77 4.68 48.25
C GLU F 290 23.89 4.51 47.23
N LEU F 291 24.17 3.29 46.75
CA LEU F 291 25.13 3.14 45.68
C LEU F 291 24.61 3.77 44.38
N GLU F 292 23.31 3.59 44.09
CA GLU F 292 22.73 4.21 42.90
C GLU F 292 22.79 5.73 42.99
N ASP F 293 22.41 6.29 44.15
CA ASP F 293 22.51 7.72 44.37
C ASP F 293 23.94 8.23 44.12
N PHE F 294 24.93 7.46 44.55
CA PHE F 294 26.32 7.86 44.34
C PHE F 294 26.67 7.86 42.87
N LYS F 295 26.27 6.82 42.14
CA LYS F 295 26.64 6.78 40.72
C LYS F 295 25.96 7.89 39.94
N LEU F 296 24.66 8.11 40.18
CA LEU F 296 23.97 9.20 39.50
C LEU F 296 24.66 10.53 39.75
N GLN F 297 25.27 10.68 40.92
CA GLN F 297 25.85 11.94 41.35
C GLN F 297 27.26 12.13 40.80
N HIS F 298 28.07 11.07 40.78
CA HIS F 298 29.47 11.19 40.42
C HIS F 298 29.82 10.48 39.12
N GLY F 299 28.91 9.71 38.52
CA GLY F 299 29.16 9.05 37.26
C GLY F 299 30.04 7.83 37.33
N THR F 300 30.44 7.41 38.53
CA THR F 300 31.23 6.20 38.72
C THR F 300 30.85 5.60 40.06
N ILE F 301 31.15 4.32 40.24
CA ILE F 301 30.98 3.75 41.58
C ILE F 301 32.28 3.88 42.37
N LEU F 302 33.43 3.92 41.69
CA LEU F 302 34.70 4.00 42.37
C LEU F 302 34.70 5.17 43.34
N GLY F 303 35.09 4.88 44.57
CA GLY F 303 35.12 5.85 45.63
C GLY F 303 33.85 5.97 46.43
N PHE F 304 32.96 5.02 46.30
CA PHE F 304 31.86 4.90 47.24
C PHE F 304 32.40 4.91 48.66
N PRO F 305 31.93 5.83 49.51
CA PRO F 305 32.48 5.90 50.88
C PRO F 305 32.32 4.62 51.68
N LYS F 306 31.21 3.89 51.52
CA LYS F 306 30.97 2.71 52.35
C LYS F 306 31.43 1.42 51.71
N ALA F 307 32.53 1.47 50.98
CA ALA F 307 33.17 0.28 50.44
C ALA F 307 34.58 0.66 50.02
N LYS F 308 35.41 -0.35 49.73
CA LYS F 308 36.80 -0.12 49.34
C LYS F 308 37.03 -0.60 47.91
N ILE F 309 37.81 0.18 47.16
CA ILE F 309 38.21 -0.18 45.81
C ILE F 309 38.89 -1.53 45.82
N TYR F 310 38.21 -2.51 45.24
CA TYR F 310 38.72 -3.88 45.13
C TYR F 310 39.58 -3.98 43.88
N GLU F 311 40.80 -4.44 44.05
CA GLU F 311 41.68 -4.67 42.90
C GLU F 311 42.02 -6.16 42.87
N GLY F 312 41.48 -6.86 41.87
CA GLY F 312 41.64 -8.29 41.75
C GLY F 312 40.51 -9.04 41.08
N SER F 313 39.72 -8.35 40.24
CA SER F 313 38.71 -8.94 39.37
C SER F 313 37.47 -9.42 40.12
N ILE F 314 36.33 -8.78 39.83
CA ILE F 314 35.10 -9.05 40.57
C ILE F 314 34.62 -10.48 40.32
N LEU F 315 34.98 -11.06 39.17
CA LEU F 315 34.52 -12.40 38.85
C LEU F 315 35.09 -13.46 39.78
N GLU F 316 36.17 -13.17 40.49
CA GLU F 316 36.80 -14.12 41.39
C GLU F 316 36.61 -13.70 42.84
N VAL F 317 35.82 -12.65 43.10
CA VAL F 317 35.44 -12.32 44.46
C VAL F 317 34.73 -13.47 45.19
N ASP F 318 34.82 -13.43 46.51
CA ASP F 318 34.47 -14.54 47.37
C ASP F 318 33.04 -14.34 47.82
N CYS F 319 32.14 -15.13 47.24
CA CYS F 319 30.71 -14.99 47.46
C CYS F 319 30.02 -16.29 47.13
N ASP F 320 28.71 -16.28 47.34
CA ASP F 320 27.89 -17.45 47.08
C ASP F 320 27.43 -17.44 45.61
N ILE F 321 26.91 -16.30 45.14
CA ILE F 321 26.30 -16.18 43.80
C ILE F 321 27.06 -15.09 43.04
N LEU F 322 27.51 -15.40 41.84
CA LEU F 322 28.14 -14.41 40.97
C LEU F 322 27.19 -14.09 39.81
N ILE F 323 26.91 -12.80 39.62
CA ILE F 323 25.97 -12.37 38.58
C ILE F 323 26.73 -11.61 37.49
N PRO F 324 27.12 -12.26 36.40
CA PRO F 324 27.60 -11.52 35.22
C PRO F 324 26.44 -10.75 34.59
N ALA F 325 26.51 -9.43 34.62
CA ALA F 325 25.47 -8.56 34.05
C ALA F 325 26.09 -7.51 33.16
N ALA F 326 27.09 -7.89 32.36
CA ALA F 326 27.73 -6.96 31.44
C ALA F 326 27.90 -7.61 30.07
N SER F 327 29.14 -7.70 29.60
CA SER F 327 29.39 -8.15 28.24
C SER F 327 29.40 -9.68 28.15
N GLU F 328 29.65 -10.21 26.95
CA GLU F 328 29.75 -11.64 26.73
C GLU F 328 31.19 -12.12 27.00
N LYS F 329 31.32 -13.45 27.13
CA LYS F 329 32.64 -14.10 27.16
C LYS F 329 33.53 -13.54 28.26
N GLN F 330 32.98 -13.53 29.44
CA GLN F 330 33.60 -12.93 30.60
C GLN F 330 34.19 -13.99 31.52
N LEU F 331 33.61 -15.17 31.49
CA LEU F 331 34.12 -16.35 32.19
C LEU F 331 34.71 -17.27 31.16
N THR F 332 36.04 -17.44 31.22
CA THR F 332 36.82 -18.14 30.20
C THR F 332 37.49 -19.39 30.80
N LYS F 333 38.17 -20.14 29.92
CA LYS F 333 39.00 -21.26 30.35
C LYS F 333 40.00 -20.83 31.42
N SER F 334 40.74 -19.74 31.16
CA SER F 334 41.76 -19.28 32.10
C SER F 334 41.15 -18.71 33.39
N ASN F 335 39.85 -18.44 33.39
CA ASN F 335 39.18 -17.71 34.45
C ASN F 335 38.45 -18.59 35.44
N ALA F 336 37.84 -19.67 34.95
CA ALA F 336 36.91 -20.44 35.77
C ALA F 336 37.58 -21.12 36.96
N PRO F 337 38.86 -21.57 36.90
CA PRO F 337 39.50 -22.14 38.10
C PRO F 337 39.35 -21.35 39.38
N ARG F 338 39.20 -20.02 39.34
CA ARG F 338 39.23 -19.22 40.57
C ARG F 338 37.92 -18.57 40.92
N VAL F 339 36.82 -19.07 40.37
CA VAL F 339 35.60 -18.30 40.42
C VAL F 339 35.03 -18.17 41.83
N LYS F 340 35.32 -19.10 42.76
CA LYS F 340 35.00 -18.96 44.19
C LYS F 340 33.52 -19.15 44.53
N ALA F 341 32.63 -18.81 43.60
CA ALA F 341 31.21 -18.91 43.89
C ALA F 341 30.67 -20.28 43.49
N LYS F 342 29.51 -20.63 44.07
CA LYS F 342 28.82 -21.88 43.82
C LYS F 342 27.65 -21.75 42.84
N ILE F 343 27.18 -20.54 42.58
CA ILE F 343 26.10 -20.30 41.64
C ILE F 343 26.49 -19.14 40.73
N ILE F 344 26.47 -19.40 39.43
CA ILE F 344 26.70 -18.37 38.42
C ILE F 344 25.36 -18.09 37.74
N ALA F 345 24.80 -16.92 38.04
CA ALA F 345 23.51 -16.49 37.49
C ALA F 345 23.76 -15.56 36.32
N GLU F 346 23.59 -16.08 35.11
CA GLU F 346 23.91 -15.31 33.91
C GLU F 346 22.80 -14.32 33.60
N GLY F 347 22.97 -13.08 34.08
CA GLY F 347 22.09 -11.99 33.68
C GLY F 347 22.45 -11.46 32.31
N ALA F 348 23.74 -11.36 32.03
CA ALA F 348 24.20 -10.98 30.71
C ALA F 348 23.89 -12.09 29.71
N ASN F 349 24.03 -11.75 28.42
CA ASN F 349 23.92 -12.72 27.34
C ASN F 349 25.30 -13.25 27.00
N GLY F 350 25.41 -14.57 26.92
CA GLY F 350 26.64 -15.25 26.58
C GLY F 350 27.87 -14.91 27.40
N PRO F 351 27.76 -14.82 28.74
CA PRO F 351 28.94 -14.43 29.53
C PRO F 351 29.92 -15.57 29.81
N THR F 352 29.59 -16.81 29.43
CA THR F 352 30.41 -17.98 29.73
C THR F 352 30.77 -18.75 28.47
N THR F 353 32.03 -19.05 28.29
CA THR F 353 32.50 -19.75 27.14
C THR F 353 32.17 -21.20 27.32
N PRO F 354 32.22 -22.02 26.25
CA PRO F 354 31.96 -23.47 26.46
C PRO F 354 33.02 -24.14 27.33
N GLU F 355 34.28 -23.72 27.21
CA GLU F 355 35.33 -24.30 28.03
C GLU F 355 35.18 -23.92 29.48
N ALA F 356 34.66 -22.73 29.76
CA ALA F 356 34.34 -22.40 31.14
C ALA F 356 33.16 -23.22 31.65
N ASP F 357 32.27 -23.65 30.74
CA ASP F 357 31.21 -24.57 31.13
C ASP F 357 31.78 -25.91 31.60
N LYS F 358 32.67 -26.50 30.79
CA LYS F 358 33.36 -27.74 31.15
C LYS F 358 33.88 -27.69 32.57
N ILE F 359 34.59 -26.61 32.90
CA ILE F 359 35.18 -26.47 34.23
C ILE F 359 34.12 -26.40 35.30
N PHE F 360 33.15 -25.48 35.14
CA PHE F 360 32.15 -25.27 36.17
C PHE F 360 31.39 -26.56 36.47
N LEU F 361 31.18 -27.39 35.46
CA LEU F 361 30.56 -28.69 35.68
C LEU F 361 31.37 -29.52 36.66
N GLU F 362 32.68 -29.64 36.43
CA GLU F 362 33.46 -30.58 37.21
C GLU F 362 33.81 -30.04 38.60
N ARG F 363 33.71 -28.74 38.82
CA ARG F 363 33.79 -28.21 40.18
C ARG F 363 32.42 -28.18 40.89
N ASN F 364 31.38 -28.76 40.28
CA ASN F 364 30.02 -28.74 40.83
C ASN F 364 29.57 -27.30 41.11
N ILE F 365 29.80 -26.42 40.14
CA ILE F 365 29.26 -25.07 40.17
C ILE F 365 28.05 -25.04 39.26
N MET F 366 26.96 -24.46 39.75
CA MET F 366 25.70 -24.37 39.02
C MET F 366 25.62 -23.08 38.20
N VAL F 367 25.47 -23.24 36.89
CA VAL F 367 25.30 -22.13 35.96
C VAL F 367 23.82 -22.03 35.58
N ILE F 368 23.13 -21.02 36.08
CA ILE F 368 21.75 -20.77 35.64
C ILE F 368 21.85 -20.01 34.31
N PRO F 369 21.45 -20.62 33.21
CA PRO F 369 21.80 -20.10 31.88
C PRO F 369 20.99 -18.89 31.42
N ASP F 370 21.64 -18.09 30.56
CA ASP F 370 21.10 -16.83 30.09
C ASP F 370 19.73 -17.00 29.43
N LEU F 371 19.62 -17.95 28.51
CA LEU F 371 18.39 -18.09 27.74
C LEU F 371 17.20 -18.43 28.62
N TYR F 372 17.41 -18.77 29.90
CA TYR F 372 16.34 -18.82 30.88
C TYR F 372 16.34 -17.59 31.77
N LEU F 373 17.50 -17.24 32.33
CA LEU F 373 17.49 -16.33 33.47
C LEU F 373 17.21 -14.89 33.08
N ASN F 374 17.71 -14.42 31.93
CA ASN F 374 17.48 -13.02 31.62
C ASN F 374 16.24 -12.79 30.77
N ALA F 375 15.47 -13.85 30.48
CA ALA F 375 14.26 -13.76 29.65
C ALA F 375 13.12 -12.95 30.29
N GLY F 376 13.34 -12.33 31.46
CA GLY F 376 12.34 -11.46 32.03
C GLY F 376 12.14 -10.18 31.23
N GLY F 377 13.20 -9.68 30.61
CA GLY F 377 13.05 -8.49 29.78
C GLY F 377 12.12 -8.73 28.60
N VAL F 378 12.32 -9.84 27.88
CA VAL F 378 11.48 -10.11 26.72
C VAL F 378 10.08 -10.52 27.14
N THR F 379 9.93 -11.13 28.33
CA THR F 379 8.60 -11.48 28.81
C THR F 379 7.75 -10.25 29.04
N VAL F 380 8.32 -9.24 29.70
CA VAL F 380 7.57 -8.03 29.97
C VAL F 380 7.49 -7.13 28.71
N SER F 381 8.45 -7.25 27.79
CA SER F 381 8.31 -6.58 26.51
C SER F 381 7.15 -7.16 25.73
N TYR F 382 6.92 -8.47 25.87
CA TYR F 382 5.78 -9.10 25.22
C TYR F 382 4.49 -8.52 25.77
N PHE F 383 4.44 -8.31 27.08
CA PHE F 383 3.28 -7.67 27.71
C PHE F 383 3.09 -6.25 27.19
N GLU F 384 4.18 -5.49 27.03
CA GLU F 384 4.05 -4.14 26.52
C GLU F 384 3.51 -4.12 25.10
N TRP F 385 4.02 -5.00 24.26
CA TRP F 385 3.54 -5.10 22.89
C TRP F 385 2.04 -5.41 22.87
N LEU F 386 1.62 -6.39 23.69
CA LEU F 386 0.22 -6.76 23.79
C LEU F 386 -0.62 -5.58 24.24
N LYS F 387 -0.10 -4.85 25.21
CA LYS F 387 -0.79 -3.68 25.69
C LYS F 387 -1.02 -2.66 24.58
N ASN F 388 0.02 -2.39 23.78
CA ASN F 388 -0.16 -1.45 22.67
C ASN F 388 -1.18 -1.98 21.66
N LEU F 389 -1.20 -3.29 21.42
CA LEU F 389 -2.20 -3.82 20.49
C LEU F 389 -3.63 -3.61 21.02
N ASN F 390 -3.83 -3.71 22.34
CA ASN F 390 -5.17 -3.63 22.92
C ASN F 390 -5.67 -2.20 23.17
N HIS F 391 -4.80 -1.21 23.33
CA HIS F 391 -5.20 0.19 23.47
C HIS F 391 -6.05 0.47 24.71
N VAL F 392 -5.88 -0.31 25.79
CA VAL F 392 -6.45 0.00 27.08
C VAL F 392 -5.45 -0.34 28.18
N SER F 393 -5.50 0.45 29.26
CA SER F 393 -4.88 0.05 30.51
C SER F 393 -5.62 -1.14 31.07
N TYR F 394 -4.88 -2.19 31.40
CA TYR F 394 -5.48 -3.37 31.99
C TYR F 394 -6.39 -2.96 33.14
N GLY F 395 -7.57 -3.59 33.19
CA GLY F 395 -8.53 -3.41 34.25
C GLY F 395 -9.44 -2.21 34.10
N ARG F 396 -9.08 -1.28 33.20
CA ARG F 396 -9.79 -0.02 33.09
C ARG F 396 -11.29 -0.21 32.90
N LEU F 397 -11.68 -1.16 32.07
CA LEU F 397 -13.09 -1.36 31.80
C LEU F 397 -13.82 -2.09 32.91
N THR F 398 -13.10 -2.74 33.83
CA THR F 398 -13.72 -3.73 34.71
C THR F 398 -13.59 -3.45 36.19
N PHE F 399 -12.81 -2.43 36.60
CA PHE F 399 -12.55 -2.17 38.01
C PHE F 399 -13.84 -2.09 38.80
N LYS F 400 -14.73 -1.17 38.41
CA LYS F 400 -15.97 -0.97 39.15
C LYS F 400 -16.83 -2.21 39.13
N TYR F 401 -17.00 -2.85 37.95
CA TYR F 401 -17.85 -4.04 37.89
C TYR F 401 -17.31 -5.18 38.78
N GLU F 402 -15.99 -5.44 38.73
CA GLU F 402 -15.35 -6.38 39.64
C GLU F 402 -15.60 -6.12 41.12
N ARG F 403 -15.25 -4.93 41.54
CA ARG F 403 -15.47 -4.57 42.94
C ARG F 403 -16.90 -4.86 43.38
N ASP F 404 -17.85 -4.35 42.61
CA ASP F 404 -19.27 -4.56 42.93
C ASP F 404 -19.60 -6.05 42.96
N SER F 405 -19.05 -6.79 42.00
CA SER F 405 -19.36 -8.21 41.89
C SER F 405 -18.85 -8.94 43.12
N ASN F 406 -17.66 -8.58 43.57
CA ASN F 406 -17.03 -9.28 44.68
C ASN F 406 -17.74 -9.00 45.99
N TYR F 407 -18.23 -7.77 46.15
CA TYR F 407 -19.06 -7.43 47.30
C TYR F 407 -20.32 -8.31 47.33
N HIS F 408 -21.03 -8.40 46.20
CA HIS F 408 -22.26 -9.17 46.16
C HIS F 408 -22.02 -10.67 46.32
N LEU F 409 -20.88 -11.19 45.82
CA LEU F 409 -20.52 -12.57 46.09
C LEU F 409 -20.47 -12.75 47.59
N LEU F 410 -19.66 -11.95 48.27
CA LEU F 410 -19.47 -12.07 49.70
C LEU F 410 -20.81 -11.86 50.43
N MET F 411 -21.59 -10.94 49.93
CA MET F 411 -22.90 -10.75 50.55
C MET F 411 -23.81 -11.97 50.40
N SER F 412 -23.72 -12.67 49.26
CA SER F 412 -24.45 -13.92 49.08
C SER F 412 -24.14 -14.94 50.17
N VAL F 413 -22.87 -15.03 50.55
CA VAL F 413 -22.49 -15.95 51.64
C VAL F 413 -23.07 -15.47 52.95
N GLN F 414 -22.90 -14.18 53.25
CA GLN F 414 -23.42 -13.61 54.49
C GLN F 414 -24.93 -13.84 54.61
N GLU F 415 -25.70 -13.46 53.59
CA GLU F 415 -27.15 -13.64 53.66
C GLU F 415 -27.52 -15.11 53.75
N SER F 416 -26.76 -15.99 53.08
CA SER F 416 -27.10 -17.42 53.11
C SER F 416 -26.95 -17.99 54.52
N LEU F 417 -25.92 -17.57 55.24
CA LEU F 417 -25.71 -18.05 56.60
C LEU F 417 -26.70 -17.41 57.57
N GLU F 418 -27.00 -16.13 57.37
CA GLU F 418 -27.99 -15.47 58.21
C GLU F 418 -29.36 -16.13 58.10
N ARG F 419 -29.75 -16.62 56.92
CA ARG F 419 -31.05 -17.27 56.82
C ARG F 419 -31.06 -18.63 57.50
N LYS F 420 -29.93 -19.34 57.49
CA LYS F 420 -29.88 -20.65 58.08
C LYS F 420 -29.84 -20.53 59.61
N PHE F 421 -28.76 -19.98 60.15
CA PHE F 421 -28.65 -19.66 61.57
C PHE F 421 -29.32 -18.31 61.82
N GLY F 422 -30.65 -18.33 61.89
CA GLY F 422 -31.46 -17.12 61.86
C GLY F 422 -31.18 -16.08 62.91
N LYS F 423 -31.90 -16.19 64.04
CA LYS F 423 -32.00 -15.19 65.11
C LYS F 423 -30.85 -15.28 66.12
N HIS F 424 -30.59 -16.46 66.71
CA HIS F 424 -29.54 -16.50 67.73
C HIS F 424 -28.15 -16.34 67.13
N GLY F 425 -28.07 -16.05 65.84
CA GLY F 425 -26.78 -15.83 65.22
C GLY F 425 -26.52 -14.36 64.98
N GLY F 426 -27.59 -13.59 64.80
CA GLY F 426 -27.45 -12.16 64.62
C GLY F 426 -26.94 -11.80 63.23
N THR F 427 -25.85 -11.03 63.20
CA THR F 427 -25.20 -10.64 61.96
C THR F 427 -23.89 -11.41 61.82
N ILE F 428 -23.70 -12.05 60.67
CA ILE F 428 -22.44 -12.74 60.41
C ILE F 428 -21.71 -11.95 59.33
N PRO F 429 -20.97 -10.91 59.67
CA PRO F 429 -20.33 -10.09 58.63
C PRO F 429 -19.27 -10.90 57.88
N ILE F 430 -19.38 -10.93 56.55
CA ILE F 430 -18.35 -11.49 55.68
C ILE F 430 -17.65 -10.31 55.00
N VAL F 431 -16.38 -10.14 55.30
CA VAL F 431 -15.60 -9.01 54.78
C VAL F 431 -14.27 -9.51 54.21
N PRO F 432 -13.69 -8.80 53.25
CA PRO F 432 -12.39 -9.21 52.70
C PRO F 432 -11.32 -9.14 53.76
N THR F 433 -10.41 -10.13 53.74
CA THR F 433 -9.13 -9.93 54.40
C THR F 433 -8.43 -8.69 53.84
N ALA F 434 -7.37 -8.25 54.52
CA ALA F 434 -6.61 -7.11 54.03
C ALA F 434 -5.98 -7.41 52.68
N GLU F 435 -5.62 -8.68 52.44
CA GLU F 435 -5.04 -9.06 51.16
C GLU F 435 -6.09 -9.09 50.05
N PHE F 436 -7.26 -9.66 50.32
CA PHE F 436 -8.29 -9.63 49.30
C PHE F 436 -8.75 -8.21 48.98
N GLN F 437 -8.76 -7.30 49.98
CA GLN F 437 -9.20 -5.94 49.73
C GLN F 437 -8.34 -5.25 48.66
N ASP F 438 -7.05 -5.61 48.60
CA ASP F 438 -6.15 -5.08 47.58
C ASP F 438 -6.51 -5.56 46.19
N ARG F 439 -7.14 -6.70 46.12
CA ARG F 439 -7.43 -7.38 44.88
C ARG F 439 -8.85 -7.19 44.45
N ILE F 440 -9.61 -6.44 45.22
CA ILE F 440 -11.06 -6.54 45.11
C ILE F 440 -11.56 -6.02 43.77
N SER F 441 -10.80 -5.16 43.10
CA SER F 441 -11.18 -4.67 41.79
C SER F 441 -10.58 -5.46 40.65
N GLY F 442 -9.85 -6.54 40.95
CA GLY F 442 -9.14 -7.28 39.92
C GLY F 442 -7.81 -6.64 39.56
N ALA F 443 -7.06 -7.32 38.69
CA ALA F 443 -5.69 -6.94 38.42
C ALA F 443 -5.56 -5.61 37.68
N SER F 444 -4.53 -4.83 38.02
CA SER F 444 -4.06 -3.70 37.23
C SER F 444 -2.98 -4.19 36.30
N GLU F 445 -2.41 -3.24 35.55
CA GLU F 445 -1.25 -3.53 34.72
C GLU F 445 -0.04 -3.91 35.58
N LYS F 446 0.19 -3.20 36.67
CA LYS F 446 1.27 -3.58 37.57
C LYS F 446 1.09 -5.02 38.09
N ASP F 447 -0.15 -5.41 38.41
CA ASP F 447 -0.39 -6.76 38.93
C ASP F 447 -0.09 -7.78 37.86
N ILE F 448 -0.41 -7.48 36.61
CA ILE F 448 -0.12 -8.52 35.62
C ILE F 448 1.31 -8.60 35.20
N VAL F 449 1.99 -7.49 35.22
CA VAL F 449 3.41 -7.64 34.97
C VAL F 449 4.06 -8.49 36.04
N HIS F 450 3.73 -8.21 37.30
CA HIS F 450 4.36 -8.91 38.41
C HIS F 450 4.00 -10.38 38.40
N SER F 451 2.72 -10.70 38.41
CA SER F 451 2.32 -12.11 38.51
C SER F 451 2.49 -12.84 37.20
N GLY F 452 2.34 -12.14 36.08
CA GLY F 452 2.64 -12.75 34.80
C GLY F 452 4.09 -13.17 34.71
N LEU F 453 5.01 -12.29 35.14
CA LEU F 453 6.44 -12.62 35.08
C LEU F 453 6.76 -13.79 36.00
N ALA F 454 6.32 -13.73 37.28
CA ALA F 454 6.56 -14.84 38.20
C ALA F 454 6.00 -16.14 37.66
N TYR F 455 4.82 -16.11 37.03
CA TYR F 455 4.24 -17.33 36.50
C TYR F 455 5.15 -17.95 35.43
N THR F 456 5.67 -17.14 34.47
CA THR F 456 6.43 -17.79 33.41
C THR F 456 7.86 -18.11 33.85
N MET F 457 8.47 -17.33 34.75
CA MET F 457 9.78 -17.70 35.27
C MET F 457 9.72 -19.04 36.00
N GLU F 458 8.62 -19.29 36.72
CA GLU F 458 8.50 -20.50 37.48
C GLU F 458 8.15 -21.68 36.60
N ARG F 459 7.17 -21.52 35.70
CA ARG F 459 6.80 -22.59 34.76
C ARG F 459 7.98 -23.01 33.88
N SER F 460 8.86 -22.06 33.56
CA SER F 460 10.04 -22.37 32.76
C SER F 460 11.11 -23.09 33.57
N ALA F 461 11.33 -22.65 34.81
CA ALA F 461 12.27 -23.34 35.70
C ALA F 461 11.90 -24.80 35.86
N ARG F 462 10.63 -25.09 36.12
CA ARG F 462 10.24 -26.47 36.33
C ARG F 462 10.45 -27.29 35.07
N GLN F 463 10.17 -26.70 33.94
CA GLN F 463 10.36 -27.43 32.69
C GLN F 463 11.82 -27.76 32.44
N ILE F 464 12.71 -26.87 32.86
CA ILE F 464 14.14 -27.15 32.77
C ILE F 464 14.53 -28.28 33.74
N MET F 465 14.05 -28.22 34.99
CA MET F 465 14.34 -29.28 35.97
C MET F 465 13.79 -30.63 35.50
N ARG F 466 12.54 -30.66 35.06
CA ARG F 466 11.98 -31.89 34.53
C ARG F 466 12.90 -32.47 33.47
N THR F 467 13.37 -31.61 32.56
CA THR F 467 14.18 -32.06 31.44
C THR F 467 15.56 -32.49 31.88
N ALA F 468 16.20 -31.72 32.77
CA ALA F 468 17.52 -32.11 33.27
C ALA F 468 17.48 -33.47 33.95
N MET F 469 16.34 -33.86 34.51
CA MET F 469 16.23 -35.18 35.12
C MET F 469 15.94 -36.27 34.09
N LYS F 470 15.04 -36.02 33.16
CA LYS F 470 14.73 -37.01 32.12
C LYS F 470 15.96 -37.42 31.31
N TYR F 471 17.01 -36.60 31.31
CA TYR F 471 18.24 -36.90 30.57
C TYR F 471 19.47 -36.95 31.46
N ASN F 472 19.30 -36.83 32.77
CA ASN F 472 20.38 -37.02 33.74
C ASN F 472 21.52 -36.05 33.46
N LEU F 473 21.20 -34.76 33.51
CA LEU F 473 22.12 -33.72 33.10
C LEU F 473 22.74 -32.97 34.27
N GLY F 474 22.40 -33.35 35.51
CA GLY F 474 23.04 -32.79 36.67
C GLY F 474 22.85 -31.29 36.71
N LEU F 475 23.97 -30.56 36.86
CA LEU F 475 23.96 -29.10 36.87
C LEU F 475 24.13 -28.51 35.50
N ASP F 476 24.06 -29.31 34.43
CA ASP F 476 24.14 -28.72 33.10
C ASP F 476 22.73 -28.30 32.68
N LEU F 477 22.26 -27.23 33.32
CA LEU F 477 20.95 -26.66 33.02
C LEU F 477 20.95 -25.95 31.66
N ARG F 478 22.10 -25.48 31.19
CA ARG F 478 22.14 -24.88 29.86
C ARG F 478 21.68 -25.87 28.80
N THR F 479 22.20 -27.10 28.84
CA THR F 479 21.77 -28.10 27.86
C THR F 479 20.28 -28.39 28.00
N ALA F 480 19.77 -28.42 29.23
CA ALA F 480 18.34 -28.66 29.44
C ALA F 480 17.51 -27.57 28.80
N ALA F 481 17.90 -26.30 28.99
CA ALA F 481 17.19 -25.20 28.36
C ALA F 481 17.20 -25.32 26.83
N TYR F 482 18.36 -25.63 26.23
CA TYR F 482 18.39 -25.75 24.77
C TYR F 482 17.56 -26.91 24.28
N VAL F 483 17.48 -27.98 25.07
CA VAL F 483 16.62 -29.11 24.72
C VAL F 483 15.16 -28.64 24.66
N ASN F 484 14.75 -27.86 25.64
CA ASN F 484 13.41 -27.28 25.64
C ASN F 484 13.19 -26.35 24.45
N ALA F 485 14.11 -25.41 24.26
CA ALA F 485 13.98 -24.48 23.14
C ALA F 485 13.89 -25.21 21.81
N ILE F 486 14.75 -26.22 21.60
CA ILE F 486 14.77 -26.92 20.31
C ILE F 486 13.47 -27.65 20.07
N GLU F 487 12.94 -28.29 21.11
CA GLU F 487 11.69 -29.02 20.97
C GLU F 487 10.58 -28.08 20.52
N LYS F 488 10.47 -26.91 21.15
CA LYS F 488 9.40 -25.99 20.82
C LYS F 488 9.55 -25.46 19.38
N VAL F 489 10.76 -25.07 18.99
CA VAL F 489 10.94 -24.54 17.63
C VAL F 489 10.72 -25.63 16.61
N PHE F 490 11.19 -26.86 16.89
CA PHE F 490 11.04 -27.95 15.95
C PHE F 490 9.58 -28.24 15.64
N ARG F 491 8.72 -28.12 16.66
CA ARG F 491 7.26 -28.20 16.51
C ARG F 491 6.80 -27.50 15.27
N VAL F 492 7.15 -26.22 15.15
CA VAL F 492 6.59 -25.33 14.16
C VAL F 492 7.05 -25.73 12.79
N TYR F 493 8.30 -26.16 12.66
CA TYR F 493 8.84 -26.57 11.38
C TYR F 493 8.25 -27.90 10.90
N ASN F 494 7.83 -28.75 11.82
CA ASN F 494 7.25 -30.04 11.45
C ASN F 494 5.98 -29.85 10.64
N GLU F 495 4.91 -29.38 11.28
CA GLU F 495 3.61 -29.26 10.61
C GLU F 495 3.68 -28.31 9.42
N ALA F 496 4.61 -27.35 9.43
CA ALA F 496 4.62 -26.30 8.41
C ALA F 496 5.00 -26.81 7.02
N GLY F 497 5.81 -27.86 6.95
CA GLY F 497 6.42 -28.20 5.68
C GLY F 497 7.56 -27.28 5.29
N VAL F 498 8.13 -26.56 6.26
CA VAL F 498 9.21 -25.59 6.08
C VAL F 498 8.92 -24.67 4.90
N THR F 499 9.87 -24.57 3.96
CA THR F 499 9.87 -23.60 2.84
C THR F 499 9.14 -22.29 3.17
N PHE F 500 9.77 -21.47 4.04
CA PHE F 500 9.47 -20.07 4.40
C PHE F 500 9.27 -19.93 5.91
N THR F 501 9.04 -21.05 6.59
CA THR F 501 8.84 -21.10 8.06
C THR F 501 8.56 -22.54 8.50
#